data_9KDC
#
_entry.id   9KDC
#
loop_
_entity.id
_entity.type
_entity.pdbx_description
1 polymer 'Short transient receptor potential channel 3'
2 polymer Nb3-37
3 non-polymer 'ZINC ION'
4 non-polymer 'CALCIUM ION'
5 non-polymer '[(2~{S})-2-[(~{E})-octadec-9-enoyl]oxy-3-oxidanyl-propyl] octadec-9-enoate'
#
loop_
_entity_poly.entity_id
_entity_poly.type
_entity_poly.pdbx_seq_one_letter_code
_entity_poly.pdbx_strand_id
1 'polypeptide(L)'
;MSTKVRKCKEQARVTFPAPEEEEDEGEDEGAEPQRRRRGWRGVNGGLEPRSAPSQREPHGYCPPPFSHGPDLSMEGSPSL
RRMTVMREKGRRQAVRGPAFMFNDRGTSLTAEEERFLDAAEYGNIPVVRKMLEESKTLNVNCVDYMGQNALQLAVGNEHL
EVTELLLKKENLARIGDALLLAISKGYVRIVEAILNHPGFAASKRLTLSPCEQELQDDDFYAYDEDGTRFSPDITPIILA
AHCQKYEVVHMLLMKGARIERPHDYFCKCGDCMEKQRHDSFSHSRSRINAYKGLASPAYLSLSSEDPVLTALELSNELAK
LANIEKEFKNDYRKLSMQCKDFVVGVLDLCRDSEEVEAILNGDLESAEPLEVHRHKASLSRVKLAIKYEVKKFVAHPNCQ
QQLLTIWYENLSGLREQTIAIKCLVVLVVALGLPFLAIGYWIAPCSRLGKILRSPFMKFVAHAASFIIFLGLLVFNASDR
FEGITTLPNITVTDYPKQIFRVKTTQFTWTEMLIMVWVLGMMWSECKELWLEGPREYILQLWNVLDFGMLSIFIAAFTAR
FLAFLQATKAQQYVDSYVQESDLSEVTLPPEIQYFTYARDKWLPSDPQIISEGLYAIAVVLSFSRIAYILPANESFGPLQ
ISLGRTVKDIFKFMVLFIMVFFAFMIGMFILYSYYLGAKVNAAFTTVEESFKTLFWSIFGLSEVTSVVLKYDHKFIENIG
YVLYGIYNVTMVVVLLNMLIAMINSSYQEIEDDSDVEWKFARSKLWLSYFDDGKTLPPPFSLVPSPKSFVYFIMRIVNFP
KCRRRRLQKDIEMGMGNSKSRLNLFTQSNSRVFESHSFNSILNQPTRYQQIMKRLIKRYVLKAQVDKENDEVNEGELKEI
KQDISSLRYELLEDKSQATEELAILIHKLSEKLNPSMLRCE
;
A,B,C,D
2 'polypeptide(L)'
;GPEFQVQLQESGGGSVQSGGSLRLSCAASGYTYSRSCLGWFRQAPGKERERVATIDSDGSTSYADSVKGRFTISQDNAKN
TLYLQMNSLKSEDTAMYYCASKYGSRCQNSLGYMYRGQGTQVTVSSLEIEEQKLISEEDLGSGPSRLEEELRRRLTEHHH
HHH
;
E,F
#
loop_
_chem_comp.id
_chem_comp.type
_chem_comp.name
_chem_comp.formula
A1L5I non-polymer '[(2~{S})-2-[(~{E})-octadec-9-enoyl]oxy-3-oxidanyl-propyl] octadec-9-enoate' 'C39 H72 O5'
CA non-polymer 'CALCIUM ION' 'Ca 2'
ZN non-polymer 'ZINC ION' 'Zn 2'
#
# COMPACT_ATOMS: atom_id res chain seq x y z
N GLY A 97 -40.76 -2.78 22.87
CA GLY A 97 -40.08 -2.05 21.82
C GLY A 97 -39.18 -2.92 20.96
N PRO A 98 -37.94 -3.10 21.40
CA PRO A 98 -37.01 -3.96 20.64
C PRO A 98 -37.51 -5.40 20.59
N ALA A 99 -37.17 -6.07 19.48
CA ALA A 99 -37.58 -7.46 19.30
C ALA A 99 -36.86 -8.40 20.26
N PHE A 100 -35.79 -7.95 20.92
CA PHE A 100 -35.02 -8.79 21.83
C PHE A 100 -34.93 -8.11 23.18
N MET A 101 -35.34 -8.83 24.23
CA MET A 101 -35.22 -8.36 25.61
C MET A 101 -34.01 -9.06 26.22
N PHE A 102 -32.84 -8.45 26.10
CA PHE A 102 -31.61 -9.07 26.57
C PHE A 102 -31.54 -9.20 28.09
N ASN A 103 -32.34 -8.42 28.82
CA ASN A 103 -32.35 -8.50 30.27
C ASN A 103 -33.33 -9.57 30.75
N THR A 107 -40.03 -7.31 36.52
CA THR A 107 -38.81 -6.73 35.97
C THR A 107 -38.87 -5.21 36.01
N SER A 108 -38.69 -4.59 34.84
CA SER A 108 -38.78 -3.15 34.64
C SER A 108 -37.64 -2.40 35.31
N LEU A 109 -36.76 -3.11 36.01
CA LEU A 109 -35.55 -2.54 36.60
C LEU A 109 -35.89 -1.37 37.53
N THR A 110 -36.52 -1.71 38.64
CA THR A 110 -36.99 -0.73 39.61
C THR A 110 -35.91 0.29 39.95
N ALA A 111 -36.36 1.48 40.38
CA ALA A 111 -35.46 2.63 40.52
C ALA A 111 -34.28 2.33 41.43
N GLU A 112 -34.42 1.52 42.46
CA GLU A 112 -33.20 1.28 43.30
C GLU A 112 -32.22 0.38 42.53
N GLU A 113 -32.71 -0.66 41.86
CA GLU A 113 -31.76 -1.47 41.10
C GLU A 113 -31.13 -0.66 39.97
N GLU A 114 -31.92 0.20 39.33
CA GLU A 114 -31.36 1.03 38.25
C GLU A 114 -30.33 2.00 38.80
N ARG A 115 -30.59 2.59 39.95
CA ARG A 115 -29.60 3.47 40.59
C ARG A 115 -28.36 2.70 40.99
N PHE A 116 -28.53 1.48 41.50
CA PHE A 116 -27.37 0.66 41.87
C PHE A 116 -26.52 0.33 40.65
N LEU A 117 -27.15 -0.03 39.54
CA LEU A 117 -26.40 -0.31 38.32
C LEU A 117 -25.71 0.95 37.80
N ASP A 118 -26.39 2.09 37.87
CA ASP A 118 -25.79 3.34 37.44
C ASP A 118 -24.57 3.69 38.28
N ALA A 119 -24.66 3.45 39.59
CA ALA A 119 -23.54 3.75 40.48
C ALA A 119 -22.38 2.78 40.25
N ALA A 120 -22.67 1.50 40.07
CA ALA A 120 -21.60 0.52 39.87
C ALA A 120 -20.93 0.70 38.52
N GLU A 121 -21.69 1.01 37.48
CA GLU A 121 -21.11 1.13 36.15
C GLU A 121 -20.17 2.31 36.05
N TYR A 122 -20.51 3.44 36.69
CA TYR A 122 -19.71 4.65 36.61
C TYR A 122 -18.91 4.92 37.87
N GLY A 123 -18.66 3.89 38.67
CA GLY A 123 -17.73 3.97 39.77
C GLY A 123 -18.12 4.88 40.92
N ASN A 124 -19.41 4.87 41.29
CA ASN A 124 -19.86 5.62 42.46
C ASN A 124 -19.66 4.71 43.68
N ILE A 125 -18.40 4.65 44.12
CA ILE A 125 -18.04 3.73 45.19
C ILE A 125 -18.80 4.00 46.49
N PRO A 126 -18.92 5.24 46.98
CA PRO A 126 -19.71 5.44 48.21
C PRO A 126 -21.15 4.98 48.08
N VAL A 127 -21.78 5.22 46.94
CA VAL A 127 -23.19 4.87 46.78
C VAL A 127 -23.37 3.37 46.73
N VAL A 128 -22.50 2.66 45.99
CA VAL A 128 -22.63 1.20 45.94
C VAL A 128 -22.35 0.60 47.30
N ARG A 129 -21.39 1.15 48.04
CA ARG A 129 -21.15 0.65 49.39
C ARG A 129 -22.36 0.88 50.29
N LYS A 130 -22.96 2.07 50.21
CA LYS A 130 -24.12 2.38 51.04
C LYS A 130 -25.29 1.46 50.70
N MET A 131 -25.51 1.19 49.41
CA MET A 131 -26.61 0.32 49.00
C MET A 131 -26.35 -1.14 49.37
N LEU A 132 -25.09 -1.58 49.31
CA LEU A 132 -24.79 -2.95 49.74
C LEU A 132 -24.92 -3.12 51.24
N GLU A 133 -24.59 -2.08 52.01
CA GLU A 133 -24.64 -2.22 53.47
C GLU A 133 -26.06 -2.04 54.01
N GLU A 134 -26.76 -1.02 53.51
CA GLU A 134 -28.10 -0.72 54.07
C GLU A 134 -29.21 -1.40 53.29
N SER A 135 -29.42 -1.04 52.02
CA SER A 135 -30.58 -1.58 51.26
C SER A 135 -30.83 -3.05 51.56
N LYS A 136 -32.08 -3.40 51.83
CA LYS A 136 -32.45 -4.80 52.16
C LYS A 136 -33.35 -5.35 51.05
N THR A 137 -33.95 -4.48 50.23
CA THR A 137 -34.77 -4.96 49.13
C THR A 137 -34.01 -4.99 47.81
N LEU A 138 -32.70 -4.78 47.85
CA LEU A 138 -31.87 -4.77 46.64
C LEU A 138 -31.20 -6.12 46.45
N ASN A 139 -31.30 -6.65 45.24
CA ASN A 139 -30.57 -7.85 44.86
C ASN A 139 -29.37 -7.45 44.02
N VAL A 140 -28.18 -7.92 44.42
CA VAL A 140 -26.95 -7.53 43.74
C VAL A 140 -26.81 -8.13 42.35
N ASN A 141 -27.76 -8.97 41.94
CA ASN A 141 -27.70 -9.65 40.65
C ASN A 141 -28.60 -9.01 39.60
N CYS A 142 -29.13 -7.82 39.87
CA CYS A 142 -29.93 -7.13 38.87
C CYS A 142 -29.08 -6.79 37.65
N VAL A 143 -29.70 -6.86 36.48
CA VAL A 143 -28.98 -6.71 35.23
C VAL A 143 -29.54 -5.53 34.45
N ASP A 144 -28.69 -4.90 33.64
CA ASP A 144 -29.08 -3.77 32.82
C ASP A 144 -29.72 -4.28 31.53
N TYR A 145 -29.89 -3.39 30.55
CA TYR A 145 -30.56 -3.74 29.31
C TYR A 145 -29.84 -4.85 28.55
N MET A 146 -28.53 -4.98 28.72
CA MET A 146 -27.74 -5.99 28.03
C MET A 146 -27.53 -7.23 28.90
N GLY A 147 -28.17 -7.30 30.06
CA GLY A 147 -28.00 -8.45 30.93
C GLY A 147 -26.75 -8.45 31.78
N GLN A 148 -26.00 -7.34 31.80
CA GLN A 148 -24.79 -7.22 32.58
C GLN A 148 -25.16 -6.75 33.98
N ASN A 149 -24.85 -7.56 34.98
CA ASN A 149 -25.13 -7.18 36.36
C ASN A 149 -24.08 -6.21 36.87
N ALA A 150 -24.17 -5.87 38.15
CA ALA A 150 -23.29 -4.85 38.72
C ALA A 150 -21.83 -5.27 38.65
N LEU A 151 -21.54 -6.54 38.93
CA LEU A 151 -20.16 -7.01 38.91
C LEU A 151 -19.57 -6.90 37.52
N GLN A 152 -20.32 -7.31 36.50
CA GLN A 152 -19.81 -7.25 35.14
C GLN A 152 -19.65 -5.82 34.66
N LEU A 153 -20.57 -4.93 35.06
CA LEU A 153 -20.43 -3.52 34.71
C LEU A 153 -19.19 -2.91 35.37
N ALA A 154 -18.97 -3.23 36.65
CA ALA A 154 -17.80 -2.69 37.34
C ALA A 154 -16.50 -3.24 36.76
N VAL A 155 -16.47 -4.52 36.44
CA VAL A 155 -15.25 -5.12 35.88
C VAL A 155 -14.98 -4.57 34.48
N GLY A 156 -16.03 -4.37 33.69
CA GLY A 156 -15.84 -3.88 32.34
C GLY A 156 -15.23 -2.50 32.28
N ASN A 157 -15.55 -1.64 33.24
CA ASN A 157 -15.05 -0.28 33.27
C ASN A 157 -13.80 -0.11 34.14
N GLU A 158 -13.22 -1.20 34.63
CA GLU A 158 -12.04 -1.17 35.49
C GLU A 158 -12.32 -0.34 36.74
N HIS A 159 -13.26 -0.82 37.54
CA HIS A 159 -13.60 -0.23 38.82
C HIS A 159 -13.21 -1.23 39.90
N LEU A 160 -11.95 -1.15 40.33
CA LEU A 160 -11.44 -2.10 41.31
C LEU A 160 -12.12 -1.95 42.66
N GLU A 161 -12.45 -0.71 43.04
CA GLU A 161 -13.09 -0.47 44.33
C GLU A 161 -14.49 -1.07 44.35
N VAL A 162 -15.28 -0.82 43.31
CA VAL A 162 -16.62 -1.39 43.23
C VAL A 162 -16.53 -2.91 43.15
N THR A 163 -15.54 -3.43 42.42
CA THR A 163 -15.36 -4.88 42.34
C THR A 163 -15.08 -5.47 43.71
N GLU A 164 -14.27 -4.77 44.50
CA GLU A 164 -13.90 -5.28 45.84
C GLU A 164 -15.10 -5.20 46.79
N LEU A 165 -15.95 -4.18 46.63
CA LEU A 165 -17.17 -4.07 47.43
C LEU A 165 -18.15 -5.17 47.08
N LEU A 166 -18.30 -5.47 45.79
CA LEU A 166 -19.23 -6.51 45.38
C LEU A 166 -18.73 -7.89 45.75
N LEU A 167 -17.42 -8.13 45.62
CA LEU A 167 -16.86 -9.43 45.96
C LEU A 167 -17.03 -9.72 47.44
N LYS A 168 -16.93 -8.70 48.29
CA LYS A 168 -17.23 -8.90 49.70
C LYS A 168 -18.68 -9.29 49.93
N LYS A 169 -19.57 -8.96 49.00
CA LYS A 169 -20.97 -9.32 49.13
C LYS A 169 -21.18 -10.78 48.73
N GLU A 170 -21.97 -11.50 49.52
CA GLU A 170 -22.26 -12.89 49.23
C GLU A 170 -23.32 -12.97 48.12
N ASN A 171 -23.66 -14.21 47.76
CA ASN A 171 -24.64 -14.55 46.72
C ASN A 171 -24.50 -13.67 45.48
N LEU A 172 -23.25 -13.37 45.10
CA LEU A 172 -22.99 -12.58 43.91
C LEU A 172 -22.77 -13.50 42.72
N ALA A 173 -23.55 -13.31 41.67
CA ALA A 173 -23.51 -14.17 40.51
C ALA A 173 -22.56 -13.61 39.46
N ARG A 174 -22.38 -14.40 38.39
CA ARG A 174 -21.56 -14.00 37.25
C ARG A 174 -20.11 -13.71 37.65
N ILE A 175 -19.62 -14.44 38.65
CA ILE A 175 -18.24 -14.25 39.10
C ILE A 175 -17.26 -14.79 38.07
N GLY A 176 -17.56 -15.95 37.48
CA GLY A 176 -16.67 -16.52 36.49
C GLY A 176 -16.58 -15.68 35.24
N ASP A 177 -17.71 -15.16 34.77
CA ASP A 177 -17.68 -14.26 33.62
C ASP A 177 -16.96 -12.97 33.95
N ALA A 178 -17.07 -12.49 35.19
CA ALA A 178 -16.31 -11.31 35.59
C ALA A 178 -14.81 -11.58 35.51
N LEU A 179 -14.38 -12.76 35.98
CA LEU A 179 -12.96 -13.11 35.86
C LEU A 179 -12.54 -13.19 34.40
N LEU A 180 -13.36 -13.81 33.56
CA LEU A 180 -13.00 -13.93 32.14
C LEU A 180 -12.93 -12.55 31.48
N LEU A 181 -13.86 -11.66 31.80
CA LEU A 181 -13.84 -10.32 31.24
C LEU A 181 -12.61 -9.54 31.70
N ALA A 182 -12.27 -9.65 32.98
CA ALA A 182 -11.09 -8.96 33.49
C ALA A 182 -9.81 -9.49 32.85
N ILE A 183 -9.74 -10.81 32.66
CA ILE A 183 -8.59 -11.40 31.97
C ILE A 183 -8.52 -10.91 30.52
N SER A 184 -9.67 -10.83 29.85
CA SER A 184 -9.72 -10.37 28.47
C SER A 184 -9.24 -8.92 28.36
N LYS A 185 -9.65 -8.07 29.31
CA LYS A 185 -9.23 -6.69 29.30
C LYS A 185 -7.89 -6.46 29.98
N GLY A 186 -7.29 -7.51 30.55
CA GLY A 186 -5.99 -7.38 31.18
C GLY A 186 -5.97 -6.53 32.43
N TYR A 187 -7.01 -6.59 33.25
CA TYR A 187 -7.08 -5.85 34.51
C TYR A 187 -6.46 -6.73 35.58
N VAL A 188 -5.16 -6.55 35.81
CA VAL A 188 -4.42 -7.46 36.67
C VAL A 188 -4.94 -7.41 38.09
N ARG A 189 -5.18 -6.21 38.63
CA ARG A 189 -5.63 -6.11 40.01
C ARG A 189 -7.05 -6.66 40.18
N ILE A 190 -7.91 -6.44 39.19
CA ILE A 190 -9.26 -7.00 39.25
C ILE A 190 -9.21 -8.52 39.17
N VAL A 191 -8.37 -9.06 38.30
CA VAL A 191 -8.20 -10.51 38.21
C VAL A 191 -7.71 -11.07 39.54
N GLU A 192 -6.72 -10.41 40.14
CA GLU A 192 -6.20 -10.87 41.42
C GLU A 192 -7.26 -10.83 42.51
N ALA A 193 -8.06 -9.77 42.52
CA ALA A 193 -9.14 -9.67 43.52
C ALA A 193 -10.17 -10.76 43.32
N ILE A 194 -10.51 -11.06 42.06
CA ILE A 194 -11.50 -12.09 41.78
C ILE A 194 -10.97 -13.47 42.13
N LEU A 195 -9.68 -13.71 41.89
CA LEU A 195 -9.09 -15.01 42.20
C LEU A 195 -9.02 -15.28 43.70
N ASN A 196 -9.23 -14.28 44.53
CA ASN A 196 -9.31 -14.47 45.98
C ASN A 196 -10.72 -14.76 46.45
N HIS A 197 -11.70 -14.76 45.55
CA HIS A 197 -13.06 -15.11 45.90
C HIS A 197 -13.12 -16.59 46.31
N PRO A 198 -14.02 -16.96 47.23
CA PRO A 198 -14.15 -18.38 47.59
C PRO A 198 -14.54 -19.27 46.42
N GLY A 199 -15.06 -18.71 45.33
CA GLY A 199 -15.37 -19.51 44.16
C GLY A 199 -14.16 -20.01 43.41
N PHE A 200 -12.98 -19.44 43.66
CA PHE A 200 -11.75 -19.88 43.03
C PHE A 200 -10.72 -20.39 44.01
N ALA A 201 -10.52 -19.69 45.13
CA ALA A 201 -9.53 -20.12 46.11
C ALA A 201 -9.92 -21.45 46.75
N ALA A 202 -11.19 -21.56 47.18
CA ALA A 202 -11.63 -22.80 47.82
C ALA A 202 -11.76 -23.92 46.80
N SER A 203 -12.25 -23.61 45.60
CA SER A 203 -12.46 -24.62 44.58
C SER A 203 -11.18 -24.84 43.76
N LYS A 204 -11.29 -25.67 42.73
CA LYS A 204 -10.18 -25.98 41.84
C LYS A 204 -10.57 -25.72 40.38
N ARG A 205 -11.30 -24.63 40.14
CA ARG A 205 -11.81 -24.36 38.80
C ARG A 205 -10.69 -24.00 37.84
N LEU A 206 -9.67 -23.28 38.31
CA LEU A 206 -8.54 -22.95 37.46
C LEU A 206 -7.77 -24.22 37.05
N THR A 207 -7.59 -25.14 38.00
CA THR A 207 -6.76 -26.31 37.74
C THR A 207 -7.43 -27.28 36.79
N LEU A 208 -8.74 -27.47 36.91
CA LEU A 208 -9.42 -28.52 36.16
C LEU A 208 -9.42 -28.24 34.67
N SER A 209 -9.52 -29.32 33.90
CA SER A 209 -9.43 -29.27 32.45
C SER A 209 -10.67 -28.60 31.86
N PRO A 210 -10.55 -28.03 30.65
CA PRO A 210 -11.75 -27.49 30.00
C PRO A 210 -12.82 -28.54 29.78
N CYS A 211 -12.44 -29.78 29.48
CA CYS A 211 -13.42 -30.86 29.41
C CYS A 211 -14.08 -31.11 30.75
N GLU A 212 -13.29 -31.04 31.84
CA GLU A 212 -13.86 -31.17 33.17
C GLU A 212 -14.80 -30.01 33.49
N GLN A 213 -14.43 -28.84 32.98
CA GLN A 213 -15.27 -27.63 33.15
C GLN A 213 -16.57 -27.84 32.38
N GLU A 214 -16.46 -28.37 31.15
CA GLU A 214 -17.68 -28.67 30.34
C GLU A 214 -18.40 -29.87 30.95
N LEU A 215 -17.65 -30.84 31.46
CA LEU A 215 -18.28 -32.01 32.14
C LEU A 215 -19.10 -31.46 33.30
N GLN A 216 -18.51 -30.56 34.09
CA GLN A 216 -19.28 -29.92 35.19
C GLN A 216 -20.47 -29.19 34.57
N ASP A 217 -21.67 -29.39 35.13
CA ASP A 217 -22.88 -28.70 34.62
C ASP A 217 -22.94 -27.30 35.24
N ASP A 218 -21.83 -26.84 35.84
CA ASP A 218 -21.81 -25.53 36.53
C ASP A 218 -21.99 -24.40 35.50
N ASP A 219 -22.81 -23.40 35.84
CA ASP A 219 -22.95 -22.22 34.95
C ASP A 219 -21.99 -21.16 35.47
N PHE A 220 -20.88 -21.58 36.06
CA PHE A 220 -19.95 -20.63 36.69
C PHE A 220 -19.48 -19.58 35.69
N TYR A 221 -19.13 -19.99 34.48
CA TYR A 221 -18.53 -19.00 33.54
C TYR A 221 -19.58 -18.51 32.55
N ALA A 222 -20.82 -18.38 33.00
CA ALA A 222 -21.92 -17.92 32.12
C ALA A 222 -22.10 -16.42 32.28
N TYR A 223 -22.49 -15.72 31.21
CA TYR A 223 -22.67 -14.25 31.26
C TYR A 223 -24.15 -13.91 31.18
N ASP A 224 -25.00 -14.94 31.15
CA ASP A 224 -26.48 -14.72 31.10
C ASP A 224 -27.21 -16.04 31.35
N GLU A 225 -28.55 -15.99 31.42
CA GLU A 225 -29.33 -17.18 31.69
C GLU A 225 -29.04 -18.30 30.70
N ASP A 226 -28.45 -17.99 29.56
CA ASP A 226 -28.15 -19.02 28.56
C ASP A 226 -26.99 -18.53 27.69
N GLY A 227 -25.81 -19.11 27.89
CA GLY A 227 -24.66 -18.75 27.08
C GLY A 227 -23.49 -18.22 27.88
N THR A 228 -22.30 -18.25 27.30
CA THR A 228 -21.09 -17.74 27.93
C THR A 228 -20.50 -16.64 27.05
N ARG A 229 -19.76 -15.73 27.67
CA ARG A 229 -19.19 -14.60 26.94
C ARG A 229 -18.23 -15.07 25.86
N PHE A 230 -17.36 -16.01 26.20
CA PHE A 230 -16.43 -16.61 25.26
C PHE A 230 -16.85 -18.05 24.99
N SER A 231 -16.04 -18.76 24.22
CA SER A 231 -16.34 -20.15 23.91
C SER A 231 -16.34 -20.95 25.21
N PRO A 232 -17.25 -21.93 25.35
CA PRO A 232 -17.31 -22.69 26.60
C PRO A 232 -16.03 -23.46 26.90
N ASP A 233 -15.19 -23.69 25.90
CA ASP A 233 -13.94 -24.41 26.08
C ASP A 233 -12.79 -23.52 26.49
N ILE A 234 -13.00 -22.21 26.58
CA ILE A 234 -11.95 -21.27 26.92
C ILE A 234 -11.87 -21.16 28.43
N THR A 235 -10.87 -21.81 29.01
CA THR A 235 -10.55 -21.65 30.42
C THR A 235 -9.82 -20.34 30.64
N PRO A 236 -9.75 -19.86 31.89
CA PRO A 236 -9.06 -18.58 32.14
C PRO A 236 -7.62 -18.54 31.64
N ILE A 237 -6.89 -19.63 31.78
CA ILE A 237 -5.49 -19.64 31.33
C ILE A 237 -5.43 -19.56 29.81
N ILE A 238 -6.34 -20.24 29.11
CA ILE A 238 -6.37 -20.17 27.65
C ILE A 238 -6.68 -18.76 27.20
N LEU A 239 -7.63 -18.10 27.87
CA LEU A 239 -7.96 -16.72 27.50
C LEU A 239 -6.81 -15.77 27.78
N ALA A 240 -6.13 -15.95 28.92
CA ALA A 240 -4.99 -15.09 29.24
C ALA A 240 -3.87 -15.28 28.22
N ALA A 241 -3.64 -16.51 27.78
CA ALA A 241 -2.69 -16.75 26.70
C ALA A 241 -3.15 -16.11 25.39
N HIS A 242 -4.45 -16.19 25.10
CA HIS A 242 -4.99 -15.55 23.90
C HIS A 242 -4.67 -14.06 23.90
N CYS A 243 -5.01 -13.37 24.97
CA CYS A 243 -4.82 -11.93 25.05
C CYS A 243 -3.37 -11.55 25.35
N GLN A 244 -2.50 -12.52 25.61
CA GLN A 244 -1.09 -12.29 25.88
C GLN A 244 -0.90 -11.37 27.09
N LYS A 245 -1.68 -11.61 28.14
CA LYS A 245 -1.52 -10.92 29.42
C LYS A 245 -0.48 -11.68 30.23
N TYR A 246 0.76 -11.22 30.18
CA TYR A 246 1.85 -11.97 30.79
C TYR A 246 1.67 -12.11 32.30
N GLU A 247 1.28 -11.03 32.97
CA GLU A 247 1.12 -11.11 34.42
C GLU A 247 -0.07 -11.99 34.80
N VAL A 248 -1.15 -11.91 34.03
CA VAL A 248 -2.30 -12.76 34.28
C VAL A 248 -1.94 -14.22 34.04
N VAL A 249 -1.18 -14.51 32.97
CA VAL A 249 -0.73 -15.87 32.71
C VAL A 249 0.13 -16.37 33.85
N HIS A 250 1.02 -15.51 34.36
CA HIS A 250 1.87 -15.92 35.47
C HIS A 250 1.06 -16.20 36.73
N MET A 251 0.07 -15.36 37.02
CA MET A 251 -0.78 -15.59 38.18
C MET A 251 -1.55 -16.90 38.06
N LEU A 252 -2.09 -17.17 36.87
CA LEU A 252 -2.85 -18.41 36.67
C LEU A 252 -1.94 -19.63 36.72
N LEU A 253 -0.71 -19.51 36.21
CA LEU A 253 0.25 -20.61 36.33
C LEU A 253 0.62 -20.87 37.77
N MET A 254 0.80 -19.81 38.56
CA MET A 254 1.05 -19.97 39.99
C MET A 254 -0.13 -20.66 40.66
N LYS A 255 -1.35 -20.31 40.24
CA LYS A 255 -2.54 -20.99 40.74
C LYS A 255 -2.60 -22.45 40.31
N GLY A 256 -1.78 -22.87 39.36
CA GLY A 256 -1.77 -24.24 38.89
C GLY A 256 -2.49 -24.49 37.59
N ALA A 257 -2.98 -23.45 36.92
CA ALA A 257 -3.69 -23.64 35.67
C ALA A 257 -2.72 -24.00 34.55
N ARG A 258 -3.14 -24.93 33.69
CA ARG A 258 -2.38 -25.35 32.53
C ARG A 258 -3.30 -25.47 31.35
N ILE A 259 -2.73 -25.33 30.16
CA ILE A 259 -3.50 -25.47 28.93
C ILE A 259 -3.63 -26.94 28.58
N GLU A 260 -4.79 -27.32 28.03
CA GLU A 260 -5.19 -28.73 27.95
C GLU A 260 -4.21 -29.55 27.12
N ARG A 261 -3.68 -28.97 26.04
CA ARG A 261 -2.86 -29.72 25.08
C ARG A 261 -3.71 -30.85 24.51
N PRO A 262 -4.65 -30.55 23.62
CA PRO A 262 -5.65 -31.56 23.21
C PRO A 262 -5.00 -32.70 22.45
N ASP A 279 -20.76 -33.19 18.20
CA ASP A 279 -20.81 -31.90 17.52
C ASP A 279 -20.03 -31.88 16.21
N SER A 280 -18.76 -32.26 16.23
CA SER A 280 -17.83 -32.26 15.10
C SER A 280 -17.48 -30.85 14.63
N PHE A 281 -18.09 -29.83 15.20
CA PHE A 281 -17.78 -28.43 14.89
C PHE A 281 -17.25 -27.67 16.09
N SER A 282 -17.86 -27.84 17.25
CA SER A 282 -17.32 -27.24 18.47
C SER A 282 -16.01 -27.90 18.90
N HIS A 283 -15.79 -29.16 18.52
CA HIS A 283 -14.54 -29.82 18.87
C HIS A 283 -13.37 -29.20 18.13
N SER A 284 -13.54 -28.91 16.84
CA SER A 284 -12.49 -28.24 16.08
C SER A 284 -12.21 -26.85 16.64
N ARG A 285 -13.27 -26.12 17.00
CA ARG A 285 -13.09 -24.82 17.62
C ARG A 285 -12.34 -24.93 18.95
N SER A 286 -12.66 -25.96 19.74
CA SER A 286 -11.96 -26.17 21.00
C SER A 286 -10.48 -26.44 20.78
N ARG A 287 -10.16 -27.28 19.78
CA ARG A 287 -8.77 -27.57 19.49
C ARG A 287 -8.03 -26.32 19.02
N ILE A 288 -8.67 -25.50 18.18
CA ILE A 288 -8.04 -24.29 17.69
C ILE A 288 -7.82 -23.31 18.85
N ASN A 289 -8.78 -23.21 19.77
CA ASN A 289 -8.61 -22.34 20.93
C ASN A 289 -7.47 -22.82 21.80
N ALA A 290 -7.37 -24.13 22.04
CA ALA A 290 -6.28 -24.65 22.85
C ALA A 290 -4.94 -24.38 22.20
N TYR A 291 -4.87 -24.50 20.88
CA TYR A 291 -3.60 -24.24 20.20
C TYR A 291 -3.27 -22.74 20.15
N LYS A 292 -4.28 -21.89 20.05
CA LYS A 292 -4.05 -20.45 20.17
C LYS A 292 -3.48 -20.11 21.54
N GLY A 293 -4.00 -20.76 22.58
CA GLY A 293 -3.42 -20.59 23.90
C GLY A 293 -1.99 -21.09 23.97
N LEU A 294 -1.72 -22.25 23.36
CA LEU A 294 -0.38 -22.83 23.42
C LEU A 294 0.62 -22.06 22.56
N ALA A 295 0.18 -21.51 21.43
CA ALA A 295 1.07 -20.87 20.49
C ALA A 295 1.32 -19.40 20.81
N SER A 296 0.81 -18.92 21.91
CA SER A 296 1.08 -17.53 22.20
C SER A 296 2.38 -17.37 22.97
N PRO A 297 3.11 -16.28 22.72
CA PRO A 297 4.37 -16.06 23.46
C PRO A 297 4.16 -15.97 24.97
N ALA A 298 3.03 -15.44 25.42
CA ALA A 298 2.78 -15.26 26.84
C ALA A 298 2.76 -16.60 27.57
N TYR A 299 2.36 -17.67 26.90
CA TYR A 299 2.38 -18.99 27.50
C TYR A 299 3.65 -19.77 27.20
N LEU A 300 4.20 -19.62 25.99
CA LEU A 300 5.42 -20.31 25.64
C LEU A 300 6.58 -19.87 26.54
N SER A 301 6.69 -18.57 26.80
CA SER A 301 7.80 -18.06 27.59
C SER A 301 7.62 -18.37 29.07
N LEU A 302 6.39 -18.53 29.56
CA LEU A 302 6.15 -18.65 30.99
C LEU A 302 5.86 -20.09 31.43
N SER A 303 5.62 -21.02 30.51
CA SER A 303 5.20 -22.37 30.88
C SER A 303 6.35 -23.36 30.88
N SER A 304 7.05 -23.49 29.75
CA SER A 304 8.06 -24.53 29.60
C SER A 304 9.41 -24.05 30.12
N GLU A 305 10.26 -25.03 30.42
CA GLU A 305 11.63 -24.74 30.85
C GLU A 305 12.52 -24.34 29.69
N ASP A 306 12.22 -24.83 28.48
CA ASP A 306 13.02 -24.54 27.29
C ASP A 306 12.08 -24.00 26.22
N PRO A 307 11.71 -22.72 26.30
CA PRO A 307 10.69 -22.19 25.40
C PRO A 307 11.03 -22.26 23.92
N VAL A 308 12.31 -22.13 23.55
CA VAL A 308 12.65 -22.17 22.12
C VAL A 308 12.38 -23.55 21.54
N LEU A 309 12.79 -24.61 22.24
CA LEU A 309 12.54 -25.96 21.74
C LEU A 309 11.05 -26.26 21.70
N THR A 310 10.32 -25.86 22.74
CA THR A 310 8.88 -26.08 22.77
C THR A 310 8.19 -25.35 21.63
N ALA A 311 8.63 -24.12 21.34
CA ALA A 311 8.02 -23.34 20.27
C ALA A 311 8.36 -23.91 18.90
N LEU A 312 9.59 -24.42 18.71
CA LEU A 312 9.92 -25.07 17.45
C LEU A 312 9.07 -26.32 17.23
N GLU A 313 8.95 -27.15 18.27
CA GLU A 313 8.14 -28.35 18.15
C GLU A 313 6.67 -28.01 17.91
N LEU A 314 6.17 -26.98 18.60
CA LEU A 314 4.79 -26.56 18.40
C LEU A 314 4.58 -25.98 17.01
N SER A 315 5.56 -25.28 16.45
CA SER A 315 5.44 -24.79 15.08
C SER A 315 5.36 -25.96 14.11
N ASN A 316 6.17 -26.99 14.31
CA ASN A 316 6.08 -28.18 13.47
C ASN A 316 4.70 -28.82 13.59
N GLU A 317 4.22 -28.96 14.82
CA GLU A 317 2.92 -29.59 15.04
C GLU A 317 1.79 -28.80 14.39
N LEU A 318 1.84 -27.47 14.50
CA LEU A 318 0.80 -26.64 13.92
C LEU A 318 0.86 -26.64 12.40
N ALA A 319 2.06 -26.71 11.82
CA ALA A 319 2.15 -26.86 10.37
C ALA A 319 1.55 -28.18 9.91
N LYS A 320 1.84 -29.26 10.64
CA LYS A 320 1.23 -30.55 10.32
C LYS A 320 -0.29 -30.49 10.44
N LEU A 321 -0.80 -29.85 11.48
CA LEU A 321 -2.24 -29.72 11.64
C LEU A 321 -2.86 -28.89 10.53
N ALA A 322 -2.18 -27.82 10.10
CA ALA A 322 -2.67 -27.03 8.98
C ALA A 322 -2.73 -27.86 7.70
N ASN A 323 -1.74 -28.74 7.52
CA ASN A 323 -1.80 -29.69 6.40
C ASN A 323 -3.01 -30.62 6.54
N ILE A 324 -3.27 -31.12 7.74
CA ILE A 324 -4.37 -32.05 7.94
C ILE A 324 -5.72 -31.36 7.82
N GLU A 325 -5.89 -30.23 8.52
CA GLU A 325 -7.14 -29.49 8.53
C GLU A 325 -7.10 -28.41 7.46
N LYS A 326 -7.91 -28.57 6.41
CA LYS A 326 -7.89 -27.62 5.32
C LYS A 326 -8.82 -26.44 5.54
N GLU A 327 -9.97 -26.66 6.18
CA GLU A 327 -10.92 -25.57 6.43
C GLU A 327 -10.32 -24.52 7.36
N PHE A 328 -9.59 -24.96 8.38
CA PHE A 328 -8.93 -24.06 9.32
C PHE A 328 -7.43 -23.97 9.06
N LYS A 329 -7.04 -24.01 7.79
CA LYS A 329 -5.63 -23.93 7.44
C LYS A 329 -5.04 -22.59 7.86
N ASN A 330 -5.78 -21.51 7.65
CA ASN A 330 -5.26 -20.18 7.97
C ASN A 330 -4.95 -20.04 9.45
N ASP A 331 -5.82 -20.59 10.31
CA ASP A 331 -5.63 -20.46 11.75
C ASP A 331 -4.35 -21.15 12.20
N TYR A 332 -4.14 -22.39 11.76
CA TYR A 332 -2.93 -23.12 12.17
C TYR A 332 -1.68 -22.53 11.53
N ARG A 333 -1.79 -22.03 10.30
CA ARG A 333 -0.66 -21.33 9.70
C ARG A 333 -0.28 -20.09 10.51
N LYS A 334 -1.29 -19.33 10.97
CA LYS A 334 -1.04 -18.16 11.78
C LYS A 334 -0.40 -18.54 13.11
N LEU A 335 -0.86 -19.62 13.73
CA LEU A 335 -0.27 -20.05 15.00
C LEU A 335 1.17 -20.52 14.82
N SER A 336 1.45 -21.24 13.73
CA SER A 336 2.82 -21.64 13.45
C SER A 336 3.70 -20.43 13.21
N MET A 337 3.16 -19.42 12.51
CA MET A 337 3.91 -18.19 12.32
C MET A 337 4.19 -17.50 13.66
N GLN A 338 3.22 -17.54 14.58
CA GLN A 338 3.45 -16.98 15.91
C GLN A 338 4.58 -17.69 16.62
N CYS A 339 4.62 -19.03 16.55
CA CYS A 339 5.69 -19.77 17.18
C CYS A 339 7.05 -19.43 16.55
N LYS A 340 7.10 -19.35 15.22
CA LYS A 340 8.34 -18.99 14.54
C LYS A 340 8.79 -17.60 14.96
N ASP A 341 7.86 -16.65 15.05
CA ASP A 341 8.20 -15.30 15.47
C ASP A 341 8.71 -15.27 16.90
N PHE A 342 8.13 -16.07 17.78
CA PHE A 342 8.63 -16.13 19.15
C PHE A 342 10.07 -16.65 19.18
N VAL A 343 10.36 -17.70 18.43
CA VAL A 343 11.72 -18.24 18.41
C VAL A 343 12.69 -17.19 17.86
N VAL A 344 12.28 -16.52 16.78
CA VAL A 344 13.14 -15.49 16.18
C VAL A 344 13.41 -14.36 17.16
N GLY A 345 12.37 -13.93 17.90
CA GLY A 345 12.57 -12.87 18.87
C GLY A 345 13.50 -13.27 20.01
N VAL A 346 13.33 -14.49 20.52
CA VAL A 346 14.21 -14.97 21.58
C VAL A 346 15.65 -15.01 21.09
N LEU A 347 15.87 -15.46 19.84
CA LEU A 347 17.21 -15.43 19.29
C LEU A 347 17.73 -14.01 19.14
N ASP A 348 16.84 -13.10 18.73
CA ASP A 348 17.24 -11.71 18.51
C ASP A 348 17.68 -11.04 19.80
N LEU A 349 17.08 -11.39 20.92
CA LEU A 349 17.39 -10.75 22.20
C LEU A 349 18.72 -11.23 22.81
N CYS A 350 19.51 -12.01 22.08
CA CYS A 350 20.82 -12.42 22.58
C CYS A 350 21.81 -11.27 22.47
N ARG A 351 22.67 -11.14 23.49
CA ARG A 351 23.58 -10.01 23.57
C ARG A 351 25.06 -10.39 23.61
N ASP A 352 25.39 -11.68 23.63
CA ASP A 352 26.78 -12.09 23.57
C ASP A 352 26.85 -13.48 22.96
N SER A 353 28.08 -13.99 22.81
CA SER A 353 28.27 -15.27 22.13
C SER A 353 27.67 -16.43 22.92
N GLU A 354 27.72 -16.37 24.25
CA GLU A 354 27.21 -17.48 25.05
C GLU A 354 25.71 -17.66 24.87
N GLU A 355 24.94 -16.57 24.88
CA GLU A 355 23.50 -16.67 24.69
C GLU A 355 23.16 -17.15 23.28
N VAL A 356 23.91 -16.67 22.27
CA VAL A 356 23.67 -17.13 20.90
C VAL A 356 23.95 -18.62 20.79
N GLU A 357 25.03 -19.09 21.41
CA GLU A 357 25.32 -20.52 21.39
C GLU A 357 24.22 -21.31 22.10
N ALA A 358 23.75 -20.81 23.23
CA ALA A 358 22.70 -21.51 23.97
C ALA A 358 21.42 -21.61 23.14
N ILE A 359 21.06 -20.55 22.44
CA ILE A 359 19.86 -20.58 21.61
C ILE A 359 20.06 -21.50 20.41
N LEU A 360 21.25 -21.47 19.81
CA LEU A 360 21.49 -22.25 18.60
C LEU A 360 21.87 -23.69 18.91
N ASN A 361 22.91 -23.89 19.73
CA ASN A 361 23.35 -25.24 20.03
C ASN A 361 22.41 -25.99 20.96
N GLY A 362 21.55 -25.29 21.69
CA GLY A 362 20.71 -25.97 22.64
C GLY A 362 21.48 -26.38 23.90
N ASP A 363 20.87 -27.25 24.67
CA ASP A 363 21.47 -27.71 25.91
C ASP A 363 22.58 -28.73 25.63
N ALA A 377 30.72 -27.65 17.77
CA ALA A 377 29.42 -27.31 18.33
C ALA A 377 28.29 -27.71 17.39
N SER A 378 27.43 -28.60 17.84
CA SER A 378 26.32 -29.09 17.04
C SER A 378 25.19 -28.07 17.06
N LEU A 379 24.77 -27.61 15.89
CA LEU A 379 23.70 -26.61 15.77
C LEU A 379 22.35 -27.33 15.72
N SER A 380 21.96 -27.86 16.88
CA SER A 380 20.73 -28.65 16.96
C SER A 380 19.51 -27.81 16.61
N ARG A 381 19.43 -26.60 17.15
CA ARG A 381 18.25 -25.77 16.90
C ARG A 381 18.25 -25.19 15.50
N VAL A 382 19.43 -24.95 14.91
CA VAL A 382 19.48 -24.50 13.53
C VAL A 382 18.96 -25.59 12.60
N LYS A 383 19.37 -26.84 12.83
CA LYS A 383 18.87 -27.94 12.04
C LYS A 383 17.37 -28.15 12.26
N LEU A 384 16.91 -27.98 13.50
CA LEU A 384 15.48 -28.07 13.75
C LEU A 384 14.70 -26.99 13.00
N ALA A 385 15.31 -25.80 12.91
CA ALA A 385 14.67 -24.67 12.21
C ALA A 385 14.72 -24.92 10.70
N ILE A 386 15.83 -25.46 10.20
CA ILE A 386 15.98 -25.75 8.74
C ILE A 386 14.90 -26.78 8.37
N LYS A 387 14.70 -27.79 9.22
CA LYS A 387 13.65 -28.82 8.96
C LYS A 387 12.26 -28.19 9.07
N TYR A 388 11.96 -27.56 10.21
CA TYR A 388 10.63 -27.02 10.45
C TYR A 388 10.36 -25.76 9.64
N GLU A 389 11.26 -25.39 8.73
CA GLU A 389 11.10 -24.22 7.87
C GLU A 389 10.92 -22.94 8.67
N VAL A 390 11.66 -22.81 9.77
CA VAL A 390 11.70 -21.57 10.54
C VAL A 390 12.77 -20.72 9.90
N LYS A 391 12.38 -20.00 8.84
CA LYS A 391 13.35 -19.35 7.97
C LYS A 391 14.00 -18.14 8.63
N LYS A 392 13.21 -17.30 9.31
CA LYS A 392 13.76 -16.09 9.90
C LYS A 392 14.71 -16.40 11.05
N PHE A 393 14.55 -17.56 11.70
CA PHE A 393 15.48 -17.96 12.74
C PHE A 393 16.86 -18.25 12.16
N VAL A 394 16.92 -19.02 11.08
CA VAL A 394 18.20 -19.34 10.45
C VAL A 394 18.77 -18.12 9.76
N ALA A 395 17.93 -17.31 9.14
CA ALA A 395 18.37 -16.13 8.41
C ALA A 395 18.68 -14.95 9.33
N HIS A 396 18.54 -15.11 10.64
CA HIS A 396 18.79 -13.99 11.55
C HIS A 396 20.28 -13.69 11.61
N PRO A 397 20.67 -12.43 11.72
CA PRO A 397 22.11 -12.10 11.78
C PRO A 397 22.83 -12.77 12.93
N ASN A 398 22.18 -12.97 14.08
CA ASN A 398 22.83 -13.66 15.18
C ASN A 398 23.13 -15.12 14.83
N CYS A 399 22.24 -15.76 14.08
CA CYS A 399 22.51 -17.10 13.58
C CYS A 399 23.45 -17.08 12.39
N GLN A 400 23.34 -16.06 11.54
CA GLN A 400 24.16 -16.00 10.34
C GLN A 400 25.63 -15.79 10.69
N GLN A 401 25.93 -15.02 11.74
CA GLN A 401 27.33 -14.83 12.10
C GLN A 401 27.96 -16.12 12.60
N GLN A 402 27.21 -16.92 13.37
CA GLN A 402 27.72 -18.22 13.80
C GLN A 402 27.88 -19.16 12.62
N LEU A 403 26.91 -19.15 11.69
CA LEU A 403 27.03 -19.99 10.51
C LEU A 403 28.23 -19.60 9.65
N LEU A 404 28.50 -18.30 9.54
CA LEU A 404 29.67 -17.84 8.80
C LEU A 404 30.96 -18.23 9.51
N THR A 405 30.98 -18.15 10.85
CA THR A 405 32.18 -18.55 11.59
C THR A 405 32.47 -20.04 11.38
N ILE A 406 31.43 -20.87 11.38
CA ILE A 406 31.63 -22.29 11.10
C ILE A 406 31.96 -22.52 9.64
N TRP A 407 31.43 -21.68 8.75
CA TRP A 407 31.65 -21.85 7.31
C TRP A 407 33.11 -21.64 6.95
N TYR A 408 33.72 -20.59 7.48
CA TYR A 408 35.16 -20.37 7.34
C TYR A 408 35.88 -20.85 8.60
N GLU A 409 36.00 -22.17 8.71
CA GLU A 409 36.62 -22.77 9.89
C GLU A 409 38.06 -22.30 10.03
N ASN A 410 38.91 -22.62 9.05
CA ASN A 410 40.31 -22.23 9.07
C ASN A 410 40.64 -21.13 8.09
N LEU A 411 39.68 -20.69 7.28
CA LEU A 411 39.89 -19.64 6.30
C LEU A 411 39.44 -18.29 6.89
N SER A 412 40.13 -17.90 7.96
CA SER A 412 39.78 -16.66 8.65
C SER A 412 40.02 -15.44 7.77
N GLY A 413 41.19 -15.40 7.10
CA GLY A 413 41.51 -14.26 6.28
C GLY A 413 40.75 -14.17 4.99
N LEU A 414 40.23 -15.29 4.50
CA LEU A 414 39.48 -15.31 3.25
C LEU A 414 38.03 -14.88 3.42
N ARG A 415 37.55 -14.74 4.66
CA ARG A 415 36.16 -14.37 4.89
C ARG A 415 35.86 -12.97 4.37
N GLU A 416 36.78 -12.03 4.58
CA GLU A 416 36.54 -10.64 4.22
C GLU A 416 37.06 -10.28 2.84
N GLN A 417 37.64 -11.23 2.11
CA GLN A 417 38.16 -10.92 0.78
C GLN A 417 37.02 -10.72 -0.22
N THR A 418 37.32 -10.00 -1.29
CA THR A 418 36.31 -9.65 -2.28
C THR A 418 35.91 -10.86 -3.10
N ILE A 419 34.88 -10.68 -3.92
CA ILE A 419 34.37 -11.76 -4.76
C ILE A 419 35.40 -12.15 -5.81
N ALA A 420 36.16 -11.17 -6.32
CA ALA A 420 37.17 -11.46 -7.33
C ALA A 420 38.25 -12.40 -6.78
N ILE A 421 38.69 -12.18 -5.55
CA ILE A 421 39.71 -13.06 -4.96
C ILE A 421 39.14 -14.45 -4.74
N LYS A 422 37.87 -14.55 -4.35
CA LYS A 422 37.24 -15.85 -4.17
C LYS A 422 37.13 -16.60 -5.50
N CYS A 423 36.77 -15.90 -6.58
CA CYS A 423 36.72 -16.53 -7.88
C CYS A 423 38.12 -16.95 -8.34
N LEU A 424 39.13 -16.18 -7.95
CA LEU A 424 40.52 -16.62 -8.27
C LEU A 424 40.77 -17.94 -7.53
N VAL A 425 40.28 -18.05 -6.30
CA VAL A 425 40.52 -19.28 -5.48
C VAL A 425 39.90 -20.48 -6.20
N VAL A 426 38.65 -20.35 -6.64
CA VAL A 426 37.96 -21.48 -7.34
C VAL A 426 38.81 -21.87 -8.55
N LEU A 427 39.25 -20.88 -9.34
CA LEU A 427 40.12 -21.16 -10.51
C LEU A 427 41.35 -21.92 -10.02
N VAL A 428 42.08 -21.36 -9.05
CA VAL A 428 43.31 -22.02 -8.62
C VAL A 428 43.01 -23.46 -8.18
N VAL A 429 41.92 -23.62 -7.42
CA VAL A 429 41.53 -24.97 -6.99
C VAL A 429 41.17 -25.82 -8.20
N ALA A 430 40.51 -25.24 -9.19
CA ALA A 430 40.20 -25.99 -10.41
C ALA A 430 41.46 -26.42 -11.12
N LEU A 431 42.47 -25.55 -11.19
CA LEU A 431 43.72 -25.90 -11.83
C LEU A 431 44.45 -27.01 -11.07
N GLY A 432 44.50 -26.92 -9.74
CA GLY A 432 45.27 -27.83 -8.93
C GLY A 432 44.51 -28.92 -8.21
N LEU A 433 43.26 -29.18 -8.59
CA LEU A 433 42.46 -30.19 -7.89
C LEU A 433 43.11 -31.57 -7.82
N PRO A 434 43.71 -32.12 -8.89
CA PRO A 434 44.45 -33.38 -8.71
C PRO A 434 45.58 -33.25 -7.70
N PHE A 435 46.30 -32.12 -7.71
CA PHE A 435 47.36 -31.91 -6.73
C PHE A 435 46.80 -31.82 -5.32
N LEU A 436 45.67 -31.13 -5.15
CA LEU A 436 45.06 -31.04 -3.83
C LEU A 436 44.61 -32.41 -3.34
N ALA A 437 44.03 -33.22 -4.23
CA ALA A 437 43.62 -34.56 -3.85
C ALA A 437 44.80 -35.42 -3.46
N ILE A 438 45.90 -35.32 -4.23
CA ILE A 438 47.11 -36.08 -3.89
C ILE A 438 47.66 -35.64 -2.54
N GLY A 439 47.69 -34.34 -2.29
CA GLY A 439 48.17 -33.86 -1.00
C GLY A 439 47.28 -34.30 0.16
N TYR A 440 45.97 -34.31 -0.06
CA TYR A 440 45.03 -34.77 0.97
C TYR A 440 45.23 -36.26 1.25
N TRP A 441 45.44 -37.06 0.20
CA TRP A 441 45.67 -38.48 0.40
C TRP A 441 46.98 -38.73 1.13
N ILE A 442 48.05 -38.01 0.76
CA ILE A 442 49.35 -38.22 1.40
C ILE A 442 49.32 -37.72 2.84
N ALA A 443 48.79 -36.52 3.06
CA ALA A 443 48.79 -35.90 4.39
C ALA A 443 47.37 -35.43 4.72
N PRO A 444 46.48 -36.35 5.11
CA PRO A 444 45.13 -35.92 5.51
C PRO A 444 45.11 -34.99 6.70
N CYS A 445 46.06 -35.12 7.62
CA CYS A 445 46.14 -34.28 8.81
C CYS A 445 47.40 -33.43 8.70
N SER A 446 47.23 -32.21 8.22
CA SER A 446 48.32 -31.23 8.08
C SER A 446 47.68 -29.88 7.87
N ARG A 447 48.51 -28.87 7.59
CA ARG A 447 47.99 -27.54 7.29
C ARG A 447 47.10 -27.57 6.06
N LEU A 448 47.55 -28.23 5.00
CA LEU A 448 46.73 -28.39 3.81
C LEU A 448 45.51 -29.25 4.10
N GLY A 449 45.67 -30.29 4.91
CA GLY A 449 44.54 -31.11 5.29
C GLY A 449 43.49 -30.35 6.08
N LYS A 450 43.93 -29.52 7.02
CA LYS A 450 42.99 -28.70 7.79
C LYS A 450 42.31 -27.67 6.91
N ILE A 451 43.06 -27.04 5.99
CA ILE A 451 42.47 -26.05 5.11
C ILE A 451 41.44 -26.68 4.19
N LEU A 452 41.76 -27.86 3.64
CA LEU A 452 40.89 -28.50 2.66
C LEU A 452 39.60 -29.04 3.30
N ARG A 453 39.57 -29.22 4.61
CA ARG A 453 38.39 -29.68 5.31
C ARG A 453 37.45 -28.56 5.73
N SER A 454 37.83 -27.30 5.48
CA SER A 454 36.94 -26.19 5.78
C SER A 454 35.70 -26.27 4.89
N PRO A 455 34.51 -25.99 5.44
CA PRO A 455 33.31 -26.05 4.61
C PRO A 455 33.37 -25.18 3.37
N PHE A 456 33.92 -23.97 3.46
CA PHE A 456 34.03 -23.12 2.28
C PHE A 456 35.02 -23.72 1.29
N MET A 457 36.12 -24.29 1.77
CA MET A 457 37.07 -24.92 0.86
C MET A 457 36.47 -26.14 0.19
N LYS A 458 35.63 -26.90 0.91
CA LYS A 458 34.97 -28.04 0.28
C LYS A 458 33.94 -27.59 -0.75
N PHE A 459 33.22 -26.50 -0.47
CA PHE A 459 32.31 -25.94 -1.46
C PHE A 459 33.06 -25.48 -2.70
N VAL A 460 34.21 -24.83 -2.51
CA VAL A 460 35.03 -24.39 -3.63
C VAL A 460 35.54 -25.59 -4.41
N ALA A 461 35.91 -26.67 -3.70
CA ALA A 461 36.38 -27.88 -4.38
C ALA A 461 35.27 -28.48 -5.24
N HIS A 462 34.04 -28.55 -4.71
CA HIS A 462 32.95 -29.10 -5.50
C HIS A 462 32.61 -28.21 -6.69
N ALA A 463 32.60 -26.89 -6.49
CA ALA A 463 32.35 -25.98 -7.59
C ALA A 463 33.42 -26.09 -8.66
N ALA A 464 34.69 -26.21 -8.25
CA ALA A 464 35.78 -26.35 -9.21
C ALA A 464 35.69 -27.68 -9.96
N SER A 465 35.30 -28.75 -9.26
CA SER A 465 35.12 -30.03 -9.92
C SER A 465 34.01 -29.96 -10.96
N PHE A 466 32.91 -29.29 -10.64
CA PHE A 466 31.85 -29.16 -11.63
C PHE A 466 32.25 -28.26 -12.79
N ILE A 467 33.05 -27.23 -12.52
CA ILE A 467 33.57 -26.40 -13.60
C ILE A 467 34.47 -27.22 -14.51
N ILE A 468 35.28 -28.09 -13.93
CA ILE A 468 36.12 -28.98 -14.73
C ILE A 468 35.26 -29.92 -15.55
N PHE A 469 34.16 -30.41 -14.97
CA PHE A 469 33.26 -31.29 -15.72
C PHE A 469 32.64 -30.56 -16.90
N LEU A 470 32.19 -29.33 -16.70
CA LEU A 470 31.65 -28.55 -17.81
C LEU A 470 32.72 -28.25 -18.85
N GLY A 471 33.94 -27.98 -18.41
CA GLY A 471 35.03 -27.79 -19.34
C GLY A 471 35.31 -29.03 -20.17
N LEU A 472 35.22 -30.21 -19.54
CA LEU A 472 35.34 -31.45 -20.29
C LEU A 472 34.21 -31.62 -21.29
N LEU A 473 32.99 -31.27 -20.89
CA LEU A 473 31.86 -31.33 -21.80
C LEU A 473 32.09 -30.46 -23.04
N VAL A 474 32.60 -29.24 -22.83
CA VAL A 474 32.84 -28.33 -23.94
C VAL A 474 34.03 -28.81 -24.78
N PHE A 475 35.08 -29.30 -24.11
CA PHE A 475 36.30 -29.71 -24.80
C PHE A 475 36.14 -30.99 -25.58
N ASN A 476 35.20 -31.86 -25.20
CA ASN A 476 34.97 -33.08 -25.96
C ASN A 476 34.56 -32.76 -27.39
N ALA A 477 33.88 -31.62 -27.59
CA ALA A 477 33.48 -31.16 -28.91
C ALA A 477 34.33 -30.00 -29.40
N SER A 478 35.60 -29.94 -29.00
CA SER A 478 36.46 -28.85 -29.42
C SER A 478 36.91 -28.98 -30.87
N ASP A 479 36.78 -30.17 -31.47
CA ASP A 479 37.12 -30.36 -32.87
C ASP A 479 36.00 -29.95 -33.80
N ARG A 480 34.86 -29.53 -33.27
CA ARG A 480 33.70 -29.14 -34.09
C ARG A 480 33.24 -27.71 -33.82
N PHE A 481 34.05 -26.90 -33.14
CA PHE A 481 33.63 -25.54 -32.82
C PHE A 481 33.35 -24.73 -34.08
N GLU A 482 34.21 -24.87 -35.09
CA GLU A 482 34.03 -24.17 -36.35
C GLU A 482 33.27 -25.01 -37.39
N GLY A 483 32.80 -26.18 -37.02
CA GLY A 483 32.09 -27.05 -37.93
C GLY A 483 32.97 -28.20 -38.42
N ILE A 484 32.32 -29.29 -38.79
CA ILE A 484 33.01 -30.49 -39.25
C ILE A 484 33.47 -30.27 -40.69
N THR A 485 34.70 -30.70 -40.98
CA THR A 485 35.24 -30.52 -42.33
C THR A 485 34.55 -31.44 -43.33
N THR A 486 34.40 -32.72 -42.97
CA THR A 486 33.86 -33.70 -43.89
C THR A 486 32.34 -33.72 -43.85
N LEU A 487 31.74 -33.97 -45.02
CA LEU A 487 30.29 -34.04 -45.11
C LEU A 487 29.79 -35.32 -44.44
N PRO A 488 28.52 -35.32 -43.99
CA PRO A 488 27.96 -36.53 -43.38
C PRO A 488 27.88 -37.72 -44.32
N ASN A 489 27.97 -37.52 -45.63
CA ASN A 489 27.89 -38.60 -46.59
C ASN A 489 29.24 -39.22 -46.91
N ILE A 490 30.31 -38.78 -46.28
CA ILE A 490 31.67 -39.21 -46.59
C ILE A 490 32.27 -39.89 -45.37
N THR A 491 32.96 -41.01 -45.61
CA THR A 491 33.64 -41.75 -44.56
C THR A 491 35.14 -41.55 -44.66
N VAL A 492 35.77 -41.29 -43.53
CA VAL A 492 37.22 -41.11 -43.44
C VAL A 492 37.76 -42.05 -42.37
N THR A 493 38.82 -42.77 -42.70
CA THR A 493 39.45 -43.73 -41.80
C THR A 493 40.93 -43.45 -41.68
N ASP A 494 41.48 -43.62 -40.47
CA ASP A 494 42.90 -43.39 -40.26
C ASP A 494 43.75 -44.39 -41.05
N TYR A 495 43.34 -45.66 -41.08
CA TYR A 495 44.06 -46.63 -41.88
C TYR A 495 43.09 -47.36 -42.80
N PRO A 496 43.56 -47.80 -43.97
CA PRO A 496 42.61 -48.26 -45.01
C PRO A 496 41.75 -49.44 -44.61
N LYS A 497 42.20 -50.31 -43.71
CA LYS A 497 41.44 -51.48 -43.32
C LYS A 497 40.49 -51.21 -42.15
N GLN A 498 40.36 -49.97 -41.72
CA GLN A 498 39.53 -49.65 -40.57
C GLN A 498 38.06 -49.58 -40.96
N ILE A 499 37.21 -50.13 -40.09
CA ILE A 499 35.77 -49.94 -40.22
C ILE A 499 35.43 -48.54 -39.71
N PHE A 500 34.52 -47.86 -40.41
CA PHE A 500 34.24 -46.46 -40.10
C PHE A 500 33.60 -46.30 -38.72
N ARG A 501 32.76 -47.26 -38.32
CA ARG A 501 32.04 -47.12 -37.06
C ARG A 501 32.97 -47.16 -35.85
N VAL A 502 34.05 -47.94 -35.91
CA VAL A 502 34.99 -47.94 -34.80
C VAL A 502 35.72 -46.60 -34.72
N LYS A 503 35.86 -45.91 -35.85
CA LYS A 503 36.46 -44.58 -35.84
C LYS A 503 35.49 -43.55 -35.27
N THR A 504 34.21 -43.70 -35.59
CA THR A 504 33.22 -42.71 -35.15
C THR A 504 32.64 -43.01 -33.78
N THR A 505 32.95 -44.15 -33.17
CA THR A 505 32.39 -44.54 -31.88
C THR A 505 33.42 -44.75 -30.79
N GLN A 506 34.71 -44.73 -31.12
CA GLN A 506 35.73 -44.99 -30.12
C GLN A 506 35.80 -43.84 -29.11
N PHE A 507 35.99 -44.20 -27.84
CA PHE A 507 36.13 -43.20 -26.79
C PHE A 507 37.51 -42.57 -26.82
N THR A 508 37.55 -41.25 -26.76
CA THR A 508 38.80 -40.52 -26.61
C THR A 508 39.10 -40.32 -25.13
N TRP A 509 40.27 -39.75 -24.85
CA TRP A 509 40.66 -39.56 -23.45
C TRP A 509 39.72 -38.60 -22.74
N THR A 510 39.21 -37.60 -23.44
CA THR A 510 38.17 -36.75 -22.86
C THR A 510 36.92 -37.54 -22.56
N GLU A 511 36.56 -38.48 -23.44
CA GLU A 511 35.41 -39.35 -23.16
C GLU A 511 35.66 -40.21 -21.92
N MET A 512 36.88 -40.73 -21.77
CA MET A 512 37.20 -41.50 -20.57
C MET A 512 37.09 -40.63 -19.31
N LEU A 513 37.62 -39.41 -19.37
CA LEU A 513 37.55 -38.52 -18.22
C LEU A 513 36.12 -38.18 -17.85
N ILE A 514 35.28 -37.89 -18.86
CA ILE A 514 33.89 -37.53 -18.55
C ILE A 514 33.13 -38.75 -18.04
N MET A 515 33.44 -39.95 -18.54
CA MET A 515 32.81 -41.15 -17.99
C MET A 515 33.20 -41.35 -16.54
N VAL A 516 34.48 -41.13 -16.21
CA VAL A 516 34.93 -41.25 -14.83
C VAL A 516 34.23 -40.21 -13.95
N TRP A 517 34.08 -38.99 -14.47
CA TRP A 517 33.39 -37.94 -13.72
C TRP A 517 31.94 -38.31 -13.45
N VAL A 518 31.25 -38.84 -14.47
CA VAL A 518 29.85 -39.25 -14.29
C VAL A 518 29.76 -40.39 -13.29
N LEU A 519 30.69 -41.34 -13.36
CA LEU A 519 30.70 -42.44 -12.39
C LEU A 519 30.91 -41.92 -10.98
N GLY A 520 31.82 -40.98 -10.80
CA GLY A 520 32.05 -40.43 -9.47
C GLY A 520 30.85 -39.67 -8.93
N MET A 521 30.21 -38.86 -9.77
CA MET A 521 29.04 -38.11 -9.33
C MET A 521 27.88 -39.05 -9.01
N MET A 522 27.68 -40.09 -9.83
CA MET A 522 26.63 -41.06 -9.55
C MET A 522 26.94 -41.82 -8.26
N TRP A 523 28.21 -42.13 -8.02
CA TRP A 523 28.59 -42.80 -6.78
C TRP A 523 28.30 -41.92 -5.58
N SER A 524 28.60 -40.62 -5.69
CA SER A 524 28.28 -39.70 -4.59
C SER A 524 26.78 -39.62 -4.35
N GLU A 525 25.99 -39.55 -5.43
CA GLU A 525 24.53 -39.50 -5.27
C GLU A 525 24.01 -40.78 -4.63
N CYS A 526 24.53 -41.93 -5.06
CA CYS A 526 24.11 -43.20 -4.48
C CYS A 526 24.50 -43.30 -3.01
N LYS A 527 25.70 -42.83 -2.65
CA LYS A 527 26.09 -42.83 -1.25
C LYS A 527 25.17 -41.95 -0.42
N GLU A 528 24.82 -40.77 -0.94
CA GLU A 528 23.90 -39.89 -0.22
C GLU A 528 22.55 -40.57 -0.04
N LEU A 529 22.02 -41.19 -1.11
CA LEU A 529 20.73 -41.86 -1.02
C LEU A 529 20.77 -43.01 -0.03
N TRP A 530 21.86 -43.80 -0.05
CA TRP A 530 22.00 -44.92 0.87
C TRP A 530 22.08 -44.45 2.32
N LEU A 531 22.85 -43.39 2.57
CA LEU A 531 23.07 -42.95 3.95
C LEU A 531 21.87 -42.24 4.53
N GLU A 532 21.21 -41.38 3.74
CA GLU A 532 20.16 -40.52 4.29
C GLU A 532 18.75 -41.04 4.04
N GLY A 533 18.53 -41.86 3.02
CA GLY A 533 17.21 -42.41 2.77
C GLY A 533 16.68 -42.04 1.40
N PRO A 534 16.03 -43.01 0.74
CA PRO A 534 15.54 -42.74 -0.62
C PRO A 534 14.35 -41.79 -0.66
N ARG A 535 13.40 -41.94 0.27
CA ARG A 535 12.20 -41.11 0.24
C ARG A 535 12.53 -39.64 0.43
N GLU A 536 13.44 -39.32 1.35
CA GLU A 536 13.87 -37.94 1.51
C GLU A 536 14.69 -37.46 0.32
N TYR A 537 15.48 -38.36 -0.29
CA TYR A 537 16.28 -37.99 -1.44
C TYR A 537 15.41 -37.60 -2.63
N ILE A 538 14.34 -38.35 -2.88
CA ILE A 538 13.50 -38.08 -4.04
C ILE A 538 12.77 -36.75 -3.87
N LEU A 539 12.36 -36.41 -2.65
CA LEU A 539 11.61 -35.17 -2.43
C LEU A 539 12.55 -33.97 -2.34
N GLN A 540 13.43 -33.82 -3.31
CA GLN A 540 14.31 -32.66 -3.42
C GLN A 540 14.56 -32.39 -4.89
N LEU A 541 14.42 -31.13 -5.30
CA LEU A 541 14.59 -30.79 -6.71
C LEU A 541 16.00 -31.08 -7.19
N TRP A 542 17.00 -30.62 -6.42
CA TRP A 542 18.39 -30.78 -6.87
C TRP A 542 18.79 -32.24 -6.92
N ASN A 543 18.42 -33.03 -5.92
CA ASN A 543 18.81 -34.43 -5.91
C ASN A 543 18.17 -35.19 -7.07
N VAL A 544 16.88 -34.99 -7.32
CA VAL A 544 16.22 -35.71 -8.40
C VAL A 544 16.74 -35.25 -9.75
N LEU A 545 17.04 -33.96 -9.90
CA LEU A 545 17.58 -33.48 -11.17
C LEU A 545 18.98 -34.03 -11.42
N ASP A 546 19.81 -34.08 -10.37
CA ASP A 546 21.15 -34.66 -10.52
C ASP A 546 21.06 -36.14 -10.87
N PHE A 547 20.16 -36.87 -10.21
CA PHE A 547 19.99 -38.28 -10.55
C PHE A 547 19.51 -38.44 -11.98
N GLY A 548 18.59 -37.58 -12.43
CA GLY A 548 18.11 -37.68 -13.79
C GLY A 548 19.19 -37.42 -14.82
N MET A 549 19.98 -36.36 -14.62
CA MET A 549 21.03 -36.05 -15.59
C MET A 549 22.13 -37.10 -15.57
N LEU A 550 22.47 -37.63 -14.40
CA LEU A 550 23.46 -38.71 -14.36
C LEU A 550 22.93 -39.98 -14.99
N SER A 551 21.65 -40.30 -14.82
CA SER A 551 21.08 -41.46 -15.49
C SER A 551 21.06 -41.28 -16.99
N ILE A 552 20.76 -40.06 -17.47
CA ILE A 552 20.79 -39.80 -18.89
C ILE A 552 22.21 -39.94 -19.44
N PHE A 553 23.20 -39.45 -18.69
CA PHE A 553 24.58 -39.65 -19.09
C PHE A 553 24.93 -41.12 -19.16
N ILE A 554 24.51 -41.90 -18.16
CA ILE A 554 24.82 -43.33 -18.14
C ILE A 554 24.17 -44.03 -19.31
N ALA A 555 22.92 -43.68 -19.63
CA ALA A 555 22.25 -44.29 -20.78
C ALA A 555 22.95 -43.92 -22.08
N ALA A 556 23.34 -42.65 -22.23
CA ALA A 556 24.04 -42.24 -23.45
C ALA A 556 25.35 -42.99 -23.61
N PHE A 557 26.13 -43.10 -22.52
CA PHE A 557 27.40 -43.80 -22.61
C PHE A 557 27.21 -45.30 -22.81
N THR A 558 26.14 -45.88 -22.27
CA THR A 558 25.84 -47.28 -22.54
C THR A 558 25.52 -47.50 -24.00
N ALA A 559 24.72 -46.62 -24.60
CA ALA A 559 24.42 -46.73 -26.02
C ALA A 559 25.68 -46.59 -26.87
N ARG A 560 26.52 -45.62 -26.53
CA ARG A 560 27.77 -45.45 -27.26
C ARG A 560 28.69 -46.65 -27.09
N PHE A 561 28.69 -47.26 -25.90
CA PHE A 561 29.50 -48.44 -25.68
C PHE A 561 28.98 -49.63 -26.46
N LEU A 562 27.66 -49.77 -26.58
CA LEU A 562 27.09 -50.83 -27.43
C LEU A 562 27.48 -50.63 -28.89
N ALA A 563 27.42 -49.38 -29.36
CA ALA A 563 27.85 -49.08 -30.72
C ALA A 563 29.33 -49.42 -30.90
N PHE A 564 30.15 -49.08 -29.90
CA PHE A 564 31.58 -49.40 -29.96
C PHE A 564 31.80 -50.90 -29.98
N LEU A 565 31.03 -51.66 -29.21
CA LEU A 565 31.15 -53.11 -29.22
C LEU A 565 30.81 -53.68 -30.59
N GLN A 566 29.72 -53.20 -31.20
CA GLN A 566 29.37 -53.69 -32.53
C GLN A 566 30.45 -53.33 -33.55
N ALA A 567 30.98 -52.11 -33.48
CA ALA A 567 32.03 -51.70 -34.40
C ALA A 567 33.30 -52.51 -34.18
N THR A 568 33.63 -52.81 -32.93
CA THR A 568 34.82 -53.61 -32.64
C THR A 568 34.66 -55.03 -33.15
N LYS A 569 33.46 -55.60 -33.02
CA LYS A 569 33.21 -56.93 -33.59
C LYS A 569 33.36 -56.90 -35.10
N ALA A 570 32.84 -55.85 -35.76
CA ALA A 570 33.01 -55.71 -37.19
C ALA A 570 34.48 -55.61 -37.58
N GLN A 571 35.25 -54.83 -36.81
CA GLN A 571 36.67 -54.68 -37.10
C GLN A 571 37.42 -56.00 -36.91
N GLN A 572 37.05 -56.76 -35.88
CA GLN A 572 37.66 -58.08 -35.68
C GLN A 572 37.34 -59.01 -36.85
N TYR A 573 36.10 -58.98 -37.33
CA TYR A 573 35.74 -59.78 -38.49
C TYR A 573 36.55 -59.36 -39.71
N VAL A 574 36.72 -58.05 -39.91
CA VAL A 574 37.51 -57.57 -41.05
C VAL A 574 38.95 -58.03 -40.94
N ASP A 575 39.54 -57.93 -39.75
CA ASP A 575 40.92 -58.33 -39.56
C ASP A 575 41.13 -59.84 -39.67
N SER A 576 40.10 -60.63 -39.35
CA SER A 576 40.25 -62.09 -39.33
C SER A 576 39.83 -62.76 -40.64
N TYR A 577 38.95 -62.15 -41.42
CA TYR A 577 38.42 -62.78 -42.62
C TYR A 577 38.55 -61.95 -43.88
N VAL A 578 39.13 -60.75 -43.82
CA VAL A 578 39.27 -59.89 -44.99
C VAL A 578 40.73 -59.49 -45.12
N GLN A 579 41.33 -59.84 -46.26
CA GLN A 579 42.69 -59.43 -46.59
C GLN A 579 42.74 -59.01 -48.06
N GLU A 580 41.78 -58.16 -48.45
CA GLU A 580 41.52 -57.91 -49.86
C GLU A 580 41.85 -56.48 -50.28
N SER A 581 43.01 -55.98 -49.85
CA SER A 581 43.56 -54.72 -50.34
C SER A 581 42.64 -53.53 -50.03
N ASP A 582 42.51 -53.26 -48.73
CA ASP A 582 41.97 -52.01 -48.21
C ASP A 582 40.47 -51.87 -48.43
N LEU A 583 39.73 -52.98 -48.33
CA LEU A 583 38.27 -52.95 -48.30
C LEU A 583 37.65 -52.32 -49.54
N SER A 584 38.33 -52.46 -50.69
CA SER A 584 37.83 -51.90 -51.94
C SER A 584 37.16 -52.97 -52.81
N GLU A 585 37.89 -54.03 -53.15
CA GLU A 585 37.35 -55.07 -54.00
C GLU A 585 36.41 -56.01 -53.24
N VAL A 586 36.60 -56.14 -51.93
CA VAL A 586 35.83 -57.09 -51.14
C VAL A 586 34.46 -56.49 -50.81
N THR A 587 33.44 -57.34 -50.84
CA THR A 587 32.08 -56.97 -50.45
C THR A 587 31.75 -57.67 -49.14
N LEU A 588 31.55 -56.88 -48.09
CA LEU A 588 31.27 -57.45 -46.78
C LEU A 588 29.84 -57.97 -46.70
N PRO A 589 29.58 -58.92 -45.80
CA PRO A 589 28.22 -59.39 -45.63
C PRO A 589 27.31 -58.27 -45.16
N PRO A 590 26.02 -58.34 -45.49
CA PRO A 590 25.10 -57.26 -45.08
C PRO A 590 25.02 -57.06 -43.58
N GLU A 591 25.28 -58.10 -42.78
CA GLU A 591 25.32 -57.91 -41.33
C GLU A 591 26.43 -56.95 -40.94
N ILE A 592 27.49 -56.85 -41.74
CA ILE A 592 28.63 -56.01 -41.43
C ILE A 592 28.84 -54.89 -42.45
N GLN A 593 28.26 -54.99 -43.65
CA GLN A 593 28.36 -53.91 -44.62
C GLN A 593 27.71 -52.63 -44.09
N TYR A 594 26.73 -52.76 -43.20
CA TYR A 594 26.09 -51.59 -42.62
C TYR A 594 27.08 -50.74 -41.84
N PHE A 595 28.13 -51.33 -41.29
CA PHE A 595 29.12 -50.61 -40.50
C PHE A 595 30.15 -49.90 -41.36
N THR A 596 30.13 -50.10 -42.68
CA THR A 596 30.98 -49.34 -43.59
C THR A 596 30.30 -48.07 -44.09
N TYR A 597 29.10 -47.77 -43.63
CA TYR A 597 28.30 -46.69 -44.16
C TYR A 597 28.57 -45.38 -43.42
N ALA A 598 28.23 -44.27 -44.08
CA ALA A 598 28.38 -42.95 -43.50
C ALA A 598 27.23 -42.68 -42.55
N ARG A 599 27.11 -41.43 -42.08
CA ARG A 599 26.05 -41.08 -41.15
C ARG A 599 24.68 -41.16 -41.79
N ASP A 600 24.58 -40.86 -43.10
CA ASP A 600 23.28 -40.81 -43.75
C ASP A 600 22.62 -42.17 -43.83
N LYS A 601 23.40 -43.24 -43.97
CA LYS A 601 22.84 -44.58 -44.10
C LYS A 601 22.55 -45.24 -42.77
N TRP A 602 22.84 -44.58 -41.64
CA TRP A 602 22.58 -45.18 -40.34
C TRP A 602 21.08 -45.39 -40.14
N LEU A 603 20.74 -46.46 -39.45
CA LEU A 603 19.35 -46.68 -39.08
C LEU A 603 18.92 -45.62 -38.06
N PRO A 604 17.66 -45.17 -38.13
CA PRO A 604 17.21 -44.12 -37.22
C PRO A 604 17.23 -44.54 -35.75
N SER A 605 17.29 -45.84 -35.46
CA SER A 605 17.28 -46.33 -34.09
C SER A 605 18.58 -47.02 -33.71
N ASP A 606 19.66 -46.76 -34.43
CA ASP A 606 20.93 -47.39 -34.12
C ASP A 606 21.49 -46.79 -32.82
N PRO A 607 22.34 -47.54 -32.11
CA PRO A 607 22.73 -47.11 -30.75
C PRO A 607 23.41 -45.76 -30.69
N GLN A 608 24.21 -45.37 -31.69
CA GLN A 608 25.00 -44.15 -31.55
C GLN A 608 24.12 -42.91 -31.65
N ILE A 609 23.05 -42.95 -32.46
CA ILE A 609 22.14 -41.81 -32.55
C ILE A 609 21.45 -41.60 -31.21
N ILE A 610 20.97 -42.68 -30.60
CA ILE A 610 20.40 -42.59 -29.25
C ILE A 610 21.44 -42.04 -28.29
N SER A 611 22.68 -42.50 -28.41
CA SER A 611 23.75 -42.05 -27.53
C SER A 611 23.96 -40.55 -27.63
N GLU A 612 24.02 -40.01 -28.85
CA GLU A 612 24.32 -38.60 -29.00
C GLU A 612 23.11 -37.73 -28.65
N GLY A 613 21.89 -38.20 -28.91
CA GLY A 613 20.73 -37.47 -28.44
C GLY A 613 20.67 -37.38 -26.92
N LEU A 614 20.87 -38.51 -26.24
CA LEU A 614 20.87 -38.49 -24.78
C LEU A 614 22.05 -37.69 -24.24
N TYR A 615 23.20 -37.72 -24.93
CA TYR A 615 24.33 -36.92 -24.51
C TYR A 615 24.04 -35.44 -24.63
N ALA A 616 23.35 -35.02 -25.69
CA ALA A 616 22.95 -33.62 -25.81
C ALA A 616 22.00 -33.23 -24.70
N ILE A 617 21.03 -34.09 -24.38
CA ILE A 617 20.11 -33.80 -23.29
C ILE A 617 20.87 -33.66 -21.98
N ALA A 618 21.83 -34.57 -21.73
CA ALA A 618 22.60 -34.54 -20.50
C ALA A 618 23.49 -33.30 -20.42
N VAL A 619 24.05 -32.88 -21.56
CA VAL A 619 24.85 -31.66 -21.57
C VAL A 619 23.98 -30.45 -21.27
N VAL A 620 22.77 -30.41 -21.81
CA VAL A 620 21.85 -29.33 -21.48
C VAL A 620 21.53 -29.33 -19.99
N LEU A 621 21.29 -30.51 -19.42
CA LEU A 621 20.94 -30.59 -18.01
C LEU A 621 22.12 -30.33 -17.08
N SER A 622 23.35 -30.53 -17.55
CA SER A 622 24.51 -30.36 -16.69
C SER A 622 24.63 -28.91 -16.21
N PHE A 623 24.62 -27.96 -17.14
CA PHE A 623 24.80 -26.57 -16.77
C PHE A 623 23.68 -26.06 -15.88
N SER A 624 22.56 -26.78 -15.81
CA SER A 624 21.51 -26.42 -14.86
C SER A 624 21.94 -26.63 -13.42
N ARG A 625 23.03 -27.35 -13.18
CA ARG A 625 23.54 -27.50 -11.82
C ARG A 625 24.39 -26.31 -11.39
N ILE A 626 24.63 -25.35 -12.27
CA ILE A 626 25.26 -24.10 -11.85
C ILE A 626 24.37 -23.40 -10.83
N ALA A 627 23.05 -23.47 -11.02
CA ALA A 627 22.11 -22.89 -10.08
C ALA A 627 22.11 -23.61 -8.73
N TYR A 628 22.76 -24.78 -8.63
CA TYR A 628 22.93 -25.41 -7.33
C TYR A 628 23.89 -24.62 -6.46
N ILE A 629 25.02 -24.18 -7.02
CA ILE A 629 25.98 -23.36 -6.27
C ILE A 629 25.69 -21.88 -6.39
N LEU A 630 24.76 -21.48 -7.26
CA LEU A 630 24.41 -20.07 -7.38
C LEU A 630 23.93 -19.42 -6.08
N PRO A 631 23.08 -20.04 -5.25
CA PRO A 631 22.56 -19.32 -4.08
C PRO A 631 23.62 -18.92 -3.07
N ALA A 632 24.81 -19.52 -3.13
CA ALA A 632 25.87 -19.13 -2.20
C ALA A 632 26.35 -17.71 -2.42
N ASN A 633 26.02 -17.10 -3.55
CA ASN A 633 26.38 -15.73 -3.86
C ASN A 633 25.25 -14.79 -3.44
N GLU A 634 25.63 -13.59 -2.98
CA GLU A 634 24.63 -12.64 -2.50
C GLU A 634 23.89 -11.99 -3.66
N SER A 635 24.57 -11.75 -4.78
CA SER A 635 23.92 -11.10 -5.92
C SER A 635 22.99 -12.07 -6.64
N PHE A 636 23.41 -13.32 -6.82
CA PHE A 636 22.69 -14.29 -7.63
C PHE A 636 21.87 -15.27 -6.81
N GLY A 637 21.78 -15.09 -5.49
CA GLY A 637 20.98 -15.94 -4.66
C GLY A 637 19.50 -15.63 -4.71
N PRO A 638 19.13 -14.40 -4.31
CA PRO A 638 17.71 -14.02 -4.40
C PRO A 638 17.15 -14.11 -5.79
N LEU A 639 17.97 -13.88 -6.81
CA LEU A 639 17.49 -14.02 -8.19
C LEU A 639 17.07 -15.45 -8.48
N GLN A 640 17.90 -16.42 -8.08
CA GLN A 640 17.55 -17.82 -8.27
C GLN A 640 16.33 -18.20 -7.44
N ILE A 641 16.21 -17.66 -6.23
CA ILE A 641 15.06 -17.95 -5.39
C ILE A 641 13.78 -17.46 -6.06
N SER A 642 13.80 -16.22 -6.55
CA SER A 642 12.63 -15.68 -7.22
C SER A 642 12.34 -16.41 -8.52
N LEU A 643 13.38 -16.86 -9.23
CA LEU A 643 13.16 -17.64 -10.45
C LEU A 643 12.45 -18.95 -10.14
N GLY A 644 12.88 -19.65 -9.09
CA GLY A 644 12.20 -20.86 -8.69
C GLY A 644 10.76 -20.61 -8.27
N ARG A 645 10.54 -19.53 -7.54
CA ARG A 645 9.18 -19.17 -7.14
C ARG A 645 8.29 -18.88 -8.35
N THR A 646 8.84 -18.18 -9.34
CA THR A 646 8.07 -17.91 -10.55
C THR A 646 7.79 -19.18 -11.34
N VAL A 647 8.73 -20.11 -11.39
CA VAL A 647 8.46 -21.40 -12.05
C VAL A 647 7.33 -22.13 -11.34
N LYS A 648 7.38 -22.17 -10.02
CA LYS A 648 6.32 -22.83 -9.25
C LYS A 648 4.97 -22.17 -9.48
N ASP A 649 4.94 -20.84 -9.56
CA ASP A 649 3.68 -20.15 -9.85
C ASP A 649 3.23 -20.41 -11.28
N ILE A 650 4.16 -20.48 -12.23
CA ILE A 650 3.82 -20.66 -13.63
C ILE A 650 3.23 -22.04 -13.88
N PHE A 651 3.65 -23.05 -13.10
CA PHE A 651 3.21 -24.41 -13.38
C PHE A 651 1.69 -24.57 -13.29
N LYS A 652 1.07 -23.97 -12.28
CA LYS A 652 -0.37 -24.15 -12.11
C LYS A 652 -1.14 -23.54 -13.27
N PHE A 653 -0.74 -22.35 -13.74
CA PHE A 653 -1.37 -21.78 -14.92
C PHE A 653 -1.06 -22.59 -16.16
N MET A 654 0.14 -23.19 -16.22
CA MET A 654 0.51 -24.01 -17.36
C MET A 654 -0.37 -25.25 -17.45
N VAL A 655 -0.86 -25.74 -16.33
CA VAL A 655 -1.79 -26.88 -16.39
C VAL A 655 -3.07 -26.51 -17.13
N LEU A 656 -3.67 -25.37 -16.77
CA LEU A 656 -4.88 -24.92 -17.45
C LEU A 656 -4.60 -24.60 -18.91
N PHE A 657 -3.46 -23.97 -19.20
CA PHE A 657 -3.10 -23.70 -20.59
C PHE A 657 -2.90 -24.99 -21.36
N ILE A 658 -2.40 -26.03 -20.69
CA ILE A 658 -2.23 -27.33 -21.33
C ILE A 658 -3.58 -27.94 -21.67
N MET A 659 -4.57 -27.78 -20.78
CA MET A 659 -5.90 -28.26 -21.09
C MET A 659 -6.50 -27.55 -22.30
N VAL A 660 -6.35 -26.21 -22.34
CA VAL A 660 -6.84 -25.46 -23.50
C VAL A 660 -6.09 -25.86 -24.76
N PHE A 661 -4.78 -26.05 -24.64
CA PHE A 661 -3.94 -26.46 -25.76
C PHE A 661 -4.38 -27.81 -26.31
N PHE A 662 -4.67 -28.77 -25.42
CA PHE A 662 -5.15 -30.07 -25.87
C PHE A 662 -6.50 -29.95 -26.55
N ALA A 663 -7.38 -29.09 -26.02
CA ALA A 663 -8.67 -28.85 -26.66
C ALA A 663 -8.48 -28.42 -28.11
N PHE A 664 -7.66 -27.38 -28.31
CA PHE A 664 -7.50 -26.85 -29.66
C PHE A 664 -6.70 -27.82 -30.55
N MET A 665 -5.76 -28.55 -29.98
CA MET A 665 -5.01 -29.53 -30.76
C MET A 665 -5.94 -30.60 -31.31
N ILE A 666 -6.79 -31.17 -30.46
CA ILE A 666 -7.72 -32.19 -30.92
C ILE A 666 -8.70 -31.62 -31.93
N GLY A 667 -9.24 -30.42 -31.66
CA GLY A 667 -10.18 -29.84 -32.59
C GLY A 667 -9.60 -29.59 -33.96
N MET A 668 -8.42 -28.97 -34.02
CA MET A 668 -7.82 -28.63 -35.30
C MET A 668 -7.32 -29.87 -36.02
N PHE A 669 -6.84 -30.87 -35.27
CA PHE A 669 -6.45 -32.12 -35.90
C PHE A 669 -7.65 -32.82 -36.52
N ILE A 670 -8.79 -32.85 -35.82
CA ILE A 670 -9.99 -33.46 -36.38
C ILE A 670 -10.44 -32.69 -37.61
N LEU A 671 -10.31 -31.36 -37.57
CA LEU A 671 -10.71 -30.56 -38.72
C LEU A 671 -9.84 -30.84 -39.94
N TYR A 672 -8.53 -30.87 -39.77
CA TYR A 672 -7.59 -30.89 -40.89
C TYR A 672 -6.99 -32.27 -41.16
N SER A 673 -7.44 -33.31 -40.47
CA SER A 673 -6.81 -34.62 -40.65
C SER A 673 -7.02 -35.15 -42.07
N TYR A 674 -8.22 -34.97 -42.62
CA TYR A 674 -8.54 -35.52 -43.93
C TYR A 674 -7.80 -34.83 -45.06
N TYR A 675 -7.18 -33.68 -44.82
CA TYR A 675 -6.40 -32.95 -45.82
C TYR A 675 -4.92 -33.14 -45.49
N LEU A 676 -4.35 -34.24 -45.97
CA LEU A 676 -2.93 -34.51 -45.75
C LEU A 676 -2.09 -33.96 -46.90
N GLY A 677 -2.39 -34.38 -48.12
CA GLY A 677 -1.70 -33.88 -49.29
C GLY A 677 -2.48 -32.77 -49.96
N ALA A 678 -3.29 -32.06 -49.18
CA ALA A 678 -4.14 -31.00 -49.70
C ALA A 678 -3.99 -29.68 -48.96
N LYS A 679 -2.97 -29.53 -48.13
CA LYS A 679 -2.71 -28.30 -47.41
C LYS A 679 -1.41 -27.68 -47.89
N VAL A 680 -1.21 -26.40 -47.55
CA VAL A 680 0.04 -25.73 -47.89
C VAL A 680 1.22 -26.41 -47.21
N ASN A 681 1.08 -26.73 -45.92
CA ASN A 681 2.09 -27.50 -45.22
C ASN A 681 1.46 -28.70 -44.53
N ALA A 682 2.23 -29.41 -43.72
CA ALA A 682 1.74 -30.62 -43.06
C ALA A 682 1.11 -30.32 -41.71
N ALA A 683 0.99 -29.04 -41.36
CA ALA A 683 0.44 -28.65 -40.06
C ALA A 683 -0.99 -29.11 -39.90
N PHE A 684 -1.35 -29.49 -38.67
CA PHE A 684 -2.70 -29.90 -38.29
C PHE A 684 -3.15 -31.17 -39.01
N THR A 685 -2.25 -31.83 -39.71
CA THR A 685 -2.65 -33.04 -40.48
C THR A 685 -2.46 -34.30 -39.62
N THR A 686 -1.63 -34.23 -38.58
CA THR A 686 -1.41 -35.37 -37.65
C THR A 686 -1.27 -34.82 -36.24
N VAL A 687 -1.50 -35.65 -35.21
CA VAL A 687 -1.47 -35.19 -33.82
C VAL A 687 -0.11 -34.57 -33.51
N GLU A 688 0.98 -35.13 -34.01
CA GLU A 688 2.28 -34.45 -33.78
C GLU A 688 2.26 -33.09 -34.47
N GLU A 689 1.94 -33.03 -35.77
CA GLU A 689 2.00 -31.77 -36.54
C GLU A 689 1.00 -30.77 -35.98
N SER A 690 -0.11 -31.23 -35.40
CA SER A 690 -0.98 -30.28 -34.73
C SER A 690 -0.36 -29.77 -33.43
N PHE A 691 0.26 -30.68 -32.66
CA PHE A 691 0.94 -30.27 -31.44
C PHE A 691 2.07 -29.30 -31.75
N LYS A 692 2.90 -29.62 -32.73
CA LYS A 692 4.01 -28.71 -33.10
C LYS A 692 3.43 -27.35 -33.50
N THR A 693 2.44 -27.34 -34.39
CA THR A 693 1.91 -26.08 -34.90
C THR A 693 1.33 -25.23 -33.79
N LEU A 694 0.61 -25.84 -32.85
CA LEU A 694 0.00 -25.07 -31.78
C LEU A 694 1.01 -24.67 -30.71
N PHE A 695 2.04 -25.48 -30.47
CA PHE A 695 3.05 -25.10 -29.49
C PHE A 695 3.93 -23.98 -30.02
N TRP A 696 4.41 -24.11 -31.25
CA TRP A 696 5.24 -23.06 -31.80
C TRP A 696 4.45 -21.80 -32.11
N SER A 697 3.13 -21.88 -32.14
CA SER A 697 2.31 -20.69 -32.29
C SER A 697 2.37 -19.80 -31.06
N ILE A 698 2.78 -20.35 -29.92
CA ILE A 698 2.90 -19.55 -28.70
C ILE A 698 3.95 -18.47 -28.88
N PHE A 699 5.05 -18.80 -29.52
CA PHE A 699 6.15 -17.88 -29.74
C PHE A 699 6.08 -17.19 -31.10
N GLY A 700 4.95 -17.35 -31.80
CA GLY A 700 4.80 -16.70 -33.10
C GLY A 700 5.63 -17.30 -34.20
N LEU A 701 6.06 -18.56 -34.05
CA LEU A 701 6.91 -19.21 -35.02
C LEU A 701 6.14 -20.15 -35.94
N SER A 702 4.81 -20.11 -35.92
CA SER A 702 3.98 -20.90 -36.82
C SER A 702 3.25 -19.96 -37.76
N GLU A 703 3.42 -20.17 -39.06
CA GLU A 703 2.84 -19.29 -40.06
C GLU A 703 1.33 -19.52 -40.16
N VAL A 704 0.64 -18.50 -40.66
CA VAL A 704 -0.81 -18.57 -40.81
C VAL A 704 -1.20 -19.51 -41.95
N THR A 705 -0.23 -19.88 -42.80
CA THR A 705 -0.51 -20.78 -43.90
C THR A 705 -0.79 -22.19 -43.40
N SER A 706 -0.59 -22.40 -42.09
CA SER A 706 -0.89 -23.69 -41.49
C SER A 706 -2.36 -24.06 -41.63
N VAL A 707 -3.24 -23.06 -41.77
CA VAL A 707 -4.67 -23.32 -41.84
C VAL A 707 -5.22 -23.25 -43.26
N VAL A 708 -4.37 -23.00 -44.26
CA VAL A 708 -4.85 -22.84 -45.63
C VAL A 708 -4.84 -24.18 -46.34
N LEU A 709 -5.86 -24.43 -47.16
CA LEU A 709 -6.01 -25.66 -47.91
C LEU A 709 -5.65 -25.43 -49.37
N LYS A 710 -5.27 -26.50 -50.05
CA LYS A 710 -5.04 -26.43 -51.49
C LYS A 710 -6.31 -26.65 -52.29
N TYR A 711 -7.40 -27.05 -51.63
CA TYR A 711 -8.65 -27.27 -52.31
C TYR A 711 -9.55 -26.05 -52.20
N ASP A 712 -10.75 -26.16 -52.78
CA ASP A 712 -11.72 -25.08 -52.79
C ASP A 712 -12.68 -25.14 -51.62
N HIS A 713 -12.47 -26.05 -50.66
CA HIS A 713 -13.35 -26.18 -49.50
C HIS A 713 -13.06 -25.01 -48.56
N LYS A 714 -13.64 -23.86 -48.89
CA LYS A 714 -13.37 -22.65 -48.12
C LYS A 714 -14.03 -22.68 -46.74
N PHE A 715 -15.04 -23.52 -46.56
CA PHE A 715 -15.68 -23.63 -45.24
C PHE A 715 -14.70 -24.18 -44.21
N ILE A 716 -14.01 -25.27 -44.56
CA ILE A 716 -13.03 -25.86 -43.65
C ILE A 716 -11.89 -24.88 -43.39
N GLU A 717 -11.42 -24.20 -44.42
CA GLU A 717 -10.34 -23.24 -44.26
C GLU A 717 -10.75 -22.08 -43.36
N ASN A 718 -11.99 -21.61 -43.51
CA ASN A 718 -12.45 -20.46 -42.70
C ASN A 718 -12.68 -20.91 -41.25
N ILE A 719 -13.17 -22.13 -41.04
CA ILE A 719 -13.30 -22.65 -39.67
C ILE A 719 -11.93 -22.81 -39.04
N GLY A 720 -10.94 -23.27 -39.82
CA GLY A 720 -9.60 -23.37 -39.30
C GLY A 720 -9.01 -22.01 -38.95
N TYR A 721 -9.25 -21.01 -39.79
CA TYR A 721 -8.81 -19.66 -39.48
C TYR A 721 -9.43 -19.16 -38.19
N VAL A 722 -10.74 -19.37 -38.03
CA VAL A 722 -11.43 -18.91 -36.82
C VAL A 722 -10.88 -19.62 -35.59
N LEU A 723 -10.70 -20.94 -35.68
CA LEU A 723 -10.20 -21.70 -34.54
C LEU A 723 -8.77 -21.31 -34.19
N TYR A 724 -7.92 -21.08 -35.19
CA TYR A 724 -6.55 -20.66 -34.92
C TYR A 724 -6.50 -19.28 -34.29
N GLY A 725 -7.34 -18.36 -34.78
CA GLY A 725 -7.40 -17.04 -34.17
C GLY A 725 -7.92 -17.09 -32.74
N ILE A 726 -8.93 -17.93 -32.49
CA ILE A 726 -9.46 -18.08 -31.14
C ILE A 726 -8.40 -18.70 -30.24
N TYR A 727 -7.61 -19.64 -30.76
CA TYR A 727 -6.53 -20.22 -29.97
C TYR A 727 -5.49 -19.18 -29.61
N ASN A 728 -5.11 -18.33 -30.57
CA ASN A 728 -4.13 -17.29 -30.28
C ASN A 728 -4.66 -16.29 -29.27
N VAL A 729 -5.91 -15.87 -29.44
CA VAL A 729 -6.52 -14.94 -28.49
C VAL A 729 -6.61 -15.58 -27.10
N THR A 730 -6.98 -16.85 -27.03
CA THR A 730 -7.08 -17.54 -25.75
C THR A 730 -5.73 -17.67 -25.08
N MET A 731 -4.68 -18.00 -25.85
CA MET A 731 -3.36 -18.10 -25.25
C MET A 731 -2.86 -16.74 -24.77
N VAL A 732 -3.19 -15.67 -25.50
CA VAL A 732 -2.83 -14.34 -25.04
C VAL A 732 -3.58 -13.99 -23.76
N VAL A 733 -4.86 -14.36 -23.69
CA VAL A 733 -5.65 -14.11 -22.48
C VAL A 733 -5.06 -14.88 -21.29
N VAL A 734 -4.70 -16.14 -21.51
CA VAL A 734 -4.12 -16.95 -20.44
C VAL A 734 -2.79 -16.38 -19.99
N LEU A 735 -1.94 -15.96 -20.94
CA LEU A 735 -0.66 -15.36 -20.58
C LEU A 735 -0.86 -14.07 -19.79
N LEU A 736 -1.83 -13.24 -20.22
CA LEU A 736 -2.10 -11.99 -19.50
C LEU A 736 -2.60 -12.27 -18.09
N ASN A 737 -3.51 -13.25 -17.95
CA ASN A 737 -4.01 -13.59 -16.62
C ASN A 737 -2.89 -14.14 -15.74
N MET A 738 -2.01 -14.97 -16.30
CA MET A 738 -0.88 -15.48 -15.53
C MET A 738 0.03 -14.34 -15.08
N LEU A 739 0.36 -13.43 -15.99
CA LEU A 739 1.23 -12.31 -15.65
C LEU A 739 0.61 -11.45 -14.55
N ILE A 740 -0.68 -11.13 -14.70
CA ILE A 740 -1.34 -10.28 -13.71
C ILE A 740 -1.41 -10.97 -12.35
N ALA A 741 -1.81 -12.25 -12.33
CA ALA A 741 -1.92 -12.97 -11.07
C ALA A 741 -0.57 -13.10 -10.39
N MET A 742 0.50 -13.39 -11.14
CA MET A 742 1.83 -13.46 -10.55
C MET A 742 2.32 -12.10 -10.06
N ILE A 743 1.99 -11.02 -10.76
CA ILE A 743 2.35 -9.69 -10.27
C ILE A 743 1.65 -9.40 -8.95
N ASN A 744 0.36 -9.73 -8.86
CA ASN A 744 -0.37 -9.52 -7.61
C ASN A 744 0.22 -10.36 -6.49
N SER A 745 0.51 -11.63 -6.77
CA SER A 745 1.07 -12.51 -5.75
C SER A 745 2.42 -12.00 -5.25
N SER A 746 3.26 -11.52 -6.17
CA SER A 746 4.55 -10.96 -5.78
C SER A 746 4.37 -9.68 -4.99
N TYR A 747 3.41 -8.83 -5.38
CA TYR A 747 3.12 -7.62 -4.62
C TYR A 747 2.59 -7.94 -3.23
N GLN A 748 2.04 -9.13 -3.03
CA GLN A 748 1.67 -9.62 -1.71
C GLN A 748 2.83 -10.28 -0.98
N ASP A 752 10.67 -7.17 2.63
CA ASP A 752 11.93 -7.89 2.81
C ASP A 752 11.70 -9.34 3.23
N ASP A 753 11.06 -10.10 2.34
CA ASP A 753 10.90 -11.53 2.52
C ASP A 753 11.78 -12.36 1.60
N SER A 754 12.25 -11.77 0.49
CA SER A 754 13.16 -12.50 -0.39
C SER A 754 14.54 -12.66 0.24
N ASP A 755 14.99 -11.67 1.01
CA ASP A 755 16.28 -11.78 1.68
C ASP A 755 16.28 -12.93 2.68
N VAL A 756 15.19 -13.07 3.45
CA VAL A 756 15.11 -14.16 4.42
C VAL A 756 15.12 -15.51 3.70
N GLU A 757 14.38 -15.62 2.61
CA GLU A 757 14.35 -16.88 1.87
C GLU A 757 15.71 -17.22 1.29
N TRP A 758 16.39 -16.23 0.70
CA TRP A 758 17.71 -16.47 0.15
C TRP A 758 18.69 -16.89 1.24
N LYS A 759 18.66 -16.22 2.38
CA LYS A 759 19.57 -16.58 3.46
C LYS A 759 19.26 -17.96 4.02
N PHE A 760 17.99 -18.34 4.07
CA PHE A 760 17.63 -19.69 4.47
C PHE A 760 18.18 -20.72 3.49
N ALA A 761 18.06 -20.45 2.19
CA ALA A 761 18.60 -21.36 1.19
C ALA A 761 20.11 -21.47 1.30
N ARG A 762 20.79 -20.34 1.49
CA ARG A 762 22.25 -20.35 1.63
C ARG A 762 22.67 -21.07 2.89
N SER A 763 21.89 -20.95 3.97
CA SER A 763 22.21 -21.67 5.20
C SER A 763 22.02 -23.17 5.02
N LYS A 764 20.99 -23.57 4.27
CA LYS A 764 20.85 -24.99 3.93
C LYS A 764 22.04 -25.47 3.12
N LEU A 765 22.48 -24.66 2.16
CA LEU A 765 23.67 -25.01 1.37
C LEU A 765 24.89 -25.18 2.27
N TRP A 766 25.06 -24.27 3.22
CA TRP A 766 26.19 -24.38 4.15
C TRP A 766 26.10 -25.64 4.98
N LEU A 767 24.95 -25.86 5.63
CA LEU A 767 24.79 -27.03 6.48
C LEU A 767 24.95 -28.33 5.70
N SER A 768 24.73 -28.31 4.38
CA SER A 768 25.01 -29.49 3.58
C SER A 768 26.50 -29.80 3.53
N TYR A 769 27.37 -28.83 3.81
CA TYR A 769 28.81 -29.02 3.71
C TYR A 769 29.52 -29.13 5.06
N PHE A 770 28.83 -28.91 6.18
CA PHE A 770 29.52 -28.90 7.46
C PHE A 770 30.01 -30.29 7.86
N ASP A 771 29.30 -31.34 7.45
CA ASP A 771 29.73 -32.69 7.78
C ASP A 771 31.04 -33.01 7.08
N ASP A 772 31.93 -33.71 7.80
CA ASP A 772 33.27 -33.99 7.31
C ASP A 772 33.29 -35.06 6.22
N GLY A 773 32.21 -35.80 6.04
CA GLY A 773 32.21 -36.86 5.04
C GLY A 773 32.37 -36.35 3.63
N LYS A 774 31.68 -35.26 3.29
CA LYS A 774 31.73 -34.68 1.94
C LYS A 774 32.98 -33.79 1.84
N THR A 775 34.13 -34.46 1.78
CA THR A 775 35.42 -33.76 1.80
C THR A 775 36.00 -33.54 0.41
N LEU A 776 36.10 -34.58 -0.39
CA LEU A 776 36.68 -34.48 -1.72
C LEU A 776 35.61 -34.40 -2.79
N PRO A 777 35.94 -33.84 -3.96
CA PRO A 777 34.96 -33.78 -5.04
C PRO A 777 34.56 -35.18 -5.48
N PRO A 778 33.36 -35.32 -6.04
CA PRO A 778 32.84 -36.66 -6.39
C PRO A 778 33.77 -37.45 -7.30
N PRO A 779 34.41 -36.83 -8.32
CA PRO A 779 35.33 -37.63 -9.14
C PRO A 779 36.50 -38.20 -8.36
N PHE A 780 37.00 -37.48 -7.36
CA PHE A 780 38.12 -37.93 -6.55
C PHE A 780 37.68 -38.70 -5.31
N SER A 781 36.38 -38.74 -5.03
CA SER A 781 35.87 -39.50 -3.89
C SER A 781 35.86 -41.01 -4.14
N LEU A 782 36.07 -41.44 -5.38
CA LEU A 782 36.08 -42.87 -5.67
C LEU A 782 37.25 -43.56 -4.98
N VAL A 783 38.42 -42.94 -4.97
CA VAL A 783 39.62 -43.53 -4.38
C VAL A 783 39.45 -43.55 -2.86
N PRO A 784 39.57 -44.72 -2.21
CA PRO A 784 39.41 -44.86 -0.76
C PRO A 784 40.74 -44.78 -0.02
N GLN A 844 21.50 -25.94 41.78
CA GLN A 844 20.61 -26.80 41.01
C GLN A 844 20.52 -26.42 39.52
N PRO A 845 20.31 -25.14 39.18
CA PRO A 845 20.24 -24.79 37.76
C PRO A 845 21.62 -24.82 37.11
N THR A 846 21.66 -25.33 35.89
CA THR A 846 22.89 -25.36 35.12
C THR A 846 23.10 -24.03 34.42
N ARG A 847 24.22 -23.92 33.68
CA ARG A 847 24.50 -22.68 32.96
C ARG A 847 23.45 -22.42 31.89
N TYR A 848 23.05 -23.46 31.16
CA TYR A 848 22.05 -23.27 30.12
C TYR A 848 20.72 -22.81 30.70
N GLN A 849 20.34 -23.34 31.87
CA GLN A 849 19.09 -22.90 32.49
C GLN A 849 19.16 -21.42 32.87
N GLN A 850 20.31 -20.98 33.40
CA GLN A 850 20.46 -19.56 33.74
C GLN A 850 20.40 -18.69 32.49
N ILE A 851 21.07 -19.10 31.41
CA ILE A 851 21.04 -18.32 30.18
C ILE A 851 19.63 -18.25 29.64
N MET A 852 18.91 -19.37 29.64
CA MET A 852 17.55 -19.38 29.13
C MET A 852 16.63 -18.54 29.99
N LYS A 853 16.82 -18.56 31.31
CA LYS A 853 16.02 -17.72 32.19
C LYS A 853 16.27 -16.25 31.92
N ARG A 854 17.53 -15.87 31.74
CA ARG A 854 17.85 -14.48 31.40
C ARG A 854 17.17 -14.07 30.10
N LEU A 855 17.29 -14.91 29.08
CA LEU A 855 16.71 -14.58 27.78
C LEU A 855 15.20 -14.51 27.84
N ILE A 856 14.56 -15.39 28.62
CA ILE A 856 13.11 -15.40 28.70
C ILE A 856 12.60 -14.19 29.47
N LYS A 857 13.27 -13.82 30.57
CA LYS A 857 12.89 -12.60 31.27
C LYS A 857 13.07 -11.38 30.37
N ARG A 858 14.17 -11.36 29.62
CA ARG A 858 14.39 -10.28 28.66
C ARG A 858 13.30 -10.23 27.62
N TYR A 859 12.86 -11.39 27.12
CA TYR A 859 11.80 -11.42 26.13
C TYR A 859 10.48 -10.94 26.70
N VAL A 860 10.17 -11.32 27.95
CA VAL A 860 8.92 -10.88 28.56
C VAL A 860 8.93 -9.36 28.73
N LEU A 861 10.05 -8.82 29.20
CA LEU A 861 10.14 -7.37 29.36
C LEU A 861 10.06 -6.67 28.00
N LYS A 862 10.72 -7.20 26.98
CA LYS A 862 10.66 -6.60 25.66
C LYS A 862 9.25 -6.65 25.10
N ALA A 863 8.54 -7.76 25.31
CA ALA A 863 7.17 -7.86 24.83
C ALA A 863 6.26 -6.88 25.55
N GLN A 864 6.46 -6.70 26.86
CA GLN A 864 5.66 -5.70 27.59
C GLN A 864 5.96 -4.29 27.09
N VAL A 865 7.24 -3.99 26.82
CA VAL A 865 7.60 -2.68 26.29
C VAL A 865 6.96 -2.46 24.92
N ASP A 866 7.00 -3.47 24.06
CA ASP A 866 6.39 -3.34 22.74
C ASP A 866 4.88 -3.21 22.83
N LYS A 867 4.25 -3.87 23.81
CA LYS A 867 2.84 -3.67 24.05
C LYS A 867 2.56 -2.23 24.49
N GLU A 868 3.44 -1.67 25.31
CA GLU A 868 3.31 -0.26 25.70
C GLU A 868 3.54 0.69 24.53
N ASN A 869 4.07 0.21 23.42
CA ASN A 869 4.25 1.03 22.22
C ASN A 869 3.12 0.85 21.22
N ASP A 870 2.11 0.04 21.54
CA ASP A 870 0.97 -0.09 20.66
C ASP A 870 0.12 1.17 20.67
N GLU A 871 -0.60 1.39 19.58
CA GLU A 871 -1.51 2.52 19.50
C GLU A 871 -2.63 2.36 20.52
N VAL A 872 -2.98 3.46 21.17
CA VAL A 872 -4.00 3.44 22.21
C VAL A 872 -5.38 3.30 21.57
N ASN A 873 -6.19 2.39 22.10
CA ASN A 873 -7.53 2.16 21.60
C ASN A 873 -8.52 3.04 22.36
N GLU A 874 -9.79 2.95 21.98
CA GLU A 874 -10.83 3.71 22.65
C GLU A 874 -11.18 3.12 24.01
N GLY A 875 -11.03 1.81 24.18
CA GLY A 875 -11.34 1.20 25.47
C GLY A 875 -10.44 1.68 26.58
N GLU A 876 -9.17 1.93 26.26
CA GLU A 876 -8.23 2.40 27.27
C GLU A 876 -8.53 3.84 27.69
N LEU A 877 -8.90 4.68 26.73
CA LEU A 877 -9.36 6.03 27.07
C LEU A 877 -10.64 5.97 27.91
N LYS A 878 -11.54 5.03 27.60
CA LYS A 878 -12.74 4.85 28.41
C LYS A 878 -12.37 4.43 29.83
N GLU A 879 -11.36 3.57 29.96
CA GLU A 879 -10.88 3.16 31.28
C GLU A 879 -10.37 4.36 32.07
N ILE A 880 -9.59 5.23 31.41
CA ILE A 880 -9.10 6.41 32.11
C ILE A 880 -10.23 7.36 32.48
N LYS A 881 -11.13 7.57 31.53
CA LYS A 881 -12.26 8.44 31.72
C LYS A 881 -13.02 7.95 32.90
N GLN A 882 -13.07 6.65 33.05
CA GLN A 882 -13.69 5.99 34.18
C GLN A 882 -12.91 6.21 35.44
N ASP A 883 -11.58 6.23 35.33
CA ASP A 883 -10.72 6.42 36.49
C ASP A 883 -10.95 7.77 37.08
N ILE A 884 -11.08 8.77 36.23
CA ILE A 884 -11.41 10.12 36.66
C ILE A 884 -12.79 10.16 37.24
N SER A 885 -13.71 9.42 36.62
CA SER A 885 -15.08 9.37 37.06
C SER A 885 -15.24 8.85 38.43
N SER A 886 -14.60 7.74 38.76
CA SER A 886 -14.68 7.17 40.08
C SER A 886 -14.08 8.09 41.09
N LEU A 887 -12.99 8.77 40.72
CA LEU A 887 -12.27 9.69 41.64
C LEU A 887 -13.15 10.89 41.99
N ARG A 888 -13.99 11.36 41.07
CA ARG A 888 -14.91 12.47 41.38
C ARG A 888 -15.82 12.02 42.50
N TYR A 889 -16.32 10.79 42.44
CA TYR A 889 -17.30 10.33 43.43
C TYR A 889 -16.58 10.05 44.74
N GLU A 890 -15.28 9.73 44.71
CA GLU A 890 -14.59 9.58 45.99
C GLU A 890 -14.24 10.93 46.60
N LEU A 891 -13.71 11.85 45.78
CA LEU A 891 -13.33 13.16 46.29
C LEU A 891 -14.54 13.97 46.73
N LEU A 892 -15.63 13.90 45.97
CA LEU A 892 -16.84 14.62 46.35
C LEU A 892 -17.41 14.08 47.65
N GLU A 893 -17.35 12.76 47.85
CA GLU A 893 -17.86 12.16 49.10
C GLU A 893 -16.91 12.52 50.25
N ASP A 894 -15.60 12.60 49.98
CA ASP A 894 -14.67 13.06 51.04
C ASP A 894 -15.11 14.44 51.51
N LYS A 895 -15.31 15.37 50.57
CA LYS A 895 -15.73 16.74 50.94
C LYS A 895 -17.07 16.66 51.69
N SER A 896 -18.01 15.86 51.20
CA SER A 896 -19.34 15.76 51.85
C SER A 896 -19.12 15.37 53.31
N GLN A 897 -18.15 14.51 53.57
CA GLN A 897 -17.84 14.09 54.93
C GLN A 897 -17.18 15.18 55.74
N ALA A 898 -16.22 15.91 55.16
CA ALA A 898 -15.60 17.01 55.88
C ALA A 898 -16.62 18.10 56.21
N THR A 899 -17.47 18.45 55.24
CA THR A 899 -18.48 19.47 55.49
C THR A 899 -19.47 19.04 56.55
N GLU A 900 -19.86 17.76 56.55
CA GLU A 900 -20.79 17.29 57.57
C GLU A 900 -20.14 17.14 58.93
N GLU A 901 -18.82 16.95 59.00
CA GLU A 901 -18.12 17.03 60.27
C GLU A 901 -18.14 18.45 60.82
N LEU A 902 -17.79 19.42 59.98
CA LEU A 902 -17.80 20.81 60.44
C LEU A 902 -19.22 21.26 60.80
N ALA A 903 -20.22 20.76 60.07
CA ALA A 903 -21.59 21.16 60.32
C ALA A 903 -22.06 20.71 61.70
N ILE A 904 -21.67 19.49 62.09
CA ILE A 904 -22.06 18.97 63.44
C ILE A 904 -21.28 19.75 64.52
N LEU A 905 -20.00 20.04 64.28
CA LEU A 905 -19.18 20.74 65.30
C LEU A 905 -19.85 22.09 65.58
N ILE A 906 -20.31 22.78 64.54
CA ILE A 906 -21.04 24.06 64.74
C ILE A 906 -22.35 23.75 65.47
N HIS A 907 -23.10 22.74 65.01
CA HIS A 907 -24.39 22.50 65.66
C HIS A 907 -24.23 22.20 67.13
N LYS A 908 -23.21 21.42 67.49
CA LYS A 908 -22.97 21.11 68.90
C LYS A 908 -22.62 22.37 69.69
N LEU A 909 -22.16 23.42 69.01
CA LEU A 909 -21.86 24.68 69.66
C LEU A 909 -22.99 25.68 69.42
N GLY B 97 4.40 -24.20 39.83
CA GLY B 97 3.71 -24.06 38.57
C GLY B 97 4.60 -23.64 37.42
N PRO B 98 4.92 -22.34 37.36
CA PRO B 98 5.77 -21.84 36.26
C PRO B 98 7.16 -22.44 36.32
N ALA B 99 7.77 -22.56 35.15
CA ALA B 99 9.11 -23.12 35.06
C ALA B 99 10.18 -22.11 35.49
N PHE B 100 9.93 -20.82 35.27
CA PHE B 100 10.89 -19.77 35.57
C PHE B 100 10.38 -18.89 36.70
N MET B 101 11.22 -18.67 37.71
CA MET B 101 10.91 -17.80 38.84
C MET B 101 11.72 -16.52 38.69
N PHE B 102 11.12 -15.50 38.07
CA PHE B 102 11.84 -14.28 37.76
C PHE B 102 12.21 -13.47 39.00
N ASN B 103 11.58 -13.72 40.13
CA ASN B 103 11.87 -12.97 41.35
C ASN B 103 13.16 -13.45 41.99
N THR B 107 11.67 -16.47 50.78
CA THR B 107 11.08 -15.37 50.03
C THR B 107 9.61 -15.18 50.41
N SER B 108 8.73 -15.56 49.48
CA SER B 108 7.28 -15.58 49.67
C SER B 108 6.68 -14.18 49.69
N LEU B 109 7.53 -13.14 49.65
CA LEU B 109 7.10 -11.75 49.52
C LEU B 109 6.06 -11.40 50.59
N THR B 110 6.54 -11.35 51.83
CA THR B 110 5.71 -11.10 53.00
C THR B 110 4.77 -9.92 52.81
N ALA B 111 3.64 -9.94 53.54
CA ALA B 111 2.55 -9.00 53.27
C ALA B 111 3.02 -7.54 53.37
N GLU B 112 3.93 -7.24 54.30
CA GLU B 112 4.44 -5.87 54.41
C GLU B 112 5.16 -5.46 53.14
N GLU B 113 6.03 -6.33 52.62
CA GLU B 113 6.73 -6.02 51.38
C GLU B 113 5.77 -6.00 50.19
N GLU B 114 4.76 -6.88 50.20
CA GLU B 114 3.78 -6.88 49.11
C GLU B 114 3.03 -5.56 49.07
N ARG B 115 2.57 -5.07 50.22
CA ARG B 115 1.85 -3.80 50.23
C ARG B 115 2.78 -2.63 49.96
N PHE B 116 4.05 -2.71 50.36
CA PHE B 116 5.00 -1.66 50.00
C PHE B 116 5.21 -1.60 48.49
N LEU B 117 5.35 -2.76 47.84
CA LEU B 117 5.50 -2.78 46.39
C LEU B 117 4.25 -2.28 45.69
N ASP B 118 3.07 -2.66 46.21
CA ASP B 118 1.83 -2.15 45.65
C ASP B 118 1.73 -0.64 45.78
N ALA B 119 2.14 -0.10 46.92
CA ALA B 119 2.11 1.35 47.12
C ALA B 119 3.10 2.06 46.19
N ALA B 120 4.32 1.53 46.08
CA ALA B 120 5.32 2.17 45.25
C ALA B 120 4.96 2.10 43.77
N GLU B 121 4.40 0.97 43.33
CA GLU B 121 4.07 0.81 41.91
C GLU B 121 2.94 1.76 41.51
N TYR B 122 1.95 1.95 42.38
CA TYR B 122 0.79 2.76 42.07
C TYR B 122 0.82 4.12 42.76
N GLY B 123 2.00 4.58 43.17
CA GLY B 123 2.17 5.95 43.62
C GLY B 123 1.41 6.30 44.88
N ASN B 124 1.28 5.37 45.81
CA ASN B 124 0.65 5.66 47.10
C ASN B 124 1.69 6.37 47.97
N ILE B 125 1.81 7.67 47.73
CA ILE B 125 2.85 8.46 48.39
C ILE B 125 2.74 8.44 49.91
N PRO B 126 1.55 8.65 50.51
CA PRO B 126 1.48 8.59 51.98
C PRO B 126 1.96 7.25 52.55
N VAL B 127 1.62 6.15 51.90
CA VAL B 127 1.98 4.84 52.43
C VAL B 127 3.48 4.60 52.30
N VAL B 128 4.07 4.96 51.16
CA VAL B 128 5.50 4.74 51.01
C VAL B 128 6.27 5.64 51.96
N ARG B 129 5.80 6.87 52.17
CA ARG B 129 6.46 7.74 53.15
C ARG B 129 6.36 7.16 54.56
N LYS B 130 5.18 6.67 54.93
CA LYS B 130 5.00 6.09 56.26
C LYS B 130 5.88 4.87 56.46
N MET B 131 5.97 4.00 55.45
CA MET B 131 6.78 2.80 55.57
C MET B 131 8.28 3.09 55.54
N LEU B 132 8.71 4.10 54.80
CA LEU B 132 10.13 4.45 54.80
C LEU B 132 10.52 5.15 56.09
N GLU B 133 9.59 5.86 56.73
CA GLU B 133 9.92 6.55 57.98
C GLU B 133 9.84 5.61 59.18
N GLU B 134 8.66 5.02 59.42
CA GLU B 134 8.45 4.29 60.66
C GLU B 134 8.90 2.84 60.58
N SER B 135 8.55 2.14 59.51
CA SER B 135 8.78 0.71 59.44
C SER B 135 10.27 0.40 59.43
N LYS B 136 10.67 -0.56 60.27
CA LYS B 136 12.06 -0.99 60.36
C LYS B 136 12.29 -2.40 59.83
N THR B 137 11.27 -3.25 59.80
CA THR B 137 11.37 -4.59 59.25
C THR B 137 11.08 -4.63 57.76
N LEU B 138 11.24 -3.51 57.07
CA LEU B 138 10.97 -3.42 55.64
C LEU B 138 12.29 -3.40 54.86
N ASN B 139 12.40 -4.26 53.87
CA ASN B 139 13.54 -4.28 52.96
C ASN B 139 13.16 -3.50 51.70
N VAL B 140 13.74 -2.31 51.54
CA VAL B 140 13.42 -1.46 50.40
C VAL B 140 13.86 -2.07 49.08
N ASN B 141 14.66 -3.13 49.11
CA ASN B 141 15.14 -3.79 47.90
C ASN B 141 14.34 -5.03 47.55
N CYS B 142 13.21 -5.26 48.21
CA CYS B 142 12.36 -6.39 47.87
C CYS B 142 11.84 -6.25 46.44
N VAL B 143 11.74 -7.38 45.75
CA VAL B 143 11.36 -7.39 44.34
C VAL B 143 10.03 -8.12 44.19
N ASP B 144 9.30 -7.78 43.14
CA ASP B 144 8.02 -8.39 42.85
C ASP B 144 8.24 -9.64 41.99
N TYR B 145 7.17 -10.16 41.39
CA TYR B 145 7.25 -11.39 40.61
C TYR B 145 8.21 -11.28 39.43
N MET B 146 8.43 -10.07 38.93
CA MET B 146 9.32 -9.85 37.80
C MET B 146 10.73 -9.43 38.24
N GLY B 147 11.03 -9.47 39.52
CA GLY B 147 12.33 -9.05 40.01
C GLY B 147 12.58 -7.56 39.88
N GLN B 148 11.55 -6.75 40.06
CA GLN B 148 11.66 -5.30 40.05
C GLN B 148 11.43 -4.78 41.46
N ASN B 149 12.39 -4.02 41.99
CA ASN B 149 12.23 -3.49 43.33
C ASN B 149 11.32 -2.27 43.29
N ALA B 150 11.17 -1.62 44.45
CA ALA B 150 10.26 -0.48 44.54
C ALA B 150 10.71 0.66 43.64
N LEU B 151 12.01 0.91 43.55
CA LEU B 151 12.50 2.02 42.73
C LEU B 151 12.19 1.80 41.26
N GLN B 152 12.41 0.58 40.76
CA GLN B 152 12.11 0.30 39.36
C GLN B 152 10.62 0.41 39.07
N LEU B 153 9.78 -0.07 40.00
CA LEU B 153 8.34 0.06 39.82
C LEU B 153 7.91 1.51 39.79
N ALA B 154 8.46 2.34 40.69
CA ALA B 154 8.08 3.75 40.72
C ALA B 154 8.56 4.49 39.48
N VAL B 155 9.79 4.21 39.04
CA VAL B 155 10.33 4.90 37.87
C VAL B 155 9.60 4.46 36.61
N GLY B 156 9.24 3.18 36.51
CA GLY B 156 8.53 2.70 35.34
C GLY B 156 7.15 3.31 35.18
N ASN B 157 6.52 3.67 36.30
CA ASN B 157 5.18 4.27 36.28
C ASN B 157 5.20 5.79 36.37
N GLU B 158 6.37 6.40 36.36
CA GLU B 158 6.53 7.86 36.40
C GLU B 158 5.87 8.44 37.67
N HIS B 159 6.46 8.05 38.80
CA HIS B 159 6.04 8.54 40.12
C HIS B 159 7.23 9.31 40.70
N LEU B 160 7.27 10.61 40.43
CA LEU B 160 8.40 11.42 40.86
C LEU B 160 8.50 11.52 42.37
N GLU B 161 7.36 11.68 43.05
CA GLU B 161 7.38 11.84 44.50
C GLU B 161 7.83 10.57 45.20
N VAL B 162 7.30 9.43 44.76
CA VAL B 162 7.72 8.15 45.31
C VAL B 162 9.20 7.91 45.02
N THR B 163 9.65 8.29 43.82
CA THR B 163 11.06 8.14 43.48
C THR B 163 11.94 8.98 44.39
N GLU B 164 11.52 10.23 44.67
CA GLU B 164 12.29 11.07 45.58
C GLU B 164 12.32 10.48 46.98
N LEU B 165 11.18 9.98 47.46
CA LEU B 165 11.14 9.38 48.79
C LEU B 165 12.07 8.17 48.88
N LEU B 166 12.08 7.34 47.83
CA LEU B 166 12.97 6.18 47.83
C LEU B 166 14.44 6.59 47.74
N LEU B 167 14.74 7.59 46.91
CA LEU B 167 16.12 8.05 46.79
C LEU B 167 16.64 8.66 48.07
N LYS B 168 15.75 9.25 48.88
CA LYS B 168 16.17 9.68 50.21
C LYS B 168 16.62 8.50 51.06
N LYS B 169 15.98 7.35 50.91
CA LYS B 169 16.34 6.17 51.69
C LYS B 169 17.70 5.63 51.25
N GLU B 170 18.51 5.25 52.23
CA GLU B 170 19.82 4.68 51.94
C GLU B 170 19.68 3.23 51.48
N ASN B 171 20.83 2.61 51.19
CA ASN B 171 20.94 1.23 50.75
C ASN B 171 19.86 0.83 49.74
N LEU B 172 19.59 1.71 48.78
CA LEU B 172 18.61 1.45 47.74
C LEU B 172 19.32 0.88 46.51
N ALA B 173 18.84 -0.25 46.01
CA ALA B 173 19.49 -0.97 44.94
C ALA B 173 18.86 -0.63 43.59
N ARG B 174 19.58 -1.00 42.53
CA ARG B 174 19.14 -0.79 41.14
C ARG B 174 18.86 0.67 40.85
N ILE B 175 19.66 1.57 41.40
CA ILE B 175 19.53 2.99 41.06
C ILE B 175 20.00 3.24 39.63
N GLY B 176 21.08 2.57 39.21
CA GLY B 176 21.55 2.73 37.84
C GLY B 176 20.54 2.24 36.82
N ASP B 177 19.93 1.08 37.09
CA ASP B 177 18.88 0.60 36.20
C ASP B 177 17.66 1.51 36.23
N ALA B 178 17.37 2.10 37.39
CA ALA B 178 16.28 3.08 37.45
C ALA B 178 16.57 4.27 36.55
N LEU B 179 17.81 4.76 36.57
CA LEU B 179 18.19 5.86 35.68
C LEU B 179 18.07 5.44 34.22
N LEU B 180 18.52 4.24 33.89
CA LEU B 180 18.43 3.79 32.50
C LEU B 180 16.97 3.67 32.07
N LEU B 181 16.10 3.17 32.96
CA LEU B 181 14.68 3.05 32.65
C LEU B 181 14.05 4.42 32.45
N ALA B 182 14.39 5.38 33.32
CA ALA B 182 13.85 6.73 33.17
C ALA B 182 14.31 7.37 31.87
N ILE B 183 15.59 7.20 31.52
CA ILE B 183 16.09 7.76 30.27
C ILE B 183 15.42 7.10 29.08
N SER B 184 15.21 5.78 29.14
CA SER B 184 14.52 5.08 28.07
C SER B 184 13.10 5.58 27.90
N LYS B 185 12.39 5.80 29.01
CA LYS B 185 11.03 6.31 28.96
C LYS B 185 10.98 7.83 28.87
N GLY B 186 12.11 8.51 28.94
CA GLY B 186 12.16 9.95 28.81
C GLY B 186 11.48 10.71 29.93
N TYR B 187 11.61 10.24 31.16
CA TYR B 187 11.05 10.93 32.32
C TYR B 187 12.09 11.90 32.83
N VAL B 188 12.05 13.14 32.32
CA VAL B 188 13.11 14.09 32.57
C VAL B 188 13.20 14.45 34.04
N ARG B 189 12.05 14.64 34.70
CA ARG B 189 12.07 14.99 36.11
C ARG B 189 12.66 13.86 36.95
N ILE B 190 12.31 12.61 36.63
CA ILE B 190 12.89 11.48 37.34
C ILE B 190 14.37 11.36 37.07
N VAL B 191 14.80 11.66 35.84
CA VAL B 191 16.23 11.64 35.53
C VAL B 191 16.97 12.70 36.36
N GLU B 192 16.39 13.89 36.46
CA GLU B 192 16.99 14.92 37.31
C GLU B 192 17.07 14.47 38.77
N ALA B 193 16.01 13.83 39.26
CA ALA B 193 16.01 13.37 40.65
C ALA B 193 17.06 12.30 40.89
N ILE B 194 17.21 11.38 39.94
CA ILE B 194 18.17 10.29 40.11
C ILE B 194 19.60 10.81 39.99
N LEU B 195 19.86 11.70 39.04
CA LEU B 195 21.21 12.21 38.83
C LEU B 195 21.71 13.04 40.01
N ASN B 196 20.83 13.47 40.90
CA ASN B 196 21.25 14.17 42.11
C ASN B 196 21.58 13.23 43.26
N HIS B 197 21.41 11.93 43.06
CA HIS B 197 21.75 10.96 44.09
C HIS B 197 23.26 10.93 44.31
N PRO B 198 23.70 10.60 45.52
CA PRO B 198 25.15 10.48 45.75
C PRO B 198 25.81 9.45 44.85
N GLY B 199 25.07 8.45 44.37
CA GLY B 199 25.64 7.44 43.49
C GLY B 199 26.07 7.98 42.15
N PHE B 200 25.59 9.16 41.76
CA PHE B 200 26.00 9.80 40.52
C PHE B 200 26.73 11.11 40.73
N ALA B 201 26.37 11.87 41.75
CA ALA B 201 27.08 13.12 42.02
C ALA B 201 28.49 12.86 42.52
N ALA B 202 28.65 11.96 43.49
CA ALA B 202 29.97 11.67 44.03
C ALA B 202 30.79 10.84 43.05
N SER B 203 30.18 9.84 42.43
CA SER B 203 30.88 9.02 41.45
C SER B 203 30.91 9.72 40.09
N LYS B 204 31.68 9.14 39.18
CA LYS B 204 31.81 9.66 37.82
C LYS B 204 31.38 8.63 36.79
N ARG B 205 30.28 7.93 37.07
CA ARG B 205 29.82 6.87 36.18
C ARG B 205 29.29 7.41 34.87
N LEU B 206 28.72 8.62 34.88
CA LEU B 206 28.24 9.21 33.64
C LEU B 206 29.40 9.50 32.68
N THR B 207 30.52 10.00 33.21
CA THR B 207 31.60 10.45 32.34
C THR B 207 32.37 9.29 31.73
N LEU B 208 32.56 8.21 32.48
CA LEU B 208 33.46 7.15 32.03
C LEU B 208 32.88 6.38 30.84
N SER B 209 33.78 5.79 30.06
CA SER B 209 33.42 5.12 28.82
C SER B 209 32.69 3.81 29.12
N PRO B 210 31.96 3.28 28.12
CA PRO B 210 31.38 1.93 28.29
C PRO B 210 32.43 0.87 28.52
N CYS B 211 33.61 1.00 27.90
CA CYS B 211 34.70 0.07 28.19
C CYS B 211 35.12 0.18 29.65
N GLU B 212 35.21 1.39 30.18
CA GLU B 212 35.54 1.57 31.59
C GLU B 212 34.40 1.06 32.48
N GLN B 213 33.18 1.15 31.96
CA GLN B 213 31.99 0.68 32.72
C GLN B 213 31.96 -0.85 32.73
N GLU B 214 32.17 -1.47 31.57
CA GLU B 214 32.22 -2.96 31.49
C GLU B 214 33.45 -3.45 32.26
N LEU B 215 34.58 -2.74 32.15
CA LEU B 215 35.78 -3.11 32.94
C LEU B 215 35.42 -3.03 34.42
N GLN B 216 34.76 -1.94 34.84
CA GLN B 216 34.31 -1.83 36.25
C GLN B 216 33.45 -3.05 36.57
N ASP B 217 33.77 -3.76 37.64
CA ASP B 217 33.02 -5.00 37.98
C ASP B 217 31.86 -4.63 38.90
N ASP B 218 31.50 -3.34 38.94
CA ASP B 218 30.37 -2.88 39.77
C ASP B 218 29.07 -3.19 39.04
N ASP B 219 28.13 -3.88 39.69
CA ASP B 219 26.82 -4.17 39.06
C ASP B 219 25.90 -2.97 39.32
N PHE B 220 26.30 -1.79 38.85
CA PHE B 220 25.50 -0.57 39.11
C PHE B 220 24.28 -0.56 38.20
N TYR B 221 24.44 -1.03 36.98
CA TYR B 221 23.33 -0.94 36.03
C TYR B 221 22.56 -2.23 35.91
N ALA B 222 22.91 -3.26 36.67
CA ALA B 222 22.15 -4.50 36.66
C ALA B 222 20.77 -4.28 37.26
N TYR B 223 19.78 -4.97 36.70
CA TYR B 223 18.40 -4.86 37.15
C TYR B 223 17.91 -6.10 37.88
N ASP B 224 18.75 -7.11 38.06
CA ASP B 224 18.40 -8.29 38.83
C ASP B 224 19.69 -8.95 39.30
N GLU B 225 19.57 -10.19 39.77
CA GLU B 225 20.73 -10.87 40.33
C GLU B 225 21.79 -11.16 39.27
N ASP B 226 21.38 -11.29 38.01
CA ASP B 226 22.33 -11.55 36.92
C ASP B 226 21.74 -11.00 35.64
N GLY B 227 22.34 -9.93 35.12
CA GLY B 227 21.89 -9.34 33.87
C GLY B 227 21.58 -7.86 33.99
N THR B 228 21.54 -7.18 32.86
CA THR B 228 21.21 -5.76 32.80
C THR B 228 20.02 -5.55 31.88
N ARG B 229 19.28 -4.46 32.11
CA ARG B 229 18.08 -4.20 31.32
C ARG B 229 18.42 -4.01 29.84
N PHE B 230 19.47 -3.23 29.57
CA PHE B 230 19.96 -3.02 28.22
C PHE B 230 21.33 -3.65 28.07
N SER B 231 21.93 -3.47 26.90
CA SER B 231 23.25 -4.02 26.66
C SER B 231 24.25 -3.40 27.63
N PRO B 232 25.23 -4.17 28.11
CA PRO B 232 26.17 -3.62 29.09
C PRO B 232 26.97 -2.43 28.58
N ASP B 233 27.15 -2.30 27.27
CA ASP B 233 27.88 -1.17 26.73
C ASP B 233 27.02 0.08 26.64
N ILE B 234 25.71 -0.03 26.82
CA ILE B 234 24.83 1.12 26.70
C ILE B 234 24.96 1.99 27.95
N THR B 235 25.73 3.06 27.83
CA THR B 235 25.84 4.06 28.87
C THR B 235 24.60 4.95 28.86
N PRO B 236 24.37 5.73 29.92
CA PRO B 236 23.21 6.63 29.91
C PRO B 236 23.17 7.58 28.71
N ILE B 237 24.32 8.11 28.29
CA ILE B 237 24.33 9.03 27.16
C ILE B 237 24.00 8.30 25.87
N ILE B 238 24.50 7.08 25.70
CA ILE B 238 24.19 6.30 24.51
C ILE B 238 22.71 5.99 24.46
N LEU B 239 22.12 5.63 25.60
CA LEU B 239 20.69 5.33 25.63
C LEU B 239 19.86 6.57 25.35
N ALA B 240 20.24 7.72 25.92
CA ALA B 240 19.53 8.96 25.65
C ALA B 240 19.60 9.33 24.18
N ALA B 241 20.76 9.14 23.56
CA ALA B 241 20.87 9.37 22.13
C ALA B 241 20.01 8.39 21.33
N HIS B 242 19.99 7.12 21.72
CA HIS B 242 19.19 6.13 21.03
C HIS B 242 17.71 6.52 21.05
N CYS B 243 17.20 6.85 22.23
CA CYS B 243 15.80 7.22 22.37
C CYS B 243 15.52 8.65 21.92
N GLN B 244 16.56 9.42 21.63
CA GLN B 244 16.43 10.80 21.13
C GLN B 244 15.68 11.68 22.14
N LYS B 245 16.12 11.62 23.39
CA LYS B 245 15.61 12.49 24.44
C LYS B 245 16.50 13.72 24.49
N TYR B 246 16.07 14.80 23.83
CA TYR B 246 16.93 15.97 23.70
C TYR B 246 17.27 16.58 25.04
N GLU B 247 16.28 16.70 25.93
CA GLU B 247 16.57 17.28 27.25
C GLU B 247 17.48 16.38 28.06
N VAL B 248 17.27 15.06 27.99
CA VAL B 248 18.14 14.14 28.72
C VAL B 248 19.55 14.17 28.14
N VAL B 249 19.67 14.24 26.81
CA VAL B 249 20.98 14.33 26.19
C VAL B 249 21.69 15.60 26.63
N HIS B 250 20.97 16.73 26.67
CA HIS B 250 21.58 17.97 27.12
C HIS B 250 22.01 17.88 28.59
N MET B 251 21.19 17.27 29.44
CA MET B 251 21.56 17.10 30.84
C MET B 251 22.82 16.27 30.98
N LEU B 252 22.90 15.16 30.25
CA LEU B 252 24.06 14.29 30.34
C LEU B 252 25.31 14.94 29.78
N LEU B 253 25.16 15.74 28.71
CA LEU B 253 26.30 16.48 28.18
C LEU B 253 26.77 17.54 29.16
N MET B 254 25.85 18.19 29.87
CA MET B 254 26.23 19.09 30.95
C MET B 254 26.99 18.34 32.03
N LYS B 255 26.55 17.12 32.34
CA LYS B 255 27.24 16.28 33.31
C LYS B 255 28.61 15.81 32.81
N GLY B 256 28.92 16.01 31.53
CA GLY B 256 30.20 15.62 30.99
C GLY B 256 30.22 14.31 30.22
N ALA B 257 29.07 13.70 29.99
CA ALA B 257 29.03 12.44 29.25
C ALA B 257 29.29 12.68 27.77
N ARG B 258 30.01 11.74 27.15
CA ARG B 258 30.27 11.74 25.73
C ARG B 258 30.15 10.32 25.20
N ILE B 259 29.86 10.22 23.92
CA ILE B 259 29.77 8.90 23.27
C ILE B 259 31.15 8.49 22.81
N GLU B 260 31.39 7.17 22.83
CA GLU B 260 32.75 6.65 22.82
C GLU B 260 33.50 7.00 21.53
N ARG B 261 32.83 6.89 20.37
CA ARG B 261 33.52 6.90 19.09
C ARG B 261 34.50 5.73 19.08
N PRO B 262 34.00 4.50 18.94
CA PRO B 262 34.86 3.32 19.13
C PRO B 262 35.94 3.18 18.07
N ASP B 279 34.99 -12.33 22.47
CA ASP B 279 33.59 -12.51 22.14
C ASP B 279 33.31 -12.43 20.64
N SER B 280 33.74 -11.36 19.98
CA SER B 280 33.57 -11.11 18.55
C SER B 280 32.11 -10.88 18.17
N PHE B 281 31.17 -11.05 19.09
CA PHE B 281 29.76 -10.73 18.88
C PHE B 281 29.27 -9.63 19.79
N SER B 282 29.77 -9.57 21.03
CA SER B 282 29.49 -8.42 21.87
C SER B 282 30.19 -7.17 21.36
N HIS B 283 31.33 -7.33 20.70
CA HIS B 283 32.04 -6.17 20.17
C HIS B 283 31.29 -5.55 18.99
N SER B 284 30.73 -6.39 18.11
CA SER B 284 29.99 -5.86 16.97
C SER B 284 28.73 -5.14 17.43
N ARG B 285 27.98 -5.72 18.36
CA ARG B 285 26.79 -5.03 18.86
C ARG B 285 27.16 -3.79 19.66
N SER B 286 28.30 -3.81 20.37
CA SER B 286 28.75 -2.61 21.06
C SER B 286 29.05 -1.50 20.08
N ARG B 287 29.72 -1.83 18.97
CA ARG B 287 30.01 -0.83 17.95
C ARG B 287 28.72 -0.30 17.33
N ILE B 288 27.76 -1.19 17.07
CA ILE B 288 26.50 -0.75 16.48
C ILE B 288 25.74 0.15 17.44
N ASN B 289 25.75 -0.17 18.74
CA ASN B 289 25.09 0.69 19.71
C ASN B 289 25.77 2.05 19.80
N ALA B 290 27.10 2.07 19.78
CA ALA B 290 27.81 3.33 19.83
C ALA B 290 27.50 4.18 18.61
N TYR B 291 27.38 3.56 17.44
CA TYR B 291 27.06 4.33 16.24
C TYR B 291 25.60 4.73 16.18
N LYS B 292 24.69 3.94 16.75
CA LYS B 292 23.31 4.38 16.90
C LYS B 292 23.23 5.61 17.78
N GLY B 293 24.04 5.64 18.84
CA GLY B 293 24.12 6.84 19.65
C GLY B 293 24.72 8.01 18.91
N LEU B 294 25.78 7.77 18.13
CA LEU B 294 26.42 8.84 17.38
C LEU B 294 25.52 9.34 16.25
N ALA B 295 24.84 8.43 15.56
CA ALA B 295 24.03 8.78 14.40
C ALA B 295 22.64 9.25 14.75
N SER B 296 22.39 9.62 16.01
CA SER B 296 21.06 10.13 16.27
C SER B 296 21.06 11.64 16.25
N PRO B 297 19.99 12.26 15.73
CA PRO B 297 19.95 13.74 15.69
C PRO B 297 20.05 14.36 17.07
N ALA B 298 19.55 13.70 18.10
CA ALA B 298 19.60 14.26 19.45
C ALA B 298 21.03 14.46 19.92
N TYR B 299 21.97 13.64 19.44
CA TYR B 299 23.36 13.82 19.80
C TYR B 299 24.10 14.68 18.79
N LEU B 300 23.77 14.53 17.50
CA LEU B 300 24.43 15.31 16.47
C LEU B 300 24.19 16.81 16.65
N SER B 301 22.97 17.18 17.01
CA SER B 301 22.65 18.60 17.15
C SER B 301 23.20 19.19 18.44
N LEU B 302 23.22 18.41 19.51
CA LEU B 302 23.57 18.94 20.83
C LEU B 302 25.04 18.73 21.20
N SER B 303 25.80 17.95 20.43
CA SER B 303 27.16 17.59 20.81
C SER B 303 28.22 18.34 20.02
N SER B 304 28.15 18.32 18.70
CA SER B 304 29.18 18.89 17.85
C SER B 304 28.94 20.38 17.62
N GLU B 305 30.04 21.09 17.32
CA GLU B 305 29.95 22.51 17.02
C GLU B 305 29.43 22.75 15.61
N ASP B 306 29.65 21.82 14.69
CA ASP B 306 29.20 21.93 13.30
C ASP B 306 28.42 20.66 12.98
N PRO B 307 27.16 20.59 13.39
CA PRO B 307 26.41 19.33 13.27
C PRO B 307 26.25 18.83 11.84
N VAL B 308 26.15 19.72 10.84
CA VAL B 308 25.95 19.24 9.47
C VAL B 308 27.21 18.57 8.94
N LEU B 309 28.38 19.18 9.17
CA LEU B 309 29.63 18.55 8.74
C LEU B 309 29.87 17.25 9.48
N THR B 310 29.62 17.23 10.79
CA THR B 310 29.79 16.01 11.57
C THR B 310 28.86 14.91 11.07
N ALA B 311 27.61 15.26 10.75
CA ALA B 311 26.67 14.27 10.26
C ALA B 311 27.04 13.77 8.87
N LEU B 312 27.57 14.64 8.00
CA LEU B 312 28.02 14.18 6.69
C LEU B 312 29.18 13.20 6.82
N GLU B 313 30.17 13.54 7.64
CA GLU B 313 31.30 12.64 7.85
C GLU B 313 30.86 11.33 8.47
N LEU B 314 29.91 11.40 9.42
CA LEU B 314 29.40 10.19 10.05
C LEU B 314 28.63 9.33 9.05
N SER B 315 27.88 9.97 8.14
CA SER B 315 27.20 9.22 7.09
C SER B 315 28.19 8.49 6.20
N ASN B 316 29.28 9.17 5.84
CA ASN B 316 30.32 8.51 5.06
C ASN B 316 30.90 7.31 5.80
N GLU B 317 31.23 7.50 7.08
CA GLU B 317 31.81 6.42 7.87
C GLU B 317 30.85 5.24 7.98
N LEU B 318 29.57 5.53 8.22
CA LEU B 318 28.59 4.45 8.36
C LEU B 318 28.34 3.73 7.04
N ALA B 319 28.38 4.44 5.91
CA ALA B 319 28.28 3.76 4.62
C ALA B 319 29.48 2.84 4.39
N LYS B 320 30.68 3.34 4.72
CA LYS B 320 31.87 2.50 4.58
C LYS B 320 31.78 1.25 5.45
N LEU B 321 31.33 1.41 6.69
CA LEU B 321 31.21 0.27 7.59
C LEU B 321 30.08 -0.67 7.18
N ALA B 322 29.00 -0.15 6.58
CA ALA B 322 27.99 -1.02 6.01
C ALA B 322 28.57 -1.87 4.90
N ASN B 323 29.45 -1.27 4.08
CA ASN B 323 30.15 -2.06 3.07
C ASN B 323 31.04 -3.11 3.72
N ILE B 324 31.76 -2.75 4.78
CA ILE B 324 32.70 -3.68 5.40
C ILE B 324 31.96 -4.81 6.11
N GLU B 325 30.98 -4.48 6.94
CA GLU B 325 30.23 -5.47 7.72
C GLU B 325 29.01 -5.89 6.91
N LYS B 326 29.08 -7.06 6.30
CA LYS B 326 27.97 -7.55 5.48
C LYS B 326 26.81 -8.07 6.31
N GLU B 327 27.09 -8.70 7.47
CA GLU B 327 26.03 -9.27 8.26
C GLU B 327 25.16 -8.21 8.93
N PHE B 328 25.76 -7.09 9.34
CA PHE B 328 25.03 -5.98 9.96
C PHE B 328 24.89 -4.82 8.98
N LYS B 329 24.67 -5.13 7.71
CA LYS B 329 24.58 -4.10 6.68
C LYS B 329 23.38 -3.19 6.91
N ASN B 330 22.23 -3.75 7.27
CA ASN B 330 21.01 -2.96 7.39
C ASN B 330 21.13 -1.90 8.48
N ASP B 331 21.74 -2.25 9.61
CA ASP B 331 21.84 -1.31 10.72
C ASP B 331 22.68 -0.09 10.32
N TYR B 332 23.84 -0.33 9.71
CA TYR B 332 24.70 0.79 9.31
C TYR B 332 24.07 1.58 8.18
N ARG B 333 23.36 0.93 7.26
CA ARG B 333 22.65 1.67 6.22
C ARG B 333 21.59 2.57 6.83
N LYS B 334 20.86 2.07 7.82
CA LYS B 334 19.85 2.88 8.49
C LYS B 334 20.48 4.06 9.22
N LEU B 335 21.63 3.85 9.87
CA LEU B 335 22.29 4.94 10.57
C LEU B 335 22.81 6.00 9.59
N SER B 336 23.33 5.55 8.44
CA SER B 336 23.75 6.49 7.41
C SER B 336 22.55 7.29 6.89
N MET B 337 21.42 6.63 6.70
CA MET B 337 20.22 7.34 6.29
C MET B 337 19.78 8.35 7.35
N GLN B 338 19.95 8.00 8.63
CA GLN B 338 19.62 8.94 9.70
C GLN B 338 20.49 10.17 9.63
N CYS B 339 21.79 9.99 9.41
CA CYS B 339 22.68 11.15 9.27
C CYS B 339 22.30 12.00 8.06
N LYS B 340 22.01 11.36 6.93
CA LYS B 340 21.61 12.09 5.74
C LYS B 340 20.33 12.87 5.98
N ASP B 341 19.36 12.25 6.66
CA ASP B 341 18.10 12.92 6.95
C ASP B 341 18.29 14.08 7.92
N PHE B 342 19.19 13.95 8.88
CA PHE B 342 19.48 15.08 9.75
C PHE B 342 20.05 16.25 8.97
N VAL B 343 20.99 15.97 8.06
CA VAL B 343 21.56 17.06 7.26
C VAL B 343 20.49 17.70 6.39
N VAL B 344 19.63 16.87 5.79
CA VAL B 344 18.55 17.39 4.95
C VAL B 344 17.60 18.25 5.77
N GLY B 345 17.28 17.83 6.99
CA GLY B 345 16.39 18.63 7.84
C GLY B 345 17.00 19.96 8.23
N VAL B 346 18.29 19.96 8.60
CA VAL B 346 18.94 21.22 8.95
C VAL B 346 18.98 22.15 7.75
N LEU B 347 19.18 21.60 6.54
CA LEU B 347 19.08 22.43 5.35
C LEU B 347 17.66 22.95 5.15
N ASP B 348 16.67 22.10 5.41
CA ASP B 348 15.27 22.47 5.17
C ASP B 348 14.83 23.60 6.09
N LEU B 349 15.39 23.66 7.29
CA LEU B 349 14.97 24.66 8.27
C LEU B 349 15.57 26.03 8.04
N CYS B 350 16.34 26.23 6.98
CA CYS B 350 16.84 27.55 6.64
C CYS B 350 15.69 28.44 6.18
N ARG B 351 15.75 29.72 6.55
CA ARG B 351 14.66 30.65 6.27
C ARG B 351 15.07 31.86 5.45
N ASP B 352 16.35 32.03 5.12
CA ASP B 352 16.78 33.13 4.27
C ASP B 352 18.04 32.73 3.54
N SER B 353 18.54 33.64 2.70
CA SER B 353 19.69 33.32 1.86
C SER B 353 20.94 33.08 2.70
N GLU B 354 21.11 33.83 3.79
CA GLU B 354 22.32 33.70 4.59
C GLU B 354 22.43 32.31 5.23
N GLU B 355 21.33 31.80 5.77
CA GLU B 355 21.36 30.48 6.38
C GLU B 355 21.59 29.38 5.34
N VAL B 356 20.98 29.51 4.16
CA VAL B 356 21.21 28.53 3.11
C VAL B 356 22.66 28.56 2.67
N GLU B 357 23.24 29.75 2.53
CA GLU B 357 24.65 29.86 2.18
C GLU B 357 25.54 29.24 3.26
N ALA B 358 25.22 29.48 4.52
CA ALA B 358 26.02 28.92 5.61
C ALA B 358 25.95 27.40 5.61
N ILE B 359 24.78 26.83 5.34
CA ILE B 359 24.66 25.37 5.32
C ILE B 359 25.38 24.80 4.09
N LEU B 360 25.27 25.47 2.95
CA LEU B 360 25.87 24.95 1.71
C LEU B 360 27.35 25.29 1.63
N ASN B 361 27.70 26.56 1.70
CA ASN B 361 29.08 26.99 1.55
C ASN B 361 29.93 26.71 2.79
N GLY B 362 29.40 26.02 3.78
CA GLY B 362 30.18 25.76 4.98
C GLY B 362 30.49 27.04 5.71
N ASP B 363 31.69 27.12 6.26
CA ASP B 363 32.13 28.31 6.97
C ASP B 363 32.33 29.47 6.00
N ALA B 377 32.06 31.42 -4.27
CA ALA B 377 31.19 30.65 -3.38
C ALA B 377 31.48 29.17 -3.49
N SER B 378 32.50 28.70 -2.77
CA SER B 378 32.90 27.30 -2.82
C SER B 378 31.89 26.47 -2.04
N LEU B 379 31.03 25.75 -2.76
CA LEU B 379 29.99 24.94 -2.13
C LEU B 379 30.58 23.68 -1.54
N SER B 380 31.26 23.81 -0.40
CA SER B 380 31.97 22.67 0.20
C SER B 380 31.00 21.56 0.59
N ARG B 381 29.89 21.92 1.22
CA ARG B 381 28.96 20.90 1.71
C ARG B 381 28.19 20.25 0.59
N VAL B 382 27.92 20.98 -0.49
CA VAL B 382 27.28 20.35 -1.66
C VAL B 382 28.20 19.30 -2.27
N LYS B 383 29.49 19.63 -2.39
CA LYS B 383 30.46 18.67 -2.92
C LYS B 383 30.60 17.48 -1.99
N LEU B 384 30.59 17.71 -0.67
CA LEU B 384 30.65 16.60 0.29
C LEU B 384 29.42 15.71 0.16
N ALA B 385 28.24 16.31 0.02
CA ALA B 385 27.02 15.54 -0.08
C ALA B 385 27.00 14.71 -1.37
N ILE B 386 27.49 15.28 -2.47
CA ILE B 386 27.57 14.53 -3.71
C ILE B 386 28.58 13.40 -3.59
N LYS B 387 29.72 13.67 -2.95
CA LYS B 387 30.72 12.63 -2.74
C LYS B 387 30.19 11.52 -1.84
N TYR B 388 29.47 11.90 -0.79
CA TYR B 388 28.89 10.93 0.15
C TYR B 388 27.51 10.47 -0.28
N GLU B 389 27.03 10.90 -1.45
CA GLU B 389 25.74 10.48 -1.99
C GLU B 389 24.60 10.82 -1.05
N VAL B 390 24.61 12.03 -0.50
CA VAL B 390 23.48 12.56 0.27
C VAL B 390 22.57 13.21 -0.76
N LYS B 391 21.70 12.40 -1.37
CA LYS B 391 20.95 12.85 -2.53
C LYS B 391 19.87 13.86 -2.15
N LYS B 392 19.16 13.63 -1.05
CA LYS B 392 18.08 14.53 -0.67
C LYS B 392 18.59 15.89 -0.23
N PHE B 393 19.86 15.99 0.18
CA PHE B 393 20.45 17.29 0.50
C PHE B 393 20.71 18.09 -0.77
N VAL B 394 21.27 17.44 -1.79
CA VAL B 394 21.58 18.14 -3.03
C VAL B 394 20.30 18.43 -3.81
N ALA B 395 19.32 17.52 -3.73
CA ALA B 395 18.06 17.69 -4.45
C ALA B 395 17.06 18.56 -3.70
N HIS B 396 17.42 19.09 -2.54
CA HIS B 396 16.48 19.89 -1.78
C HIS B 396 16.29 21.24 -2.46
N PRO B 397 15.08 21.81 -2.42
CA PRO B 397 14.85 23.11 -3.06
C PRO B 397 15.75 24.22 -2.54
N ASN B 398 16.11 24.20 -1.26
CA ASN B 398 17.00 25.25 -0.73
C ASN B 398 18.37 25.18 -1.39
N CYS B 399 18.88 23.96 -1.62
CA CYS B 399 20.13 23.80 -2.35
C CYS B 399 19.94 24.00 -3.85
N GLN B 400 18.79 23.56 -4.38
CA GLN B 400 18.55 23.68 -5.82
C GLN B 400 18.46 25.13 -6.26
N GLN B 401 17.88 26.00 -5.44
CA GLN B 401 17.79 27.41 -5.83
C GLN B 401 19.18 28.05 -5.92
N GLN B 402 20.07 27.73 -4.98
CA GLN B 402 21.44 28.25 -5.05
C GLN B 402 22.19 27.67 -6.24
N LEU B 403 22.03 26.37 -6.50
CA LEU B 403 22.68 25.75 -7.64
C LEU B 403 22.16 26.36 -8.95
N LEU B 404 20.87 26.69 -9.00
CA LEU B 404 20.30 27.29 -10.20
C LEU B 404 20.77 28.73 -10.37
N THR B 405 20.92 29.46 -9.27
CA THR B 405 21.47 30.81 -9.36
C THR B 405 22.90 30.80 -9.88
N ILE B 406 23.71 29.84 -9.41
CA ILE B 406 25.06 29.72 -9.93
C ILE B 406 25.04 29.20 -11.38
N TRP B 407 24.03 28.41 -11.73
CA TRP B 407 23.95 27.85 -13.08
C TRP B 407 23.82 28.96 -14.12
N TYR B 408 22.94 29.93 -13.88
CA TYR B 408 22.82 31.11 -14.73
C TYR B 408 23.52 32.26 -14.02
N GLU B 409 24.85 32.30 -14.16
CA GLU B 409 25.63 33.34 -13.50
C GLU B 409 25.24 34.73 -14.00
N ASN B 410 25.46 34.98 -15.29
CA ASN B 410 25.14 36.27 -15.90
C ASN B 410 23.90 36.22 -16.76
N LEU B 411 23.24 35.05 -16.86
CA LEU B 411 22.03 34.90 -17.65
C LEU B 411 20.81 35.05 -16.74
N SER B 412 20.68 36.26 -16.17
CA SER B 412 19.59 36.54 -15.26
C SER B 412 18.24 36.42 -15.95
N GLY B 413 18.13 36.96 -17.17
CA GLY B 413 16.87 36.93 -17.88
C GLY B 413 16.52 35.60 -18.51
N LEU B 414 17.51 34.71 -18.67
CA LEU B 414 17.27 33.42 -19.31
C LEU B 414 16.66 32.40 -18.35
N ARG B 415 16.60 32.71 -17.06
CA ARG B 415 16.07 31.74 -16.10
C ARG B 415 14.59 31.46 -16.34
N GLU B 416 13.80 32.49 -16.60
CA GLU B 416 12.36 32.34 -16.74
C GLU B 416 11.91 32.13 -18.19
N GLN B 417 12.84 32.05 -19.13
CA GLN B 417 12.45 31.81 -20.52
C GLN B 417 12.01 30.37 -20.71
N THR B 418 11.16 30.16 -21.72
CA THR B 418 10.59 28.85 -21.95
C THR B 418 11.62 27.90 -22.57
N ILE B 419 11.24 26.64 -22.69
CA ILE B 419 12.11 25.64 -23.27
C ILE B 419 12.38 25.93 -24.74
N ALA B 420 11.38 26.49 -25.45
CA ALA B 420 11.57 26.80 -26.86
C ALA B 420 12.65 27.84 -27.07
N ILE B 421 12.68 28.88 -26.23
CA ILE B 421 13.71 29.92 -26.37
C ILE B 421 15.08 29.35 -26.03
N LYS B 422 15.16 28.46 -25.04
CA LYS B 422 16.44 27.83 -24.72
C LYS B 422 16.93 26.97 -25.88
N CYS B 423 16.02 26.22 -26.51
CA CYS B 423 16.42 25.44 -27.68
C CYS B 423 16.86 26.35 -28.84
N LEU B 424 16.17 27.48 -29.01
CA LEU B 424 16.55 28.44 -30.04
C LEU B 424 17.94 29.00 -29.78
N VAL B 425 18.25 29.31 -28.52
CA VAL B 425 19.57 29.83 -28.21
C VAL B 425 20.63 28.75 -28.38
N VAL B 426 20.27 27.48 -28.11
CA VAL B 426 21.19 26.38 -28.39
C VAL B 426 21.48 26.30 -29.89
N LEU B 427 20.45 26.44 -30.71
CA LEU B 427 20.64 26.43 -32.16
C LEU B 427 21.50 27.60 -32.62
N VAL B 428 21.27 28.77 -32.04
CA VAL B 428 22.08 29.95 -32.39
C VAL B 428 23.54 29.72 -32.02
N VAL B 429 23.78 29.15 -30.84
CA VAL B 429 25.16 28.84 -30.44
C VAL B 429 25.77 27.82 -31.39
N ALA B 430 24.99 26.82 -31.80
CA ALA B 430 25.50 25.84 -32.75
C ALA B 430 25.89 26.50 -34.07
N LEU B 431 25.07 27.43 -34.54
CA LEU B 431 25.37 28.11 -35.80
C LEU B 431 26.61 29.00 -35.67
N GLY B 432 26.73 29.72 -34.55
CA GLY B 432 27.79 30.70 -34.42
C GLY B 432 28.97 30.30 -33.55
N LEU B 433 29.11 29.00 -33.25
CA LEU B 433 30.18 28.55 -32.37
C LEU B 433 31.57 28.97 -32.85
N PRO B 434 31.94 28.82 -34.12
CA PRO B 434 33.25 29.38 -34.53
C PRO B 434 33.37 30.87 -34.29
N PHE B 435 32.29 31.62 -34.55
CA PHE B 435 32.32 33.06 -34.29
C PHE B 435 32.42 33.37 -32.81
N LEU B 436 31.71 32.59 -31.98
CA LEU B 436 31.81 32.78 -30.54
C LEU B 436 33.22 32.50 -30.05
N ALA B 437 33.85 31.45 -30.56
CA ALA B 437 35.23 31.14 -30.17
C ALA B 437 36.18 32.24 -30.62
N ILE B 438 35.98 32.76 -31.83
CA ILE B 438 36.83 33.85 -32.31
C ILE B 438 36.68 35.08 -31.43
N GLY B 439 35.43 35.43 -31.08
CA GLY B 439 35.21 36.57 -30.20
C GLY B 439 35.81 36.36 -28.83
N TYR B 440 35.71 35.14 -28.28
CA TYR B 440 36.31 34.85 -26.99
C TYR B 440 37.83 34.99 -27.04
N TRP B 441 38.45 34.51 -28.11
CA TRP B 441 39.90 34.65 -28.25
C TRP B 441 40.30 36.11 -28.39
N ILE B 442 39.56 36.88 -29.20
CA ILE B 442 39.90 38.28 -29.39
C ILE B 442 39.59 39.09 -28.12
N ALA B 443 38.45 38.83 -27.49
CA ALA B 443 37.99 39.59 -26.33
C ALA B 443 37.65 38.61 -25.21
N PRO B 444 38.66 38.10 -24.50
CA PRO B 444 38.37 37.21 -23.37
C PRO B 444 37.55 37.88 -22.27
N CYS B 445 37.75 39.17 -22.04
CA CYS B 445 37.06 39.90 -20.98
C CYS B 445 36.13 40.93 -21.63
N SER B 446 34.84 40.62 -21.67
CA SER B 446 33.83 41.51 -22.22
C SER B 446 32.47 41.01 -21.75
N ARG B 447 31.42 41.72 -22.18
CA ARG B 447 30.07 41.24 -21.89
C ARG B 447 29.83 39.88 -22.51
N LEU B 448 30.24 39.72 -23.78
CA LEU B 448 30.16 38.41 -24.42
C LEU B 448 31.04 37.40 -23.69
N GLY B 449 32.22 37.83 -23.25
CA GLY B 449 33.09 36.93 -22.50
C GLY B 449 32.47 36.49 -21.18
N LYS B 450 31.85 37.42 -20.46
CA LYS B 450 31.19 37.07 -19.21
C LYS B 450 30.02 36.13 -19.46
N ILE B 451 29.25 36.38 -20.54
CA ILE B 451 28.14 35.50 -20.87
C ILE B 451 28.63 34.10 -21.20
N LEU B 452 29.72 34.01 -21.97
CA LEU B 452 30.19 32.70 -22.43
C LEU B 452 30.73 31.86 -21.28
N ARG B 453 31.27 32.48 -20.24
CA ARG B 453 31.78 31.75 -19.08
C ARG B 453 30.69 31.28 -18.14
N SER B 454 29.44 31.66 -18.38
CA SER B 454 28.35 31.18 -17.54
C SER B 454 28.24 29.67 -17.64
N PRO B 455 27.99 28.96 -16.54
CA PRO B 455 27.88 27.50 -16.62
C PRO B 455 26.81 27.03 -17.59
N PHE B 456 25.67 27.71 -17.64
CA PHE B 456 24.65 27.33 -18.62
C PHE B 456 25.14 27.55 -20.04
N MET B 457 25.86 28.65 -20.29
CA MET B 457 26.39 28.88 -21.62
C MET B 457 27.48 27.87 -21.97
N LYS B 458 28.29 27.45 -21.00
CA LYS B 458 29.27 26.40 -21.26
C LYS B 458 28.58 25.08 -21.59
N PHE B 459 27.52 24.74 -20.86
CA PHE B 459 26.76 23.53 -21.17
C PHE B 459 26.14 23.62 -22.56
N VAL B 460 25.58 24.79 -22.90
CA VAL B 460 24.97 24.96 -24.21
C VAL B 460 26.02 24.89 -25.31
N ALA B 461 27.21 25.44 -25.07
CA ALA B 461 28.28 25.34 -26.05
C ALA B 461 28.70 23.90 -26.26
N HIS B 462 28.82 23.12 -25.18
CA HIS B 462 29.19 21.71 -25.34
C HIS B 462 28.09 20.92 -26.05
N ALA B 463 26.83 21.18 -25.71
CA ALA B 463 25.73 20.51 -26.38
C ALA B 463 25.68 20.86 -27.86
N ALA B 464 25.90 22.14 -28.18
CA ALA B 464 25.92 22.57 -29.57
C ALA B 464 27.07 21.95 -30.33
N SER B 465 28.24 21.84 -29.69
CA SER B 465 29.38 21.19 -30.33
C SER B 465 29.06 19.73 -30.60
N PHE B 466 28.44 19.04 -29.65
CA PHE B 466 28.07 17.65 -29.87
C PHE B 466 27.04 17.51 -30.99
N ILE B 467 26.08 18.44 -31.06
CA ILE B 467 25.11 18.43 -32.14
C ILE B 467 25.79 18.64 -33.48
N ILE B 468 26.77 19.54 -33.52
CA ILE B 468 27.52 19.76 -34.76
C ILE B 468 28.30 18.51 -35.14
N PHE B 469 28.84 17.80 -34.15
CA PHE B 469 29.55 16.56 -34.44
C PHE B 469 28.61 15.52 -35.04
N LEU B 470 27.41 15.38 -34.47
CA LEU B 470 26.43 14.46 -35.04
C LEU B 470 26.03 14.89 -36.45
N GLY B 471 25.87 16.19 -36.66
CA GLY B 471 25.55 16.69 -37.99
C GLY B 471 26.66 16.40 -38.99
N LEU B 472 27.92 16.51 -38.56
CA LEU B 472 29.03 16.16 -39.42
C LEU B 472 29.03 14.67 -39.75
N LEU B 473 28.73 13.83 -38.75
CA LEU B 473 28.65 12.40 -39.00
C LEU B 473 27.57 12.08 -40.03
N VAL B 474 26.41 12.73 -39.92
CA VAL B 474 25.34 12.49 -40.89
C VAL B 474 25.69 13.05 -42.25
N PHE B 475 26.27 14.25 -42.29
CA PHE B 475 26.62 14.89 -43.56
C PHE B 475 27.72 14.15 -44.30
N ASN B 476 28.58 13.43 -43.58
CA ASN B 476 29.62 12.65 -44.25
C ASN B 476 29.02 11.54 -45.11
N ALA B 477 27.90 10.97 -44.67
CA ALA B 477 27.21 9.93 -45.41
C ALA B 477 26.01 10.49 -46.19
N SER B 478 25.81 11.80 -46.12
CA SER B 478 24.70 12.43 -46.84
C SER B 478 24.74 12.18 -48.35
N ASP B 479 25.90 11.90 -48.91
CA ASP B 479 25.98 11.60 -50.34
C ASP B 479 25.41 10.23 -50.69
N ARG B 480 25.10 9.41 -49.69
CA ARG B 480 24.54 8.07 -49.92
C ARG B 480 23.17 7.90 -49.30
N PHE B 481 22.42 8.99 -49.07
CA PHE B 481 21.13 8.88 -48.42
C PHE B 481 20.15 8.04 -49.22
N GLU B 482 20.12 8.23 -50.54
CA GLU B 482 19.23 7.48 -51.40
C GLU B 482 19.88 6.21 -51.95
N GLY B 483 21.11 5.92 -51.56
CA GLY B 483 21.83 4.76 -52.04
C GLY B 483 22.88 5.13 -53.07
N ILE B 484 23.82 4.20 -53.24
CA ILE B 484 24.93 4.39 -54.16
C ILE B 484 24.47 4.07 -55.58
N THR B 485 24.77 4.97 -56.51
CA THR B 485 24.38 4.75 -57.90
C THR B 485 25.20 3.63 -58.54
N THR B 486 26.50 3.61 -58.28
CA THR B 486 27.37 2.60 -58.88
C THR B 486 27.33 1.32 -58.07
N LEU B 487 27.44 0.19 -58.77
CA LEU B 487 27.44 -1.11 -58.12
C LEU B 487 28.74 -1.32 -57.36
N PRO B 488 28.74 -2.21 -56.36
CA PRO B 488 30.00 -2.57 -55.68
C PRO B 488 31.00 -3.25 -56.59
N ASN B 489 30.59 -3.74 -57.75
CA ASN B 489 31.48 -4.40 -58.70
C ASN B 489 32.04 -3.44 -59.75
N ILE B 490 31.70 -2.16 -59.67
CA ILE B 490 32.05 -1.19 -60.71
C ILE B 490 33.00 -0.16 -60.10
N THR B 491 34.12 0.08 -60.78
CA THR B 491 35.10 1.07 -60.37
C THR B 491 34.88 2.36 -61.14
N VAL B 492 34.85 3.49 -60.44
CA VAL B 492 34.70 4.81 -61.04
C VAL B 492 35.87 5.66 -60.61
N THR B 493 36.56 6.25 -61.58
CA THR B 493 37.72 7.10 -61.32
C THR B 493 37.51 8.45 -62.00
N ASP B 494 37.98 9.51 -61.34
CA ASP B 494 37.84 10.86 -61.89
C ASP B 494 38.65 11.01 -63.18
N TYR B 495 39.88 10.51 -63.19
CA TYR B 495 40.72 10.53 -64.38
C TYR B 495 41.28 9.14 -64.64
N PRO B 496 41.61 8.82 -65.89
CA PRO B 496 41.97 7.43 -66.23
C PRO B 496 43.18 6.88 -65.48
N LYS B 497 44.17 7.72 -65.17
CA LYS B 497 45.37 7.26 -64.49
C LYS B 497 45.23 7.26 -62.97
N GLN B 498 44.00 7.16 -62.46
CA GLN B 498 43.74 7.21 -61.03
C GLN B 498 43.42 5.82 -60.50
N ILE B 499 44.07 5.46 -59.39
CA ILE B 499 43.82 4.20 -58.72
C ILE B 499 42.50 4.30 -57.96
N PHE B 500 41.65 3.28 -58.10
CA PHE B 500 40.31 3.33 -57.52
C PHE B 500 40.36 3.45 -56.00
N ARG B 501 41.28 2.72 -55.36
CA ARG B 501 41.36 2.77 -53.90
C ARG B 501 41.72 4.15 -53.40
N VAL B 502 42.47 4.93 -54.19
CA VAL B 502 42.78 6.31 -53.80
C VAL B 502 41.50 7.12 -53.69
N LYS B 503 40.60 6.98 -54.65
CA LYS B 503 39.33 7.70 -54.60
C LYS B 503 38.45 7.16 -53.47
N THR B 504 38.40 5.84 -53.30
CA THR B 504 37.51 5.27 -52.29
C THR B 504 38.05 5.44 -50.88
N THR B 505 39.30 5.88 -50.71
CA THR B 505 39.89 5.99 -49.39
C THR B 505 40.23 7.41 -48.96
N GLN B 506 40.39 8.34 -49.91
CA GLN B 506 40.81 9.69 -49.56
C GLN B 506 39.77 10.37 -48.68
N PHE B 507 40.25 11.16 -47.72
CA PHE B 507 39.37 11.84 -46.79
C PHE B 507 38.83 13.13 -47.41
N THR B 508 37.52 13.29 -47.32
CA THR B 508 36.90 14.55 -47.73
C THR B 508 36.99 15.57 -46.60
N TRP B 509 36.54 16.79 -46.89
CA TRP B 509 36.68 17.87 -45.93
C TRP B 509 35.88 17.58 -44.65
N THR B 510 34.68 17.04 -44.79
CA THR B 510 33.90 16.70 -43.61
C THR B 510 34.57 15.56 -42.83
N GLU B 511 35.27 14.65 -43.51
CA GLU B 511 36.05 13.64 -42.80
C GLU B 511 37.16 14.28 -41.99
N MET B 512 37.83 15.29 -42.56
CA MET B 512 38.86 16.00 -41.81
C MET B 512 38.27 16.72 -40.60
N LEU B 513 37.09 17.31 -40.76
CA LEU B 513 36.44 17.97 -39.62
C LEU B 513 36.07 16.96 -38.54
N ILE B 514 35.56 15.79 -38.94
CA ILE B 514 35.22 14.76 -37.95
C ILE B 514 36.47 14.30 -37.22
N MET B 515 37.58 14.15 -37.96
CA MET B 515 38.84 13.78 -37.31
C MET B 515 39.30 14.85 -36.33
N VAL B 516 39.18 16.12 -36.71
CA VAL B 516 39.58 17.22 -35.83
C VAL B 516 38.73 17.22 -34.56
N TRP B 517 37.43 17.00 -34.70
CA TRP B 517 36.55 17.03 -33.52
C TRP B 517 36.78 15.82 -32.63
N VAL B 518 37.07 14.66 -33.23
CA VAL B 518 37.43 13.49 -32.43
C VAL B 518 38.72 13.73 -31.68
N LEU B 519 39.70 14.36 -32.34
CA LEU B 519 40.96 14.69 -31.68
C LEU B 519 40.74 15.67 -30.54
N GLY B 520 39.85 16.65 -30.73
CA GLY B 520 39.55 17.59 -29.65
C GLY B 520 38.87 16.92 -28.47
N MET B 521 37.92 16.02 -28.75
CA MET B 521 37.28 15.28 -27.66
C MET B 521 38.27 14.39 -26.94
N MET B 522 39.19 13.76 -27.67
CA MET B 522 40.23 12.97 -27.02
C MET B 522 41.14 13.85 -26.17
N TRP B 523 41.46 15.04 -26.65
CA TRP B 523 42.28 15.96 -25.85
C TRP B 523 41.55 16.36 -24.57
N SER B 524 40.24 16.63 -24.66
CA SER B 524 39.47 16.97 -23.48
C SER B 524 39.46 15.81 -22.48
N GLU B 525 39.25 14.59 -22.98
CA GLU B 525 39.24 13.44 -22.09
C GLU B 525 40.61 13.21 -21.45
N CYS B 526 41.68 13.41 -22.23
CA CYS B 526 43.03 13.27 -21.68
C CYS B 526 43.29 14.31 -20.61
N LYS B 527 42.85 15.56 -20.84
CA LYS B 527 43.01 16.60 -19.83
C LYS B 527 42.26 16.24 -18.55
N GLU B 528 41.02 15.75 -18.69
CA GLU B 528 40.26 15.35 -17.51
C GLU B 528 40.95 14.20 -16.78
N LEU B 529 41.43 13.21 -17.53
CA LEU B 529 42.10 12.05 -16.93
C LEU B 529 43.36 12.47 -16.18
N TRP B 530 44.16 13.36 -16.78
CA TRP B 530 45.42 13.76 -16.18
C TRP B 530 45.20 14.66 -14.97
N LEU B 531 44.26 15.61 -15.06
CA LEU B 531 44.08 16.58 -13.99
C LEU B 531 43.18 16.06 -12.88
N GLU B 532 42.47 14.96 -13.10
CA GLU B 532 41.58 14.42 -12.09
C GLU B 532 41.98 13.04 -11.59
N GLY B 533 42.79 12.30 -12.35
CA GLY B 533 43.25 11.00 -11.93
C GLY B 533 42.50 9.87 -12.60
N PRO B 534 43.20 8.76 -12.86
CA PRO B 534 42.55 7.67 -13.60
C PRO B 534 41.57 6.86 -12.78
N ARG B 535 41.84 6.68 -11.48
CA ARG B 535 40.98 5.82 -10.66
C ARG B 535 39.56 6.37 -10.57
N GLU B 536 39.42 7.68 -10.36
CA GLU B 536 38.09 8.27 -10.33
C GLU B 536 37.52 8.45 -11.73
N TYR B 537 38.39 8.61 -12.74
CA TYR B 537 37.91 8.77 -14.11
C TYR B 537 37.24 7.50 -14.61
N ILE B 538 37.85 6.34 -14.36
CA ILE B 538 37.28 5.08 -14.83
C ILE B 538 35.96 4.80 -14.15
N LEU B 539 35.82 5.16 -12.88
CA LEU B 539 34.59 4.90 -12.14
C LEU B 539 33.51 5.91 -12.50
N GLN B 540 33.20 6.02 -13.79
CA GLN B 540 32.13 6.88 -14.27
C GLN B 540 31.72 6.38 -15.65
N LEU B 541 30.43 6.10 -15.83
CA LEU B 541 29.97 5.50 -17.09
C LEU B 541 30.24 6.41 -18.27
N TRP B 542 29.97 7.71 -18.10
CA TRP B 542 30.12 8.63 -19.23
C TRP B 542 31.58 8.74 -19.67
N ASN B 543 32.51 8.84 -18.72
CA ASN B 543 33.91 8.98 -19.09
C ASN B 543 34.43 7.73 -19.79
N VAL B 544 34.11 6.54 -19.27
CA VAL B 544 34.62 5.32 -19.88
C VAL B 544 33.97 5.10 -21.25
N LEU B 545 32.68 5.41 -21.38
CA LEU B 545 32.01 5.26 -22.67
C LEU B 545 32.57 6.23 -23.70
N ASP B 546 32.83 7.48 -23.28
CA ASP B 546 33.42 8.46 -24.19
C ASP B 546 34.82 8.04 -24.60
N PHE B 547 35.62 7.54 -23.67
CA PHE B 547 36.94 7.06 -24.04
C PHE B 547 36.85 5.89 -25.00
N GLY B 548 35.89 4.98 -24.78
CA GLY B 548 35.73 3.86 -25.68
C GLY B 548 35.34 4.28 -27.09
N MET B 549 34.37 5.19 -27.19
CA MET B 549 33.95 5.63 -28.52
C MET B 549 35.02 6.47 -29.22
N LEU B 550 35.77 7.27 -28.48
CA LEU B 550 36.87 8.02 -29.10
C LEU B 550 37.98 7.08 -29.55
N SER B 551 38.27 6.04 -28.77
CA SER B 551 39.26 5.07 -29.18
C SER B 551 38.81 4.31 -30.42
N ILE B 552 37.52 3.98 -30.49
CA ILE B 552 36.99 3.32 -31.69
C ILE B 552 37.07 4.24 -32.90
N PHE B 553 36.75 5.53 -32.71
CA PHE B 553 36.90 6.49 -33.80
C PHE B 553 38.34 6.58 -34.27
N ILE B 554 39.28 6.62 -33.32
CA ILE B 554 40.69 6.71 -33.68
C ILE B 554 41.14 5.46 -34.41
N ALA B 555 40.68 4.29 -33.97
CA ALA B 555 41.02 3.06 -34.65
C ALA B 555 40.48 3.04 -36.08
N ALA B 556 39.23 3.48 -36.25
CA ALA B 556 38.66 3.53 -37.60
C ALA B 556 39.43 4.50 -38.49
N PHE B 557 39.78 5.67 -37.95
CA PHE B 557 40.47 6.67 -38.73
C PHE B 557 41.90 6.25 -39.06
N THR B 558 42.58 5.55 -38.15
CA THR B 558 43.93 5.09 -38.45
C THR B 558 43.91 3.91 -39.42
N ALA B 559 42.87 3.07 -39.37
CA ALA B 559 42.72 2.04 -40.39
C ALA B 559 42.49 2.65 -41.76
N ARG B 560 41.63 3.67 -41.83
CA ARG B 560 41.43 4.37 -43.09
C ARG B 560 42.71 5.07 -43.54
N PHE B 561 43.51 5.57 -42.59
CA PHE B 561 44.75 6.23 -42.97
C PHE B 561 45.77 5.23 -43.50
N LEU B 562 45.84 4.03 -42.92
CA LEU B 562 46.71 2.99 -43.46
C LEU B 562 46.26 2.59 -44.86
N ALA B 563 44.95 2.45 -45.08
CA ALA B 563 44.46 2.15 -46.41
C ALA B 563 44.79 3.26 -47.39
N PHE B 564 44.67 4.52 -46.94
CA PHE B 564 45.01 5.66 -47.78
C PHE B 564 46.50 5.68 -48.11
N LEU B 565 47.35 5.32 -47.15
CA LEU B 565 48.78 5.25 -47.41
C LEU B 565 49.09 4.19 -48.46
N GLN B 566 48.46 3.02 -48.34
CA GLN B 566 48.68 1.96 -49.32
C GLN B 566 48.21 2.39 -50.71
N ALA B 567 47.03 3.01 -50.78
CA ALA B 567 46.51 3.47 -52.06
C ALA B 567 47.39 4.55 -52.66
N THR B 568 47.90 5.46 -51.83
CA THR B 568 48.77 6.52 -52.31
C THR B 568 50.10 5.96 -52.81
N LYS B 569 50.64 4.94 -52.13
CA LYS B 569 51.83 4.28 -52.64
C LYS B 569 51.57 3.63 -54.00
N ALA B 570 50.43 2.97 -54.14
CA ALA B 570 50.09 2.38 -55.43
C ALA B 570 49.97 3.44 -56.51
N GLN B 571 49.32 4.56 -56.20
CA GLN B 571 49.16 5.64 -57.18
C GLN B 571 50.51 6.24 -57.55
N GLN B 572 51.41 6.41 -56.57
CA GLN B 572 52.74 6.93 -56.85
C GLN B 572 53.50 5.99 -57.77
N TYR B 573 53.43 4.68 -57.50
CA TYR B 573 54.07 3.72 -58.39
C TYR B 573 53.48 3.80 -59.79
N VAL B 574 52.15 3.91 -59.89
CA VAL B 574 51.51 3.94 -61.19
C VAL B 574 51.94 5.15 -62.00
N ASP B 575 51.89 6.34 -61.38
CA ASP B 575 52.18 7.55 -62.15
C ASP B 575 53.66 7.91 -62.19
N SER B 576 54.53 7.14 -61.53
CA SER B 576 55.97 7.32 -61.68
C SER B 576 56.63 6.18 -62.45
N TYR B 577 55.91 5.10 -62.74
CA TYR B 577 56.48 3.97 -63.46
C TYR B 577 55.69 3.55 -64.69
N VAL B 578 54.41 3.90 -64.78
CA VAL B 578 53.55 3.46 -65.88
C VAL B 578 53.00 4.67 -66.60
N GLN B 579 53.18 4.71 -67.92
CA GLN B 579 52.66 5.75 -68.80
C GLN B 579 52.03 5.11 -70.03
N GLU B 580 51.17 4.13 -69.81
CA GLU B 580 50.70 3.22 -70.85
C GLU B 580 49.22 3.43 -71.20
N SER B 581 48.80 4.70 -71.30
CA SER B 581 47.50 5.06 -71.86
C SER B 581 46.34 4.45 -71.07
N ASP B 582 46.21 4.95 -69.83
CA ASP B 582 45.02 4.76 -68.98
C ASP B 582 44.95 3.38 -68.33
N LEU B 583 46.08 2.71 -68.15
CA LEU B 583 46.17 1.46 -67.39
C LEU B 583 45.27 0.36 -67.97
N SER B 584 45.09 0.36 -69.29
CA SER B 584 44.27 -0.64 -69.95
C SER B 584 45.12 -1.76 -70.55
N GLU B 585 46.08 -1.41 -71.41
CA GLU B 585 46.93 -2.42 -72.03
C GLU B 585 47.98 -2.96 -71.06
N VAL B 586 48.45 -2.14 -70.13
CA VAL B 586 49.48 -2.57 -69.18
C VAL B 586 48.85 -3.40 -68.07
N THR B 587 49.52 -4.49 -67.72
CA THR B 587 49.11 -5.35 -66.62
C THR B 587 49.90 -4.93 -65.38
N LEU B 588 49.21 -4.34 -64.41
CA LEU B 588 49.88 -3.85 -63.22
C LEU B 588 50.40 -5.01 -62.38
N PRO B 589 51.49 -4.79 -61.63
CA PRO B 589 52.00 -5.86 -60.78
C PRO B 589 50.97 -6.25 -59.74
N PRO B 590 50.97 -7.52 -59.32
CA PRO B 590 49.97 -7.97 -58.35
C PRO B 590 50.05 -7.24 -57.01
N GLU B 591 51.19 -6.63 -56.69
CA GLU B 591 51.28 -5.83 -55.48
C GLU B 591 50.34 -4.64 -55.54
N ILE B 592 50.24 -4.00 -56.69
CA ILE B 592 49.36 -2.85 -56.87
C ILE B 592 48.11 -3.18 -57.69
N GLN B 593 48.03 -4.38 -58.26
CA GLN B 593 46.82 -4.75 -59.00
C GLN B 593 45.62 -4.87 -58.08
N TYR B 594 45.85 -5.25 -56.82
CA TYR B 594 44.74 -5.38 -55.87
C TYR B 594 44.07 -4.04 -55.62
N PHE B 595 44.78 -2.93 -55.81
CA PHE B 595 44.21 -1.61 -55.56
C PHE B 595 43.43 -1.07 -56.75
N THR B 596 43.39 -1.78 -57.87
CA THR B 596 42.49 -1.44 -58.97
C THR B 596 41.18 -2.20 -58.90
N TYR B 597 40.97 -3.00 -57.87
CA TYR B 597 39.78 -3.83 -57.75
C TYR B 597 38.70 -3.11 -56.95
N ALA B 598 37.45 -3.42 -57.30
CA ALA B 598 36.30 -2.83 -56.61
C ALA B 598 36.08 -3.57 -55.29
N ARG B 599 34.98 -3.25 -54.62
CA ARG B 599 34.69 -3.87 -53.32
C ARG B 599 34.46 -5.37 -53.42
N ASP B 600 34.18 -5.88 -54.62
CA ASP B 600 33.97 -7.32 -54.79
C ASP B 600 35.23 -8.10 -54.46
N LYS B 601 36.38 -7.61 -54.90
CA LYS B 601 37.64 -8.34 -54.74
C LYS B 601 38.41 -7.94 -53.49
N TRP B 602 37.88 -7.06 -52.66
CA TRP B 602 38.59 -6.65 -51.46
C TRP B 602 38.77 -7.83 -50.50
N LEU B 603 39.95 -7.91 -49.90
CA LEU B 603 40.17 -8.92 -48.88
C LEU B 603 39.32 -8.61 -47.65
N PRO B 604 38.83 -9.63 -46.96
CA PRO B 604 37.96 -9.39 -45.80
C PRO B 604 38.65 -8.66 -44.66
N SER B 605 39.97 -8.61 -44.64
CA SER B 605 40.72 -8.00 -43.54
C SER B 605 41.55 -6.81 -43.99
N ASP B 606 41.21 -6.20 -45.11
CA ASP B 606 41.94 -5.02 -45.55
C ASP B 606 41.57 -3.83 -44.67
N PRO B 607 42.47 -2.84 -44.54
CA PRO B 607 42.24 -1.77 -43.56
C PRO B 607 40.98 -0.96 -43.78
N GLN B 608 40.52 -0.80 -45.03
CA GLN B 608 39.36 0.05 -45.27
C GLN B 608 38.07 -0.56 -44.72
N ILE B 609 37.91 -1.88 -44.88
CA ILE B 609 36.73 -2.55 -44.35
C ILE B 609 36.72 -2.49 -42.83
N ILE B 610 37.87 -2.73 -42.20
CA ILE B 610 37.98 -2.59 -40.74
C ILE B 610 37.64 -1.16 -40.33
N SER B 611 38.11 -0.19 -41.12
CA SER B 611 37.87 1.22 -40.80
C SER B 611 36.38 1.52 -40.80
N GLU B 612 35.67 1.12 -41.85
CA GLU B 612 34.24 1.44 -41.90
C GLU B 612 33.45 0.63 -40.88
N GLY B 613 33.86 -0.61 -40.61
CA GLY B 613 33.20 -1.38 -39.57
C GLY B 613 33.32 -0.75 -38.20
N LEU B 614 34.52 -0.27 -37.85
CA LEU B 614 34.69 0.43 -36.59
C LEU B 614 34.01 1.79 -36.58
N TYR B 615 33.98 2.46 -37.73
CA TYR B 615 33.32 3.76 -37.83
C TYR B 615 31.82 3.63 -37.60
N ALA B 616 31.21 2.54 -38.05
CA ALA B 616 29.79 2.33 -37.77
C ALA B 616 29.53 2.22 -36.28
N ILE B 617 30.36 1.45 -35.57
CA ILE B 617 30.22 1.33 -34.12
C ILE B 617 30.44 2.67 -33.45
N ALA B 618 31.43 3.43 -33.92
CA ALA B 618 31.69 4.74 -33.36
C ALA B 618 30.51 5.68 -33.56
N VAL B 619 29.88 5.62 -34.74
CA VAL B 619 28.70 6.45 -34.99
C VAL B 619 27.56 6.04 -34.08
N VAL B 620 27.35 4.73 -33.90
CA VAL B 620 26.28 4.28 -33.01
C VAL B 620 26.53 4.76 -31.58
N LEU B 621 27.79 4.68 -31.13
CA LEU B 621 28.14 5.12 -29.79
C LEU B 621 28.09 6.64 -29.64
N SER B 622 28.25 7.38 -30.73
CA SER B 622 28.25 8.84 -30.65
C SER B 622 26.92 9.35 -30.12
N PHE B 623 25.81 8.92 -30.72
CA PHE B 623 24.50 9.38 -30.30
C PHE B 623 24.13 8.92 -28.90
N SER B 624 24.88 7.97 -28.33
CA SER B 624 24.66 7.60 -26.94
C SER B 624 25.10 8.70 -25.98
N ARG B 625 25.84 9.69 -26.46
CA ARG B 625 26.20 10.83 -25.62
C ARG B 625 25.08 11.87 -25.55
N ILE B 626 24.00 11.69 -26.30
CA ILE B 626 22.81 12.52 -26.12
C ILE B 626 22.30 12.38 -24.69
N ALA B 627 22.32 11.16 -24.16
CA ALA B 627 21.87 10.92 -22.79
C ALA B 627 22.79 11.55 -21.76
N TYR B 628 23.96 12.04 -22.15
CA TYR B 628 24.80 12.79 -21.22
C TYR B 628 24.19 14.16 -20.91
N ILE B 629 23.68 14.84 -21.94
CA ILE B 629 23.04 16.14 -21.75
C ILE B 629 21.54 16.01 -21.51
N LEU B 630 20.97 14.83 -21.68
CA LEU B 630 19.56 14.64 -21.39
C LEU B 630 19.16 14.96 -19.95
N PRO B 631 19.92 14.58 -18.91
CA PRO B 631 19.43 14.82 -17.54
C PRO B 631 19.24 16.29 -17.20
N ALA B 632 19.87 17.20 -17.94
CA ALA B 632 19.67 18.62 -17.69
C ALA B 632 18.25 19.08 -17.99
N ASN B 633 17.45 18.27 -18.68
CA ASN B 633 16.08 18.62 -19.00
C ASN B 633 15.14 18.12 -17.91
N GLU B 634 14.10 18.91 -17.64
CA GLU B 634 13.16 18.56 -16.58
C GLU B 634 12.33 17.34 -16.95
N SER B 635 11.91 17.24 -18.21
CA SER B 635 10.95 16.19 -18.60
C SER B 635 11.63 14.87 -18.95
N PHE B 636 12.88 14.91 -19.42
CA PHE B 636 13.55 13.71 -19.89
C PHE B 636 14.65 13.20 -18.96
N GLY B 637 15.08 14.01 -17.99
CA GLY B 637 16.06 13.57 -17.02
C GLY B 637 15.61 12.40 -16.17
N PRO B 638 14.41 12.48 -15.58
CA PRO B 638 13.88 11.33 -14.84
C PRO B 638 13.76 10.08 -15.70
N LEU B 639 13.40 10.24 -16.97
CA LEU B 639 13.32 9.08 -17.85
C LEU B 639 14.68 8.43 -18.04
N GLN B 640 15.72 9.24 -18.23
CA GLN B 640 17.06 8.69 -18.39
C GLN B 640 17.53 8.00 -17.10
N ILE B 641 17.23 8.58 -15.94
CA ILE B 641 17.60 7.95 -14.68
C ILE B 641 16.88 6.63 -14.50
N SER B 642 15.57 6.60 -14.81
CA SER B 642 14.81 5.35 -14.70
C SER B 642 15.34 4.30 -15.67
N LEU B 643 15.73 4.71 -16.88
CA LEU B 643 16.30 3.77 -17.83
C LEU B 643 17.62 3.20 -17.31
N GLY B 644 18.45 4.06 -16.72
CA GLY B 644 19.70 3.57 -16.14
C GLY B 644 19.46 2.56 -15.03
N ARG B 645 18.51 2.85 -14.14
CA ARG B 645 18.18 1.91 -13.08
C ARG B 645 17.63 0.60 -13.65
N THR B 646 16.81 0.70 -14.70
CA THR B 646 16.28 -0.51 -15.34
C THR B 646 17.40 -1.36 -15.93
N VAL B 647 18.38 -0.73 -16.58
CA VAL B 647 19.50 -1.48 -17.13
C VAL B 647 20.29 -2.15 -16.01
N LYS B 648 20.54 -1.42 -14.92
CA LYS B 648 21.30 -1.99 -13.81
C LYS B 648 20.56 -3.17 -13.20
N ASP B 649 19.23 -3.08 -13.08
CA ASP B 649 18.45 -4.22 -12.60
C ASP B 649 18.49 -5.37 -13.60
N ILE B 650 18.43 -5.06 -14.89
CA ILE B 650 18.37 -6.09 -15.92
C ILE B 650 19.66 -6.90 -15.98
N PHE B 651 20.80 -6.27 -15.69
CA PHE B 651 22.09 -6.94 -15.87
C PHE B 651 22.19 -8.21 -15.02
N LYS B 652 21.76 -8.15 -13.75
CA LYS B 652 21.93 -9.29 -12.87
C LYS B 652 21.08 -10.47 -13.32
N PHE B 653 19.85 -10.22 -13.79
CA PHE B 653 19.05 -11.29 -14.38
C PHE B 653 19.67 -11.78 -15.69
N MET B 654 20.28 -10.88 -16.45
CA MET B 654 20.93 -11.26 -17.69
C MET B 654 22.08 -12.22 -17.45
N VAL B 655 22.72 -12.14 -16.29
CA VAL B 655 23.79 -13.09 -15.97
C VAL B 655 23.22 -14.52 -15.92
N LEU B 656 22.12 -14.70 -15.19
CA LEU B 656 21.50 -16.02 -15.11
C LEU B 656 20.99 -16.47 -16.48
N PHE B 657 20.39 -15.55 -17.23
CA PHE B 657 19.93 -15.91 -18.57
C PHE B 657 21.09 -16.29 -19.46
N ILE B 658 22.25 -15.67 -19.26
CA ILE B 658 23.44 -16.04 -20.03
C ILE B 658 23.88 -17.45 -19.67
N MET B 659 23.80 -17.81 -18.39
CA MET B 659 24.11 -19.18 -18.00
C MET B 659 23.20 -20.18 -18.71
N VAL B 660 21.88 -19.91 -18.68
CA VAL B 660 20.93 -20.80 -19.35
C VAL B 660 21.19 -20.84 -20.86
N PHE B 661 21.47 -19.67 -21.44
CA PHE B 661 21.72 -19.55 -22.87
C PHE B 661 22.93 -20.37 -23.27
N PHE B 662 24.02 -20.29 -22.50
CA PHE B 662 25.19 -21.09 -22.79
C PHE B 662 24.91 -22.57 -22.65
N ALA B 663 24.12 -22.95 -21.64
CA ALA B 663 23.71 -24.34 -21.49
C ALA B 663 23.07 -24.86 -22.77
N PHE B 664 22.05 -24.15 -23.25
CA PHE B 664 21.32 -24.63 -24.42
C PHE B 664 22.14 -24.49 -25.69
N MET B 665 23.00 -23.47 -25.78
CA MET B 665 23.88 -23.34 -26.93
C MET B 665 24.80 -24.54 -27.05
N ILE B 666 25.46 -24.92 -25.95
CA ILE B 666 26.37 -26.05 -25.99
C ILE B 666 25.60 -27.34 -26.27
N GLY B 667 24.44 -27.52 -25.64
CA GLY B 667 23.67 -28.73 -25.88
C GLY B 667 23.24 -28.88 -27.33
N MET B 668 22.67 -27.82 -27.90
CA MET B 668 22.20 -27.88 -29.28
C MET B 668 23.36 -28.02 -30.25
N PHE B 669 24.48 -27.34 -29.98
CA PHE B 669 25.65 -27.47 -30.84
C PHE B 669 26.17 -28.90 -30.84
N ILE B 670 26.26 -29.52 -29.65
CA ILE B 670 26.71 -30.90 -29.59
C ILE B 670 25.75 -31.81 -30.33
N LEU B 671 24.45 -31.54 -30.21
CA LEU B 671 23.45 -32.37 -30.88
C LEU B 671 23.57 -32.27 -32.39
N TYR B 672 23.75 -31.08 -32.93
CA TYR B 672 23.66 -30.83 -34.37
C TYR B 672 25.00 -30.59 -35.04
N SER B 673 26.12 -30.75 -34.33
CA SER B 673 27.41 -30.50 -34.96
C SER B 673 27.72 -31.51 -36.05
N TYR B 674 27.26 -32.75 -35.91
CA TYR B 674 27.54 -33.79 -36.88
C TYR B 674 26.69 -33.67 -38.14
N TYR B 675 25.61 -32.90 -38.10
CA TYR B 675 24.76 -32.65 -39.26
C TYR B 675 25.05 -31.26 -39.79
N LEU B 676 26.12 -31.14 -40.58
CA LEU B 676 26.48 -29.85 -41.16
C LEU B 676 25.75 -29.62 -42.47
N GLY B 677 25.95 -30.51 -43.43
CA GLY B 677 25.25 -30.43 -44.70
C GLY B 677 24.01 -31.30 -44.71
N ALA B 678 23.62 -31.80 -43.54
CA ALA B 678 22.44 -32.64 -43.41
C ALA B 678 21.25 -31.90 -42.84
N LYS B 679 21.34 -30.58 -42.71
CA LYS B 679 20.26 -29.76 -42.19
C LYS B 679 19.74 -28.83 -43.28
N VAL B 680 18.50 -28.38 -43.11
CA VAL B 680 17.92 -27.45 -44.07
C VAL B 680 18.66 -26.11 -44.04
N ASN B 681 19.24 -25.76 -42.90
CA ASN B 681 20.03 -24.55 -42.77
C ASN B 681 21.23 -24.84 -41.87
N ALA B 682 21.94 -23.78 -41.50
CA ALA B 682 23.15 -23.90 -40.67
C ALA B 682 22.88 -23.48 -39.23
N ALA B 683 21.73 -23.86 -38.67
CA ALA B 683 21.29 -23.30 -37.40
C ALA B 683 22.27 -23.61 -36.27
N PHE B 684 22.41 -24.89 -35.91
CA PHE B 684 23.22 -25.27 -34.76
C PHE B 684 24.47 -26.04 -35.14
N THR B 685 24.94 -25.87 -36.38
CA THR B 685 26.06 -26.69 -36.84
C THR B 685 27.38 -26.30 -36.17
N THR B 686 27.55 -25.02 -35.86
CA THR B 686 28.75 -24.53 -35.20
C THR B 686 28.38 -23.78 -33.93
N VAL B 687 29.40 -23.44 -33.14
CA VAL B 687 29.15 -22.71 -31.90
C VAL B 687 28.63 -21.31 -32.20
N GLU B 688 29.27 -20.63 -33.17
CA GLU B 688 28.81 -19.28 -33.57
C GLU B 688 27.37 -19.38 -34.07
N GLU B 689 27.11 -20.34 -34.96
CA GLU B 689 25.78 -20.50 -35.51
C GLU B 689 24.76 -20.83 -34.44
N SER B 690 25.12 -21.69 -33.49
CA SER B 690 24.20 -22.01 -32.39
C SER B 690 23.90 -20.77 -31.56
N PHE B 691 24.93 -19.96 -31.28
CA PHE B 691 24.72 -18.72 -30.55
C PHE B 691 23.80 -17.79 -31.31
N LYS B 692 24.02 -17.62 -32.61
CA LYS B 692 23.13 -16.75 -33.41
C LYS B 692 21.70 -17.27 -33.33
N THR B 693 21.51 -18.57 -33.59
CA THR B 693 20.16 -19.12 -33.65
C THR B 693 19.44 -18.97 -32.31
N LEU B 694 20.14 -19.21 -31.20
CA LEU B 694 19.49 -19.09 -29.90
C LEU B 694 19.27 -17.65 -29.50
N PHE B 695 20.17 -16.73 -29.89
CA PHE B 695 19.99 -15.34 -29.52
C PHE B 695 18.85 -14.71 -30.31
N TRP B 696 18.81 -14.95 -31.62
CA TRP B 696 17.73 -14.41 -32.41
C TRP B 696 16.40 -15.10 -32.13
N SER B 697 16.43 -16.26 -31.46
CA SER B 697 15.21 -16.91 -31.05
C SER B 697 14.52 -16.19 -29.90
N ILE B 698 15.24 -15.31 -29.21
CA ILE B 698 14.65 -14.53 -28.12
C ILE B 698 13.56 -13.62 -28.68
N PHE B 699 13.79 -13.04 -29.85
CA PHE B 699 12.87 -12.10 -30.47
C PHE B 699 11.95 -12.78 -31.46
N GLY B 700 11.96 -14.11 -31.53
CA GLY B 700 11.12 -14.80 -32.48
C GLY B 700 11.58 -14.68 -33.91
N LEU B 701 12.84 -14.30 -34.14
CA LEU B 701 13.37 -14.11 -35.48
C LEU B 701 14.08 -15.35 -36.01
N SER B 702 14.02 -16.47 -35.30
CA SER B 702 14.63 -17.71 -35.73
C SER B 702 13.52 -18.70 -36.08
N GLU B 703 13.57 -19.23 -37.30
CA GLU B 703 12.52 -20.12 -37.77
C GLU B 703 12.58 -21.46 -37.05
N VAL B 704 11.43 -22.12 -36.96
CA VAL B 704 11.34 -23.43 -36.32
C VAL B 704 12.14 -24.47 -37.09
N THR B 705 12.24 -24.31 -38.41
CA THR B 705 12.95 -25.26 -39.25
C THR B 705 14.45 -25.29 -38.95
N SER B 706 14.88 -24.48 -37.98
CA SER B 706 16.26 -24.55 -37.50
C SER B 706 16.58 -25.91 -36.90
N VAL B 707 15.57 -26.69 -36.54
CA VAL B 707 15.73 -27.92 -35.78
C VAL B 707 15.69 -29.14 -36.71
N VAL B 708 14.89 -29.06 -37.77
CA VAL B 708 14.63 -30.23 -38.61
C VAL B 708 15.91 -30.68 -39.31
N LEU B 709 15.91 -31.94 -39.74
CA LEU B 709 17.04 -32.55 -40.42
C LEU B 709 16.60 -33.07 -41.78
N LYS B 710 17.53 -33.16 -42.71
CA LYS B 710 17.25 -33.77 -44.00
C LYS B 710 17.24 -35.29 -43.92
N TYR B 711 17.88 -35.86 -42.91
CA TYR B 711 17.96 -37.30 -42.75
C TYR B 711 16.71 -37.84 -42.06
N ASP B 712 16.62 -39.17 -41.97
CA ASP B 712 15.51 -39.83 -41.32
C ASP B 712 15.77 -40.06 -39.83
N HIS B 713 16.82 -39.46 -39.29
CA HIS B 713 17.14 -39.61 -37.87
C HIS B 713 16.16 -38.80 -37.03
N LYS B 714 14.92 -39.27 -36.92
CA LYS B 714 13.90 -38.51 -36.23
C LYS B 714 14.12 -38.45 -34.73
N PHE B 715 14.94 -39.34 -34.17
CA PHE B 715 15.25 -39.24 -32.75
C PHE B 715 15.98 -37.94 -32.44
N ILE B 716 17.02 -37.64 -33.20
CA ILE B 716 17.78 -36.42 -32.97
C ILE B 716 16.94 -35.20 -33.30
N GLU B 717 16.14 -35.27 -34.36
CA GLU B 717 15.27 -34.15 -34.71
C GLU B 717 14.26 -33.86 -33.60
N ASN B 718 13.69 -34.91 -33.03
CA ASN B 718 12.66 -34.72 -31.97
C ASN B 718 13.37 -34.23 -30.69
N ILE B 719 14.58 -34.71 -30.40
CA ILE B 719 15.32 -34.20 -29.25
C ILE B 719 15.63 -32.73 -29.42
N GLY B 720 16.03 -32.33 -30.62
CA GLY B 720 16.28 -30.92 -30.89
C GLY B 720 15.02 -30.08 -30.78
N TYR B 721 13.89 -30.62 -31.25
CA TYR B 721 12.62 -29.93 -31.13
C TYR B 721 12.27 -29.71 -29.66
N VAL B 722 12.42 -30.75 -28.84
CA VAL B 722 12.11 -30.64 -27.42
C VAL B 722 13.04 -29.65 -26.74
N LEU B 723 14.34 -29.71 -27.06
CA LEU B 723 15.29 -28.80 -26.44
C LEU B 723 15.03 -27.35 -26.86
N TYR B 724 14.67 -27.12 -28.12
CA TYR B 724 14.36 -25.78 -28.56
C TYR B 724 13.08 -25.24 -27.91
N GLY B 725 12.06 -26.09 -27.79
CA GLY B 725 10.87 -25.68 -27.09
C GLY B 725 11.12 -25.39 -25.63
N ILE B 726 11.95 -26.21 -24.98
CA ILE B 726 12.30 -25.98 -23.58
C ILE B 726 13.12 -24.70 -23.44
N TYR B 727 13.99 -24.42 -24.40
CA TYR B 727 14.74 -23.17 -24.38
C TYR B 727 13.81 -21.96 -24.49
N ASN B 728 12.83 -22.03 -25.40
CA ASN B 728 11.89 -20.92 -25.54
C ASN B 728 11.06 -20.75 -24.28
N VAL B 729 10.58 -21.85 -23.71
CA VAL B 729 9.79 -21.76 -22.48
C VAL B 729 10.65 -21.21 -21.34
N THR B 730 11.90 -21.65 -21.25
CA THR B 730 12.80 -21.18 -20.19
C THR B 730 13.10 -19.69 -20.35
N MET B 731 13.34 -19.22 -21.57
CA MET B 731 13.60 -17.80 -21.75
C MET B 731 12.36 -16.97 -21.47
N VAL B 732 11.17 -17.49 -21.80
CA VAL B 732 9.94 -16.80 -21.44
C VAL B 732 9.81 -16.71 -19.93
N VAL B 733 10.10 -17.81 -19.23
CA VAL B 733 10.03 -17.81 -17.77
C VAL B 733 11.02 -16.81 -17.18
N VAL B 734 12.24 -16.78 -17.71
CA VAL B 734 13.27 -15.88 -17.19
C VAL B 734 12.87 -14.43 -17.43
N LEU B 735 12.38 -14.11 -18.64
CA LEU B 735 11.96 -12.75 -18.93
C LEU B 735 10.78 -12.33 -18.06
N LEU B 736 9.81 -13.24 -17.87
CA LEU B 736 8.66 -12.93 -17.03
C LEU B 736 9.07 -12.72 -15.58
N ASN B 737 9.99 -13.56 -15.07
CA ASN B 737 10.50 -13.38 -13.71
C ASN B 737 11.23 -12.05 -13.57
N MET B 738 12.04 -11.69 -14.57
CA MET B 738 12.73 -10.40 -14.53
C MET B 738 11.73 -9.25 -14.50
N LEU B 739 10.70 -9.34 -15.34
CA LEU B 739 9.68 -8.29 -15.39
C LEU B 739 8.98 -8.15 -14.05
N ILE B 740 8.57 -9.27 -13.46
CA ILE B 740 7.85 -9.23 -12.19
C ILE B 740 8.75 -8.69 -11.08
N ALA B 741 9.99 -9.16 -11.02
CA ALA B 741 10.91 -8.71 -9.98
C ALA B 741 11.18 -7.21 -10.10
N MET B 742 11.39 -6.72 -11.31
CA MET B 742 11.64 -5.29 -11.48
C MET B 742 10.38 -4.47 -11.19
N ILE B 743 9.20 -4.99 -11.51
CA ILE B 743 7.96 -4.28 -11.18
C ILE B 743 7.82 -4.16 -9.67
N ASN B 744 8.08 -5.24 -8.94
CA ASN B 744 8.02 -5.18 -7.48
C ASN B 744 9.07 -4.22 -6.92
N SER B 745 10.29 -4.27 -7.47
CA SER B 745 11.35 -3.38 -6.99
C SER B 745 10.97 -1.92 -7.19
N SER B 746 10.39 -1.59 -8.35
CA SER B 746 9.96 -0.22 -8.59
C SER B 746 8.78 0.17 -7.70
N TYR B 747 7.88 -0.77 -7.44
CA TYR B 747 6.77 -0.49 -6.52
C TYR B 747 7.28 -0.24 -5.11
N GLN B 748 8.40 -0.84 -4.73
CA GLN B 748 9.05 -0.56 -3.46
C GLN B 748 10.01 0.63 -3.53
N ASP B 752 7.83 9.64 -4.82
CA ASP B 752 8.79 10.69 -5.15
C ASP B 752 10.23 10.27 -4.83
N ASP B 753 10.61 9.11 -5.35
CA ASP B 753 11.96 8.60 -5.21
C ASP B 753 12.84 8.91 -6.42
N SER B 754 12.29 8.82 -7.62
CA SER B 754 13.08 9.10 -8.82
C SER B 754 13.35 10.59 -8.99
N ASP B 755 12.52 11.44 -8.39
CA ASP B 755 12.74 12.88 -8.49
C ASP B 755 14.06 13.29 -7.82
N VAL B 756 14.33 12.73 -6.63
CA VAL B 756 15.57 13.05 -5.94
C VAL B 756 16.77 12.54 -6.72
N GLU B 757 16.65 11.34 -7.29
CA GLU B 757 17.74 10.79 -8.09
C GLU B 757 18.02 11.67 -9.31
N TRP B 758 16.96 12.10 -10.00
CA TRP B 758 17.12 12.93 -11.18
C TRP B 758 17.74 14.27 -10.81
N LYS B 759 17.28 14.89 -9.73
CA LYS B 759 17.83 16.18 -9.34
C LYS B 759 19.27 16.06 -8.88
N PHE B 760 19.63 14.96 -8.22
CA PHE B 760 21.02 14.73 -7.85
C PHE B 760 21.89 14.58 -9.09
N ALA B 761 21.42 13.83 -10.09
CA ALA B 761 22.18 13.68 -11.32
C ALA B 761 22.32 15.01 -12.05
N ARG B 762 21.24 15.79 -12.10
CA ARG B 762 21.29 17.10 -12.74
C ARG B 762 22.23 18.04 -12.01
N SER B 763 22.26 17.96 -10.68
CA SER B 763 23.17 18.81 -9.91
C SER B 763 24.62 18.39 -10.13
N LYS B 764 24.88 17.10 -10.27
CA LYS B 764 26.22 16.65 -10.64
C LYS B 764 26.61 17.19 -12.00
N LEU B 765 25.68 17.15 -12.96
CA LEU B 765 25.94 17.71 -14.28
C LEU B 765 26.24 19.20 -14.20
N TRP B 766 25.49 19.92 -13.36
CA TRP B 766 25.74 21.35 -13.18
C TRP B 766 27.13 21.59 -12.60
N LEU B 767 27.45 20.91 -11.50
CA LEU B 767 28.74 21.11 -10.86
C LEU B 767 29.90 20.72 -11.76
N SER B 768 29.66 19.85 -12.75
CA SER B 768 30.70 19.56 -13.72
C SER B 768 31.06 20.77 -14.57
N TYR B 769 30.21 21.79 -14.62
CA TYR B 769 30.44 22.97 -15.45
C TYR B 769 30.78 24.22 -14.66
N PHE B 770 30.74 24.18 -13.33
CA PHE B 770 31.02 25.38 -12.55
C PHE B 770 32.49 25.76 -12.57
N ASP B 771 33.38 24.81 -12.84
CA ASP B 771 34.81 25.11 -12.92
C ASP B 771 35.10 25.99 -14.13
N ASP B 772 36.01 26.95 -13.96
CA ASP B 772 36.32 27.90 -15.01
C ASP B 772 37.12 27.29 -16.15
N GLY B 773 37.66 26.08 -15.97
CA GLY B 773 38.53 25.52 -16.99
C GLY B 773 37.80 25.17 -18.28
N LYS B 774 36.59 24.63 -18.17
CA LYS B 774 35.85 24.12 -19.33
C LYS B 774 35.08 25.24 -20.03
N THR B 775 35.81 26.30 -20.36
CA THR B 775 35.17 27.49 -20.92
C THR B 775 34.77 27.31 -22.38
N LEU B 776 35.44 26.44 -23.11
CA LEU B 776 35.21 26.26 -24.54
C LEU B 776 34.91 24.80 -24.85
N PRO B 777 34.20 24.54 -25.95
CA PRO B 777 33.90 23.16 -26.33
C PRO B 777 35.18 22.41 -26.69
N PRO B 778 35.13 21.08 -26.68
CA PRO B 778 36.35 20.28 -26.96
C PRO B 778 37.00 20.63 -28.28
N PRO B 779 36.27 20.68 -29.40
CA PRO B 779 36.95 20.91 -30.70
C PRO B 779 37.67 22.24 -30.77
N PHE B 780 37.16 23.28 -30.11
CA PHE B 780 37.78 24.59 -30.11
C PHE B 780 38.72 24.80 -28.92
N SER B 781 38.82 23.84 -28.02
CA SER B 781 39.74 23.95 -26.89
C SER B 781 41.18 23.60 -27.25
N LEU B 782 41.43 23.14 -28.48
CA LEU B 782 42.78 22.82 -28.89
C LEU B 782 43.66 24.07 -28.91
N VAL B 783 43.13 25.18 -29.42
CA VAL B 783 43.90 26.42 -29.48
C VAL B 783 44.05 27.00 -28.08
N PRO B 784 45.28 27.32 -27.63
CA PRO B 784 45.50 27.90 -26.31
C PRO B 784 45.46 29.43 -26.32
N GLN B 844 32.23 37.69 20.33
CA GLN B 844 33.26 36.67 20.20
C GLN B 844 32.97 35.62 19.12
N PRO B 845 31.80 34.98 19.13
CA PRO B 845 31.52 33.95 18.11
C PRO B 845 31.44 34.55 16.72
N THR B 846 31.83 33.74 15.73
CA THR B 846 31.77 34.16 14.35
C THR B 846 30.31 34.16 13.87
N ARG B 847 30.10 34.75 12.69
CA ARG B 847 28.76 34.77 12.12
C ARG B 847 28.26 33.36 11.78
N TYR B 848 29.16 32.52 11.26
CA TYR B 848 28.76 31.16 10.92
C TYR B 848 28.37 30.38 12.17
N GLN B 849 29.09 30.59 13.27
CA GLN B 849 28.72 29.91 14.52
C GLN B 849 27.35 30.35 15.00
N GLN B 850 27.04 31.65 14.88
CA GLN B 850 25.73 32.14 15.28
C GLN B 850 24.63 31.56 14.40
N ILE B 851 24.87 31.49 13.09
CA ILE B 851 23.88 30.92 12.18
C ILE B 851 23.66 29.44 12.49
N MET B 852 24.74 28.71 12.75
CA MET B 852 24.60 27.30 13.08
C MET B 852 23.86 27.11 14.40
N LYS B 853 24.11 27.97 15.38
CA LYS B 853 23.39 27.89 16.64
C LYS B 853 21.90 28.14 16.43
N ARG B 854 21.56 29.15 15.63
CA ARG B 854 20.15 29.41 15.33
C ARG B 854 19.51 28.21 14.65
N LEU B 855 20.18 27.66 13.63
CA LEU B 855 19.60 26.56 12.87
C LEU B 855 19.48 25.30 13.73
N ILE B 856 20.43 25.07 14.63
CA ILE B 856 20.37 23.87 15.47
C ILE B 856 19.28 24.01 16.53
N LYS B 857 19.14 25.19 17.12
CA LYS B 857 18.01 25.39 18.04
C LYS B 857 16.69 25.20 17.32
N ARG B 858 16.60 25.72 16.09
CA ARG B 858 15.40 25.55 15.30
C ARG B 858 15.14 24.08 15.01
N TYR B 859 16.20 23.31 14.70
CA TYR B 859 16.04 21.89 14.44
C TYR B 859 15.59 21.14 15.68
N VAL B 860 16.15 21.49 16.84
CA VAL B 860 15.74 20.83 18.08
C VAL B 860 14.27 21.09 18.37
N LEU B 861 13.83 22.35 18.21
CA LEU B 861 12.43 22.66 18.45
C LEU B 861 11.52 21.96 17.45
N LYS B 862 11.92 21.93 16.17
CA LYS B 862 11.13 21.25 15.16
C LYS B 862 11.04 19.76 15.43
N ALA B 863 12.15 19.15 15.87
CA ALA B 863 12.14 17.73 16.19
C ALA B 863 11.25 17.43 17.39
N GLN B 864 11.30 18.29 18.42
CA GLN B 864 10.40 18.11 19.56
C GLN B 864 8.94 18.24 19.13
N VAL B 865 8.64 19.19 18.26
CA VAL B 865 7.27 19.35 17.76
C VAL B 865 6.84 18.11 16.99
N ASP B 866 7.73 17.58 16.14
CA ASP B 866 7.40 16.37 15.37
C ASP B 866 7.20 15.18 16.29
N LYS B 867 7.99 15.07 17.36
CA LYS B 867 7.75 14.03 18.35
C LYS B 867 6.39 14.20 19.02
N GLU B 868 6.02 15.45 19.33
CA GLU B 868 4.71 15.72 19.91
C GLU B 868 3.58 15.43 18.94
N ASN B 869 3.86 15.37 17.64
CA ASN B 869 2.86 15.02 16.65
C ASN B 869 2.82 13.52 16.35
N ASP B 870 3.70 12.74 16.98
CA ASP B 870 3.70 11.30 16.79
C ASP B 870 2.51 10.68 17.51
N GLU B 871 2.10 9.51 17.03
CA GLU B 871 0.96 8.83 17.62
C GLU B 871 1.24 8.46 19.08
N VAL B 872 0.22 8.59 19.90
CA VAL B 872 0.35 8.33 21.33
C VAL B 872 0.33 6.82 21.57
N ASN B 873 1.35 6.33 22.27
CA ASN B 873 1.44 4.91 22.59
C ASN B 873 0.57 4.59 23.81
N GLU B 874 0.51 3.31 24.15
CA GLU B 874 -0.19 2.87 25.35
C GLU B 874 0.59 3.18 26.62
N GLY B 875 1.92 3.28 26.52
CA GLY B 875 2.72 3.59 27.70
C GLY B 875 2.46 4.99 28.24
N GLU B 876 2.27 5.96 27.35
CA GLU B 876 1.97 7.31 27.78
C GLU B 876 0.60 7.37 28.47
N LEU B 877 -0.37 6.64 27.94
CA LEU B 877 -1.68 6.59 28.59
C LEU B 877 -1.58 5.91 29.95
N LYS B 878 -0.73 4.87 30.07
CA LYS B 878 -0.52 4.27 31.37
C LYS B 878 0.15 5.24 32.33
N GLU B 879 1.05 6.09 31.82
CA GLU B 879 1.65 7.12 32.66
C GLU B 879 0.60 8.09 33.18
N ILE B 880 -0.34 8.49 32.33
CA ILE B 880 -1.40 9.40 32.76
C ILE B 880 -2.32 8.70 33.77
N LYS B 881 -2.62 7.42 33.54
CA LYS B 881 -3.43 6.67 34.49
C LYS B 881 -2.75 6.58 35.84
N GLN B 882 -1.42 6.39 35.85
CA GLN B 882 -0.68 6.36 37.10
C GLN B 882 -0.65 7.74 37.76
N ASP B 883 -0.60 8.80 36.96
CA ASP B 883 -0.71 10.15 37.54
C ASP B 883 -2.04 10.33 38.25
N ILE B 884 -3.13 9.88 37.62
CA ILE B 884 -4.45 9.94 38.25
C ILE B 884 -4.47 9.10 39.52
N SER B 885 -3.85 7.91 39.46
CA SER B 885 -3.83 7.03 40.63
C SER B 885 -3.06 7.66 41.79
N SER B 886 -1.90 8.21 41.50
CA SER B 886 -1.08 8.85 42.56
C SER B 886 -1.88 10.00 43.18
N LEU B 887 -2.53 10.80 42.33
CA LEU B 887 -3.29 11.98 42.82
C LEU B 887 -4.37 11.48 43.79
N ARG B 888 -5.00 10.36 43.50
CA ARG B 888 -6.09 9.87 44.36
C ARG B 888 -5.52 9.69 45.76
N TYR B 889 -4.43 8.92 45.89
CA TYR B 889 -3.82 8.64 47.20
C TYR B 889 -3.33 9.93 47.87
N GLU B 890 -2.80 10.87 47.09
CA GLU B 890 -2.29 12.15 47.64
C GLU B 890 -3.42 12.98 48.23
N LEU B 891 -4.58 13.00 47.57
CA LEU B 891 -5.72 13.86 48.01
C LEU B 891 -6.50 13.16 49.11
N LEU B 892 -6.86 11.91 48.88
CA LEU B 892 -7.66 11.12 49.85
C LEU B 892 -6.74 10.64 50.98
N GLU B 893 -5.74 11.44 51.34
CA GLU B 893 -4.87 11.07 52.49
C GLU B 893 -5.61 11.47 53.76
N ASP B 894 -5.38 10.75 54.86
CA ASP B 894 -6.11 11.04 56.13
C ASP B 894 -5.49 12.25 56.82
N LYS B 895 -6.25 13.34 56.97
CA LYS B 895 -5.73 14.49 57.74
C LYS B 895 -6.83 14.90 58.71
N SER B 896 -7.64 13.94 59.15
CA SER B 896 -8.83 14.26 59.99
C SER B 896 -8.47 14.49 61.46
N GLN B 897 -7.22 14.30 61.84
CA GLN B 897 -6.82 14.64 63.24
C GLN B 897 -7.04 16.14 63.41
N ALA B 898 -6.71 16.93 62.39
CA ALA B 898 -6.87 18.40 62.45
C ALA B 898 -8.35 18.76 62.61
N THR B 899 -9.25 17.79 62.66
CA THR B 899 -10.68 18.02 62.96
C THR B 899 -11.05 17.35 64.29
N GLU B 900 -10.55 16.13 64.55
CA GLU B 900 -11.00 15.47 65.78
C GLU B 900 -10.31 16.03 67.01
N GLU B 901 -9.13 16.61 66.80
CA GLU B 901 -8.45 17.28 67.94
C GLU B 901 -9.32 18.46 68.36
N LEU B 902 -9.80 19.24 67.39
CA LEU B 902 -10.62 20.44 67.70
C LEU B 902 -11.90 20.01 68.41
N ALA B 903 -12.58 18.98 67.90
CA ALA B 903 -13.85 18.54 68.51
C ALA B 903 -13.59 18.19 69.97
N ILE B 904 -12.46 17.53 70.25
CA ILE B 904 -12.09 17.19 71.65
C ILE B 904 -11.93 18.49 72.42
N LEU B 905 -11.24 19.47 71.83
CA LEU B 905 -11.00 20.78 72.50
C LEU B 905 -12.32 21.51 72.69
N ILE B 906 -13.17 21.51 71.67
CA ILE B 906 -14.51 22.16 71.79
C ILE B 906 -15.17 21.57 73.04
N HIS B 907 -15.25 20.25 73.11
CA HIS B 907 -15.91 19.58 74.26
C HIS B 907 -15.20 20.02 75.55
N LYS B 908 -13.87 19.93 75.58
CA LYS B 908 -13.12 20.26 76.82
C LYS B 908 -13.54 21.64 77.30
N LEU B 909 -13.61 22.62 76.39
CA LEU B 909 -13.94 24.01 76.79
C LEU B 909 -15.45 24.15 76.94
N SER B 910 -16.22 23.40 76.17
CA SER B 910 -17.70 23.44 76.33
C SER B 910 -18.04 23.01 77.77
N GLU B 911 -17.29 22.04 78.30
CA GLU B 911 -17.51 21.61 79.71
C GLU B 911 -17.27 22.80 80.63
N LYS B 912 -16.24 23.59 80.35
CA LYS B 912 -15.95 24.80 81.15
C LYS B 912 -17.11 25.79 81.02
N LEU B 913 -17.59 26.03 79.79
CA LEU B 913 -18.66 27.04 79.58
C LEU B 913 -19.97 26.56 80.20
N GLY C 97 29.90 21.70 28.50
CA GLY C 97 29.57 20.39 27.95
C GLY C 97 29.12 20.45 26.51
N PRO C 98 27.85 20.75 26.29
CA PRO C 98 27.34 20.85 24.92
C PRO C 98 28.03 21.98 24.16
N ALA C 99 28.16 21.78 22.85
CA ALA C 99 28.79 22.79 22.01
C ALA C 99 27.93 24.03 21.83
N PHE C 100 26.65 23.96 22.19
CA PHE C 100 25.71 25.07 22.02
C PHE C 100 25.06 25.39 23.37
N MET C 101 25.17 26.65 23.79
CA MET C 101 24.50 27.14 24.99
C MET C 101 23.26 27.91 24.54
N PHE C 102 22.13 27.21 24.42
CA PHE C 102 20.91 27.83 23.91
C PHE C 102 20.33 28.86 24.86
N ASN C 103 20.71 28.83 26.13
CA ASN C 103 20.21 29.81 27.10
C ASN C 103 21.08 31.07 27.10
N THR C 107 25.00 33.83 34.93
CA THR C 107 23.96 32.91 34.47
C THR C 107 23.77 31.77 35.47
N SER C 108 23.95 30.55 34.98
CA SER C 108 23.89 29.32 35.78
C SER C 108 22.49 29.02 36.29
N LEU C 109 21.53 29.90 36.02
CA LEU C 109 20.13 29.69 36.34
C LEU C 109 19.94 29.39 37.83
N THR C 110 20.17 30.43 38.63
CA THR C 110 20.11 30.34 40.09
C THR C 110 18.86 29.63 40.60
N ALA C 111 18.95 29.06 41.81
CA ALA C 111 17.91 28.16 42.31
C ALA C 111 16.54 28.81 42.32
N GLU C 112 16.47 30.11 42.57
CA GLU C 112 15.17 30.79 42.56
C GLU C 112 14.57 30.77 41.15
N GLU C 113 15.36 31.16 40.15
CA GLU C 113 14.86 31.17 38.78
C GLU C 113 14.56 29.76 38.29
N GLU C 114 15.41 28.79 38.66
CA GLU C 114 15.17 27.41 38.26
C GLU C 114 13.88 26.87 38.87
N ARG C 115 13.63 27.19 40.15
CA ARG C 115 12.38 26.79 40.77
C ARG C 115 11.18 27.47 40.12
N PHE C 116 11.33 28.75 39.76
CA PHE C 116 10.25 29.45 39.09
C PHE C 116 9.93 28.83 37.74
N LEU C 117 10.96 28.49 36.97
CA LEU C 117 10.74 27.83 35.69
C LEU C 117 10.12 26.45 35.86
N ASP C 118 10.57 25.71 36.88
CA ASP C 118 9.99 24.39 37.15
C ASP C 118 8.52 24.50 37.51
N ALA C 119 8.17 25.51 38.30
CA ALA C 119 6.78 25.70 38.70
C ALA C 119 5.92 26.13 37.52
N ALA C 120 6.42 27.07 36.70
CA ALA C 120 5.65 27.54 35.57
C ALA C 120 5.45 26.47 34.51
N GLU C 121 6.49 25.66 34.26
CA GLU C 121 6.40 24.65 33.20
C GLU C 121 5.38 23.58 33.55
N TYR C 122 5.34 23.15 34.81
CA TYR C 122 4.48 22.06 35.23
C TYR C 122 3.24 22.55 35.97
N GLY C 123 2.87 23.81 35.78
CA GLY C 123 1.60 24.32 36.27
C GLY C 123 1.46 24.40 37.78
N ASN C 124 2.51 24.80 38.48
CA ASN C 124 2.42 25.04 39.93
C ASN C 124 1.91 26.46 40.13
N ILE C 125 0.60 26.63 39.95
CA ILE C 125 0.00 27.96 39.98
C ILE C 125 0.24 28.67 41.32
N PRO C 126 0.01 28.04 42.48
CA PRO C 126 0.27 28.77 43.73
C PRO C 126 1.71 29.22 43.88
N VAL C 127 2.66 28.39 43.47
CA VAL C 127 4.07 28.74 43.63
C VAL C 127 4.46 29.88 42.69
N VAL C 128 3.99 29.84 41.44
CA VAL C 128 4.34 30.93 40.53
C VAL C 128 3.69 32.22 40.99
N ARG C 129 2.47 32.16 41.53
CA ARG C 129 1.86 33.37 42.06
C ARG C 129 2.64 33.90 43.26
N LYS C 130 3.05 33.02 44.16
CA LYS C 130 3.81 33.44 45.33
C LYS C 130 5.14 34.07 44.93
N MET C 131 5.81 33.49 43.94
CA MET C 131 7.09 34.03 43.49
C MET C 131 6.93 35.34 42.72
N LEU C 132 5.83 35.50 41.99
CA LEU C 132 5.60 36.77 41.30
C LEU C 132 5.25 37.87 42.29
N GLU C 133 4.53 37.55 43.37
CA GLU C 133 4.15 38.58 44.31
C GLU C 133 5.26 38.89 45.31
N GLU C 134 5.68 37.89 46.09
CA GLU C 134 6.56 38.16 47.22
C GLU C 134 8.00 38.42 46.77
N SER C 135 8.51 37.64 45.83
CA SER C 135 9.93 37.69 45.50
C SER C 135 10.28 39.01 44.84
N LYS C 136 11.47 39.54 45.19
CA LYS C 136 11.96 40.79 44.64
C LYS C 136 13.22 40.64 43.78
N THR C 137 13.96 39.56 43.96
CA THR C 137 15.20 39.32 43.23
C THR C 137 15.00 38.39 42.03
N LEU C 138 13.75 38.10 41.68
CA LEU C 138 13.43 37.21 40.57
C LEU C 138 13.06 38.04 39.35
N ASN C 139 13.65 37.69 38.21
CA ASN C 139 13.27 38.27 36.92
C ASN C 139 12.40 37.27 36.18
N VAL C 140 11.23 37.73 35.74
CA VAL C 140 10.27 36.84 35.08
C VAL C 140 10.73 36.40 33.70
N ASN C 141 11.86 36.91 33.21
CA ASN C 141 12.35 36.62 31.88
C ASN C 141 13.46 35.58 31.87
N CYS C 142 13.71 34.92 33.00
CA CYS C 142 14.71 33.87 33.04
C CYS C 142 14.32 32.73 32.12
N VAL C 143 15.31 32.13 31.46
CA VAL C 143 15.08 31.13 30.43
C VAL C 143 15.72 29.81 30.85
N ASP C 144 15.15 28.72 30.37
CA ASP C 144 15.66 27.38 30.66
C ASP C 144 16.77 27.04 29.67
N TYR C 145 17.15 25.76 29.62
CA TYR C 145 18.26 25.33 28.77
C TYR C 145 18.01 25.60 27.30
N MET C 146 16.76 25.65 26.87
CA MET C 146 16.40 25.90 25.48
C MET C 146 16.06 27.36 25.22
N GLY C 147 16.24 28.22 26.21
CA GLY C 147 15.94 29.63 26.03
C GLY C 147 14.48 29.98 26.17
N GLN C 148 13.65 29.06 26.62
CA GLN C 148 12.22 29.29 26.82
C GLN C 148 12.01 29.87 28.21
N ASN C 149 11.47 31.08 28.28
CA ASN C 149 11.20 31.69 29.57
C ASN C 149 9.90 31.12 30.15
N ALA C 150 9.47 31.68 31.29
CA ALA C 150 8.32 31.13 32.00
C ALA C 150 7.05 31.22 31.15
N LEU C 151 6.86 32.33 30.44
CA LEU C 151 5.65 32.49 29.64
C LEU C 151 5.58 31.45 28.53
N GLN C 152 6.69 31.22 27.84
CA GLN C 152 6.70 30.24 26.76
C GLN C 152 6.52 28.84 27.29
N LEU C 153 7.11 28.53 28.44
CA LEU C 153 6.92 27.21 29.05
C LEU C 153 5.46 26.99 29.44
N ALA C 154 4.84 28.02 30.04
CA ALA C 154 3.44 27.89 30.45
C ALA C 154 2.52 27.76 29.24
N VAL C 155 2.78 28.53 28.19
CA VAL C 155 1.94 28.48 27.00
C VAL C 155 2.11 27.14 26.28
N GLY C 156 3.34 26.63 26.22
CA GLY C 156 3.59 25.38 25.52
C GLY C 156 2.87 24.19 26.13
N ASN C 157 2.73 24.19 27.46
CA ASN C 157 2.08 23.10 28.17
C ASN C 157 0.61 23.35 28.44
N GLU C 158 0.05 24.43 27.90
CA GLU C 158 -1.36 24.80 28.11
C GLU C 158 -1.65 24.99 29.59
N HIS C 159 -0.97 25.97 30.18
CA HIS C 159 -1.19 26.36 31.56
C HIS C 159 -1.83 27.75 31.52
N LEU C 160 -3.16 27.76 31.42
CA LEU C 160 -3.88 29.02 31.27
C LEU C 160 -3.77 29.87 32.53
N GLU C 161 -3.81 29.25 33.70
CA GLU C 161 -3.73 30.01 34.94
C GLU C 161 -2.36 30.64 35.12
N VAL C 162 -1.29 29.86 34.85
CA VAL C 162 0.05 30.41 34.92
C VAL C 162 0.23 31.51 33.88
N THR C 163 -0.35 31.31 32.69
CA THR C 163 -0.27 32.34 31.65
C THR C 163 -0.94 33.63 32.11
N GLU C 164 -2.08 33.49 32.78
CA GLU C 164 -2.83 34.68 33.27
C GLU C 164 -2.02 35.38 34.37
N LEU C 165 -1.36 34.62 35.25
CA LEU C 165 -0.55 35.20 36.30
C LEU C 165 0.65 35.94 35.74
N LEU C 166 1.28 35.37 34.70
CA LEU C 166 2.43 36.03 34.10
C LEU C 166 2.01 37.26 33.30
N LEU C 167 0.88 37.19 32.59
CA LEU C 167 0.43 38.33 31.81
C LEU C 167 0.09 39.51 32.70
N LYS C 168 -0.44 39.25 33.90
CA LYS C 168 -0.65 40.34 34.85
C LYS C 168 0.66 40.97 35.29
N LYS C 169 1.78 40.26 35.17
CA LYS C 169 3.08 40.81 35.54
C LYS C 169 3.60 41.72 34.45
N GLU C 170 4.14 42.86 34.84
CA GLU C 170 4.70 43.79 33.87
C GLU C 170 6.07 43.31 33.41
N ASN C 171 6.66 44.08 32.48
CA ASN C 171 7.97 43.82 31.88
C ASN C 171 8.17 42.36 31.52
N LEU C 172 7.10 41.70 31.05
CA LEU C 172 7.18 40.31 30.62
C LEU C 172 7.53 40.26 29.15
N ALA C 173 8.61 39.56 28.82
CA ALA C 173 9.11 39.49 27.46
C ALA C 173 8.53 38.27 26.74
N ARG C 174 8.85 38.18 25.45
CA ARG C 174 8.47 37.04 24.61
C ARG C 174 6.95 36.87 24.55
N ILE C 175 6.22 37.98 24.60
CA ILE C 175 4.76 37.92 24.53
C ILE C 175 4.30 37.54 23.12
N GLY C 176 4.95 38.10 22.10
CA GLY C 176 4.56 37.79 20.73
C GLY C 176 4.81 36.34 20.37
N ASP C 177 5.96 35.80 20.77
CA ASP C 177 6.21 34.39 20.53
C ASP C 177 5.26 33.52 21.32
N ALA C 178 4.86 33.94 22.51
CA ALA C 178 3.86 33.20 23.26
C ALA C 178 2.53 33.15 22.50
N LEU C 179 2.12 34.28 21.94
CA LEU C 179 0.90 34.29 21.13
C LEU C 179 1.04 33.37 19.93
N LEU C 180 2.18 33.43 19.23
CA LEU C 180 2.37 32.58 18.06
C LEU C 180 2.35 31.10 18.44
N LEU C 181 2.98 30.75 19.56
CA LEU C 181 2.98 29.36 20.00
C LEU C 181 1.58 28.89 20.37
N ALA C 182 0.82 29.73 21.07
CA ALA C 182 -0.54 29.37 21.44
C ALA C 182 -1.42 29.21 20.21
N ILE C 183 -1.25 30.08 19.21
CA ILE C 183 -1.99 29.95 17.96
C ILE C 183 -1.60 28.65 17.25
N SER C 184 -0.31 28.33 17.24
CA SER C 184 0.16 27.10 16.60
C SER C 184 -0.44 25.87 17.27
N LYS C 185 -0.51 25.87 18.60
CA LYS C 185 -1.08 24.74 19.32
C LYS C 185 -2.59 24.83 19.45
N GLY C 186 -3.21 25.91 18.98
CA GLY C 186 -4.65 26.04 19.03
C GLY C 186 -5.23 26.16 20.42
N TYR C 187 -4.55 26.87 21.31
CA TYR C 187 -5.03 27.10 22.67
C TYR C 187 -5.87 28.37 22.64
N VAL C 188 -7.17 28.20 22.45
CA VAL C 188 -8.05 29.33 22.20
C VAL C 188 -8.08 30.27 23.40
N ARG C 189 -8.21 29.72 24.61
CA ARG C 189 -8.30 30.58 25.78
C ARG C 189 -6.97 31.28 26.06
N ILE C 190 -5.86 30.60 25.83
CA ILE C 190 -4.56 31.25 26.00
C ILE C 190 -4.37 32.36 24.97
N VAL C 191 -4.78 32.12 23.72
CA VAL C 191 -4.70 33.15 22.69
C VAL C 191 -5.55 34.34 23.08
N GLU C 192 -6.77 34.09 23.57
CA GLU C 192 -7.66 35.18 23.97
C GLU C 192 -7.07 35.97 25.12
N ALA C 193 -6.46 35.28 26.10
CA ALA C 193 -5.84 35.97 27.22
C ALA C 193 -4.66 36.81 26.77
N ILE C 194 -3.86 36.30 25.83
CA ILE C 194 -2.71 37.05 25.34
C ILE C 194 -3.15 38.26 24.52
N LEU C 195 -4.20 38.11 23.73
CA LEU C 195 -4.70 39.22 22.92
C LEU C 195 -5.26 40.36 23.76
N ASN C 196 -5.49 40.15 25.05
CA ASN C 196 -5.92 41.21 25.96
C ASN C 196 -4.74 41.92 26.60
N HIS C 197 -3.51 41.48 26.34
CA HIS C 197 -2.33 42.16 26.85
C HIS C 197 -2.23 43.54 26.22
N PRO C 198 -1.68 44.52 26.94
CA PRO C 198 -1.50 45.85 26.34
C PRO C 198 -0.61 45.86 25.11
N GLY C 199 0.19 44.82 24.91
CA GLY C 199 1.01 44.73 23.71
C GLY C 199 0.23 44.48 22.43
N PHE C 200 -1.03 44.05 22.54
CA PHE C 200 -1.89 43.82 21.39
C PHE C 200 -3.12 44.71 21.38
N ALA C 201 -3.80 44.85 22.52
CA ALA C 201 -5.00 45.65 22.57
C ALA C 201 -4.69 47.12 22.32
N ALA C 202 -3.67 47.65 22.99
CA ALA C 202 -3.31 49.05 22.81
C ALA C 202 -2.67 49.30 21.45
N SER C 203 -1.85 48.36 20.98
CA SER C 203 -1.16 48.52 19.72
C SER C 203 -2.03 48.01 18.56
N LYS C 204 -1.44 48.00 17.36
CA LYS C 204 -2.10 47.53 16.16
C LYS C 204 -1.26 46.47 15.46
N ARG C 205 -0.64 45.59 16.24
CA ARG C 205 0.27 44.60 15.67
C ARG C 205 -0.47 43.58 14.82
N LEU C 206 -1.68 43.19 15.24
CA LEU C 206 -2.46 42.25 14.45
C LEU C 206 -2.86 42.86 13.11
N THR C 207 -3.25 44.14 13.12
CA THR C 207 -3.77 44.77 11.91
C THR C 207 -2.67 45.00 10.88
N LEU C 208 -1.48 45.39 11.31
CA LEU C 208 -0.45 45.82 10.39
C LEU C 208 0.03 44.66 9.52
N SER C 209 0.55 45.02 8.34
CA SER C 209 0.98 44.04 7.35
C SER C 209 2.25 43.32 7.81
N PRO C 210 2.49 42.12 7.28
CA PRO C 210 3.77 41.45 7.60
C PRO C 210 4.99 42.26 7.17
N CYS C 211 4.89 42.98 6.05
CA CYS C 211 5.97 43.88 5.67
C CYS C 211 6.13 45.01 6.67
N GLU C 212 5.01 45.53 7.19
CA GLU C 212 5.09 46.55 8.23
C GLU C 212 5.68 45.98 9.51
N GLN C 213 5.40 44.71 9.77
CA GLN C 213 5.95 44.02 10.97
C GLN C 213 7.46 43.84 10.76
N GLU C 214 7.88 43.70 9.49
CA GLU C 214 9.32 43.51 9.17
C GLU C 214 10.03 44.87 9.17
N LEU C 215 9.29 45.96 8.92
CA LEU C 215 9.96 47.28 8.83
C LEU C 215 9.93 47.96 10.20
N GLN C 216 9.06 47.50 11.11
CA GLN C 216 8.92 48.19 12.42
C GLN C 216 10.03 47.73 13.37
N ASP C 217 10.74 46.64 13.04
CA ASP C 217 11.87 46.17 13.88
C ASP C 217 11.43 46.21 15.35
N ASP C 218 10.34 45.53 15.68
CA ASP C 218 9.80 45.60 17.07
C ASP C 218 10.42 44.50 17.94
N ASP C 219 11.14 43.57 17.34
CA ASP C 219 11.71 42.41 18.09
C ASP C 219 10.58 41.84 18.97
N PHE C 220 9.35 41.86 18.46
CA PHE C 220 8.19 41.40 19.26
C PHE C 220 8.03 39.89 19.10
N TYR C 221 7.78 39.43 17.87
CA TYR C 221 7.48 37.99 17.66
C TYR C 221 8.78 37.16 17.65
N ALA C 222 9.76 37.53 18.47
CA ALA C 222 11.05 36.81 18.50
C ALA C 222 11.08 35.92 19.74
N TYR C 223 11.84 34.82 19.70
CA TYR C 223 11.81 33.92 20.84
C TYR C 223 13.17 33.73 21.50
N ASP C 224 14.18 34.47 21.06
CA ASP C 224 15.51 34.42 21.67
C ASP C 224 16.24 35.70 21.32
N GLU C 225 17.56 35.72 21.56
CA GLU C 225 18.34 36.92 21.29
C GLU C 225 18.33 37.28 19.81
N ASP C 226 18.14 36.29 18.93
CA ASP C 226 18.02 36.57 17.50
C ASP C 226 17.26 35.41 16.87
N GLY C 227 16.16 35.73 16.17
CA GLY C 227 15.38 34.71 15.50
C GLY C 227 13.98 34.59 16.05
N THR C 228 13.05 34.11 15.22
CA THR C 228 11.67 33.90 15.62
C THR C 228 11.34 32.42 15.50
N ARG C 229 10.32 31.99 16.25
CA ARG C 229 9.94 30.58 16.24
C ARG C 229 9.52 30.13 14.85
N PHE C 230 8.73 30.95 14.16
CA PHE C 230 8.32 30.69 12.80
C PHE C 230 9.00 31.71 11.88
N SER C 231 8.64 31.66 10.60
CA SER C 231 9.21 32.59 9.65
C SER C 231 8.87 34.02 10.05
N PRO C 232 9.77 34.98 9.86
CA PRO C 232 9.48 36.36 10.27
C PRO C 232 8.30 36.97 9.55
N ASP C 233 7.92 36.42 8.40
CA ASP C 233 6.80 36.92 7.62
C ASP C 233 5.46 36.35 8.06
N ILE C 234 5.45 35.42 9.01
CA ILE C 234 4.22 34.77 9.45
C ILE C 234 3.60 35.63 10.54
N THR C 235 2.55 36.36 10.18
CA THR C 235 1.74 37.09 11.14
C THR C 235 0.80 36.12 11.86
N PRO C 236 0.23 36.52 13.00
CA PRO C 236 -0.66 35.61 13.73
C PRO C 236 -1.82 35.08 12.90
N ILE C 237 -2.41 35.90 12.04
CA ILE C 237 -3.53 35.44 11.23
C ILE C 237 -3.06 34.41 10.20
N ILE C 238 -1.88 34.63 9.62
CA ILE C 238 -1.34 33.66 8.67
C ILE C 238 -1.08 32.33 9.35
N LEU C 239 -0.53 32.36 10.57
CA LEU C 239 -0.27 31.12 11.30
C LEU C 239 -1.57 30.42 11.68
N ALA C 240 -2.58 31.19 12.11
CA ALA C 240 -3.86 30.58 12.46
C ALA C 240 -4.50 29.93 11.24
N ALA C 241 -4.40 30.57 10.08
CA ALA C 241 -4.86 29.95 8.85
C ALA C 241 -4.05 28.70 8.51
N HIS C 242 -2.74 28.74 8.71
CA HIS C 242 -1.89 27.57 8.49
C HIS C 242 -2.38 26.38 9.31
N CYS C 243 -2.55 26.59 10.61
CA CYS C 243 -2.95 25.51 11.50
C CYS C 243 -4.44 25.20 11.44
N GLN C 244 -5.21 26.01 10.69
CA GLN C 244 -6.65 25.81 10.53
C GLN C 244 -7.37 25.84 11.88
N LYS C 245 -6.99 26.80 12.72
CA LYS C 245 -7.68 27.04 13.99
C LYS C 245 -8.83 27.99 13.69
N TYR C 246 -10.03 27.44 13.50
CA TYR C 246 -11.16 28.26 13.07
C TYR C 246 -11.50 29.34 14.08
N GLU C 247 -11.53 28.99 15.36
CA GLU C 247 -11.89 29.99 16.37
C GLU C 247 -10.81 31.05 16.51
N VAL C 248 -9.53 30.65 16.42
CA VAL C 248 -8.44 31.62 16.45
C VAL C 248 -8.51 32.54 15.23
N VAL C 249 -8.79 31.97 14.05
CA VAL C 249 -8.93 32.80 12.86
C VAL C 249 -10.07 33.79 13.02
N HIS C 250 -11.19 33.34 13.59
CA HIS C 250 -12.32 34.24 13.81
C HIS C 250 -11.98 35.34 14.78
N MET C 251 -11.27 35.01 15.87
CA MET C 251 -10.88 36.04 16.83
C MET C 251 -9.95 37.06 16.19
N LEU C 252 -8.98 36.59 15.40
CA LEU C 252 -8.05 37.51 14.75
C LEU C 252 -8.74 38.36 13.69
N LEU C 253 -9.72 37.80 12.97
CA LEU C 253 -10.49 38.58 12.02
C LEU C 253 -11.33 39.64 12.72
N MET C 254 -11.91 39.30 13.87
CA MET C 254 -12.62 40.28 14.67
C MET C 254 -11.68 41.39 15.12
N LYS C 255 -10.46 41.02 15.48
CA LYS C 255 -9.44 42.01 15.82
C LYS C 255 -9.03 42.87 14.63
N GLY C 256 -9.40 42.48 13.42
CA GLY C 256 -9.06 43.24 12.23
C GLY C 256 -7.90 42.71 11.42
N ALA C 257 -7.34 41.56 11.79
CA ALA C 257 -6.21 41.00 11.07
C ALA C 257 -6.66 40.44 9.72
N ARG C 258 -5.85 40.68 8.70
CA ARG C 258 -6.09 40.16 7.37
C ARG C 258 -4.79 39.62 6.80
N ILE C 259 -4.92 38.70 5.85
CA ILE C 259 -3.75 38.13 5.19
C ILE C 259 -3.31 39.06 4.07
N GLU C 260 -1.99 39.15 3.87
CA GLU C 260 -1.41 40.23 3.07
C GLU C 260 -1.90 40.21 1.63
N ARG C 261 -2.08 39.02 1.06
CA ARG C 261 -2.39 38.88 -0.36
C ARG C 261 -1.26 39.50 -1.17
N PRO C 262 -0.11 38.85 -1.26
CA PRO C 262 1.08 39.48 -1.82
C PRO C 262 0.92 39.79 -3.30
N ASP C 279 17.06 39.58 -0.92
CA ASP C 279 17.18 38.17 -0.56
C ASP C 279 16.92 37.23 -1.73
N SER C 280 15.79 37.37 -2.41
CA SER C 280 15.33 36.53 -3.52
C SER C 280 15.00 35.11 -3.09
N PHE C 281 15.22 34.76 -1.82
CA PHE C 281 14.85 33.47 -1.28
C PHE C 281 13.83 33.56 -0.16
N SER C 282 14.01 34.51 0.76
CA SER C 282 13.00 34.74 1.78
C SER C 282 11.72 35.34 1.20
N HIS C 283 11.82 36.04 0.07
CA HIS C 283 10.62 36.60 -0.55
C HIS C 283 9.72 35.50 -1.09
N SER C 284 10.30 34.49 -1.74
CA SER C 284 9.51 33.36 -2.21
C SER C 284 8.88 32.62 -1.06
N ARG C 285 9.63 32.44 0.04
CA ARG C 285 9.06 31.80 1.22
C ARG C 285 7.92 32.61 1.80
N SER C 286 8.07 33.94 1.81
CA SER C 286 7.00 34.80 2.30
C SER C 286 5.75 34.67 1.44
N ARG C 287 5.92 34.64 0.12
CA ARG C 287 4.77 34.50 -0.76
C ARG C 287 4.09 33.15 -0.56
N ILE C 288 4.88 32.09 -0.41
CA ILE C 288 4.30 30.76 -0.20
C ILE C 288 3.56 30.71 1.13
N ASN C 289 4.11 31.34 2.18
CA ASN C 289 3.43 31.38 3.46
C ASN C 289 2.11 32.14 3.36
N ALA C 290 2.12 33.28 2.66
CA ALA C 290 0.89 34.05 2.51
C ALA C 290 -0.16 33.26 1.76
N TYR C 291 0.26 32.50 0.73
CA TYR C 291 -0.71 31.71 -0.02
C TYR C 291 -1.19 30.49 0.77
N LYS C 292 -0.32 29.91 1.60
CA LYS C 292 -0.78 28.85 2.51
C LYS C 292 -1.83 29.38 3.46
N GLY C 293 -1.64 30.60 3.96
CA GLY C 293 -2.67 31.23 4.77
C GLY C 293 -3.95 31.46 3.99
N LEU C 294 -3.83 31.92 2.74
CA LEU C 294 -5.01 32.21 1.94
C LEU C 294 -5.72 30.94 1.48
N ALA C 295 -4.97 29.90 1.14
CA ALA C 295 -5.53 28.68 0.59
C ALA C 295 -6.03 27.72 1.66
N SER C 296 -6.16 28.16 2.89
CA SER C 296 -6.66 27.25 3.90
C SER C 296 -8.17 27.42 4.07
N PRO C 297 -8.89 26.33 4.32
CA PRO C 297 -10.34 26.45 4.55
C PRO C 297 -10.70 27.34 5.72
N ALA C 298 -9.86 27.38 6.76
CA ALA C 298 -10.18 28.18 7.94
C ALA C 298 -10.24 29.66 7.62
N TYR C 299 -9.49 30.10 6.61
CA TYR C 299 -9.53 31.50 6.19
C TYR C 299 -10.50 31.73 5.04
N LEU C 300 -10.59 30.78 4.10
CA LEU C 300 -11.51 30.93 2.99
C LEU C 300 -12.96 31.00 3.47
N SER C 301 -13.32 30.15 4.43
CA SER C 301 -14.69 30.12 4.91
C SER C 301 -15.03 31.31 5.80
N LEU C 302 -14.04 31.90 6.47
CA LEU C 302 -14.31 32.93 7.47
C LEU C 302 -14.01 34.35 6.98
N SER C 303 -13.34 34.51 5.84
CA SER C 303 -12.90 35.83 5.40
C SER C 303 -13.84 36.44 4.37
N SER C 304 -14.06 35.75 3.26
CA SER C 304 -14.81 36.31 2.14
C SER C 304 -16.30 36.11 2.31
N GLU C 305 -17.07 36.92 1.59
CA GLU C 305 -18.52 36.78 1.58
C GLU C 305 -18.98 35.62 0.71
N ASP C 306 -18.21 35.27 -0.32
CA ASP C 306 -18.56 34.20 -1.24
C ASP C 306 -17.38 33.24 -1.31
N PRO C 307 -17.24 32.36 -0.31
CA PRO C 307 -16.05 31.51 -0.24
C PRO C 307 -15.83 30.59 -1.42
N VAL C 308 -16.89 30.09 -2.06
CA VAL C 308 -16.68 29.18 -3.19
C VAL C 308 -16.04 29.91 -4.36
N LEU C 309 -16.54 31.10 -4.70
CA LEU C 309 -15.95 31.86 -5.79
C LEU C 309 -14.52 32.25 -5.49
N THR C 310 -14.26 32.71 -4.26
CA THR C 310 -12.92 33.08 -3.87
C THR C 310 -11.98 31.89 -3.95
N ALA C 311 -12.45 30.71 -3.52
CA ALA C 311 -11.60 29.53 -3.55
C ALA C 311 -11.34 29.05 -4.98
N LEU C 312 -12.34 29.17 -5.86
CA LEU C 312 -12.11 28.82 -7.26
C LEU C 312 -11.09 29.75 -7.90
N GLU C 313 -11.23 31.06 -7.67
CA GLU C 313 -10.27 32.01 -8.21
C GLU C 313 -8.89 31.79 -7.64
N LEU C 314 -8.80 31.51 -6.34
CA LEU C 314 -7.51 31.24 -5.72
C LEU C 314 -6.89 29.95 -6.24
N SER C 315 -7.70 28.93 -6.52
CA SER C 315 -7.17 27.72 -7.13
C SER C 315 -6.58 28.01 -8.50
N ASN C 316 -7.28 28.81 -9.30
CA ASN C 316 -6.74 29.21 -10.60
C ASN C 316 -5.41 29.96 -10.44
N GLU C 317 -5.38 30.91 -9.50
CA GLU C 317 -4.18 31.70 -9.28
C GLU C 317 -3.02 30.83 -8.83
N LEU C 318 -3.28 29.87 -7.94
CA LEU C 318 -2.21 29.00 -7.45
C LEU C 318 -1.73 28.04 -8.52
N ALA C 319 -2.63 27.57 -9.39
CA ALA C 319 -2.18 26.76 -10.52
C ALA C 319 -1.28 27.57 -11.45
N LYS C 320 -1.66 28.83 -11.72
CA LYS C 320 -0.82 29.69 -12.54
C LYS C 320 0.54 29.92 -11.88
N LEU C 321 0.56 30.15 -10.57
CA LEU C 321 1.82 30.35 -9.87
C LEU C 321 2.67 29.08 -9.89
N ALA C 322 2.07 27.90 -9.76
CA ALA C 322 2.82 26.66 -9.86
C ALA C 322 3.42 26.51 -11.25
N ASN C 323 2.69 26.94 -12.28
CA ASN C 323 3.27 26.96 -13.62
C ASN C 323 4.47 27.91 -13.68
N ILE C 324 4.34 29.09 -13.07
CA ILE C 324 5.41 30.08 -13.14
C ILE C 324 6.61 29.65 -12.30
N GLU C 325 6.37 29.25 -11.05
CA GLU C 325 7.43 28.86 -10.12
C GLU C 325 7.62 27.35 -10.19
N LYS C 326 8.78 26.92 -10.69
CA LYS C 326 9.03 25.49 -10.86
C LYS C 326 9.66 24.86 -9.63
N GLU C 327 10.52 25.59 -8.92
CA GLU C 327 11.16 25.03 -7.74
C GLU C 327 10.13 24.74 -6.64
N PHE C 328 9.15 25.61 -6.47
CA PHE C 328 8.09 25.45 -5.49
C PHE C 328 6.79 25.01 -6.16
N LYS C 329 6.88 24.20 -7.22
CA LYS C 329 5.69 23.73 -7.92
C LYS C 329 4.82 22.89 -7.01
N ASN C 330 5.43 22.02 -6.20
CA ASN C 330 4.65 21.13 -5.34
C ASN C 330 3.82 21.91 -4.34
N ASP C 331 4.39 22.98 -3.78
CA ASP C 331 3.68 23.77 -2.76
C ASP C 331 2.43 24.41 -3.34
N TYR C 332 2.55 25.07 -4.50
CA TYR C 332 1.40 25.71 -5.10
C TYR C 332 0.39 24.69 -5.63
N ARG C 333 0.86 23.54 -6.13
CA ARG C 333 -0.06 22.48 -6.50
C ARG C 333 -0.87 22.00 -5.30
N LYS C 334 -0.20 21.84 -4.15
CA LYS C 334 -0.88 21.42 -2.94
C LYS C 334 -1.90 22.46 -2.48
N LEU C 335 -1.54 23.74 -2.56
CA LEU C 335 -2.47 24.79 -2.17
C LEU C 335 -3.69 24.84 -3.11
N SER C 336 -3.46 24.69 -4.41
CA SER C 336 -4.59 24.63 -5.34
C SER C 336 -5.47 23.43 -5.06
N MET C 337 -4.86 22.29 -4.71
CA MET C 337 -5.64 21.12 -4.34
C MET C 337 -6.46 21.39 -3.08
N GLN C 338 -5.90 22.13 -2.13
CA GLN C 338 -6.65 22.51 -0.94
C GLN C 338 -7.87 23.36 -1.31
N CYS C 339 -7.68 24.33 -2.20
CA CYS C 339 -8.81 25.15 -2.62
C CYS C 339 -9.89 24.32 -3.32
N LYS C 340 -9.46 23.42 -4.20
CA LYS C 340 -10.42 22.54 -4.88
C LYS C 340 -11.18 21.68 -3.88
N ASP C 341 -10.47 21.14 -2.90
CA ASP C 341 -11.12 20.31 -1.88
C ASP C 341 -12.11 21.12 -1.05
N PHE C 342 -11.77 22.38 -0.73
CA PHE C 342 -12.72 23.22 -0.01
C PHE C 342 -13.99 23.44 -0.82
N VAL C 343 -13.85 23.74 -2.11
CA VAL C 343 -15.04 23.96 -2.94
C VAL C 343 -15.86 22.68 -3.02
N VAL C 344 -15.20 21.53 -3.19
CA VAL C 344 -15.92 20.27 -3.27
C VAL C 344 -16.66 19.98 -1.97
N GLY C 345 -16.02 20.25 -0.82
CA GLY C 345 -16.69 20.02 0.45
C GLY C 345 -17.89 20.92 0.64
N VAL C 346 -17.77 22.20 0.29
CA VAL C 346 -18.90 23.11 0.41
C VAL C 346 -20.05 22.65 -0.47
N LEU C 347 -19.75 22.19 -1.69
CA LEU C 347 -20.80 21.64 -2.54
C LEU C 347 -21.40 20.39 -1.92
N ASP C 348 -20.57 19.54 -1.31
CA ASP C 348 -21.03 18.29 -0.74
C ASP C 348 -22.00 18.52 0.42
N LEU C 349 -21.80 19.59 1.17
CA LEU C 349 -22.62 19.85 2.35
C LEU C 349 -24.00 20.42 2.00
N CYS C 350 -24.37 20.48 0.72
CA CYS C 350 -25.70 20.93 0.36
C CYS C 350 -26.73 19.85 0.65
N ARG C 351 -27.90 20.26 1.12
CA ARG C 351 -28.92 19.33 1.56
C ARG C 351 -30.25 19.44 0.83
N ASP C 352 -30.40 20.40 -0.09
CA ASP C 352 -31.62 20.49 -0.89
C ASP C 352 -31.26 21.15 -2.21
N SER C 353 -32.27 21.30 -3.07
CA SER C 353 -32.05 21.83 -4.41
C SER C 353 -31.62 23.29 -4.38
N GLU C 354 -32.15 24.08 -3.43
CA GLU C 354 -31.83 25.50 -3.39
C GLU C 354 -30.35 25.72 -3.11
N GLU C 355 -29.79 24.99 -2.14
CA GLU C 355 -28.37 25.14 -1.82
C GLU C 355 -27.49 24.67 -2.97
N VAL C 356 -27.88 23.58 -3.64
CA VAL C 356 -27.13 23.09 -4.79
C VAL C 356 -27.13 24.13 -5.91
N GLU C 357 -28.29 24.74 -6.16
CA GLU C 357 -28.36 25.79 -7.18
C GLU C 357 -27.51 26.99 -6.79
N ALA C 358 -27.54 27.37 -5.51
CA ALA C 358 -26.74 28.51 -5.08
C ALA C 358 -25.25 28.24 -5.26
N ILE C 359 -24.80 27.03 -4.95
CA ILE C 359 -23.39 26.70 -5.11
C ILE C 359 -23.03 26.61 -6.59
N LEU C 360 -23.91 26.06 -7.41
CA LEU C 360 -23.60 25.85 -8.83
C LEU C 360 -23.88 27.11 -9.66
N ASN C 361 -25.10 27.63 -9.59
CA ASN C 361 -25.45 28.80 -10.39
C ASN C 361 -24.80 30.07 -9.88
N GLY C 362 -24.35 30.11 -8.64
CA GLY C 362 -23.82 31.34 -8.10
C GLY C 362 -24.93 32.33 -7.77
N ASP C 363 -24.52 33.58 -7.57
CA ASP C 363 -25.47 34.63 -7.21
C ASP C 363 -26.26 35.08 -8.43
N ALA C 377 -31.13 28.22 -16.10
CA ALA C 377 -30.18 28.49 -15.03
C ALA C 377 -28.74 28.36 -15.52
N SER C 378 -28.00 29.45 -15.47
CA SER C 378 -26.61 29.45 -15.93
C SER C 378 -25.71 28.84 -14.86
N LEU C 379 -24.97 27.80 -15.24
CA LEU C 379 -24.06 27.11 -14.31
C LEU C 379 -22.70 27.82 -14.32
N SER C 380 -22.69 29.01 -13.71
CA SER C 380 -21.47 29.82 -13.71
C SER C 380 -20.33 29.11 -12.99
N ARG C 381 -20.61 28.53 -11.83
CA ARG C 381 -19.54 27.91 -11.06
C ARG C 381 -19.11 26.59 -11.67
N VAL C 382 -20.03 25.87 -12.32
CA VAL C 382 -19.64 24.64 -13.02
C VAL C 382 -18.68 24.97 -14.16
N LYS C 383 -18.99 26.01 -14.94
CA LYS C 383 -18.09 26.42 -16.01
C LYS C 383 -16.76 26.93 -15.46
N LEU C 384 -16.79 27.63 -14.33
CA LEU C 384 -15.55 28.07 -13.71
C LEU C 384 -14.71 26.87 -13.26
N ALA C 385 -15.35 25.87 -12.67
CA ALA C 385 -14.63 24.68 -12.23
C ALA C 385 -14.04 23.92 -13.41
N ILE C 386 -14.78 23.82 -14.51
CA ILE C 386 -14.26 23.17 -15.70
C ILE C 386 -13.07 23.96 -16.27
N LYS C 387 -13.20 25.29 -16.31
CA LYS C 387 -12.09 26.12 -16.78
C LYS C 387 -10.88 25.99 -15.86
N TYR C 388 -11.11 25.98 -14.54
CA TYR C 388 -10.05 25.92 -13.55
C TYR C 388 -9.65 24.49 -13.20
N GLU C 389 -10.09 23.50 -13.97
CA GLU C 389 -9.71 22.11 -13.80
C GLU C 389 -10.12 21.55 -12.45
N VAL C 390 -11.15 22.11 -11.82
CA VAL C 390 -11.67 21.60 -10.56
C VAL C 390 -12.55 20.41 -10.91
N LYS C 391 -11.96 19.22 -10.89
CA LYS C 391 -12.61 18.02 -11.40
C LYS C 391 -13.64 17.44 -10.44
N LYS C 392 -13.29 17.33 -9.16
CA LYS C 392 -14.18 16.69 -8.20
C LYS C 392 -15.43 17.52 -7.94
N PHE C 393 -15.36 18.84 -8.17
CA PHE C 393 -16.54 19.68 -8.03
C PHE C 393 -17.58 19.35 -9.10
N VAL C 394 -17.13 19.27 -10.35
CA VAL C 394 -18.05 18.95 -11.45
C VAL C 394 -18.49 17.49 -11.37
N ALA C 395 -17.59 16.60 -10.98
CA ALA C 395 -17.89 15.18 -10.88
C ALA C 395 -18.66 14.81 -9.62
N HIS C 396 -18.99 15.77 -8.77
CA HIS C 396 -19.68 15.45 -7.53
C HIS C 396 -21.13 15.07 -7.84
N PRO C 397 -21.70 14.11 -7.10
CA PRO C 397 -23.09 13.71 -7.36
C PRO C 397 -24.09 14.85 -7.25
N ASN C 398 -23.85 15.81 -6.35
CA ASN C 398 -24.76 16.94 -6.26
C ASN C 398 -24.72 17.79 -7.52
N CYS C 399 -23.55 17.93 -8.13
CA CYS C 399 -23.43 18.61 -9.41
C CYS C 399 -23.88 17.72 -10.56
N GLN C 400 -23.61 16.42 -10.46
CA GLN C 400 -23.96 15.50 -11.54
C GLN C 400 -25.47 15.38 -11.69
N GLN C 401 -26.22 15.40 -10.59
CA GLN C 401 -27.67 15.30 -10.72
C GLN C 401 -28.25 16.52 -11.41
N GLN C 402 -27.74 17.71 -11.12
CA GLN C 402 -28.19 18.91 -11.82
C GLN C 402 -27.79 18.87 -13.29
N LEU C 403 -26.57 18.40 -13.57
CA LEU C 403 -26.13 18.29 -14.96
C LEU C 403 -27.00 17.29 -15.73
N LEU C 404 -27.38 16.19 -15.09
CA LEU C 404 -28.26 15.22 -15.73
C LEU C 404 -29.66 15.80 -15.94
N THR C 405 -30.16 16.57 -14.98
CA THR C 405 -31.48 17.18 -15.15
C THR C 405 -31.48 18.15 -16.33
N ILE C 406 -30.40 18.93 -16.48
CA ILE C 406 -30.30 19.81 -17.64
C ILE C 406 -30.07 19.02 -18.92
N TRP C 407 -29.35 17.89 -18.81
CA TRP C 407 -29.02 17.09 -19.99
C TRP C 407 -30.27 16.50 -20.62
N TYR C 408 -31.17 15.97 -19.82
CA TYR C 408 -32.47 15.50 -20.29
C TYR C 408 -33.52 16.57 -19.97
N GLU C 409 -33.51 17.64 -20.78
CA GLU C 409 -34.42 18.75 -20.56
C GLU C 409 -35.87 18.29 -20.68
N ASN C 410 -36.25 17.81 -21.86
CA ASN C 410 -37.61 17.34 -22.10
C ASN C 410 -37.71 15.83 -22.20
N LEU C 411 -36.59 15.12 -22.14
CA LEU C 411 -36.58 13.66 -22.23
C LEU C 411 -36.56 13.06 -20.82
N SER C 412 -37.62 13.35 -20.07
CA SER C 412 -37.70 12.88 -18.70
C SER C 412 -37.78 11.36 -18.62
N GLY C 413 -38.62 10.75 -19.47
CA GLY C 413 -38.79 9.31 -19.44
C GLY C 413 -37.62 8.53 -20.00
N LEU C 414 -36.82 9.16 -20.86
CA LEU C 414 -35.68 8.48 -21.47
C LEU C 414 -34.46 8.46 -20.56
N ARG C 415 -34.48 9.19 -19.45
CA ARG C 415 -33.33 9.24 -18.56
C ARG C 415 -33.05 7.87 -17.94
N GLU C 416 -34.09 7.17 -17.52
CA GLU C 416 -33.94 5.91 -16.81
C GLU C 416 -33.96 4.69 -17.73
N GLN C 417 -34.11 4.88 -19.04
CA GLN C 417 -34.16 3.75 -19.94
C GLN C 417 -32.78 3.12 -20.09
N THR C 418 -32.76 1.84 -20.50
CA THR C 418 -31.53 1.10 -20.59
C THR C 418 -30.70 1.57 -21.79
N ILE C 419 -29.48 1.04 -21.86
CA ILE C 419 -28.57 1.40 -22.94
C ILE C 419 -29.09 0.90 -24.28
N ALA C 420 -29.76 -0.26 -24.29
CA ALA C 420 -30.30 -0.81 -25.52
C ALA C 420 -31.35 0.11 -26.12
N ILE C 421 -32.23 0.65 -25.29
CA ILE C 421 -33.26 1.57 -25.78
C ILE C 421 -32.63 2.85 -26.32
N LYS C 422 -31.58 3.33 -25.65
CA LYS C 422 -30.89 4.53 -26.14
C LYS C 422 -30.23 4.28 -27.48
N CYS C 423 -29.59 3.11 -27.65
CA CYS C 423 -29.00 2.77 -28.94
C CYS C 423 -30.07 2.63 -30.01
N LEU C 424 -31.22 2.06 -29.65
CA LEU C 424 -32.32 1.95 -30.61
C LEU C 424 -32.82 3.32 -31.03
N VAL C 425 -32.94 4.27 -30.09
CA VAL C 425 -33.39 5.60 -30.46
C VAL C 425 -32.32 6.32 -31.27
N VAL C 426 -31.03 6.03 -31.02
CA VAL C 426 -29.97 6.58 -31.87
C VAL C 426 -30.12 6.05 -33.30
N LEU C 427 -30.40 4.76 -33.44
CA LEU C 427 -30.61 4.18 -34.77
C LEU C 427 -31.83 4.79 -35.45
N VAL C 428 -32.91 5.02 -34.70
CA VAL C 428 -34.11 5.65 -35.26
C VAL C 428 -33.79 7.06 -35.74
N VAL C 429 -33.03 7.82 -34.94
CA VAL C 429 -32.65 9.16 -35.34
C VAL C 429 -31.76 9.11 -36.59
N ALA C 430 -30.88 8.11 -36.67
CA ALA C 430 -30.06 7.97 -37.87
C ALA C 430 -30.92 7.69 -39.10
N LEU C 431 -31.94 6.84 -38.95
CA LEU C 431 -32.83 6.55 -40.06
C LEU C 431 -33.63 7.76 -40.49
N GLY C 432 -34.14 8.53 -39.53
CA GLY C 432 -35.03 9.63 -39.82
C GLY C 432 -34.45 11.03 -39.74
N LEU C 433 -33.12 11.16 -39.73
CA LEU C 433 -32.50 12.47 -39.59
C LEU C 433 -32.94 13.49 -40.64
N PRO C 434 -33.04 13.15 -41.94
CA PRO C 434 -33.63 14.12 -42.87
C PRO C 434 -35.05 14.51 -42.49
N PHE C 435 -35.85 13.55 -42.04
CA PHE C 435 -37.21 13.86 -41.61
C PHE C 435 -37.21 14.76 -40.38
N LEU C 436 -36.32 14.48 -39.43
CA LEU C 436 -36.23 15.33 -38.25
C LEU C 436 -35.80 16.74 -38.61
N ALA C 437 -34.85 16.88 -39.52
CA ALA C 437 -34.43 18.20 -39.96
C ALA C 437 -35.56 18.95 -40.66
N ILE C 438 -36.32 18.25 -41.51
CA ILE C 438 -37.44 18.88 -42.19
C ILE C 438 -38.49 19.34 -41.17
N GLY C 439 -38.79 18.49 -40.19
CA GLY C 439 -39.74 18.86 -39.16
C GLY C 439 -39.27 20.04 -38.34
N TYR C 440 -37.97 20.08 -38.02
CA TYR C 440 -37.42 21.22 -37.28
C TYR C 440 -37.50 22.50 -38.08
N TRP C 441 -37.22 22.42 -39.39
CA TRP C 441 -37.32 23.61 -40.24
C TRP C 441 -38.77 24.10 -40.34
N ILE C 442 -39.71 23.17 -40.53
CA ILE C 442 -41.10 23.55 -40.67
C ILE C 442 -41.66 24.09 -39.37
N ALA C 443 -41.42 23.39 -38.26
CA ALA C 443 -41.96 23.74 -36.95
C ALA C 443 -40.84 23.77 -35.92
N PRO C 444 -40.04 24.83 -35.92
CA PRO C 444 -38.97 24.94 -34.90
C PRO C 444 -39.51 24.98 -33.48
N CYS C 445 -40.70 25.54 -33.27
CA CYS C 445 -41.31 25.63 -31.95
C CYS C 445 -42.55 24.75 -31.94
N SER C 446 -42.38 23.52 -31.44
CA SER C 446 -43.46 22.55 -31.31
C SER C 446 -42.99 21.45 -30.37
N ARG C 447 -43.79 20.41 -30.22
CA ARG C 447 -43.37 19.27 -29.41
C ARG C 447 -42.10 18.64 -29.96
N LEU C 448 -42.05 18.41 -31.28
CA LEU C 448 -40.85 17.90 -31.91
C LEU C 448 -39.71 18.90 -31.80
N GLY C 449 -40.01 20.18 -31.96
CA GLY C 449 -38.97 21.20 -31.81
C GLY C 449 -38.40 21.25 -30.41
N LYS C 450 -39.25 21.16 -29.39
CA LYS C 450 -38.77 21.13 -28.01
C LYS C 450 -37.96 19.88 -27.73
N ILE C 451 -38.41 18.72 -28.23
CA ILE C 451 -37.69 17.48 -28.01
C ILE C 451 -36.31 17.53 -28.68
N LEU C 452 -36.26 18.03 -29.91
CA LEU C 452 -35.02 18.03 -30.68
C LEU C 452 -34.00 19.01 -30.12
N ARG C 453 -34.41 19.97 -29.31
CA ARG C 453 -33.49 20.93 -28.70
C ARG C 453 -32.94 20.46 -27.37
N SER C 454 -33.36 19.30 -26.89
CA SER C 454 -32.80 18.75 -25.67
C SER C 454 -31.32 18.41 -25.88
N PRO C 455 -30.46 18.70 -24.90
CA PRO C 455 -29.03 18.39 -25.07
C PRO C 455 -28.77 16.93 -25.42
N PHE C 456 -29.47 15.99 -24.78
CA PHE C 456 -29.27 14.58 -25.11
C PHE C 456 -29.74 14.28 -26.52
N MET C 457 -30.86 14.87 -26.94
CA MET C 457 -31.32 14.66 -28.30
C MET C 457 -30.37 15.26 -29.33
N LYS C 458 -29.76 16.40 -29.01
CA LYS C 458 -28.76 16.97 -29.93
C LYS C 458 -27.50 16.11 -29.98
N PHE C 459 -27.09 15.54 -28.85
CA PHE C 459 -25.97 14.62 -28.86
C PHE C 459 -26.28 13.38 -29.69
N VAL C 460 -27.50 12.86 -29.56
CA VAL C 460 -27.91 11.70 -30.34
C VAL C 460 -27.95 12.07 -31.83
N ALA C 461 -28.40 13.28 -32.14
CA ALA C 461 -28.43 13.72 -33.53
C ALA C 461 -27.02 13.78 -34.12
N HIS C 462 -26.07 14.34 -33.36
CA HIS C 462 -24.70 14.41 -33.86
C HIS C 462 -24.08 13.03 -34.00
N ALA C 463 -24.33 12.14 -33.04
CA ALA C 463 -23.81 10.78 -33.13
C ALA C 463 -24.41 10.05 -34.32
N ALA C 464 -25.71 10.22 -34.56
CA ALA C 464 -26.36 9.60 -35.70
C ALA C 464 -25.83 10.15 -37.02
N SER C 465 -25.58 11.46 -37.07
CA SER C 465 -25.01 12.06 -38.27
C SER C 465 -23.62 11.48 -38.55
N PHE C 466 -22.80 11.32 -37.51
CA PHE C 466 -21.49 10.75 -37.74
C PHE C 466 -21.57 9.27 -38.12
N ILE C 467 -22.53 8.54 -37.56
CA ILE C 467 -22.74 7.15 -37.97
C ILE C 467 -23.14 7.09 -39.43
N ILE C 468 -23.98 8.01 -39.88
CA ILE C 468 -24.35 8.08 -41.29
C ILE C 468 -23.13 8.41 -42.14
N PHE C 469 -22.26 9.28 -41.65
CA PHE C 469 -21.04 9.61 -42.39
C PHE C 469 -20.14 8.39 -42.54
N LEU C 470 -19.97 7.62 -41.46
CA LEU C 470 -19.18 6.40 -41.54
C LEU C 470 -19.83 5.37 -42.46
N GLY C 471 -21.16 5.29 -42.42
CA GLY C 471 -21.86 4.40 -43.34
C GLY C 471 -21.65 4.80 -44.78
N LEU C 472 -21.63 6.11 -45.06
CA LEU C 472 -21.33 6.58 -46.41
C LEU C 472 -19.89 6.24 -46.80
N LEU C 473 -18.96 6.37 -45.85
CA LEU C 473 -17.57 5.99 -46.13
C LEU C 473 -17.48 4.52 -46.52
N VAL C 474 -18.16 3.65 -45.78
CA VAL C 474 -18.13 2.22 -46.07
C VAL C 474 -18.86 1.91 -47.37
N PHE C 475 -20.00 2.56 -47.60
CA PHE C 475 -20.83 2.27 -48.76
C PHE C 475 -20.24 2.80 -50.06
N ASN C 476 -19.40 3.82 -50.00
CA ASN C 476 -18.75 4.32 -51.21
C ASN C 476 -17.90 3.22 -51.84
N ALA C 477 -17.35 2.33 -51.03
CA ALA C 477 -16.56 1.19 -51.50
C ALA C 477 -17.32 -0.13 -51.40
N SER C 478 -18.64 -0.09 -51.56
CA SER C 478 -19.44 -1.31 -51.47
C SER C 478 -19.33 -2.18 -52.71
N ASP C 479 -18.83 -1.64 -53.82
CA ASP C 479 -18.62 -2.42 -55.03
C ASP C 479 -17.30 -3.17 -55.01
N ARG C 480 -16.48 -3.01 -53.97
CA ARG C 480 -15.19 -3.66 -53.88
C ARG C 480 -15.05 -4.52 -52.63
N PHE C 481 -16.15 -4.83 -51.94
CA PHE C 481 -16.06 -5.61 -50.71
C PHE C 481 -15.45 -6.99 -50.97
N GLU C 482 -15.83 -7.63 -52.08
CA GLU C 482 -15.31 -8.92 -52.44
C GLU C 482 -14.13 -8.84 -53.41
N GLY C 483 -13.67 -7.63 -53.72
CA GLY C 483 -12.57 -7.44 -54.65
C GLY C 483 -13.06 -6.99 -56.02
N ILE C 484 -12.18 -6.30 -56.73
CA ILE C 484 -12.50 -5.76 -58.04
C ILE C 484 -12.45 -6.90 -59.06
N THR C 485 -13.42 -6.92 -59.97
CA THR C 485 -13.48 -7.98 -60.97
C THR C 485 -12.36 -7.82 -62.00
N THR C 486 -12.17 -6.61 -62.52
CA THR C 486 -11.21 -6.37 -63.59
C THR C 486 -9.82 -6.11 -63.02
N LEU C 487 -8.81 -6.58 -63.76
CA LEU C 487 -7.43 -6.38 -63.36
C LEU C 487 -7.03 -4.92 -63.52
N PRO C 488 -6.02 -4.46 -62.78
CA PRO C 488 -5.55 -3.08 -62.93
C PRO C 488 -4.99 -2.75 -64.30
N ASN C 489 -4.66 -3.75 -65.12
CA ASN C 489 -4.10 -3.52 -66.45
C ASN C 489 -5.16 -3.43 -67.53
N ILE C 490 -6.44 -3.50 -67.18
CA ILE C 490 -7.52 -3.55 -68.15
C ILE C 490 -8.42 -2.34 -67.95
N THR C 491 -8.83 -1.72 -69.05
CA THR C 491 -9.71 -0.57 -69.04
C THR C 491 -11.10 -0.99 -69.51
N VAL C 492 -12.12 -0.59 -68.76
CA VAL C 492 -13.52 -0.86 -69.11
C VAL C 492 -14.27 0.46 -69.13
N THR C 493 -15.04 0.68 -70.20
CA THR C 493 -15.80 1.91 -70.37
C THR C 493 -17.26 1.56 -70.67
N ASP C 494 -18.17 2.39 -70.15
CA ASP C 494 -19.59 2.15 -70.38
C ASP C 494 -19.95 2.32 -71.86
N TYR C 495 -19.39 3.34 -72.51
CA TYR C 495 -19.61 3.49 -73.94
C TYR C 495 -18.27 3.58 -74.67
N PRO C 496 -18.20 3.12 -75.92
CA PRO C 496 -16.89 2.92 -76.57
C PRO C 496 -16.09 4.20 -76.77
N LYS C 497 -16.72 5.37 -76.78
CA LYS C 497 -16.01 6.62 -76.99
C LYS C 497 -15.61 7.31 -75.68
N GLN C 498 -15.69 6.60 -74.55
CA GLN C 498 -15.40 7.20 -73.27
C GLN C 498 -13.92 7.08 -72.93
N ILE C 499 -13.35 8.17 -72.40
CA ILE C 499 -12.03 8.11 -71.81
C ILE C 499 -12.11 7.37 -70.48
N PHE C 500 -11.18 6.44 -70.26
CA PHE C 500 -11.23 5.60 -69.06
C PHE C 500 -11.12 6.43 -67.79
N ARG C 501 -10.28 7.47 -67.82
CA ARG C 501 -10.11 8.30 -66.62
C ARG C 501 -11.41 9.01 -66.25
N VAL C 502 -12.27 9.30 -67.23
CA VAL C 502 -13.58 9.88 -66.91
C VAL C 502 -14.39 8.91 -66.08
N LYS C 503 -14.40 7.63 -66.45
CA LYS C 503 -15.14 6.64 -65.70
C LYS C 503 -14.53 6.41 -64.33
N THR C 504 -13.20 6.44 -64.23
CA THR C 504 -12.55 6.12 -62.97
C THR C 504 -12.42 7.32 -62.04
N THR C 505 -12.74 8.54 -62.50
CA THR C 505 -12.63 9.74 -61.67
C THR C 505 -13.94 10.45 -61.42
N GLN C 506 -15.03 10.03 -62.07
CA GLN C 506 -16.30 10.73 -61.91
C GLN C 506 -16.88 10.47 -60.53
N PHE C 507 -17.48 11.49 -59.94
CA PHE C 507 -18.11 11.37 -58.63
C PHE C 507 -19.45 10.65 -58.75
N THR C 508 -19.72 9.75 -57.82
CA THR C 508 -21.02 9.12 -57.71
C THR C 508 -21.85 9.86 -56.66
N TRP C 509 -23.11 9.44 -56.53
CA TRP C 509 -24.01 10.11 -55.60
C TRP C 509 -23.52 9.95 -54.16
N THR C 510 -22.93 8.80 -53.83
CA THR C 510 -22.31 8.65 -52.52
C THR C 510 -21.15 9.61 -52.35
N GLU C 511 -20.37 9.82 -53.42
CA GLU C 511 -19.30 10.81 -53.36
C GLU C 511 -19.85 12.21 -53.13
N MET C 512 -20.96 12.54 -53.79
CA MET C 512 -21.59 13.84 -53.56
C MET C 512 -22.05 13.98 -52.11
N LEU C 513 -22.68 12.94 -51.57
CA LEU C 513 -23.16 13.01 -50.19
C LEU C 513 -22.00 13.15 -49.22
N ILE C 514 -20.91 12.41 -49.42
CA ILE C 514 -19.78 12.50 -48.49
C ILE C 514 -19.09 13.85 -48.61
N MET C 515 -19.03 14.42 -49.82
CA MET C 515 -18.48 15.76 -49.98
C MET C 515 -19.34 16.79 -49.25
N VAL C 516 -20.67 16.64 -49.34
CA VAL C 516 -21.55 17.55 -48.62
C VAL C 516 -21.36 17.40 -47.12
N TRP C 517 -21.21 16.16 -46.65
CA TRP C 517 -20.98 15.94 -45.22
C TRP C 517 -19.67 16.57 -44.76
N VAL C 518 -18.61 16.42 -45.54
CA VAL C 518 -17.33 17.03 -45.18
C VAL C 518 -17.45 18.55 -45.19
N LEU C 519 -18.15 19.11 -46.16
CA LEU C 519 -18.36 20.56 -46.19
C LEU C 519 -19.13 21.03 -44.96
N GLY C 520 -20.16 20.29 -44.57
CA GLY C 520 -20.93 20.67 -43.39
C GLY C 520 -20.12 20.61 -42.11
N MET C 521 -19.34 19.53 -41.95
CA MET C 521 -18.51 19.42 -40.74
C MET C 521 -17.43 20.48 -40.71
N MET C 522 -16.81 20.78 -41.86
CA MET C 522 -15.82 21.84 -41.93
C MET C 522 -16.46 23.19 -41.62
N TRP C 523 -17.68 23.42 -42.11
CA TRP C 523 -18.39 24.66 -41.80
C TRP C 523 -18.66 24.78 -40.31
N SER C 524 -19.06 23.67 -39.67
CA SER C 524 -19.29 23.69 -38.23
C SER C 524 -17.99 24.00 -37.48
N GLU C 525 -16.89 23.37 -37.88
CA GLU C 525 -15.61 23.64 -37.23
C GLU C 525 -15.19 25.09 -37.42
N CYS C 526 -15.37 25.63 -38.63
CA CYS C 526 -15.02 27.02 -38.89
C CYS C 526 -15.89 27.97 -38.08
N LYS C 527 -17.17 27.67 -37.94
CA LYS C 527 -18.05 28.50 -37.12
C LYS C 527 -17.60 28.47 -35.66
N GLU C 528 -17.25 27.28 -35.15
CA GLU C 528 -16.77 27.19 -33.78
C GLU C 528 -15.49 28.00 -33.59
N LEU C 529 -14.55 27.88 -34.53
CA LEU C 529 -13.29 28.62 -34.43
C LEU C 529 -13.54 30.12 -34.50
N TRP C 530 -14.43 30.56 -35.38
CA TRP C 530 -14.74 31.98 -35.51
C TRP C 530 -15.39 32.52 -34.24
N LEU C 531 -16.35 31.77 -33.67
CA LEU C 531 -17.10 32.28 -32.54
C LEU C 531 -16.28 32.25 -31.24
N GLU C 532 -15.50 31.19 -31.01
CA GLU C 532 -14.85 31.02 -29.73
C GLU C 532 -13.38 31.45 -29.71
N GLY C 533 -12.71 31.46 -30.86
CA GLY C 533 -11.33 31.89 -30.92
C GLY C 533 -10.39 30.83 -31.44
N PRO C 534 -9.43 31.22 -32.27
CA PRO C 534 -8.52 30.23 -32.87
C PRO C 534 -7.54 29.64 -31.88
N ARG C 535 -6.97 30.46 -30.99
CA ARG C 535 -5.96 29.97 -30.06
C ARG C 535 -6.52 28.91 -29.12
N GLU C 536 -7.74 29.13 -28.61
CA GLU C 536 -8.38 28.12 -27.78
C GLU C 536 -8.78 26.90 -28.60
N TYR C 537 -9.16 27.10 -29.86
CA TYR C 537 -9.55 25.99 -30.71
C TYR C 537 -8.38 25.04 -30.97
N ILE C 538 -7.19 25.60 -31.24
CA ILE C 538 -6.04 24.78 -31.56
C ILE C 538 -5.61 23.95 -30.34
N LEU C 539 -5.72 24.52 -29.14
CA LEU C 539 -5.27 23.81 -27.94
C LEU C 539 -6.32 22.83 -27.45
N GLN C 540 -6.82 21.97 -28.35
CA GLN C 540 -7.74 20.90 -28.00
C GLN C 540 -7.47 19.73 -28.95
N LEU C 541 -7.38 18.53 -28.39
CA LEU C 541 -7.08 17.36 -29.21
C LEU C 541 -8.18 17.10 -30.23
N TRP C 542 -9.43 17.11 -29.79
CA TRP C 542 -10.54 16.76 -30.68
C TRP C 542 -10.70 17.80 -31.79
N ASN C 543 -10.61 19.09 -31.45
CA ASN C 543 -10.78 20.12 -32.46
C ASN C 543 -9.67 20.05 -33.51
N VAL C 544 -8.41 19.89 -33.09
CA VAL C 544 -7.32 19.86 -34.04
C VAL C 544 -7.38 18.58 -34.88
N LEU C 545 -7.78 17.47 -34.28
CA LEU C 545 -7.89 16.22 -35.05
C LEU C 545 -9.02 16.30 -36.07
N ASP C 546 -10.15 16.89 -35.68
CA ASP C 546 -11.26 17.07 -36.62
C ASP C 546 -10.85 17.99 -37.77
N PHE C 547 -10.16 19.08 -37.44
CA PHE C 547 -9.68 19.98 -38.50
C PHE C 547 -8.71 19.27 -39.42
N GLY C 548 -7.82 18.44 -38.86
CA GLY C 548 -6.88 17.72 -39.69
C GLY C 548 -7.54 16.73 -40.62
N MET C 549 -8.49 15.95 -40.10
CA MET C 549 -9.15 14.96 -40.95
C MET C 549 -10.03 15.63 -41.99
N LEU C 550 -10.68 16.74 -41.64
CA LEU C 550 -11.47 17.47 -42.62
C LEU C 550 -10.59 18.09 -43.70
N SER C 551 -9.43 18.62 -43.31
CA SER C 551 -8.50 19.17 -44.30
C SER C 551 -7.97 18.08 -45.22
N ILE C 552 -7.69 16.89 -44.68
CA ILE C 552 -7.24 15.78 -45.51
C ILE C 552 -8.35 15.37 -46.47
N PHE C 553 -9.59 15.32 -46.00
CA PHE C 553 -10.71 15.04 -46.90
C PHE C 553 -10.82 16.08 -48.00
N ILE C 554 -10.67 17.37 -47.65
CA ILE C 554 -10.77 18.43 -48.64
C ILE C 554 -9.65 18.30 -49.67
N ALA C 555 -8.43 18.00 -49.22
CA ALA C 555 -7.33 17.83 -50.15
C ALA C 555 -7.56 16.64 -51.07
N ALA C 556 -8.05 15.53 -50.52
CA ALA C 556 -8.31 14.35 -51.34
C ALA C 556 -9.37 14.65 -52.40
N PHE C 557 -10.45 15.31 -51.99
CA PHE C 557 -11.52 15.62 -52.95
C PHE C 557 -11.07 16.67 -53.96
N THR C 558 -10.19 17.59 -53.57
CA THR C 558 -9.64 18.53 -54.53
C THR C 558 -8.78 17.83 -55.57
N ALA C 559 -7.95 16.87 -55.13
CA ALA C 559 -7.15 16.12 -56.08
C ALA C 559 -8.03 15.31 -57.02
N ARG C 560 -9.07 14.66 -56.48
CA ARG C 560 -9.98 13.91 -57.33
C ARG C 560 -10.72 14.82 -58.29
N PHE C 561 -11.07 16.03 -57.86
CA PHE C 561 -11.74 16.96 -58.74
C PHE C 561 -10.82 17.45 -59.84
N LEU C 562 -9.53 17.66 -59.53
CA LEU C 562 -8.58 18.01 -60.57
C LEU C 562 -8.43 16.88 -61.59
N ALA C 563 -8.36 15.64 -61.11
CA ALA C 563 -8.32 14.51 -62.03
C ALA C 563 -9.58 14.45 -62.88
N PHE C 564 -10.74 14.72 -62.28
CA PHE C 564 -11.99 14.73 -63.03
C PHE C 564 -11.99 15.84 -64.07
N LEU C 565 -11.45 17.00 -63.74
CA LEU C 565 -11.37 18.09 -64.70
C LEU C 565 -10.48 17.72 -65.88
N GLN C 566 -9.33 17.11 -65.61
CA GLN C 566 -8.45 16.69 -66.70
C GLN C 566 -9.13 15.64 -67.57
N ALA C 567 -9.79 14.67 -66.95
CA ALA C 567 -10.49 13.64 -67.71
C ALA C 567 -11.62 14.23 -68.54
N THR C 568 -12.36 15.19 -67.97
CA THR C 568 -13.45 15.83 -68.70
C THR C 568 -12.92 16.63 -69.88
N LYS C 569 -11.79 17.31 -69.71
CA LYS C 569 -11.19 18.01 -70.85
C LYS C 569 -10.77 17.04 -71.93
N ALA C 570 -10.20 15.90 -71.54
CA ALA C 570 -9.83 14.88 -72.52
C ALA C 570 -11.07 14.35 -73.24
N GLN C 571 -12.16 14.13 -72.51
CA GLN C 571 -13.39 13.63 -73.13
C GLN C 571 -13.98 14.67 -74.08
N GLN C 572 -13.92 15.95 -73.71
CA GLN C 572 -14.39 17.00 -74.60
C GLN C 572 -13.56 17.03 -75.89
N TYR C 573 -12.24 16.89 -75.75
CA TYR C 573 -11.39 16.82 -76.94
C TYR C 573 -11.76 15.64 -77.82
N VAL C 574 -12.01 14.48 -77.20
CA VAL C 574 -12.37 13.30 -77.97
C VAL C 574 -13.70 13.52 -78.70
N ASP C 575 -14.68 14.08 -78.01
CA ASP C 575 -15.99 14.31 -78.62
C ASP C 575 -15.96 15.40 -79.69
N SER C 576 -15.02 16.33 -79.61
CA SER C 576 -14.96 17.44 -80.57
C SER C 576 -14.03 17.19 -81.75
N TYR C 577 -13.03 16.32 -81.60
CA TYR C 577 -12.04 16.13 -82.65
C TYR C 577 -11.80 14.67 -83.04
N VAL C 578 -12.52 13.72 -82.44
CA VAL C 578 -12.35 12.31 -82.76
C VAL C 578 -13.71 11.72 -83.11
N GLN C 579 -13.82 11.20 -84.33
CA GLN C 579 -15.02 10.49 -84.79
C GLN C 579 -14.60 9.22 -85.55
N GLU C 580 -13.69 8.47 -84.94
CA GLU C 580 -12.98 7.41 -85.66
C GLU C 580 -13.33 6.01 -85.16
N SER C 581 -14.63 5.75 -84.97
CA SER C 581 -15.14 4.41 -84.70
C SER C 581 -14.55 3.81 -83.42
N ASP C 582 -14.93 4.44 -82.30
CA ASP C 582 -14.77 3.87 -80.97
C ASP C 582 -13.32 3.82 -80.50
N LEU C 583 -12.53 4.83 -80.86
CA LEU C 583 -11.19 5.03 -80.32
C LEU C 583 -10.27 3.83 -80.57
N SER C 584 -10.46 3.14 -81.70
CA SER C 584 -9.62 1.99 -82.04
C SER C 584 -8.55 2.34 -83.06
N GLU C 585 -8.96 2.84 -84.23
CA GLU C 585 -8.00 3.18 -85.28
C GLU C 585 -7.28 4.49 -85.00
N VAL C 586 -7.90 5.39 -84.25
CA VAL C 586 -7.35 6.72 -84.02
C VAL C 586 -6.28 6.65 -82.94
N THR C 587 -5.21 7.42 -83.12
CA THR C 587 -4.15 7.55 -82.13
C THR C 587 -4.22 8.96 -81.54
N LEU C 588 -4.50 9.04 -80.25
CA LEU C 588 -4.65 10.33 -79.60
C LEU C 588 -3.29 10.98 -79.36
N PRO C 589 -3.25 12.30 -79.24
CA PRO C 589 -1.98 12.97 -78.94
C PRO C 589 -1.46 12.52 -77.59
N PRO C 590 -0.14 12.54 -77.39
CA PRO C 590 0.43 12.09 -76.11
C PRO C 590 -0.06 12.89 -74.91
N GLU C 591 -0.45 14.15 -75.10
CA GLU C 591 -1.03 14.91 -74.00
C GLU C 591 -2.34 14.29 -73.52
N ILE C 592 -3.01 13.55 -74.40
CA ILE C 592 -4.31 12.96 -74.07
C ILE C 592 -4.29 11.43 -74.14
N GLN C 593 -3.33 10.82 -74.83
CA GLN C 593 -3.24 9.37 -74.86
C GLN C 593 -3.01 8.80 -73.46
N TYR C 594 -2.39 9.57 -72.57
CA TYR C 594 -2.18 9.13 -71.20
C TYR C 594 -3.49 8.85 -70.47
N PHE C 595 -4.57 9.54 -70.82
CA PHE C 595 -5.84 9.36 -70.15
C PHE C 595 -6.59 8.11 -70.63
N THR C 596 -6.10 7.44 -71.67
CA THR C 596 -6.67 6.18 -72.13
C THR C 596 -5.98 4.98 -71.49
N TYR C 597 -5.06 5.21 -70.57
CA TYR C 597 -4.27 4.15 -69.98
C TYR C 597 -4.94 3.58 -68.74
N ALA C 598 -4.55 2.36 -68.39
CA ALA C 598 -5.07 1.68 -67.22
C ALA C 598 -4.37 2.23 -65.97
N ARG C 599 -4.62 1.58 -64.82
CA ARG C 599 -4.02 2.05 -63.58
C ARG C 599 -2.51 1.88 -63.56
N ASP C 600 -2.00 0.84 -64.24
CA ASP C 600 -0.57 0.56 -64.18
C ASP C 600 0.25 1.66 -64.86
N LYS C 601 -0.28 2.28 -65.91
CA LYS C 601 0.47 3.29 -66.65
C LYS C 601 0.35 4.68 -66.04
N TRP C 602 -0.41 4.84 -64.95
CA TRP C 602 -0.55 6.15 -64.33
C TRP C 602 0.79 6.64 -63.80
N LEU C 603 1.02 7.95 -63.90
CA LEU C 603 2.19 8.54 -63.29
C LEU C 603 2.08 8.42 -61.77
N PRO C 604 3.21 8.22 -61.08
CA PRO C 604 3.16 8.05 -59.62
C PRO C 604 2.66 9.28 -58.89
N SER C 605 2.68 10.45 -59.53
CA SER C 605 2.26 11.69 -58.88
C SER C 605 1.01 12.29 -59.53
N ASP C 606 0.24 11.48 -60.25
CA ASP C 606 -0.98 11.98 -60.87
C ASP C 606 -2.02 12.28 -59.78
N PRO C 607 -2.96 13.18 -60.06
CA PRO C 607 -3.85 13.66 -58.99
C PRO C 607 -4.69 12.58 -58.33
N GLN C 608 -5.12 11.54 -59.05
CA GLN C 608 -6.06 10.59 -58.47
C GLN C 608 -5.38 9.68 -57.45
N ILE C 609 -4.10 9.34 -57.66
CA ILE C 609 -3.38 8.54 -56.68
C ILE C 609 -3.23 9.31 -55.37
N ILE C 610 -2.86 10.59 -55.46
CA ILE C 610 -2.83 11.45 -54.27
C ILE C 610 -4.20 11.49 -53.63
N SER C 611 -5.25 11.60 -54.45
CA SER C 611 -6.61 11.67 -53.94
C SER C 611 -6.96 10.43 -53.13
N GLU C 612 -6.67 9.25 -53.67
CA GLU C 612 -7.07 8.03 -52.98
C GLU C 612 -6.19 7.75 -51.77
N GLY C 613 -4.91 8.11 -51.80
CA GLY C 613 -4.10 7.99 -50.60
C GLY C 613 -4.60 8.89 -49.48
N LEU C 614 -4.87 10.16 -49.80
CA LEU C 614 -5.41 11.06 -48.78
C LEU C 614 -6.79 10.63 -48.32
N TYR C 615 -7.61 10.07 -49.22
CA TYR C 615 -8.91 9.57 -48.83
C TYR C 615 -8.79 8.39 -47.88
N ALA C 616 -7.83 7.50 -48.10
CA ALA C 616 -7.61 6.40 -47.16
C ALA C 616 -7.17 6.93 -45.81
N ILE C 617 -6.28 7.92 -45.79
CA ILE C 617 -5.86 8.51 -44.52
C ILE C 617 -7.05 9.14 -43.81
N ALA C 618 -7.90 9.85 -44.54
CA ALA C 618 -9.05 10.50 -43.94
C ALA C 618 -10.06 9.48 -43.43
N VAL C 619 -10.24 8.37 -44.15
CA VAL C 619 -11.13 7.32 -43.69
C VAL C 619 -10.60 6.71 -42.40
N VAL C 620 -9.29 6.50 -42.32
CA VAL C 620 -8.69 6.00 -41.08
C VAL C 620 -8.94 6.98 -39.94
N LEU C 621 -8.76 8.27 -40.20
CA LEU C 621 -8.93 9.28 -39.15
C LEU C 621 -10.38 9.50 -38.77
N SER C 622 -11.33 9.20 -39.66
CA SER C 622 -12.73 9.45 -39.37
C SER C 622 -13.21 8.64 -38.18
N PHE C 623 -12.99 7.32 -38.21
CA PHE C 623 -13.48 6.47 -37.14
C PHE C 623 -12.84 6.80 -35.80
N SER C 624 -11.73 7.54 -35.80
CA SER C 624 -11.15 8.01 -34.55
C SER C 624 -12.05 9.01 -33.84
N ARG C 625 -13.03 9.58 -34.53
CA ARG C 625 -13.98 10.47 -33.86
C ARG C 625 -15.07 9.72 -33.12
N ILE C 626 -15.10 8.40 -33.21
CA ILE C 626 -15.98 7.62 -32.36
C ILE C 626 -15.61 7.83 -30.89
N ALA C 627 -14.31 7.94 -30.61
CA ALA C 627 -13.86 8.22 -29.26
C ALA C 627 -14.25 9.62 -28.78
N TYR C 628 -14.72 10.48 -29.67
CA TYR C 628 -15.26 11.77 -29.25
C TYR C 628 -16.56 11.60 -28.48
N ILE C 629 -17.45 10.73 -28.97
CA ILE C 629 -18.72 10.45 -28.30
C ILE C 629 -18.62 9.28 -27.34
N LEU C 630 -17.51 8.55 -27.37
CA LEU C 630 -17.32 7.44 -26.42
C LEU C 630 -17.42 7.83 -24.95
N PRO C 631 -16.85 8.94 -24.47
CA PRO C 631 -16.89 9.20 -23.02
C PRO C 631 -18.28 9.38 -22.46
N ALA C 632 -19.27 9.66 -23.29
CA ALA C 632 -20.64 9.82 -22.80
C ALA C 632 -21.20 8.53 -22.23
N ASN C 633 -20.57 7.39 -22.50
CA ASN C 633 -21.03 6.10 -22.02
C ASN C 633 -20.32 5.75 -20.72
N GLU C 634 -21.04 5.06 -19.84
CA GLU C 634 -20.50 4.72 -18.52
C GLU C 634 -19.37 3.71 -18.63
N SER C 635 -19.56 2.67 -19.44
CA SER C 635 -18.55 1.61 -19.53
C SER C 635 -17.32 2.05 -20.32
N PHE C 636 -17.52 2.77 -21.41
CA PHE C 636 -16.45 3.10 -22.34
C PHE C 636 -15.83 4.47 -22.10
N GLY C 637 -16.25 5.18 -21.06
CA GLY C 637 -15.68 6.47 -20.74
C GLY C 637 -14.34 6.38 -20.05
N PRO C 638 -14.29 5.74 -18.88
CA PRO C 638 -13.00 5.58 -18.18
C PRO C 638 -11.97 4.84 -19.00
N LEU C 639 -12.39 3.91 -19.85
CA LEU C 639 -11.45 3.23 -20.72
C LEU C 639 -10.77 4.20 -21.67
N GLN C 640 -11.54 5.09 -22.29
CA GLN C 640 -10.96 6.08 -23.17
C GLN C 640 -10.07 7.05 -22.40
N ILE C 641 -10.48 7.42 -21.19
CA ILE C 641 -9.67 8.33 -20.38
C ILE C 641 -8.31 7.69 -20.08
N SER C 642 -8.33 6.43 -19.64
CA SER C 642 -7.08 5.74 -19.36
C SER C 642 -6.25 5.53 -20.61
N LEU C 643 -6.89 5.30 -21.75
CA LEU C 643 -6.15 5.15 -23.00
C LEU C 643 -5.43 6.44 -23.36
N GLY C 644 -6.12 7.58 -23.22
CA GLY C 644 -5.46 8.85 -23.47
C GLY C 644 -4.32 9.11 -22.51
N ARG C 645 -4.51 8.77 -21.24
CA ARG C 645 -3.44 8.93 -20.26
C ARG C 645 -2.24 8.07 -20.61
N THR C 646 -2.48 6.83 -21.04
CA THR C 646 -1.38 5.95 -21.43
C THR C 646 -0.66 6.47 -22.67
N VAL C 647 -1.40 7.04 -23.63
CA VAL C 647 -0.74 7.63 -24.79
C VAL C 647 0.16 8.79 -24.37
N LYS C 648 -0.35 9.66 -23.50
CA LYS C 648 0.43 10.78 -23.01
C LYS C 648 1.68 10.31 -22.27
N ASP C 649 1.56 9.25 -21.47
CA ASP C 649 2.73 8.70 -20.79
C ASP C 649 3.71 8.06 -21.78
N ILE C 650 3.19 7.39 -22.81
CA ILE C 650 4.03 6.69 -23.77
C ILE C 650 4.84 7.68 -24.60
N PHE C 651 4.31 8.87 -24.84
CA PHE C 651 4.99 9.81 -25.75
C PHE C 651 6.38 10.18 -25.24
N LYS C 652 6.52 10.44 -23.94
CA LYS C 652 7.81 10.87 -23.42
C LYS C 652 8.87 9.78 -23.56
N PHE C 653 8.50 8.52 -23.29
CA PHE C 653 9.43 7.42 -23.52
C PHE C 653 9.69 7.22 -25.01
N MET C 654 8.69 7.49 -25.84
CA MET C 654 8.85 7.35 -27.28
C MET C 654 9.86 8.35 -27.82
N VAL C 655 9.99 9.50 -27.17
CA VAL C 655 11.01 10.47 -27.59
C VAL C 655 12.41 9.88 -27.41
N LEU C 656 12.69 9.31 -26.24
CA LEU C 656 13.99 8.70 -26.00
C LEU C 656 14.22 7.50 -26.91
N PHE C 657 13.17 6.69 -27.11
CA PHE C 657 13.31 5.57 -28.02
C PHE C 657 13.56 6.04 -29.44
N ILE C 658 13.00 7.19 -29.81
CA ILE C 658 13.26 7.76 -31.13
C ILE C 658 14.71 8.19 -31.26
N MET C 659 15.27 8.75 -30.20
CA MET C 659 16.69 9.12 -30.24
C MET C 659 17.57 7.88 -30.41
N VAL C 660 17.28 6.82 -29.65
CA VAL C 660 18.04 5.58 -29.81
C VAL C 660 17.85 4.99 -31.20
N PHE C 661 16.61 5.04 -31.71
CA PHE C 661 16.29 4.54 -33.04
C PHE C 661 17.07 5.28 -34.11
N PHE C 662 17.15 6.60 -33.99
CA PHE C 662 17.92 7.39 -34.96
C PHE C 662 19.40 7.04 -34.87
N ALA C 663 19.90 6.84 -33.65
CA ALA C 663 21.29 6.43 -33.49
C ALA C 663 21.57 5.16 -34.29
N PHE C 664 20.76 4.13 -34.07
CA PHE C 664 21.02 2.86 -34.74
C PHE C 664 20.72 2.92 -36.23
N MET C 665 19.74 3.73 -36.64
CA MET C 665 19.47 3.91 -38.06
C MET C 665 20.68 4.49 -38.77
N ILE C 666 21.24 5.58 -38.23
CA ILE C 666 22.40 6.20 -38.87
C ILE C 666 23.59 5.24 -38.85
N GLY C 667 23.83 4.58 -37.72
CA GLY C 667 24.97 3.69 -37.64
C GLY C 667 24.89 2.55 -38.64
N MET C 668 23.74 1.87 -38.70
CA MET C 668 23.62 0.71 -39.58
C MET C 668 23.56 1.13 -41.05
N PHE C 669 22.97 2.29 -41.32
CA PHE C 669 22.99 2.80 -42.69
C PHE C 669 24.41 3.10 -43.13
N ILE C 670 25.21 3.73 -42.27
CA ILE C 670 26.60 4.00 -42.62
C ILE C 670 27.36 2.69 -42.82
N LEU C 671 27.05 1.69 -42.00
CA LEU C 671 27.73 0.39 -42.14
C LEU C 671 27.39 -0.27 -43.47
N TYR C 672 26.11 -0.30 -43.85
CA TYR C 672 25.64 -1.10 -44.97
C TYR C 672 25.35 -0.30 -46.24
N SER C 673 25.67 0.99 -46.26
CA SER C 673 25.34 1.79 -47.44
C SER C 673 26.12 1.33 -48.66
N TYR C 674 27.41 1.00 -48.49
CA TYR C 674 28.25 0.63 -49.62
C TYR C 674 27.89 -0.70 -50.23
N TYR C 675 27.04 -1.49 -49.58
CA TYR C 675 26.61 -2.78 -50.10
C TYR C 675 25.14 -2.64 -50.51
N LEU C 676 24.93 -2.21 -51.75
CA LEU C 676 23.57 -2.08 -52.28
C LEU C 676 23.16 -3.33 -53.06
N GLY C 677 23.94 -3.70 -54.07
CA GLY C 677 23.67 -4.90 -54.83
C GLY C 677 24.38 -6.10 -54.26
N ALA C 678 24.89 -5.97 -53.03
CA ALA C 678 25.67 -7.06 -52.42
C ALA C 678 25.07 -7.47 -51.07
N LYS C 679 23.78 -7.20 -50.85
CA LYS C 679 23.13 -7.64 -49.60
C LYS C 679 21.99 -8.60 -49.95
N VAL C 680 21.53 -9.37 -48.97
CA VAL C 680 20.44 -10.35 -49.21
C VAL C 680 19.11 -9.63 -49.43
N ASN C 681 18.73 -8.69 -48.56
CA ASN C 681 17.39 -8.05 -48.69
C ASN C 681 17.53 -6.53 -48.81
N ALA C 682 18.63 -6.05 -49.39
CA ALA C 682 18.81 -4.61 -49.61
C ALA C 682 18.23 -3.78 -48.47
N ALA C 683 18.38 -4.26 -47.25
CA ALA C 683 18.01 -3.51 -46.06
C ALA C 683 19.22 -2.79 -45.52
N PHE C 684 18.97 -1.69 -44.79
CA PHE C 684 19.99 -0.80 -44.26
C PHE C 684 20.82 -0.13 -45.34
N THR C 685 20.49 -0.32 -46.62
CA THR C 685 21.27 0.26 -47.70
C THR C 685 20.98 1.74 -47.91
N THR C 686 19.77 2.18 -47.59
CA THR C 686 19.40 3.59 -47.68
C THR C 686 18.74 4.01 -46.37
N VAL C 687 18.62 5.32 -46.17
CA VAL C 687 18.02 5.83 -44.94
C VAL C 687 16.58 5.36 -44.83
N GLU C 688 15.84 5.39 -45.93
CA GLU C 688 14.46 4.85 -45.89
C GLU C 688 14.54 3.38 -45.51
N GLU C 689 15.32 2.59 -46.24
CA GLU C 689 15.37 1.16 -45.97
C GLU C 689 15.84 0.85 -44.56
N SER C 690 16.84 1.58 -44.06
CA SER C 690 17.28 1.39 -42.69
C SER C 690 16.17 1.74 -41.69
N PHE C 691 15.45 2.84 -41.94
CA PHE C 691 14.35 3.22 -41.07
C PHE C 691 13.27 2.15 -41.06
N LYS C 692 12.88 1.67 -42.25
CA LYS C 692 11.87 0.60 -42.33
C LYS C 692 12.36 -0.62 -41.56
N THR C 693 13.58 -1.07 -41.83
CA THR C 693 14.07 -2.30 -41.22
C THR C 693 14.10 -2.19 -39.71
N LEU C 694 14.53 -1.04 -39.18
CA LEU C 694 14.60 -0.87 -37.74
C LEU C 694 13.24 -0.64 -37.10
N PHE C 695 12.31 -0.01 -37.82
CA PHE C 695 10.98 0.19 -37.25
C PHE C 695 10.20 -1.11 -37.22
N TRP C 696 10.21 -1.86 -38.32
CA TRP C 696 9.49 -3.11 -38.33
C TRP C 696 10.17 -4.17 -37.48
N SER C 697 11.42 -3.95 -37.08
CA SER C 697 12.07 -4.84 -36.13
C SER C 697 11.46 -4.75 -34.75
N ILE C 698 10.75 -3.65 -34.45
CA ILE C 698 10.10 -3.51 -33.15
C ILE C 698 9.05 -4.59 -32.96
N PHE C 699 8.29 -4.89 -34.01
CA PHE C 699 7.23 -5.88 -33.96
C PHE C 699 7.70 -7.24 -34.43
N GLY C 700 8.99 -7.44 -34.62
CA GLY C 700 9.51 -8.72 -35.05
C GLY C 700 9.21 -9.06 -36.48
N LEU C 701 8.92 -8.07 -37.32
CA LEU C 701 8.57 -8.29 -38.71
C LEU C 701 9.73 -8.04 -39.67
N SER C 702 10.94 -7.89 -39.15
CA SER C 702 12.14 -7.74 -39.97
C SER C 702 13.02 -8.96 -39.76
N GLU C 703 13.30 -9.68 -40.85
CA GLU C 703 14.09 -10.90 -40.77
C GLU C 703 15.55 -10.60 -40.47
N VAL C 704 16.25 -11.59 -39.93
CA VAL C 704 17.64 -11.42 -39.53
C VAL C 704 18.54 -11.29 -40.76
N THR C 705 18.08 -11.74 -41.92
CA THR C 705 18.89 -11.67 -43.13
C THR C 705 19.10 -10.24 -43.58
N SER C 706 18.49 -9.29 -42.88
CA SER C 706 18.69 -7.87 -43.18
C SER C 706 20.14 -7.47 -42.96
N VAL C 707 20.89 -8.23 -42.17
CA VAL C 707 22.28 -7.90 -41.87
C VAL C 707 23.28 -8.76 -42.63
N VAL C 708 22.81 -9.75 -43.40
CA VAL C 708 23.72 -10.67 -44.08
C VAL C 708 24.12 -10.09 -45.43
N LEU C 709 25.40 -10.19 -45.74
CA LEU C 709 25.95 -9.72 -47.01
C LEU C 709 26.06 -10.87 -48.01
N LYS C 710 26.25 -10.51 -49.27
CA LYS C 710 26.51 -11.48 -50.31
C LYS C 710 28.00 -11.66 -50.60
N TYR C 711 28.86 -10.87 -49.95
CA TYR C 711 30.29 -10.97 -50.15
C TYR C 711 30.94 -11.71 -48.98
N ASP C 712 32.26 -11.84 -49.05
CA ASP C 712 33.04 -12.53 -48.03
C ASP C 712 33.49 -11.60 -46.90
N HIS C 713 33.07 -10.34 -46.92
CA HIS C 713 33.45 -9.37 -45.88
C HIS C 713 32.69 -9.71 -44.61
N LYS C 714 33.17 -10.73 -43.91
CA LYS C 714 32.48 -11.20 -42.72
C LYS C 714 32.61 -10.23 -41.55
N PHE C 715 33.58 -9.33 -41.59
CA PHE C 715 33.71 -8.35 -40.51
C PHE C 715 32.52 -7.39 -40.51
N ILE C 716 32.15 -6.88 -41.67
CA ILE C 716 31.00 -5.99 -41.76
C ILE C 716 29.72 -6.71 -41.37
N GLU C 717 29.57 -7.95 -41.84
CA GLU C 717 28.37 -8.73 -41.49
C GLU C 717 28.28 -8.99 -40.00
N ASN C 718 29.41 -9.30 -39.37
CA ASN C 718 29.40 -9.60 -37.92
C ASN C 718 29.15 -8.31 -37.13
N ILE C 719 29.70 -7.18 -37.57
CA ILE C 719 29.41 -5.91 -36.91
C ILE C 719 27.93 -5.57 -37.05
N GLY C 720 27.35 -5.83 -38.23
CA GLY C 720 25.94 -5.61 -38.42
C GLY C 720 25.09 -6.50 -37.53
N TYR C 721 25.49 -7.77 -37.39
CA TYR C 721 24.79 -8.67 -36.48
C TYR C 721 24.83 -8.15 -35.06
N VAL C 722 26.00 -7.71 -34.61
CA VAL C 722 26.16 -7.22 -33.24
C VAL C 722 25.30 -5.97 -33.04
N LEU C 723 25.36 -5.04 -33.99
CA LEU C 723 24.58 -3.81 -33.87
C LEU C 723 23.08 -4.08 -33.88
N TYR C 724 22.61 -5.00 -34.73
CA TYR C 724 21.20 -5.33 -34.78
C TYR C 724 20.74 -6.00 -33.48
N GLY C 725 21.57 -6.91 -32.95
CA GLY C 725 21.24 -7.52 -31.67
C GLY C 725 21.22 -6.52 -30.54
N ILE C 726 22.18 -5.58 -30.53
CA ILE C 726 22.20 -4.55 -29.51
C ILE C 726 20.98 -3.64 -29.64
N TYR C 727 20.56 -3.36 -30.88
CA TYR C 727 19.36 -2.56 -31.08
C TYR C 727 18.13 -3.27 -30.55
N ASN C 728 18.01 -4.57 -30.81
CA ASN C 728 16.86 -5.31 -30.31
C ASN C 728 16.85 -5.38 -28.79
N VAL C 729 18.03 -5.63 -28.19
CA VAL C 729 18.13 -5.66 -26.74
C VAL C 729 17.79 -4.30 -26.15
N THR C 730 18.28 -3.23 -26.78
CA THR C 730 18.01 -1.88 -26.29
C THR C 730 16.54 -1.53 -26.40
N MET C 731 15.89 -1.91 -27.50
CA MET C 731 14.46 -1.63 -27.61
C MET C 731 13.65 -2.43 -26.62
N VAL C 732 14.07 -3.67 -26.33
CA VAL C 732 13.40 -4.45 -25.30
C VAL C 732 13.58 -3.81 -23.93
N VAL C 733 14.80 -3.31 -23.66
CA VAL C 733 15.06 -2.63 -22.38
C VAL C 733 14.20 -1.38 -22.26
N VAL C 734 14.11 -0.60 -23.33
CA VAL C 734 13.30 0.62 -23.31
C VAL C 734 11.83 0.29 -23.12
N LEU C 735 11.33 -0.73 -23.81
CA LEU C 735 9.94 -1.13 -23.64
C LEU C 735 9.67 -1.61 -22.21
N LEU C 736 10.59 -2.38 -21.64
CA LEU C 736 10.43 -2.85 -20.27
C LEU C 736 10.44 -1.69 -19.29
N ASN C 737 11.34 -0.74 -19.48
CA ASN C 737 11.39 0.43 -18.60
C ASN C 737 10.11 1.26 -18.73
N MET C 738 9.60 1.42 -19.95
CA MET C 738 8.36 2.15 -20.15
C MET C 738 7.20 1.45 -19.45
N LEU C 739 7.11 0.12 -19.61
CA LEU C 739 6.02 -0.63 -18.99
C LEU C 739 6.09 -0.52 -17.47
N ILE C 740 7.29 -0.67 -16.91
CA ILE C 740 7.45 -0.62 -15.46
C ILE C 740 7.12 0.77 -14.92
N ALA C 741 7.65 1.81 -15.57
CA ALA C 741 7.39 3.17 -15.12
C ALA C 741 5.92 3.54 -15.22
N MET C 742 5.24 3.14 -16.29
CA MET C 742 3.80 3.38 -16.40
C MET C 742 3.00 2.60 -15.39
N ILE C 743 3.41 1.36 -15.08
CA ILE C 743 2.72 0.60 -14.03
C ILE C 743 2.87 1.30 -12.68
N ASN C 744 4.07 1.78 -12.37
CA ASN C 744 4.27 2.50 -11.11
C ASN C 744 3.43 3.78 -11.08
N SER C 745 3.44 4.54 -12.18
CA SER C 745 2.68 5.79 -12.23
C SER C 745 1.19 5.53 -12.05
N SER C 746 0.67 4.47 -12.67
CA SER C 746 -0.74 4.13 -12.52
C SER C 746 -1.04 3.65 -11.10
N TYR C 747 -0.11 2.90 -10.50
CA TYR C 747 -0.30 2.48 -9.11
C TYR C 747 -0.25 3.66 -8.16
N GLN C 748 0.35 4.77 -8.56
CA GLN C 748 0.29 6.02 -7.81
C GLN C 748 -0.96 6.83 -8.15
N ASP C 752 -9.91 5.69 -6.48
CA ASP C 752 -11.04 6.19 -7.25
C ASP C 752 -10.78 7.59 -7.81
N ASP C 753 -9.78 7.68 -8.68
CA ASP C 753 -9.51 8.92 -9.40
C ASP C 753 -9.88 8.85 -10.87
N SER C 754 -10.00 7.65 -11.44
CA SER C 754 -10.43 7.52 -12.82
C SER C 754 -11.90 7.86 -12.98
N ASP C 755 -12.73 7.54 -11.98
CA ASP C 755 -14.14 7.87 -12.05
C ASP C 755 -14.35 9.38 -12.09
N VAL C 756 -13.61 10.12 -11.26
CA VAL C 756 -13.72 11.58 -11.25
C VAL C 756 -13.30 12.15 -12.59
N GLU C 757 -12.21 11.64 -13.16
CA GLU C 757 -11.73 12.14 -14.44
C GLU C 757 -12.75 11.86 -15.56
N TRP C 758 -13.32 10.65 -15.56
CA TRP C 758 -14.31 10.31 -16.57
C TRP C 758 -15.55 11.19 -16.43
N LYS C 759 -16.01 11.40 -15.20
CA LYS C 759 -17.19 12.23 -15.01
C LYS C 759 -16.92 13.69 -15.40
N PHE C 760 -15.70 14.17 -15.14
CA PHE C 760 -15.34 15.52 -15.59
C PHE C 760 -15.36 15.61 -17.11
N ALA C 761 -14.82 14.59 -17.79
CA ALA C 761 -14.84 14.59 -19.25
C ALA C 761 -16.26 14.53 -19.79
N ARG C 762 -17.11 13.70 -19.18
CA ARG C 762 -18.50 13.60 -19.62
C ARG C 762 -19.25 14.90 -19.35
N SER C 763 -18.93 15.58 -18.25
CA SER C 763 -19.56 16.86 -17.98
C SER C 763 -19.13 17.93 -18.97
N LYS C 764 -17.85 17.90 -19.37
CA LYS C 764 -17.41 18.79 -20.45
C LYS C 764 -18.16 18.50 -21.74
N LEU C 765 -18.34 17.22 -22.05
CA LEU C 765 -19.10 16.82 -23.23
C LEU C 765 -20.53 17.35 -23.16
N TRP C 766 -21.16 17.24 -21.99
CA TRP C 766 -22.51 17.74 -21.82
C TRP C 766 -22.56 19.26 -22.00
N LEU C 767 -21.71 19.99 -21.29
CA LEU C 767 -21.70 21.44 -21.38
C LEU C 767 -21.39 21.92 -22.79
N SER C 768 -20.72 21.10 -23.61
CA SER C 768 -20.55 21.48 -25.00
C SER C 768 -21.86 21.48 -25.77
N TYR C 769 -22.89 20.79 -25.27
CA TYR C 769 -24.17 20.68 -25.97
C TYR C 769 -25.29 21.53 -25.37
N PHE C 770 -25.07 22.15 -24.21
CA PHE C 770 -26.17 22.86 -23.56
C PHE C 770 -26.58 24.12 -24.33
N ASP C 771 -25.64 24.75 -25.02
CA ASP C 771 -25.97 25.93 -25.80
C ASP C 771 -26.90 25.57 -26.95
N ASP C 772 -27.89 26.44 -27.20
CA ASP C 772 -28.91 26.17 -28.21
C ASP C 772 -28.41 26.31 -29.63
N GLY C 773 -27.24 26.90 -29.84
CA GLY C 773 -26.74 27.09 -31.20
C GLY C 773 -26.46 25.78 -31.92
N LYS C 774 -25.85 24.82 -31.21
CA LYS C 774 -25.49 23.53 -31.79
C LYS C 774 -26.71 22.62 -31.75
N THR C 775 -27.67 22.92 -32.62
CA THR C 775 -28.95 22.22 -32.64
C THR C 775 -29.01 21.12 -33.69
N LEU C 776 -28.70 21.43 -34.94
CA LEU C 776 -28.79 20.43 -35.98
C LEU C 776 -27.42 19.83 -36.28
N PRO C 777 -27.39 18.63 -36.84
CA PRO C 777 -26.12 18.02 -37.20
C PRO C 777 -25.40 18.85 -38.25
N PRO C 778 -24.08 18.77 -38.29
CA PRO C 778 -23.29 19.64 -39.19
C PRO C 778 -23.71 19.55 -40.65
N PRO C 779 -24.02 18.35 -41.19
CA PRO C 779 -24.47 18.32 -42.59
C PRO C 779 -25.76 19.09 -42.82
N PHE C 780 -26.67 19.09 -41.86
CA PHE C 780 -27.93 19.81 -41.98
C PHE C 780 -27.86 21.23 -41.45
N SER C 781 -26.75 21.62 -40.83
CA SER C 781 -26.60 22.99 -40.34
C SER C 781 -26.31 23.98 -41.44
N LEU C 782 -25.98 23.51 -42.66
CA LEU C 782 -25.70 24.42 -43.75
C LEU C 782 -26.93 25.23 -44.14
N VAL C 783 -28.10 24.60 -44.16
CA VAL C 783 -29.34 25.27 -44.54
C VAL C 783 -29.72 26.26 -43.46
N PRO C 784 -29.90 27.55 -43.79
CA PRO C 784 -30.27 28.59 -42.82
C PRO C 784 -31.77 28.81 -42.74
N GLN C 844 -31.41 43.22 4.91
CA GLN C 844 -30.20 43.53 4.15
C GLN C 844 -29.64 42.34 3.36
N PRO C 845 -29.47 41.17 3.99
CA PRO C 845 -28.94 40.02 3.24
C PRO C 845 -29.97 39.46 2.29
N THR C 846 -29.51 39.08 1.10
CA THR C 846 -30.36 38.45 0.11
C THR C 846 -30.50 36.96 0.41
N ARG C 847 -31.27 36.27 -0.43
CA ARG C 847 -31.44 34.83 -0.25
C ARG C 847 -30.13 34.08 -0.46
N TYR C 848 -29.35 34.48 -1.46
CA TYR C 848 -28.08 33.81 -1.71
C TYR C 848 -27.13 33.99 -0.54
N GLN C 849 -27.11 35.19 0.06
CA GLN C 849 -26.25 35.40 1.22
C GLN C 849 -26.65 34.51 2.38
N GLN C 850 -27.95 34.34 2.62
CA GLN C 850 -28.40 33.46 3.69
C GLN C 850 -28.01 32.01 3.39
N ILE C 851 -28.20 31.56 2.15
CA ILE C 851 -27.84 30.20 1.80
C ILE C 851 -26.34 29.98 1.98
N MET C 852 -25.54 30.93 1.53
CA MET C 852 -24.09 30.80 1.66
C MET C 852 -23.66 30.82 3.11
N LYS C 853 -24.30 31.65 3.94
CA LYS C 853 -23.99 31.66 5.36
C LYS C 853 -24.32 30.33 6.02
N ARG C 854 -25.47 29.75 5.68
CA ARG C 854 -25.83 28.44 6.21
C ARG C 854 -24.80 27.40 5.80
N LEU C 855 -24.43 27.38 4.52
CA LEU C 855 -23.47 26.39 4.04
C LEU C 855 -22.09 26.58 4.67
N ILE C 856 -21.68 27.82 4.89
CA ILE C 856 -20.36 28.08 5.45
C ILE C 856 -20.33 27.69 6.93
N LYS C 857 -21.38 28.01 7.67
CA LYS C 857 -21.44 27.57 9.07
C LYS C 857 -21.45 26.05 9.14
N ARG C 858 -22.19 25.41 8.24
CA ARG C 858 -22.21 23.95 8.18
C ARG C 858 -20.83 23.40 7.88
N TYR C 859 -20.10 24.04 6.97
CA TYR C 859 -18.75 23.58 6.64
C TYR C 859 -17.80 23.75 7.81
N VAL C 860 -17.91 24.87 8.53
CA VAL C 860 -17.03 25.08 9.68
C VAL C 860 -17.30 24.02 10.75
N LEU C 861 -18.58 23.75 11.02
CA LEU C 861 -18.90 22.72 12.01
C LEU C 861 -18.44 21.34 11.54
N LYS C 862 -18.62 21.03 10.26
CA LYS C 862 -18.17 19.74 9.74
C LYS C 862 -16.65 19.61 9.83
N ALA C 863 -15.93 20.69 9.54
CA ALA C 863 -14.47 20.67 9.65
C ALA C 863 -14.03 20.48 11.08
N GLN C 864 -14.70 21.14 12.02
CA GLN C 864 -14.36 20.94 13.43
C GLN C 864 -14.65 19.51 13.88
N VAL C 865 -15.77 18.93 13.42
CA VAL C 865 -16.09 17.55 13.75
C VAL C 865 -15.04 16.60 13.17
N ASP C 866 -14.63 16.83 11.94
CA ASP C 866 -13.61 15.99 11.32
C ASP C 866 -12.26 16.15 12.00
N LYS C 867 -11.95 17.34 12.49
CA LYS C 867 -10.75 17.53 13.30
C LYS C 867 -10.85 16.76 14.60
N GLU C 868 -12.03 16.72 15.21
CA GLU C 868 -12.24 15.90 16.40
C GLU C 868 -12.17 14.41 16.10
N ASN C 869 -12.20 14.01 14.84
CA ASN C 869 -12.04 12.61 14.46
C ASN C 869 -10.60 12.28 14.04
N ASP C 870 -9.68 13.24 14.11
CA ASP C 870 -8.29 12.96 13.82
C ASP C 870 -7.68 12.12 14.92
N GLU C 871 -6.69 11.31 14.55
CA GLU C 871 -5.99 10.48 15.51
C GLU C 871 -5.23 11.36 16.50
N VAL C 872 -5.32 11.01 17.77
CA VAL C 872 -4.74 11.83 18.83
C VAL C 872 -3.21 11.71 18.80
N ASN C 873 -2.53 12.84 18.91
CA ASN C 873 -1.08 12.88 18.93
C ASN C 873 -0.56 12.82 20.37
N GLU C 874 0.76 12.83 20.50
CA GLU C 874 1.38 12.81 21.82
C GLU C 874 1.28 14.16 22.53
N GLY C 875 1.28 15.25 21.78
CA GLY C 875 1.19 16.57 22.38
C GLY C 875 -0.11 16.79 23.13
N GLU C 876 -1.21 16.24 22.61
CA GLU C 876 -2.50 16.39 23.29
C GLU C 876 -2.55 15.59 24.58
N LEU C 877 -1.98 14.39 24.57
CA LEU C 877 -1.86 13.63 25.82
C LEU C 877 -0.98 14.37 26.81
N LYS C 878 0.10 15.01 26.34
CA LYS C 878 0.95 15.80 27.22
C LYS C 878 0.16 16.98 27.80
N GLU C 879 -0.71 17.59 26.99
CA GLU C 879 -1.55 18.67 27.48
C GLU C 879 -2.48 18.19 28.59
N ILE C 880 -3.08 17.00 28.42
CA ILE C 880 -3.95 16.47 29.45
C ILE C 880 -3.16 16.13 30.71
N LYS C 881 -1.95 15.60 30.55
CA LYS C 881 -1.10 15.31 31.69
C LYS C 881 -0.75 16.58 32.46
N GLN C 882 -0.46 17.66 31.74
CA GLN C 882 -0.18 18.93 32.40
C GLN C 882 -1.43 19.50 33.06
N ASP C 883 -2.60 19.27 32.48
CA ASP C 883 -3.85 19.65 33.14
C ASP C 883 -4.00 18.91 34.47
N ILE C 884 -3.70 17.62 34.47
CA ILE C 884 -3.75 16.85 35.72
C ILE C 884 -2.72 17.38 36.71
N SER C 885 -1.54 17.77 36.23
CA SER C 885 -0.50 18.29 37.12
C SER C 885 -0.93 19.59 37.78
N SER C 886 -1.46 20.53 36.98
CA SER C 886 -1.92 21.80 37.53
C SER C 886 -3.09 21.58 38.49
N LEU C 887 -4.00 20.66 38.15
CA LEU C 887 -5.08 20.32 39.06
C LEU C 887 -4.56 19.76 40.37
N ARG C 888 -3.53 18.92 40.30
CA ARG C 888 -2.94 18.37 41.51
C ARG C 888 -2.36 19.47 42.39
N TYR C 889 -1.62 20.41 41.78
CA TYR C 889 -1.04 21.49 42.57
C TYR C 889 -2.12 22.35 43.20
N GLU C 890 -3.17 22.69 42.44
CA GLU C 890 -4.25 23.50 42.99
C GLU C 890 -4.96 22.80 44.14
N LEU C 891 -5.26 21.51 43.96
CA LEU C 891 -5.95 20.76 45.01
C LEU C 891 -5.09 20.63 46.25
N LEU C 892 -3.80 20.35 46.08
CA LEU C 892 -2.92 20.24 47.24
C LEU C 892 -2.81 21.56 47.99
N GLU C 893 -2.75 22.67 47.26
CA GLU C 893 -2.68 23.99 47.94
C GLU C 893 -4.01 24.29 48.61
N ASP C 894 -5.13 23.84 48.03
CA ASP C 894 -6.44 24.04 48.70
C ASP C 894 -6.41 23.32 50.05
N LYS C 895 -5.96 22.07 50.05
CA LYS C 895 -5.87 21.29 51.30
C LYS C 895 -4.94 22.02 52.26
N SER C 896 -3.80 22.50 51.75
CA SER C 896 -2.80 23.16 52.63
C SER C 896 -3.47 24.35 53.30
N GLN C 897 -4.39 25.01 52.59
CA GLN C 897 -5.09 26.15 53.16
C GLN C 897 -6.14 25.73 54.17
N ALA C 898 -6.88 24.66 53.86
CA ALA C 898 -7.89 24.17 54.80
C ALA C 898 -7.25 23.69 56.09
N THR C 899 -6.15 22.94 55.98
CA THR C 899 -5.45 22.47 57.17
C THR C 899 -4.90 23.63 57.98
N GLU C 900 -4.39 24.67 57.31
CA GLU C 900 -3.90 25.85 58.02
C GLU C 900 -5.01 26.56 58.76
N GLU C 901 -6.18 26.69 58.14
CA GLU C 901 -7.32 27.31 58.81
C GLU C 901 -7.73 26.52 60.05
N LEU C 902 -7.81 25.20 59.91
CA LEU C 902 -8.16 24.36 61.06
C LEU C 902 -7.10 24.42 62.15
N ALA C 903 -5.83 24.54 61.75
CA ALA C 903 -4.74 24.66 62.73
C ALA C 903 -4.94 25.94 63.54
N ILE C 904 -5.30 27.04 62.88
CA ILE C 904 -5.42 28.35 63.60
C ILE C 904 -6.49 28.21 64.68
N LEU C 905 -7.64 27.65 64.34
CA LEU C 905 -8.74 27.52 65.33
C LEU C 905 -8.23 26.71 66.54
N ILE C 906 -7.54 25.60 66.27
CA ILE C 906 -7.02 24.74 67.37
C ILE C 906 -6.10 25.60 68.24
N HIS C 907 -5.09 26.23 67.63
CA HIS C 907 -4.13 27.07 68.40
C HIS C 907 -4.91 28.06 69.26
N LYS C 908 -5.90 28.75 68.70
CA LYS C 908 -6.64 29.65 69.55
C LYS C 908 -7.34 28.94 70.64
N LEU C 909 -7.96 27.84 70.32
CA LEU C 909 -8.66 27.11 71.31
C LEU C 909 -7.79 26.53 72.33
N SER C 910 -6.61 26.10 71.94
CA SER C 910 -5.68 25.56 72.86
C SER C 910 -5.27 26.62 73.81
N GLU C 911 -5.01 27.81 73.32
CA GLU C 911 -4.72 28.88 74.23
C GLU C 911 -5.87 29.18 75.19
N LYS C 912 -7.10 29.12 74.71
CA LYS C 912 -8.21 29.32 75.61
C LYS C 912 -8.21 28.27 76.69
N LEU C 913 -7.98 27.01 76.37
CA LEU C 913 -7.90 26.05 77.46
C LEU C 913 -6.68 26.34 78.28
N GLY D 97 -15.09 42.98 10.71
CA GLY D 97 -14.02 42.17 10.17
C GLY D 97 -14.51 41.02 9.33
N PRO D 98 -14.95 39.94 9.99
CA PRO D 98 -15.41 38.76 9.24
C PRO D 98 -16.65 39.07 8.42
N ALA D 99 -16.77 38.34 7.30
CA ALA D 99 -17.93 38.52 6.43
C ALA D 99 -19.19 37.88 6.99
N PHE D 100 -19.05 36.77 7.70
CA PHE D 100 -20.19 36.02 8.23
C PHE D 100 -20.22 36.12 9.75
N MET D 101 -21.39 36.49 10.28
CA MET D 101 -21.62 36.59 11.72
C MET D 101 -22.49 35.41 12.13
N PHE D 102 -21.85 34.32 12.56
CA PHE D 102 -22.57 33.08 12.87
C PHE D 102 -23.47 33.21 14.09
N ASN D 103 -23.25 34.19 14.94
CA ASN D 103 -24.05 34.34 16.15
C ASN D 103 -25.41 34.95 15.84
N THR D 107 -26.79 42.96 20.56
CA THR D 107 -26.10 41.73 20.93
C THR D 107 -24.91 42.02 21.83
N SER D 108 -23.71 41.85 21.26
CA SER D 108 -22.43 42.17 21.89
C SER D 108 -22.08 41.19 23.01
N LEU D 109 -22.98 40.26 23.31
CA LEU D 109 -22.73 39.17 24.26
C LEU D 109 -22.20 39.72 25.60
N THR D 110 -23.09 40.41 26.30
CA THR D 110 -22.78 41.07 27.57
C THR D 110 -22.00 40.17 28.51
N ALA D 111 -21.17 40.79 29.37
CA ALA D 111 -20.20 40.05 30.17
C ALA D 111 -20.83 38.95 31.01
N GLU D 112 -22.04 39.18 31.53
CA GLU D 112 -22.72 38.14 32.30
C GLU D 112 -23.02 36.93 31.44
N GLU D 113 -23.55 37.14 30.24
CA GLU D 113 -23.80 36.03 29.34
C GLU D 113 -22.51 35.40 28.86
N GLU D 114 -21.46 36.20 28.66
CA GLU D 114 -20.17 35.65 28.24
C GLU D 114 -19.61 34.71 29.31
N ARG D 115 -19.67 35.12 30.57
CA ARG D 115 -19.16 34.25 31.63
C ARG D 115 -20.08 33.05 31.85
N PHE D 116 -21.38 33.21 31.63
CA PHE D 116 -22.28 32.05 31.71
C PHE D 116 -21.95 31.03 30.63
N LEU D 117 -21.70 31.49 29.41
CA LEU D 117 -21.33 30.57 28.34
C LEU D 117 -19.98 29.93 28.60
N ASP D 118 -19.03 30.68 29.15
CA ASP D 118 -17.74 30.11 29.49
C ASP D 118 -17.89 29.04 30.58
N ALA D 119 -18.74 29.29 31.57
CA ALA D 119 -18.96 28.32 32.63
C ALA D 119 -19.65 27.07 32.09
N ALA D 120 -20.68 27.23 31.26
CA ALA D 120 -21.40 26.09 30.73
C ALA D 120 -20.53 25.26 29.80
N GLU D 121 -19.71 25.92 28.97
CA GLU D 121 -18.88 25.19 28.02
C GLU D 121 -17.82 24.36 28.72
N TYR D 122 -17.24 24.89 29.80
CA TYR D 122 -16.15 24.22 30.52
C TYR D 122 -16.60 23.62 31.83
N GLY D 123 -17.91 23.39 32.00
CA GLY D 123 -18.41 22.62 33.12
C GLY D 123 -18.18 23.24 34.48
N ASN D 124 -18.24 24.56 34.58
CA ASN D 124 -18.15 25.24 35.87
C ASN D 124 -19.50 25.10 36.56
N ILE D 125 -19.72 23.94 37.16
CA ILE D 125 -21.03 23.60 37.71
C ILE D 125 -21.47 24.56 38.81
N PRO D 126 -20.64 24.92 39.79
CA PRO D 126 -21.11 25.90 40.79
C PRO D 126 -21.56 27.21 40.19
N VAL D 127 -20.84 27.70 39.17
CA VAL D 127 -21.19 28.99 38.58
C VAL D 127 -22.49 28.90 37.80
N VAL D 128 -22.68 27.83 37.02
CA VAL D 128 -23.92 27.72 36.27
C VAL D 128 -25.10 27.53 37.20
N ARG D 129 -24.91 26.79 38.30
CA ARG D 129 -26.00 26.66 39.27
C ARG D 129 -26.32 28.00 39.91
N LYS D 130 -25.30 28.76 40.29
CA LYS D 130 -25.53 30.06 40.90
C LYS D 130 -26.25 31.00 39.95
N MET D 131 -25.85 31.02 38.68
CA MET D 131 -26.48 31.90 37.71
C MET D 131 -27.88 31.47 37.33
N LEU D 132 -28.17 30.17 37.30
CA LEU D 132 -29.52 29.73 37.02
C LEU D 132 -30.45 29.94 38.21
N GLU D 133 -29.91 29.93 39.43
CA GLU D 133 -30.74 30.15 40.61
C GLU D 133 -30.97 31.64 40.87
N GLU D 134 -29.89 32.39 41.09
CA GLU D 134 -30.03 33.76 41.57
C GLU D 134 -30.23 34.76 40.44
N SER D 135 -29.44 34.66 39.38
CA SER D 135 -29.45 35.70 38.34
C SER D 135 -30.79 35.73 37.62
N LYS D 136 -31.34 36.94 37.49
CA LYS D 136 -32.60 37.14 36.77
C LYS D 136 -32.42 37.85 35.43
N THR D 137 -31.33 38.58 35.24
CA THR D 137 -31.04 39.25 33.99
C THR D 137 -30.27 38.36 33.01
N LEU D 138 -30.32 37.05 33.21
CA LEU D 138 -29.59 36.10 32.38
C LEU D 138 -30.53 35.45 31.39
N ASN D 139 -30.16 35.46 30.11
CA ASN D 139 -30.89 34.77 29.06
C ASN D 139 -30.20 33.44 28.80
N VAL D 140 -30.83 32.34 29.23
CA VAL D 140 -30.24 31.02 29.08
C VAL D 140 -30.09 30.59 27.63
N ASN D 141 -30.71 31.32 26.70
CA ASN D 141 -30.64 31.00 25.29
C ASN D 141 -29.61 31.83 24.55
N CYS D 142 -28.76 32.56 25.26
CA CYS D 142 -27.71 33.33 24.62
C CYS D 142 -26.75 32.41 23.91
N VAL D 143 -26.24 32.86 22.76
CA VAL D 143 -25.38 32.03 21.92
C VAL D 143 -24.00 32.67 21.84
N ASP D 144 -22.99 31.83 21.58
CA ASP D 144 -21.62 32.29 21.44
C ASP D 144 -21.36 32.67 19.98
N TYR D 145 -20.08 32.84 19.63
CA TYR D 145 -19.73 33.28 18.29
C TYR D 145 -20.21 32.32 17.21
N MET D 146 -20.39 31.05 17.54
CA MET D 146 -20.85 30.05 16.58
C MET D 146 -22.35 29.82 16.64
N GLY D 147 -23.09 30.63 17.39
CA GLY D 147 -24.51 30.43 17.52
C GLY D 147 -24.90 29.19 18.29
N GLN D 148 -24.12 28.81 19.30
CA GLN D 148 -24.41 27.68 20.16
C GLN D 148 -24.77 28.20 21.54
N ASN D 149 -25.94 27.82 22.05
CA ASN D 149 -26.34 28.29 23.36
C ASN D 149 -25.64 27.46 24.44
N ALA D 150 -26.03 27.69 25.69
CA ALA D 150 -25.36 27.00 26.80
C ALA D 150 -25.60 25.50 26.73
N LEU D 151 -26.81 25.08 26.36
CA LEU D 151 -27.12 23.66 26.32
C LEU D 151 -26.29 22.93 25.27
N GLN D 152 -26.14 23.52 24.08
CA GLN D 152 -25.34 22.89 23.05
C GLN D 152 -23.87 22.83 23.45
N LEU D 153 -23.36 23.89 24.09
CA LEU D 153 -21.98 23.87 24.56
C LEU D 153 -21.76 22.79 25.60
N ALA D 154 -22.69 22.66 26.56
CA ALA D 154 -22.55 21.65 27.60
C ALA D 154 -22.65 20.24 27.03
N VAL D 155 -23.60 20.00 26.12
CA VAL D 155 -23.77 18.67 25.56
C VAL D 155 -22.59 18.31 24.67
N GLY D 156 -22.06 19.27 23.93
CA GLY D 156 -20.92 19.00 23.06
C GLY D 156 -19.64 18.66 23.81
N ASN D 157 -19.54 19.08 25.07
CA ASN D 157 -18.37 18.81 25.90
C ASN D 157 -18.60 17.69 26.92
N GLU D 158 -19.76 17.03 26.88
CA GLU D 158 -20.11 15.93 27.78
C GLU D 158 -20.04 16.40 29.24
N HIS D 159 -20.92 17.34 29.55
CA HIS D 159 -21.09 17.86 30.91
C HIS D 159 -22.49 17.49 31.37
N LEU D 160 -22.61 16.31 31.98
CA LEU D 160 -23.91 15.80 32.38
C LEU D 160 -24.55 16.68 33.45
N GLU D 161 -23.78 17.13 34.43
CA GLU D 161 -24.36 17.90 35.52
C GLU D 161 -24.83 19.27 35.06
N VAL D 162 -24.02 19.94 34.23
CA VAL D 162 -24.44 21.21 33.66
C VAL D 162 -25.67 21.01 32.77
N THR D 163 -25.72 19.91 32.03
CA THR D 163 -26.88 19.62 31.20
C THR D 163 -28.12 19.43 32.05
N GLU D 164 -28.01 18.72 33.17
CA GLU D 164 -29.15 18.54 34.06
C GLU D 164 -29.61 19.88 34.65
N LEU D 165 -28.65 20.71 35.06
CA LEU D 165 -29.00 22.01 35.61
C LEU D 165 -29.73 22.87 34.59
N LEU D 166 -29.27 22.84 33.34
CA LEU D 166 -29.93 23.61 32.29
C LEU D 166 -31.30 23.05 31.97
N LEU D 167 -31.42 21.72 31.92
CA LEU D 167 -32.72 21.11 31.62
C LEU D 167 -33.73 21.39 32.72
N LYS D 168 -33.28 21.57 33.96
CA LYS D 168 -34.20 22.02 35.00
C LYS D 168 -34.77 23.40 34.68
N LYS D 169 -33.96 24.27 34.08
CA LYS D 169 -34.41 25.61 33.74
C LYS D 169 -35.44 25.57 32.62
N GLU D 170 -36.49 26.37 32.75
CA GLU D 170 -37.52 26.45 31.73
C GLU D 170 -37.03 27.30 30.56
N ASN D 171 -37.91 27.43 29.55
CA ASN D 171 -37.66 28.20 28.33
C ASN D 171 -36.25 28.00 27.79
N LEU D 172 -35.78 26.76 27.77
CA LEU D 172 -34.47 26.44 27.23
C LEU D 172 -34.62 25.99 25.78
N ALA D 173 -33.86 26.62 24.89
CA ALA D 173 -33.99 26.39 23.46
C ALA D 173 -32.96 25.37 22.98
N ARG D 174 -33.19 24.89 21.75
CA ARG D 174 -32.31 23.93 21.08
C ARG D 174 -32.14 22.66 21.90
N ILE D 175 -33.21 22.21 22.56
CA ILE D 175 -33.15 20.92 23.26
C ILE D 175 -33.12 19.77 22.27
N GLY D 176 -33.87 19.88 21.18
CA GLY D 176 -33.84 18.83 20.16
C GLY D 176 -32.47 18.70 19.51
N ASP D 177 -31.84 19.83 19.19
CA ASP D 177 -30.50 19.76 18.65
C ASP D 177 -29.51 19.25 19.69
N ALA D 178 -29.73 19.56 20.96
CA ALA D 178 -28.89 19.00 22.01
C ALA D 178 -28.99 17.48 22.03
N LEU D 179 -30.22 16.96 21.90
CA LEU D 179 -30.38 15.51 21.84
C LEU D 179 -29.70 14.92 20.62
N LEU D 180 -29.84 15.57 19.47
CA LEU D 180 -29.18 15.06 18.27
C LEU D 180 -27.67 15.08 18.42
N LEU D 181 -27.13 16.14 19.01
CA LEU D 181 -25.68 16.22 19.23
C LEU D 181 -25.20 15.14 20.19
N ALA D 182 -25.95 14.90 21.26
CA ALA D 182 -25.58 13.85 22.20
C ALA D 182 -25.62 12.47 21.54
N ILE D 183 -26.66 12.21 20.74
CA ILE D 183 -26.76 10.93 20.04
C ILE D 183 -25.62 10.78 19.04
N SER D 184 -25.28 11.86 18.34
CA SER D 184 -24.16 11.81 17.41
C SER D 184 -22.85 11.51 18.11
N LYS D 185 -22.63 12.13 19.27
CA LYS D 185 -21.41 11.89 20.03
C LYS D 185 -21.53 10.68 20.94
N GLY D 186 -22.70 10.05 21.02
CA GLY D 186 -22.88 8.86 21.82
C GLY D 186 -22.76 9.08 23.31
N TYR D 187 -23.26 10.20 23.82
CA TYR D 187 -23.24 10.48 25.25
C TYR D 187 -24.52 9.91 25.85
N VAL D 188 -24.45 8.66 26.29
CA VAL D 188 -25.66 7.93 26.68
C VAL D 188 -26.31 8.58 27.89
N ARG D 189 -25.50 8.99 28.88
CA ARG D 189 -26.07 9.62 30.07
C ARG D 189 -26.78 10.93 29.72
N ILE D 190 -26.17 11.73 28.84
CA ILE D 190 -26.81 12.97 28.41
C ILE D 190 -28.07 12.69 27.62
N VAL D 191 -28.07 11.62 26.81
CA VAL D 191 -29.28 11.26 26.07
C VAL D 191 -30.39 10.87 27.05
N GLU D 192 -30.05 10.10 28.08
CA GLU D 192 -31.05 9.76 29.11
C GLU D 192 -31.58 11.02 29.79
N ALA D 193 -30.69 11.96 30.11
CA ALA D 193 -31.12 13.18 30.78
C ALA D 193 -32.05 14.00 29.88
N ILE D 194 -31.72 14.10 28.60
CA ILE D 194 -32.52 14.91 27.68
C ILE D 194 -33.87 14.25 27.42
N LEU D 195 -33.89 12.92 27.24
CA LEU D 195 -35.13 12.22 26.94
C LEU D 195 -36.12 12.26 28.08
N ASN D 196 -35.69 12.63 29.29
CA ASN D 196 -36.60 12.79 30.42
C ASN D 196 -37.19 14.20 30.50
N HIS D 197 -36.78 15.10 29.61
CA HIS D 197 -37.33 16.44 29.59
C HIS D 197 -38.80 16.39 29.19
N PRO D 198 -39.61 17.35 29.65
CA PRO D 198 -41.01 17.40 29.21
C PRO D 198 -41.17 17.55 27.70
N GLY D 199 -40.18 18.10 27.00
CA GLY D 199 -40.26 18.24 25.56
C GLY D 199 -40.25 16.93 24.81
N PHE D 200 -39.82 15.84 25.46
CA PHE D 200 -39.84 14.51 24.87
C PHE D 200 -40.77 13.55 25.58
N ALA D 201 -40.91 13.66 26.90
CA ALA D 201 -41.81 12.77 27.62
C ALA D 201 -43.26 13.10 27.31
N ALA D 202 -43.63 14.38 27.35
CA ALA D 202 -45.01 14.76 27.07
C ALA D 202 -45.32 14.67 25.58
N SER D 203 -44.40 15.12 24.73
CA SER D 203 -44.59 15.04 23.29
C SER D 203 -44.24 13.65 22.79
N LYS D 204 -44.54 13.41 21.51
CA LYS D 204 -44.26 12.14 20.85
C LYS D 204 -43.34 12.34 19.65
N ARG D 205 -42.33 13.20 19.80
CA ARG D 205 -41.45 13.52 18.68
C ARG D 205 -40.56 12.34 18.31
N LEU D 206 -40.20 11.49 19.28
CA LEU D 206 -39.39 10.32 18.96
C LEU D 206 -40.15 9.34 18.07
N THR D 207 -41.44 9.15 18.34
CA THR D 207 -42.20 8.11 17.66
C THR D 207 -42.54 8.52 16.22
N LEU D 208 -42.84 9.80 15.99
CA LEU D 208 -43.38 10.21 14.70
C LEU D 208 -42.32 10.13 13.61
N SER D 209 -42.80 9.97 12.38
CA SER D 209 -41.94 9.76 11.22
C SER D 209 -41.19 11.03 10.85
N PRO D 210 -40.09 10.90 10.10
CA PRO D 210 -39.44 12.11 9.57
C PRO D 210 -40.35 12.92 8.67
N CYS D 211 -41.24 12.28 7.91
CA CYS D 211 -42.22 13.03 7.14
C CYS D 211 -43.15 13.82 8.05
N GLU D 212 -43.57 13.18 9.15
CA GLU D 212 -44.42 13.90 10.14
C GLU D 212 -43.56 14.97 10.79
N GLN D 213 -42.26 14.70 10.95
CA GLN D 213 -41.35 15.67 11.61
C GLN D 213 -41.16 16.89 10.70
N GLU D 214 -41.26 16.69 9.38
CA GLU D 214 -41.04 17.80 8.42
C GLU D 214 -42.39 18.47 8.15
N LEU D 215 -43.47 17.69 8.14
CA LEU D 215 -44.82 18.30 8.00
C LEU D 215 -44.98 19.29 9.14
N GLN D 216 -44.60 18.89 10.35
CA GLN D 216 -44.64 19.81 11.52
C GLN D 216 -43.49 20.80 11.40
N ASP D 217 -43.71 22.06 11.77
CA ASP D 217 -42.65 23.09 11.69
C ASP D 217 -42.45 23.69 13.08
N ASP D 218 -41.76 22.98 13.96
CA ASP D 218 -41.61 23.45 15.36
C ASP D 218 -40.23 24.06 15.58
N ASP D 219 -39.41 24.16 14.54
CA ASP D 219 -38.02 24.66 14.75
C ASP D 219 -37.49 23.97 16.01
N PHE D 220 -37.88 22.71 16.21
CA PHE D 220 -37.48 21.92 17.37
C PHE D 220 -36.03 21.44 17.26
N TYR D 221 -35.71 20.76 16.16
CA TYR D 221 -34.36 20.25 15.98
C TYR D 221 -33.43 21.27 15.34
N ALA D 222 -33.92 22.48 15.07
CA ALA D 222 -33.05 23.53 14.56
C ALA D 222 -32.06 23.95 15.63
N TYR D 223 -30.84 24.29 15.20
CA TYR D 223 -29.78 24.69 16.11
C TYR D 223 -29.39 26.16 15.97
N ASP D 224 -30.09 26.92 15.13
CA ASP D 224 -29.88 28.35 15.04
C ASP D 224 -31.13 28.98 14.46
N GLU D 225 -31.03 30.24 14.04
CA GLU D 225 -32.20 30.96 13.56
C GLU D 225 -32.77 30.34 12.28
N ASP D 226 -31.91 29.70 11.48
CA ASP D 226 -32.37 29.07 10.25
C ASP D 226 -31.43 27.91 9.93
N GLY D 227 -31.94 26.69 10.04
CA GLY D 227 -31.15 25.52 9.72
C GLY D 227 -31.10 24.50 10.84
N THR D 228 -30.76 23.26 10.50
CA THR D 228 -30.62 22.18 11.47
C THR D 228 -29.23 21.59 11.36
N ARG D 229 -28.75 21.02 12.48
CA ARG D 229 -27.40 20.48 12.52
C ARG D 229 -27.22 19.36 11.50
N PHE D 230 -28.19 18.46 11.43
CA PHE D 230 -28.19 17.37 10.46
C PHE D 230 -29.33 17.59 9.48
N SER D 231 -29.50 16.65 8.56
CA SER D 231 -30.57 16.74 7.58
C SER D 231 -31.91 16.73 8.29
N PRO D 232 -32.89 17.48 7.81
CA PRO D 232 -34.19 17.54 8.50
C PRO D 232 -34.89 16.20 8.60
N ASP D 233 -34.62 15.26 7.70
CA ASP D 233 -35.23 13.94 7.78
C ASP D 233 -34.58 13.06 8.83
N ILE D 234 -33.39 13.43 9.32
CA ILE D 234 -32.67 12.60 10.27
C ILE D 234 -33.36 12.71 11.62
N THR D 235 -34.17 11.72 11.96
CA THR D 235 -34.77 11.60 13.27
C THR D 235 -33.75 11.07 14.26
N PRO D 236 -34.02 11.17 15.57
CA PRO D 236 -33.05 10.62 16.54
C PRO D 236 -32.72 9.16 16.33
N ILE D 237 -33.71 8.33 15.96
CA ILE D 237 -33.44 6.92 15.76
C ILE D 237 -32.58 6.70 14.53
N ILE D 238 -32.83 7.46 13.47
CA ILE D 238 -32.01 7.35 12.26
C ILE D 238 -30.57 7.76 12.56
N LEU D 239 -30.38 8.82 13.33
CA LEU D 239 -29.03 9.26 13.67
C LEU D 239 -28.32 8.25 14.56
N ALA D 240 -29.05 7.67 15.54
CA ALA D 240 -28.44 6.66 16.39
C ALA D 240 -28.05 5.43 15.58
N ALA D 241 -28.87 5.04 14.62
CA ALA D 241 -28.50 3.94 13.74
C ALA D 241 -27.29 4.30 12.88
N HIS D 242 -27.24 5.52 12.35
CA HIS D 242 -26.11 5.96 11.54
C HIS D 242 -24.80 5.86 12.33
N CYS D 243 -24.79 6.42 13.54
CA CYS D 243 -23.60 6.41 14.36
C CYS D 243 -23.37 5.07 15.06
N GLN D 244 -24.33 4.15 14.96
CA GLN D 244 -24.21 2.81 15.54
C GLN D 244 -23.99 2.87 17.04
N LYS D 245 -24.85 3.65 17.71
CA LYS D 245 -24.86 3.72 19.17
C LYS D 245 -25.87 2.68 19.65
N TYR D 246 -25.38 1.50 20.04
CA TYR D 246 -26.27 0.40 20.37
C TYR D 246 -27.14 0.74 21.58
N GLU D 247 -26.56 1.34 22.62
CA GLU D 247 -27.37 1.68 23.79
C GLU D 247 -28.40 2.75 23.45
N VAL D 248 -28.01 3.75 22.65
CA VAL D 248 -28.95 4.79 22.26
C VAL D 248 -30.05 4.23 21.38
N VAL D 249 -29.69 3.31 20.47
CA VAL D 249 -30.70 2.68 19.62
C VAL D 249 -31.68 1.89 20.47
N HIS D 250 -31.18 1.15 21.46
CA HIS D 250 -32.07 0.40 22.34
C HIS D 250 -32.97 1.33 23.14
N MET D 251 -32.42 2.43 23.64
CA MET D 251 -33.23 3.39 24.38
C MET D 251 -34.35 3.96 23.51
N LEU D 252 -34.02 4.34 22.27
CA LEU D 252 -35.02 4.92 21.39
C LEU D 252 -36.06 3.89 20.97
N LEU D 253 -35.65 2.63 20.77
CA LEU D 253 -36.61 1.58 20.47
C LEU D 253 -37.54 1.31 21.65
N MET D 254 -37.02 1.40 22.88
CA MET D 254 -37.87 1.33 24.05
C MET D 254 -38.86 2.49 24.06
N LYS D 255 -38.39 3.68 23.68
CA LYS D 255 -39.27 4.84 23.58
C LYS D 255 -40.30 4.71 22.46
N GLY D 256 -40.15 3.73 21.58
CA GLY D 256 -41.08 3.52 20.49
C GLY D 256 -40.64 4.06 19.14
N ALA D 257 -39.41 4.53 19.02
CA ALA D 257 -38.93 5.05 17.74
C ALA D 257 -38.69 3.92 16.76
N ARG D 258 -39.03 4.16 15.50
CA ARG D 258 -38.79 3.23 14.42
C ARG D 258 -38.28 3.98 13.21
N ILE D 259 -37.54 3.29 12.35
CA ILE D 259 -37.04 3.91 11.13
C ILE D 259 -38.10 3.81 10.05
N GLU D 260 -38.15 4.83 9.19
CA GLU D 260 -39.32 5.06 8.35
C GLU D 260 -39.60 3.90 7.40
N ARG D 261 -38.54 3.29 6.84
CA ARG D 261 -38.69 2.31 5.76
C ARG D 261 -39.39 3.00 4.60
N PRO D 262 -38.69 3.85 3.84
CA PRO D 262 -39.35 4.67 2.83
C PRO D 262 -39.95 3.83 1.71
N ASP D 279 -38.76 18.85 -4.73
CA ASP D 279 -37.31 18.95 -4.60
C ASP D 279 -36.55 17.95 -5.49
N SER D 280 -36.85 16.66 -5.36
CA SER D 280 -36.23 15.56 -6.10
C SER D 280 -34.76 15.38 -5.75
N PHE D 281 -34.18 16.24 -4.92
CA PHE D 281 -32.83 16.06 -4.40
C PHE D 281 -32.81 15.85 -2.90
N SER D 282 -33.69 16.54 -2.17
CA SER D 282 -33.86 16.25 -0.75
C SER D 282 -34.56 14.92 -0.54
N HIS D 283 -35.35 14.48 -1.52
CA HIS D 283 -36.04 13.20 -1.39
C HIS D 283 -35.07 12.03 -1.53
N SER D 284 -34.17 12.09 -2.52
CA SER D 284 -33.16 11.04 -2.65
C SER D 284 -32.23 11.02 -1.45
N ARG D 285 -31.86 12.21 -0.95
CA ARG D 285 -31.02 12.27 0.24
C ARG D 285 -31.75 11.69 1.45
N SER D 286 -33.04 11.97 1.58
CA SER D 286 -33.82 11.39 2.68
C SER D 286 -33.88 9.89 2.56
N ARG D 287 -34.07 9.37 1.36
CA ARG D 287 -34.10 7.92 1.16
C ARG D 287 -32.76 7.29 1.54
N ILE D 288 -31.66 7.93 1.13
CA ILE D 288 -30.34 7.39 1.45
C ILE D 288 -30.10 7.43 2.95
N ASN D 289 -30.53 8.50 3.62
CA ASN D 289 -30.38 8.55 5.08
C ASN D 289 -31.20 7.47 5.76
N ALA D 290 -32.43 7.25 5.31
CA ALA D 290 -33.27 6.22 5.90
C ALA D 290 -32.65 4.84 5.69
N TYR D 291 -32.06 4.60 4.52
CA TYR D 291 -31.44 3.29 4.28
C TYR D 291 -30.12 3.14 5.01
N LYS D 292 -29.37 4.22 5.23
CA LYS D 292 -28.21 4.16 6.10
C LYS D 292 -28.62 3.80 7.52
N GLY D 293 -29.75 4.34 7.97
CA GLY D 293 -30.28 3.93 9.26
C GLY D 293 -30.70 2.47 9.28
N LEU D 294 -31.37 2.01 8.22
CA LEU D 294 -31.83 0.63 8.16
C LEU D 294 -30.67 -0.34 7.99
N ALA D 295 -29.68 0.01 7.18
CA ALA D 295 -28.56 -0.89 6.88
C ALA D 295 -27.46 -0.83 7.93
N SER D 296 -27.74 -0.34 9.12
CA SER D 296 -26.67 -0.37 10.10
C SER D 296 -26.86 -1.55 11.05
N PRO D 297 -25.77 -2.20 11.46
CA PRO D 297 -25.92 -3.34 12.39
C PRO D 297 -26.59 -2.97 13.70
N ALA D 298 -26.41 -1.73 14.17
CA ALA D 298 -27.02 -1.32 15.43
C ALA D 298 -28.54 -1.37 15.37
N TYR D 299 -29.12 -1.15 14.18
CA TYR D 299 -30.57 -1.26 14.05
C TYR D 299 -31.00 -2.66 13.62
N LEU D 300 -30.20 -3.30 12.76
CA LEU D 300 -30.55 -4.64 12.30
C LEU D 300 -30.59 -5.63 13.45
N SER D 301 -29.64 -5.54 14.38
CA SER D 301 -29.58 -6.49 15.48
C SER D 301 -30.64 -6.21 16.54
N LEU D 302 -30.94 -4.93 16.79
CA LEU D 302 -31.80 -4.56 17.90
C LEU D 302 -33.26 -4.35 17.50
N SER D 303 -33.58 -4.35 16.22
CA SER D 303 -34.93 -4.00 15.76
C SER D 303 -35.72 -5.22 15.32
N SER D 304 -35.18 -6.01 14.41
CA SER D 304 -35.90 -7.12 13.81
C SER D 304 -35.80 -8.37 14.68
N GLU D 305 -36.80 -9.25 14.53
CA GLU D 305 -36.81 -10.52 15.25
C GLU D 305 -35.85 -11.53 14.62
N ASP D 306 -35.61 -11.43 13.31
CA ASP D 306 -34.71 -12.33 12.58
C ASP D 306 -33.71 -11.46 11.84
N PRO D 307 -32.68 -10.98 12.52
CA PRO D 307 -31.77 -10.00 11.91
C PRO D 307 -31.05 -10.49 10.66
N VAL D 308 -30.72 -11.78 10.57
CA VAL D 308 -29.99 -12.26 9.40
C VAL D 308 -30.87 -12.23 8.16
N LEU D 309 -32.12 -12.71 8.28
CA LEU D 309 -33.04 -12.67 7.15
C LEU D 309 -33.34 -11.24 6.75
N THR D 310 -33.57 -10.37 7.73
CA THR D 310 -33.84 -8.97 7.44
C THR D 310 -32.66 -8.31 6.74
N ALA D 311 -31.44 -8.62 7.19
CA ALA D 311 -30.27 -8.04 6.55
C ALA D 311 -30.04 -8.59 5.15
N LEU D 312 -30.34 -9.87 4.91
CA LEU D 312 -30.23 -10.40 3.55
C LEU D 312 -31.21 -9.72 2.61
N GLU D 313 -32.47 -9.60 3.04
CA GLU D 313 -33.47 -8.93 2.21
C GLU D 313 -33.09 -7.46 1.98
N LEU D 314 -32.58 -6.80 3.02
CA LEU D 314 -32.17 -5.42 2.87
C LEU D 314 -30.98 -5.29 1.92
N SER D 315 -30.06 -6.25 1.95
CA SER D 315 -28.95 -6.23 1.00
C SER D 315 -29.44 -6.37 -0.42
N ASN D 316 -30.41 -7.26 -0.64
CA ASN D 316 -31.01 -7.40 -1.97
C ASN D 316 -31.65 -6.09 -2.42
N GLU D 317 -32.44 -5.47 -1.53
CA GLU D 317 -33.11 -4.22 -1.88
C GLU D 317 -32.11 -3.12 -2.19
N LEU D 318 -31.04 -3.02 -1.40
CA LEU D 318 -30.05 -1.98 -1.62
C LEU D 318 -29.26 -2.23 -2.89
N ALA D 319 -28.98 -3.47 -3.24
CA ALA D 319 -28.34 -3.75 -4.52
C ALA D 319 -29.25 -3.36 -5.69
N LYS D 320 -30.54 -3.68 -5.59
CA LYS D 320 -31.48 -3.30 -6.64
C LYS D 320 -31.55 -1.78 -6.78
N LEU D 321 -31.58 -1.06 -5.66
CA LEU D 321 -31.65 0.40 -5.71
C LEU D 321 -30.33 1.01 -6.17
N ALA D 322 -29.19 0.38 -5.89
CA ALA D 322 -27.93 0.82 -6.47
C ALA D 322 -27.97 0.69 -7.98
N ASN D 323 -28.57 -0.39 -8.48
CA ASN D 323 -28.76 -0.52 -9.92
C ASN D 323 -29.67 0.58 -10.45
N ILE D 324 -30.76 0.88 -9.75
CA ILE D 324 -31.73 1.86 -10.24
C ILE D 324 -31.14 3.27 -10.19
N GLU D 325 -30.57 3.66 -9.05
CA GLU D 325 -30.02 5.00 -8.87
C GLU D 325 -28.55 4.98 -9.26
N LYS D 326 -28.25 5.47 -10.46
CA LYS D 326 -26.88 5.46 -10.94
C LYS D 326 -26.03 6.55 -10.31
N GLU D 327 -26.62 7.71 -10.00
CA GLU D 327 -25.84 8.80 -9.43
C GLU D 327 -25.42 8.52 -8.00
N PHE D 328 -26.26 7.85 -7.22
CA PHE D 328 -25.95 7.48 -5.84
C PHE D 328 -25.62 6.00 -5.72
N LYS D 329 -24.92 5.46 -6.72
CA LYS D 329 -24.61 4.03 -6.73
C LYS D 329 -23.71 3.63 -5.57
N ASN D 330 -22.70 4.45 -5.27
CA ASN D 330 -21.72 4.07 -4.25
C ASN D 330 -22.37 3.95 -2.88
N ASP D 331 -23.28 4.85 -2.53
CA ASP D 331 -23.90 4.80 -1.21
C ASP D 331 -24.70 3.51 -1.01
N TYR D 332 -25.53 3.16 -2.00
CA TYR D 332 -26.32 1.94 -1.88
C TYR D 332 -25.45 0.70 -1.94
N ARG D 333 -24.37 0.71 -2.73
CA ARG D 333 -23.45 -0.41 -2.72
C ARG D 333 -22.80 -0.58 -1.36
N LYS D 334 -22.40 0.53 -0.73
CA LYS D 334 -21.82 0.46 0.60
C LYS D 334 -22.83 -0.07 1.62
N LEU D 335 -24.08 0.36 1.52
CA LEU D 335 -25.09 -0.13 2.46
C LEU D 335 -25.36 -1.62 2.26
N SER D 336 -25.39 -2.07 1.00
CA SER D 336 -25.53 -3.50 0.74
C SER D 336 -24.35 -4.28 1.31
N MET D 337 -23.14 -3.74 1.16
CA MET D 337 -21.98 -4.38 1.75
C MET D 337 -22.09 -4.42 3.28
N GLN D 338 -22.65 -3.37 3.88
CA GLN D 338 -22.84 -3.38 5.33
C GLN D 338 -23.80 -4.49 5.75
N CYS D 339 -24.90 -4.67 5.02
CA CYS D 339 -25.82 -5.75 5.34
C CYS D 339 -25.14 -7.11 5.18
N LYS D 340 -24.39 -7.29 4.09
CA LYS D 340 -23.70 -8.56 3.87
C LYS D 340 -22.70 -8.82 4.99
N ASP D 341 -21.96 -7.80 5.41
CA ASP D 341 -20.99 -7.97 6.48
C ASP D 341 -21.66 -8.27 7.81
N PHE D 342 -22.83 -7.68 8.08
CA PHE D 342 -23.55 -8.03 9.28
C PHE D 342 -23.95 -9.50 9.28
N VAL D 343 -24.47 -9.98 8.14
CA VAL D 343 -24.84 -11.40 8.07
C VAL D 343 -23.63 -12.29 8.25
N VAL D 344 -22.51 -11.92 7.62
CA VAL D 344 -21.28 -12.70 7.76
C VAL D 344 -20.81 -12.72 9.20
N GLY D 345 -20.89 -11.59 9.90
CA GLY D 345 -20.49 -11.55 11.29
C GLY D 345 -21.36 -12.40 12.19
N VAL D 346 -22.68 -12.33 11.98
CA VAL D 346 -23.58 -13.17 12.79
C VAL D 346 -23.30 -14.64 12.53
N LEU D 347 -22.99 -15.01 11.28
CA LEU D 347 -22.57 -16.38 11.02
C LEU D 347 -21.27 -16.72 11.71
N ASP D 348 -20.32 -15.77 11.70
CA ASP D 348 -19.00 -16.02 12.27
C ASP D 348 -19.07 -16.23 13.77
N LEU D 349 -20.03 -15.61 14.45
CA LEU D 349 -20.12 -15.70 15.90
C LEU D 349 -20.78 -16.98 16.39
N CYS D 350 -21.13 -17.90 15.50
CA CYS D 350 -21.65 -19.19 15.93
C CYS D 350 -20.54 -20.01 16.58
N ARG D 351 -20.90 -20.77 17.62
CA ARG D 351 -19.92 -21.50 18.40
C ARG D 351 -20.15 -23.00 18.45
N ASP D 352 -21.24 -23.50 17.87
CA ASP D 352 -21.48 -24.94 17.83
C ASP D 352 -22.35 -25.26 16.62
N SER D 353 -22.63 -26.55 16.43
CA SER D 353 -23.35 -27.00 15.24
C SER D 353 -24.77 -26.45 15.22
N GLU D 354 -25.42 -26.36 16.39
CA GLU D 354 -26.81 -25.91 16.43
C GLU D 354 -26.95 -24.47 15.96
N GLU D 355 -26.04 -23.59 16.40
CA GLU D 355 -26.12 -22.19 15.97
C GLU D 355 -25.83 -22.04 14.49
N VAL D 356 -24.85 -22.80 13.98
CA VAL D 356 -24.55 -22.75 12.54
C VAL D 356 -25.74 -23.24 11.74
N GLU D 357 -26.39 -24.31 12.19
CA GLU D 357 -27.59 -24.80 11.51
C GLU D 357 -28.70 -23.76 11.55
N ALA D 358 -28.89 -23.11 12.70
CA ALA D 358 -29.94 -22.11 12.81
C ALA D 358 -29.69 -20.94 11.87
N ILE D 359 -28.43 -20.50 11.74
CA ILE D 359 -28.12 -19.39 10.85
C ILE D 359 -28.27 -19.82 9.39
N LEU D 360 -27.84 -21.03 9.05
CA LEU D 360 -27.89 -21.50 7.67
C LEU D 360 -29.29 -22.00 7.30
N ASN D 361 -29.78 -22.99 8.02
CA ASN D 361 -31.09 -23.57 7.69
C ASN D 361 -32.25 -22.69 8.06
N GLY D 362 -32.05 -21.44 8.49
CA GLY D 362 -33.18 -20.62 8.87
C GLY D 362 -33.89 -21.19 10.09
N ASP D 363 -35.21 -21.07 10.09
CA ASP D 363 -36.01 -21.60 11.19
C ASP D 363 -35.99 -23.13 11.17
N ALA D 377 -32.37 -31.05 5.45
CA ALA D 377 -31.78 -29.78 5.87
C ALA D 377 -31.80 -28.77 4.74
N SER D 378 -32.93 -28.08 4.58
CA SER D 378 -33.08 -27.10 3.52
C SER D 378 -32.32 -25.83 3.89
N LEU D 379 -31.18 -25.61 3.24
CA LEU D 379 -30.34 -24.46 3.54
C LEU D 379 -30.93 -23.19 2.94
N SER D 380 -31.98 -22.66 3.57
CA SER D 380 -32.69 -21.52 3.01
C SER D 380 -31.79 -20.29 2.93
N ARG D 381 -31.04 -20.02 3.99
CA ARG D 381 -30.23 -18.80 4.02
C ARG D 381 -29.02 -18.91 3.10
N VAL D 382 -28.47 -20.12 2.91
CA VAL D 382 -27.39 -20.28 1.95
C VAL D 382 -27.89 -19.99 0.54
N LYS D 383 -29.07 -20.48 0.19
CA LYS D 383 -29.65 -20.21 -1.12
C LYS D 383 -29.96 -18.73 -1.28
N LEU D 384 -30.46 -18.08 -0.22
CA LEU D 384 -30.70 -16.65 -0.29
C LEU D 384 -29.40 -15.87 -0.49
N ALA D 385 -28.34 -16.26 0.22
CA ALA D 385 -27.06 -15.57 0.09
C ALA D 385 -26.48 -15.75 -1.31
N ILE D 386 -26.61 -16.94 -1.88
CA ILE D 386 -26.14 -17.16 -3.24
C ILE D 386 -26.97 -16.36 -4.23
N LYS D 387 -28.30 -16.31 -4.04
CA LYS D 387 -29.15 -15.52 -4.90
C LYS D 387 -28.83 -14.03 -4.78
N TYR D 388 -28.61 -13.55 -3.56
CA TYR D 388 -28.27 -12.15 -3.32
C TYR D 388 -26.78 -11.88 -3.41
N GLU D 389 -25.98 -12.89 -3.77
CA GLU D 389 -24.53 -12.73 -3.96
C GLU D 389 -23.85 -12.24 -2.68
N VAL D 390 -24.23 -12.84 -1.55
CA VAL D 390 -23.53 -12.61 -0.29
C VAL D 390 -22.40 -13.63 -0.26
N LYS D 391 -21.28 -13.28 -0.87
CA LYS D 391 -20.23 -14.25 -1.12
C LYS D 391 -19.49 -14.65 0.16
N LYS D 392 -19.21 -13.68 1.02
CA LYS D 392 -18.46 -13.99 2.24
C LYS D 392 -19.28 -14.83 3.22
N PHE D 393 -20.60 -14.79 3.12
CA PHE D 393 -21.44 -15.67 3.95
C PHE D 393 -21.32 -17.11 3.48
N VAL D 394 -21.42 -17.34 2.17
CA VAL D 394 -21.34 -18.69 1.63
C VAL D 394 -19.91 -19.22 1.73
N ALA D 395 -18.92 -18.37 1.56
CA ALA D 395 -17.52 -18.77 1.62
C ALA D 395 -16.97 -18.84 3.04
N HIS D 396 -17.79 -18.56 4.04
CA HIS D 396 -17.30 -18.57 5.41
C HIS D 396 -17.05 -20.01 5.87
N PRO D 397 -16.02 -20.25 6.69
CA PRO D 397 -15.76 -21.62 7.14
C PRO D 397 -16.93 -22.27 7.88
N ASN D 398 -17.72 -21.50 8.62
CA ASN D 398 -18.86 -22.08 9.33
C ASN D 398 -19.89 -22.62 8.34
N CYS D 399 -20.10 -21.91 7.24
CA CYS D 399 -20.99 -22.42 6.18
C CYS D 399 -20.30 -23.48 5.34
N GLN D 400 -18.99 -23.34 5.11
CA GLN D 400 -18.28 -24.29 4.28
C GLN D 400 -18.23 -25.68 4.91
N GLN D 401 -18.10 -25.75 6.24
CA GLN D 401 -18.07 -27.06 6.89
C GLN D 401 -19.39 -27.79 6.74
N GLN D 402 -20.51 -27.07 6.86
CA GLN D 402 -21.82 -27.69 6.66
C GLN D 402 -22.01 -28.10 5.20
N LEU D 403 -21.60 -27.24 4.26
CA LEU D 403 -21.71 -27.58 2.85
C LEU D 403 -20.85 -28.79 2.51
N LEU D 404 -19.69 -28.91 3.14
CA LEU D 404 -18.80 -30.04 2.91
C LEU D 404 -19.37 -31.32 3.52
N THR D 405 -20.00 -31.21 4.69
CA THR D 405 -20.65 -32.37 5.28
C THR D 405 -21.79 -32.87 4.41
N ILE D 406 -22.57 -31.95 3.83
CA ILE D 406 -23.62 -32.38 2.91
C ILE D 406 -23.02 -32.88 1.60
N TRP D 407 -21.85 -32.37 1.22
CA TRP D 407 -21.22 -32.77 -0.04
C TRP D 407 -20.88 -34.26 -0.01
N TYR D 408 -20.27 -34.73 1.08
CA TYR D 408 -20.02 -36.16 1.28
C TYR D 408 -21.07 -36.68 2.25
N GLU D 409 -22.25 -36.98 1.71
CA GLU D 409 -23.35 -37.45 2.55
C GLU D 409 -23.00 -38.78 3.21
N ASN D 410 -22.76 -39.82 2.39
CA ASN D 410 -22.42 -41.14 2.90
C ASN D 410 -20.95 -41.49 2.71
N LEU D 411 -20.17 -40.57 2.15
CA LEU D 411 -18.74 -40.80 1.93
C LEU D 411 -17.94 -40.20 3.08
N SER D 412 -18.18 -40.76 4.27
CA SER D 412 -17.51 -40.27 5.47
C SER D 412 -16.00 -40.47 5.39
N GLY D 413 -15.57 -41.65 4.94
CA GLY D 413 -14.15 -41.95 4.86
C GLY D 413 -13.43 -41.28 3.71
N LEU D 414 -14.16 -40.90 2.66
CA LEU D 414 -13.55 -40.28 1.49
C LEU D 414 -13.24 -38.80 1.69
N ARG D 415 -13.77 -38.18 2.76
CA ARG D 415 -13.58 -36.75 2.96
C ARG D 415 -12.11 -36.41 3.20
N GLU D 416 -11.43 -37.22 3.99
CA GLU D 416 -10.03 -36.94 4.35
C GLU D 416 -9.03 -37.61 3.43
N GLN D 417 -9.47 -38.30 2.39
CA GLN D 417 -8.54 -38.93 1.47
C GLN D 417 -7.87 -37.89 0.58
N THR D 418 -6.70 -38.25 0.07
CA THR D 418 -5.90 -37.32 -0.72
C THR D 418 -6.50 -37.14 -2.11
N ILE D 419 -5.91 -36.21 -2.86
CA ILE D 419 -6.38 -35.92 -4.22
C ILE D 419 -6.13 -37.12 -5.13
N ALA D 420 -5.04 -37.85 -4.91
CA ALA D 420 -4.73 -39.00 -5.76
C ALA D 420 -5.81 -40.07 -5.64
N ILE D 421 -6.27 -40.35 -4.43
CA ILE D 421 -7.31 -41.36 -4.24
C ILE D 421 -8.63 -40.90 -4.86
N LYS D 422 -8.93 -39.61 -4.76
CA LYS D 422 -10.14 -39.09 -5.40
C LYS D 422 -10.06 -39.23 -6.92
N CYS D 423 -8.90 -38.93 -7.50
CA CYS D 423 -8.73 -39.13 -8.94
C CYS D 423 -8.85 -40.60 -9.32
N LEU D 424 -8.30 -41.48 -8.47
CA LEU D 424 -8.41 -42.91 -8.73
C LEU D 424 -9.87 -43.37 -8.70
N VAL D 425 -10.65 -42.86 -7.73
CA VAL D 425 -12.05 -43.24 -7.67
C VAL D 425 -12.83 -42.65 -8.85
N VAL D 426 -12.43 -41.47 -9.32
CA VAL D 426 -13.03 -40.92 -10.55
C VAL D 426 -12.75 -41.83 -11.73
N LEU D 427 -11.51 -42.32 -11.84
CA LEU D 427 -11.17 -43.25 -12.92
C LEU D 427 -11.96 -44.55 -12.81
N VAL D 428 -12.12 -45.06 -11.59
CA VAL D 428 -12.89 -46.29 -11.38
C VAL D 428 -14.34 -46.07 -11.79
N VAL D 429 -14.92 -44.92 -11.42
CA VAL D 429 -16.28 -44.62 -11.83
C VAL D 429 -16.37 -44.52 -13.34
N ALA D 430 -15.38 -43.91 -13.98
CA ALA D 430 -15.38 -43.82 -15.43
C ALA D 430 -15.35 -45.21 -16.07
N LEU D 431 -14.54 -46.11 -15.51
CA LEU D 431 -14.47 -47.46 -16.07
C LEU D 431 -15.77 -48.22 -15.86
N GLY D 432 -16.39 -48.09 -14.68
CA GLY D 432 -17.55 -48.89 -14.35
C GLY D 432 -18.89 -48.20 -14.41
N LEU D 433 -18.95 -47.04 -15.07
CA LEU D 433 -20.20 -46.29 -15.14
C LEU D 433 -21.38 -47.08 -15.70
N PRO D 434 -21.25 -47.83 -16.80
CA PRO D 434 -22.38 -48.68 -17.20
C PRO D 434 -22.77 -49.69 -16.13
N PHE D 435 -21.78 -50.28 -15.46
CA PHE D 435 -22.09 -51.23 -14.40
C PHE D 435 -22.75 -50.53 -13.21
N LEU D 436 -22.28 -49.33 -12.86
CA LEU D 436 -22.91 -48.58 -11.78
C LEU D 436 -24.37 -48.23 -12.12
N ALA D 437 -24.62 -47.83 -13.36
CA ALA D 437 -25.98 -47.55 -13.78
C ALA D 437 -26.86 -48.79 -13.73
N ILE D 438 -26.32 -49.93 -14.17
CA ILE D 438 -27.08 -51.17 -14.12
C ILE D 438 -27.40 -51.55 -12.68
N GLY D 439 -26.43 -51.42 -11.78
CA GLY D 439 -26.69 -51.71 -10.38
C GLY D 439 -27.70 -50.77 -9.77
N TYR D 440 -27.64 -49.49 -10.13
CA TYR D 440 -28.62 -48.53 -9.63
C TYR D 440 -30.01 -48.86 -10.12
N TRP D 441 -30.15 -49.25 -11.38
CA TRP D 441 -31.46 -49.63 -11.91
C TRP D 441 -31.98 -50.90 -11.23
N ILE D 442 -31.12 -51.89 -11.04
CA ILE D 442 -31.55 -53.13 -10.40
C ILE D 442 -31.82 -52.91 -8.91
N ALA D 443 -30.94 -52.16 -8.24
CA ALA D 443 -31.04 -51.95 -6.79
C ALA D 443 -30.99 -50.45 -6.51
N PRO D 444 -32.11 -49.75 -6.70
CA PRO D 444 -32.13 -48.31 -6.39
C PRO D 444 -31.86 -48.02 -4.92
N CYS D 445 -32.28 -48.90 -4.01
CA CYS D 445 -32.12 -48.69 -2.57
C CYS D 445 -31.17 -49.77 -2.04
N SER D 446 -29.92 -49.40 -1.82
CA SER D 446 -28.91 -50.29 -1.27
C SER D 446 -27.75 -49.44 -0.77
N ARG D 447 -26.71 -50.11 -0.26
CA ARG D 447 -25.51 -49.39 0.14
C ARG D 447 -24.88 -48.70 -1.06
N LEU D 448 -24.80 -49.40 -2.19
CA LEU D 448 -24.31 -48.78 -3.42
C LEU D 448 -25.24 -47.66 -3.86
N GLY D 449 -26.55 -47.85 -3.72
CA GLY D 449 -27.49 -46.79 -4.06
C GLY D 449 -27.32 -45.56 -3.20
N LYS D 450 -27.15 -45.76 -1.88
CA LYS D 450 -26.92 -44.62 -0.99
C LYS D 450 -25.61 -43.92 -1.32
N ILE D 451 -24.56 -44.68 -1.63
CA ILE D 451 -23.29 -44.08 -1.98
C ILE D 451 -23.42 -43.26 -3.26
N LEU D 452 -24.12 -43.80 -4.26
CA LEU D 452 -24.21 -43.14 -5.55
C LEU D 452 -25.00 -41.83 -5.46
N ARG D 453 -26.03 -41.79 -4.61
CA ARG D 453 -26.85 -40.59 -4.49
C ARG D 453 -26.16 -39.46 -3.75
N SER D 454 -25.00 -39.71 -3.14
CA SER D 454 -24.30 -38.64 -2.45
C SER D 454 -23.86 -37.59 -3.47
N PRO D 455 -23.89 -36.30 -3.11
CA PRO D 455 -23.56 -35.25 -4.08
C PRO D 455 -22.17 -35.39 -4.67
N PHE D 456 -21.18 -35.80 -3.88
CA PHE D 456 -19.84 -35.99 -4.42
C PHE D 456 -19.83 -37.11 -5.45
N MET D 457 -20.54 -38.19 -5.20
CA MET D 457 -20.59 -39.28 -6.17
C MET D 457 -21.34 -38.87 -7.43
N LYS D 458 -22.37 -38.04 -7.30
CA LYS D 458 -23.05 -37.53 -8.50
C LYS D 458 -22.12 -36.64 -9.32
N PHE D 459 -21.35 -35.77 -8.64
CA PHE D 459 -20.38 -34.94 -9.34
C PHE D 459 -19.31 -35.80 -10.01
N VAL D 460 -18.84 -36.84 -9.33
CA VAL D 460 -17.82 -37.72 -9.90
C VAL D 460 -18.39 -38.48 -11.08
N ALA D 461 -19.65 -38.91 -11.00
CA ALA D 461 -20.29 -39.59 -12.12
C ALA D 461 -20.41 -38.68 -13.33
N HIS D 462 -20.80 -37.42 -13.12
CA HIS D 462 -20.90 -36.49 -14.24
C HIS D 462 -19.52 -36.19 -14.83
N ALA D 463 -18.51 -36.00 -13.98
CA ALA D 463 -17.16 -35.75 -14.47
C ALA D 463 -16.64 -36.96 -15.25
N ALA D 464 -16.90 -38.17 -14.76
CA ALA D 464 -16.48 -39.37 -15.45
C ALA D 464 -17.20 -39.53 -16.79
N SER D 465 -18.49 -39.21 -16.82
CA SER D 465 -19.22 -39.25 -18.08
C SER D 465 -18.64 -38.26 -19.08
N PHE D 466 -18.30 -37.05 -18.63
CA PHE D 466 -17.70 -36.08 -19.52
C PHE D 466 -16.33 -36.55 -20.01
N ILE D 467 -15.56 -37.17 -19.13
CA ILE D 467 -14.26 -37.70 -19.54
C ILE D 467 -14.44 -38.81 -20.57
N ILE D 468 -15.45 -39.65 -20.38
CA ILE D 468 -15.73 -40.71 -21.37
C ILE D 468 -16.15 -40.09 -22.70
N PHE D 469 -16.90 -39.00 -22.65
CA PHE D 469 -17.29 -38.32 -23.89
C PHE D 469 -16.07 -37.77 -24.62
N LEU D 470 -15.15 -37.15 -23.88
CA LEU D 470 -13.91 -36.68 -24.51
C LEU D 470 -13.10 -37.83 -25.07
N GLY D 471 -13.04 -38.95 -24.34
CA GLY D 471 -12.35 -40.12 -24.83
C GLY D 471 -12.98 -40.67 -26.10
N LEU D 472 -14.30 -40.66 -26.18
CA LEU D 472 -14.99 -41.08 -27.39
C LEU D 472 -14.67 -40.15 -28.55
N LEU D 473 -14.64 -38.83 -28.28
CA LEU D 473 -14.28 -37.88 -29.33
C LEU D 473 -12.88 -38.14 -29.87
N VAL D 474 -11.93 -38.43 -28.96
CA VAL D 474 -10.57 -38.69 -29.39
C VAL D 474 -10.48 -40.03 -30.11
N PHE D 475 -11.15 -41.07 -29.59
CA PHE D 475 -11.11 -42.39 -30.18
C PHE D 475 -11.77 -42.44 -31.56
N ASN D 476 -12.73 -41.55 -31.82
CA ASN D 476 -13.33 -41.51 -33.15
C ASN D 476 -12.32 -41.13 -34.22
N ALA D 477 -11.39 -40.24 -33.89
CA ALA D 477 -10.34 -39.83 -34.81
C ALA D 477 -9.03 -40.58 -34.57
N SER D 478 -9.04 -41.52 -33.62
CA SER D 478 -7.86 -42.32 -33.32
C SER D 478 -7.32 -43.07 -34.54
N ASP D 479 -8.16 -43.38 -35.52
CA ASP D 479 -7.67 -44.06 -36.71
C ASP D 479 -6.85 -43.16 -37.62
N ARG D 480 -6.80 -41.85 -37.34
CA ARG D 480 -6.02 -40.91 -38.14
C ARG D 480 -4.94 -40.20 -37.32
N PHE D 481 -4.48 -40.80 -36.23
CA PHE D 481 -3.51 -40.14 -35.37
C PHE D 481 -2.20 -39.86 -36.10
N GLU D 482 -1.72 -40.83 -36.88
CA GLU D 482 -0.50 -40.67 -37.64
C GLU D 482 -0.73 -40.13 -39.04
N GLY D 483 -1.98 -39.83 -39.39
CA GLY D 483 -2.32 -39.34 -40.71
C GLY D 483 -2.97 -40.41 -41.56
N ILE D 484 -3.66 -39.95 -42.61
CA ILE D 484 -4.38 -40.82 -43.51
C ILE D 484 -3.40 -41.41 -44.52
N THR D 485 -3.47 -42.73 -44.71
CA THR D 485 -2.59 -43.39 -45.67
C THR D 485 -2.97 -43.02 -47.10
N THR D 486 -4.27 -43.02 -47.40
CA THR D 486 -4.73 -42.73 -48.76
C THR D 486 -4.80 -41.23 -48.99
N LEU D 487 -4.51 -40.82 -50.23
CA LEU D 487 -4.56 -39.42 -50.59
C LEU D 487 -6.01 -38.95 -50.67
N PRO D 488 -6.23 -37.63 -50.54
CA PRO D 488 -7.59 -37.09 -50.76
C PRO D 488 -8.10 -37.27 -52.18
N ASN D 489 -7.22 -37.58 -53.14
CA ASN D 489 -7.62 -37.79 -54.53
C ASN D 489 -7.89 -39.25 -54.85
N ILE D 490 -7.77 -40.15 -53.88
CA ILE D 490 -7.86 -41.58 -54.10
C ILE D 490 -9.09 -42.12 -53.37
N THR D 491 -9.91 -42.88 -54.07
CA THR D 491 -11.09 -43.50 -53.49
C THR D 491 -10.79 -44.96 -53.16
N VAL D 492 -11.17 -45.37 -51.95
CA VAL D 492 -11.00 -46.74 -51.49
C VAL D 492 -12.37 -47.27 -51.08
N THR D 493 -12.73 -48.45 -51.62
CA THR D 493 -14.00 -49.08 -51.32
C THR D 493 -13.76 -50.50 -50.84
N ASP D 494 -14.58 -50.94 -49.88
CA ASP D 494 -14.44 -52.30 -49.35
C ASP D 494 -14.75 -53.34 -50.42
N TYR D 495 -15.80 -53.14 -51.20
CA TYR D 495 -16.14 -54.02 -52.30
C TYR D 495 -16.39 -53.21 -53.56
N PRO D 496 -16.19 -53.80 -54.74
CA PRO D 496 -16.20 -53.01 -55.99
C PRO D 496 -17.51 -52.29 -56.26
N LYS D 497 -18.65 -52.85 -55.86
CA LYS D 497 -19.95 -52.24 -56.11
C LYS D 497 -20.36 -51.26 -55.01
N GLN D 498 -19.41 -50.68 -54.30
CA GLN D 498 -19.71 -49.78 -53.20
C GLN D 498 -19.40 -48.34 -53.59
N ILE D 499 -20.34 -47.45 -53.30
CA ILE D 499 -20.17 -46.02 -53.54
C ILE D 499 -19.25 -45.44 -52.47
N PHE D 500 -18.28 -44.64 -52.90
CA PHE D 500 -17.27 -44.13 -51.97
C PHE D 500 -17.89 -43.28 -50.88
N ARG D 501 -18.87 -42.44 -51.23
CA ARG D 501 -19.49 -41.57 -50.24
C ARG D 501 -20.21 -42.37 -49.16
N VAL D 502 -20.70 -43.57 -49.48
CA VAL D 502 -21.30 -44.42 -48.47
C VAL D 502 -20.27 -44.77 -47.41
N LYS D 503 -19.06 -45.14 -47.84
CA LYS D 503 -18.01 -45.46 -46.88
C LYS D 503 -17.56 -44.22 -46.11
N THR D 504 -17.45 -43.08 -46.79
CA THR D 504 -16.91 -41.89 -46.14
C THR D 504 -17.95 -41.17 -45.27
N THR D 505 -19.22 -41.55 -45.35
CA THR D 505 -20.27 -40.89 -44.58
C THR D 505 -20.94 -41.79 -43.54
N GLN D 506 -20.75 -43.10 -43.61
CA GLN D 506 -21.41 -44.00 -42.67
C GLN D 506 -20.87 -43.79 -41.26
N PHE D 507 -21.76 -43.96 -40.28
CA PHE D 507 -21.41 -43.77 -38.88
C PHE D 507 -20.85 -45.06 -38.30
N THR D 508 -19.68 -44.98 -37.68
CA THR D 508 -19.12 -46.10 -36.96
C THR D 508 -19.74 -46.20 -35.57
N TRP D 509 -19.38 -47.25 -34.85
CA TRP D 509 -19.98 -47.50 -33.54
C TRP D 509 -19.66 -46.37 -32.56
N THR D 510 -18.42 -45.88 -32.57
CA THR D 510 -18.08 -44.77 -31.69
C THR D 510 -18.81 -43.49 -32.10
N GLU D 511 -19.10 -43.32 -33.39
CA GLU D 511 -19.94 -42.20 -33.81
C GLU D 511 -21.34 -42.34 -33.24
N MET D 512 -21.89 -43.56 -33.24
CA MET D 512 -23.20 -43.77 -32.64
C MET D 512 -23.18 -43.47 -31.16
N LEU D 513 -22.11 -43.87 -30.46
CA LEU D 513 -22.01 -43.57 -29.03
C LEU D 513 -21.91 -42.07 -28.79
N ILE D 514 -21.15 -41.36 -29.61
CA ILE D 514 -21.05 -39.91 -29.47
C ILE D 514 -22.41 -39.27 -29.70
N MET D 515 -23.14 -39.76 -30.69
CA MET D 515 -24.50 -39.24 -30.93
C MET D 515 -25.41 -39.50 -29.74
N VAL D 516 -25.32 -40.69 -29.16
CA VAL D 516 -26.16 -41.03 -28.00
C VAL D 516 -25.83 -40.12 -26.83
N TRP D 517 -24.55 -39.88 -26.58
CA TRP D 517 -24.16 -39.04 -25.45
C TRP D 517 -24.53 -37.58 -25.68
N VAL D 518 -24.43 -37.10 -26.93
CA VAL D 518 -24.89 -35.75 -27.24
C VAL D 518 -26.39 -35.64 -27.04
N LEU D 519 -27.14 -36.67 -27.44
CA LEU D 519 -28.58 -36.66 -27.21
C LEU D 519 -28.92 -36.67 -25.73
N GLY D 520 -28.16 -37.42 -24.94
CA GLY D 520 -28.39 -37.42 -23.50
C GLY D 520 -28.08 -36.08 -22.86
N MET D 521 -26.99 -35.43 -23.28
CA MET D 521 -26.69 -34.10 -22.78
C MET D 521 -27.75 -33.09 -23.18
N MET D 522 -28.25 -33.20 -24.41
CA MET D 522 -29.34 -32.33 -24.85
C MET D 522 -30.60 -32.57 -24.02
N TRP D 523 -30.89 -33.84 -23.71
CA TRP D 523 -32.05 -34.13 -22.88
C TRP D 523 -31.88 -33.54 -21.48
N SER D 524 -30.68 -33.63 -20.91
CA SER D 524 -30.43 -33.04 -19.60
C SER D 524 -30.61 -31.54 -19.63
N GLU D 525 -30.08 -30.88 -20.67
CA GLU D 525 -30.24 -29.43 -20.78
C GLU D 525 -31.69 -29.05 -20.98
N CYS D 526 -32.44 -29.82 -21.77
CA CYS D 526 -33.87 -29.55 -21.95
C CYS D 526 -34.64 -29.72 -20.65
N LYS D 527 -34.31 -30.75 -19.87
CA LYS D 527 -34.95 -30.93 -18.58
C LYS D 527 -34.67 -29.75 -17.65
N GLU D 528 -33.42 -29.31 -17.61
CA GLU D 528 -33.07 -28.15 -16.79
C GLU D 528 -33.81 -26.90 -17.25
N LEU D 529 -33.86 -26.68 -18.56
CA LEU D 529 -34.54 -25.51 -19.10
C LEU D 529 -36.03 -25.53 -18.78
N TRP D 530 -36.67 -26.69 -18.92
CA TRP D 530 -38.10 -26.78 -18.70
C TRP D 530 -38.45 -26.69 -17.22
N LEU D 531 -37.68 -27.34 -16.35
CA LEU D 531 -38.02 -27.38 -14.94
C LEU D 531 -37.53 -26.16 -14.17
N GLU D 532 -36.62 -25.38 -14.75
CA GLU D 532 -36.10 -24.21 -14.08
C GLU D 532 -36.47 -22.89 -14.75
N GLY D 533 -36.84 -22.92 -16.03
CA GLY D 533 -37.25 -21.71 -16.72
C GLY D 533 -36.18 -21.17 -17.63
N PRO D 534 -36.57 -20.59 -18.76
CA PRO D 534 -35.57 -20.13 -19.73
C PRO D 534 -34.85 -18.86 -19.32
N ARG D 535 -35.54 -17.94 -18.63
CA ARG D 535 -34.92 -16.66 -18.30
C ARG D 535 -33.71 -16.83 -17.39
N GLU D 536 -33.84 -17.68 -16.37
CA GLU D 536 -32.69 -17.94 -15.50
C GLU D 536 -31.69 -18.88 -16.15
N TYR D 537 -32.15 -19.75 -17.06
CA TYR D 537 -31.24 -20.67 -17.73
C TYR D 537 -30.27 -19.92 -18.64
N ILE D 538 -30.78 -18.96 -19.41
CA ILE D 538 -29.92 -18.22 -20.33
C ILE D 538 -28.90 -17.39 -19.57
N LEU D 539 -29.27 -16.86 -18.41
CA LEU D 539 -28.36 -16.03 -17.62
C LEU D 539 -27.37 -16.89 -16.85
N GLN D 540 -26.64 -17.74 -17.57
CA GLN D 540 -25.58 -18.56 -16.97
C GLN D 540 -24.65 -18.99 -18.10
N LEU D 541 -23.36 -18.71 -17.94
CA LEU D 541 -22.40 -18.98 -19.02
C LEU D 541 -22.35 -20.46 -19.36
N TRP D 542 -22.34 -21.32 -18.33
CA TRP D 542 -22.20 -22.75 -18.59
C TRP D 542 -23.39 -23.30 -19.34
N ASN D 543 -24.61 -22.91 -18.95
CA ASN D 543 -25.79 -23.43 -19.61
C ASN D 543 -25.86 -22.99 -21.07
N VAL D 544 -25.59 -21.71 -21.34
CA VAL D 544 -25.68 -21.23 -22.71
C VAL D 544 -24.57 -21.83 -23.57
N LEU D 545 -23.37 -21.97 -23.00
CA LEU D 545 -22.27 -22.58 -23.76
C LEU D 545 -22.54 -24.06 -24.04
N ASP D 546 -23.11 -24.77 -23.07
CA ASP D 546 -23.46 -26.17 -23.29
C ASP D 546 -24.55 -26.31 -24.33
N PHE D 547 -25.56 -25.44 -24.30
CA PHE D 547 -26.58 -25.48 -25.33
C PHE D 547 -25.99 -25.18 -26.70
N GLY D 548 -25.07 -24.21 -26.77
CA GLY D 548 -24.44 -23.91 -28.05
C GLY D 548 -23.64 -25.06 -28.60
N MET D 549 -22.83 -25.70 -27.76
CA MET D 549 -22.02 -26.81 -28.24
C MET D 549 -22.87 -28.03 -28.58
N LEU D 550 -23.95 -28.28 -27.83
CA LEU D 550 -24.84 -29.39 -28.19
C LEU D 550 -25.58 -29.11 -29.48
N SER D 551 -25.99 -27.85 -29.70
CA SER D 551 -26.63 -27.49 -30.96
C SER D 551 -25.66 -27.64 -32.12
N ILE D 552 -24.40 -27.27 -31.92
CA ILE D 552 -23.39 -27.44 -32.97
C ILE D 552 -23.16 -28.92 -33.25
N PHE D 553 -23.10 -29.74 -32.20
CA PHE D 553 -22.98 -31.19 -32.40
C PHE D 553 -24.17 -31.74 -33.18
N ILE D 554 -25.38 -31.29 -32.84
CA ILE D 554 -26.57 -31.78 -33.54
C ILE D 554 -26.56 -31.34 -34.99
N ALA D 555 -26.13 -30.10 -35.25
CA ALA D 555 -26.03 -29.64 -36.63
C ALA D 555 -25.02 -30.45 -37.42
N ALA D 556 -23.85 -30.73 -36.82
CA ALA D 556 -22.86 -31.55 -37.51
C ALA D 556 -23.38 -32.95 -37.78
N PHE D 557 -24.05 -33.54 -36.80
CA PHE D 557 -24.55 -34.91 -36.96
C PHE D 557 -25.70 -34.97 -37.96
N THR D 558 -26.56 -33.95 -38.02
CA THR D 558 -27.63 -33.98 -39.01
C THR D 558 -27.10 -33.68 -40.41
N ALA D 559 -26.04 -32.88 -40.53
CA ALA D 559 -25.41 -32.72 -41.83
C ALA D 559 -24.77 -34.02 -42.30
N ARG D 560 -24.08 -34.72 -41.40
CA ARG D 560 -23.55 -36.03 -41.75
C ARG D 560 -24.66 -37.01 -42.07
N PHE D 561 -25.81 -36.90 -41.40
CA PHE D 561 -26.92 -37.79 -41.69
C PHE D 561 -27.53 -37.51 -43.06
N LEU D 562 -27.61 -36.24 -43.44
CA LEU D 562 -28.07 -35.90 -44.78
C LEU D 562 -27.10 -36.43 -45.84
N ALA D 563 -25.80 -36.29 -45.58
CA ALA D 563 -24.81 -36.86 -46.50
C ALA D 563 -24.95 -38.37 -46.60
N PHE D 564 -25.19 -39.03 -45.46
CA PHE D 564 -25.36 -40.47 -45.45
C PHE D 564 -26.63 -40.88 -46.20
N LEU D 565 -27.70 -40.10 -46.07
CA LEU D 565 -28.92 -40.38 -46.82
C LEU D 565 -28.68 -40.27 -48.31
N GLN D 566 -27.99 -39.21 -48.74
CA GLN D 566 -27.71 -39.06 -50.17
C GLN D 566 -26.84 -40.20 -50.69
N ALA D 567 -25.79 -40.56 -49.93
CA ALA D 567 -24.93 -41.65 -50.35
C ALA D 567 -25.69 -42.98 -50.39
N THR D 568 -26.58 -43.20 -49.42
CA THR D 568 -27.38 -44.43 -49.41
C THR D 568 -28.33 -44.47 -50.59
N LYS D 569 -28.93 -43.33 -50.95
CA LYS D 569 -29.77 -43.30 -52.14
C LYS D 569 -28.97 -43.62 -53.40
N ALA D 570 -27.76 -43.07 -53.50
CA ALA D 570 -26.90 -43.39 -54.64
C ALA D 570 -26.57 -44.87 -54.68
N GLN D 571 -26.26 -45.46 -53.51
CA GLN D 571 -25.94 -46.88 -53.45
C GLN D 571 -27.14 -47.74 -53.82
N GLN D 572 -28.33 -47.34 -53.38
CA GLN D 572 -29.54 -48.07 -53.75
C GLN D 572 -29.75 -48.04 -55.25
N TYR D 573 -29.58 -46.86 -55.86
CA TYR D 573 -29.71 -46.77 -57.31
C TYR D 573 -28.68 -47.65 -58.00
N VAL D 574 -27.44 -47.65 -57.50
CA VAL D 574 -26.37 -48.42 -58.14
C VAL D 574 -26.68 -49.91 -58.08
N ASP D 575 -27.02 -50.42 -56.90
CA ASP D 575 -27.18 -51.86 -56.74
C ASP D 575 -28.58 -52.34 -57.11
N SER D 576 -29.50 -51.44 -57.46
CA SER D 576 -30.80 -51.86 -57.97
C SER D 576 -30.99 -51.56 -59.45
N TYR D 577 -30.07 -50.82 -60.08
CA TYR D 577 -30.18 -50.49 -61.49
C TYR D 577 -28.95 -50.83 -62.31
N VAL D 578 -27.78 -50.99 -61.70
CA VAL D 578 -26.54 -51.23 -62.41
C VAL D 578 -25.94 -52.56 -61.96
N GLN D 579 -25.65 -53.42 -62.93
CA GLN D 579 -25.01 -54.72 -62.71
C GLN D 579 -23.89 -54.92 -63.73
N GLU D 580 -23.03 -53.92 -63.85
CA GLU D 580 -22.09 -53.85 -64.98
C GLU D 580 -20.64 -54.03 -64.55
N SER D 581 -20.37 -55.00 -63.69
CA SER D 581 -19.02 -55.45 -63.36
C SER D 581 -18.17 -54.33 -62.76
N ASP D 582 -18.57 -53.91 -61.56
CA ASP D 582 -17.78 -53.08 -60.66
C ASP D 582 -17.74 -51.61 -61.06
N LEU D 583 -18.76 -51.11 -61.75
CA LEU D 583 -18.91 -49.68 -62.03
C LEU D 583 -17.72 -49.12 -62.81
N SER D 584 -17.12 -49.93 -63.67
CA SER D 584 -15.97 -49.49 -64.48
C SER D 584 -16.40 -49.12 -65.90
N GLU D 585 -17.03 -50.05 -66.61
CA GLU D 585 -17.47 -49.78 -67.98
C GLU D 585 -18.71 -48.89 -68.02
N VAL D 586 -19.58 -48.98 -67.02
CA VAL D 586 -20.81 -48.21 -67.00
C VAL D 586 -20.51 -46.79 -66.53
N THR D 587 -21.11 -45.82 -67.22
CA THR D 587 -21.00 -44.41 -66.84
C THR D 587 -22.23 -44.05 -66.00
N LEU D 588 -22.01 -43.78 -64.72
CA LEU D 588 -23.12 -43.50 -63.83
C LEU D 588 -23.76 -42.16 -64.18
N PRO D 589 -25.06 -42.00 -63.91
CA PRO D 589 -25.70 -40.73 -64.19
C PRO D 589 -25.07 -39.63 -63.35
N PRO D 590 -25.05 -38.39 -63.86
CA PRO D 590 -24.41 -37.30 -63.12
C PRO D 590 -25.05 -37.02 -61.76
N GLU D 591 -26.31 -37.44 -61.57
CA GLU D 591 -26.93 -37.30 -60.25
C GLU D 591 -26.19 -38.11 -59.20
N ILE D 592 -25.78 -39.33 -59.56
CA ILE D 592 -25.04 -40.20 -58.64
C ILE D 592 -23.57 -40.30 -58.97
N GLN D 593 -23.12 -39.76 -60.10
CA GLN D 593 -21.69 -39.78 -60.41
C GLN D 593 -20.90 -38.92 -59.43
N TYR D 594 -21.51 -37.87 -58.89
CA TYR D 594 -20.81 -37.03 -57.92
C TYR D 594 -20.44 -37.80 -56.66
N PHE D 595 -21.17 -38.87 -56.35
CA PHE D 595 -20.90 -39.65 -55.15
C PHE D 595 -19.80 -40.68 -55.35
N THR D 596 -19.25 -40.81 -56.55
CA THR D 596 -18.08 -41.63 -56.78
C THR D 596 -16.79 -40.82 -56.75
N TYR D 597 -16.87 -39.52 -56.50
CA TYR D 597 -15.71 -38.65 -56.48
C TYR D 597 -15.09 -38.60 -55.09
N ALA D 598 -13.77 -38.39 -55.07
CA ALA D 598 -13.03 -38.28 -53.81
C ALA D 598 -13.21 -36.88 -53.25
N ARG D 599 -12.48 -36.56 -52.18
CA ARG D 599 -12.58 -35.24 -51.56
C ARG D 599 -12.13 -34.13 -52.49
N ASP D 600 -11.36 -34.46 -53.53
CA ASP D 600 -10.89 -33.43 -54.46
C ASP D 600 -12.06 -32.77 -55.17
N LYS D 601 -13.04 -33.55 -55.60
CA LYS D 601 -14.14 -33.05 -56.42
C LYS D 601 -15.40 -32.77 -55.61
N TRP D 602 -15.34 -32.82 -54.28
CA TRP D 602 -16.51 -32.49 -53.48
C TRP D 602 -16.86 -31.03 -53.62
N LEU D 603 -18.16 -30.73 -53.67
CA LEU D 603 -18.61 -29.36 -53.66
C LEU D 603 -18.30 -28.70 -52.33
N PRO D 604 -17.96 -27.42 -52.33
CA PRO D 604 -17.60 -26.76 -51.07
C PRO D 604 -18.73 -26.67 -50.07
N SER D 605 -19.98 -26.86 -50.50
CA SER D 605 -21.13 -26.74 -49.62
C SER D 605 -21.90 -28.05 -49.47
N ASP D 606 -21.27 -29.19 -49.74
CA ASP D 606 -21.93 -30.46 -49.56
C ASP D 606 -22.07 -30.77 -48.07
N PRO D 607 -23.05 -31.58 -47.68
CA PRO D 607 -23.34 -31.75 -46.25
C PRO D 607 -22.18 -32.33 -45.44
N GLN D 608 -21.34 -33.17 -46.02
CA GLN D 608 -20.28 -33.81 -45.23
C GLN D 608 -19.22 -32.81 -44.79
N ILE D 609 -18.85 -31.88 -45.67
CA ILE D 609 -17.87 -30.86 -45.31
C ILE D 609 -18.40 -29.96 -44.22
N ILE D 610 -19.66 -29.53 -44.34
CA ILE D 610 -20.30 -28.75 -43.28
C ILE D 610 -20.33 -29.54 -41.98
N SER D 611 -20.61 -30.85 -42.08
CA SER D 611 -20.67 -31.69 -40.90
C SER D 611 -19.34 -31.72 -40.17
N GLU D 612 -18.25 -31.97 -40.89
CA GLU D 612 -16.96 -32.05 -40.23
C GLU D 612 -16.48 -30.69 -39.74
N GLY D 613 -16.80 -29.62 -40.48
CA GLY D 613 -16.45 -28.29 -40.02
C GLY D 613 -17.14 -27.92 -38.72
N LEU D 614 -18.43 -28.24 -38.60
CA LEU D 614 -19.14 -28.00 -37.35
C LEU D 614 -18.68 -28.96 -36.25
N TYR D 615 -18.32 -30.19 -36.62
CA TYR D 615 -17.86 -31.15 -35.63
C TYR D 615 -16.54 -30.72 -35.01
N ALA D 616 -15.67 -30.08 -35.80
CA ALA D 616 -14.44 -29.54 -35.23
C ALA D 616 -14.72 -28.48 -34.17
N ILE D 617 -15.64 -27.56 -34.47
CA ILE D 617 -16.01 -26.54 -33.49
C ILE D 617 -16.63 -27.18 -32.26
N ALA D 618 -17.48 -28.19 -32.47
CA ALA D 618 -18.09 -28.87 -31.34
C ALA D 618 -17.05 -29.56 -30.46
N VAL D 619 -16.04 -30.18 -31.09
CA VAL D 619 -14.97 -30.81 -30.33
C VAL D 619 -14.18 -29.77 -29.54
N VAL D 620 -13.87 -28.63 -30.16
CA VAL D 620 -13.16 -27.58 -29.46
C VAL D 620 -13.96 -27.08 -28.26
N LEU D 621 -15.27 -26.89 -28.45
CA LEU D 621 -16.13 -26.45 -27.36
C LEU D 621 -16.33 -27.51 -26.29
N SER D 622 -16.20 -28.79 -26.63
CA SER D 622 -16.42 -29.85 -25.66
C SER D 622 -15.44 -29.73 -24.50
N PHE D 623 -14.15 -29.64 -24.80
CA PHE D 623 -13.15 -29.55 -23.74
C PHE D 623 -13.25 -28.27 -22.94
N SER D 624 -14.02 -27.28 -23.42
CA SER D 624 -14.26 -26.09 -22.61
C SER D 624 -15.16 -26.38 -21.41
N ARG D 625 -15.80 -27.55 -21.38
CA ARG D 625 -16.57 -27.94 -20.21
C ARG D 625 -15.71 -28.54 -19.11
N ILE D 626 -14.41 -28.72 -19.35
CA ILE D 626 -13.49 -29.09 -18.28
C ILE D 626 -13.51 -28.01 -17.20
N ALA D 627 -13.56 -26.75 -17.60
CA ALA D 627 -13.60 -25.65 -16.65
C ALA D 627 -14.90 -25.59 -15.87
N TYR D 628 -15.91 -26.39 -16.25
CA TYR D 628 -17.12 -26.48 -15.43
C TYR D 628 -16.84 -27.26 -14.14
N ILE D 629 -16.10 -28.37 -14.25
CA ILE D 629 -15.75 -29.15 -13.08
C ILE D 629 -14.43 -28.71 -12.45
N LEU D 630 -13.69 -27.83 -13.11
CA LEU D 630 -12.45 -27.31 -12.52
C LEU D 630 -12.64 -26.60 -11.19
N PRO D 631 -13.67 -25.74 -10.98
CA PRO D 631 -13.74 -25.00 -9.70
C PRO D 631 -13.88 -25.89 -8.48
N ALA D 632 -14.31 -27.14 -8.64
CA ALA D 632 -14.41 -28.05 -7.51
C ALA D 632 -13.04 -28.40 -6.91
N ASN D 633 -11.96 -28.11 -7.62
CA ASN D 633 -10.62 -28.39 -7.13
C ASN D 633 -10.07 -27.21 -6.36
N GLU D 634 -9.30 -27.50 -5.31
CA GLU D 634 -8.77 -26.44 -4.46
C GLU D 634 -7.71 -25.62 -5.18
N SER D 635 -6.86 -26.26 -5.98
CA SER D 635 -5.71 -25.58 -6.56
C SER D 635 -6.02 -24.90 -7.88
N PHE D 636 -7.02 -25.39 -8.62
CA PHE D 636 -7.32 -24.85 -9.94
C PHE D 636 -8.59 -24.02 -10.01
N GLY D 637 -9.44 -24.08 -8.98
CA GLY D 637 -10.64 -23.27 -8.94
C GLY D 637 -10.37 -21.77 -8.93
N PRO D 638 -9.48 -21.31 -8.04
CA PRO D 638 -9.10 -19.89 -8.08
C PRO D 638 -8.52 -19.46 -9.40
N LEU D 639 -7.76 -20.33 -10.05
CA LEU D 639 -7.20 -20.00 -11.36
C LEU D 639 -8.31 -19.80 -12.39
N GLN D 640 -9.32 -20.67 -12.38
CA GLN D 640 -10.44 -20.52 -13.31
C GLN D 640 -11.23 -19.25 -13.03
N ILE D 641 -11.43 -18.92 -11.74
CA ILE D 641 -12.15 -17.70 -11.41
C ILE D 641 -11.36 -16.47 -11.86
N SER D 642 -10.05 -16.48 -11.63
CA SER D 642 -9.22 -15.36 -12.07
C SER D 642 -9.22 -15.23 -13.59
N LEU D 643 -9.20 -16.36 -14.30
CA LEU D 643 -9.28 -16.31 -15.75
C LEU D 643 -10.60 -15.74 -16.23
N GLY D 644 -11.70 -16.11 -15.57
CA GLY D 644 -12.98 -15.54 -15.92
C GLY D 644 -13.02 -14.03 -15.71
N ARG D 645 -12.49 -13.57 -14.57
CA ARG D 645 -12.44 -12.13 -14.32
C ARG D 645 -11.56 -11.43 -15.33
N THR D 646 -10.44 -12.06 -15.71
CA THR D 646 -9.57 -11.46 -16.72
C THR D 646 -10.27 -11.33 -18.07
N VAL D 647 -11.03 -12.35 -18.46
CA VAL D 647 -11.78 -12.28 -19.72
C VAL D 647 -12.82 -11.18 -19.65
N LYS D 648 -13.54 -11.08 -18.52
CA LYS D 648 -14.55 -10.03 -18.39
C LYS D 648 -13.93 -8.64 -18.44
N ASP D 649 -12.76 -8.45 -17.83
CA ASP D 649 -12.07 -7.17 -17.94
C ASP D 649 -11.57 -6.93 -19.36
N ILE D 650 -11.11 -7.97 -20.04
CA ILE D 650 -10.54 -7.83 -21.37
C ILE D 650 -11.59 -7.42 -22.38
N PHE D 651 -12.83 -7.89 -22.23
CA PHE D 651 -13.86 -7.61 -23.22
C PHE D 651 -14.09 -6.11 -23.41
N LYS D 652 -14.08 -5.35 -22.31
CA LYS D 652 -14.33 -3.92 -22.39
C LYS D 652 -13.29 -3.22 -23.26
N PHE D 653 -12.01 -3.52 -23.04
CA PHE D 653 -10.96 -2.95 -23.88
C PHE D 653 -11.02 -3.51 -25.29
N MET D 654 -11.48 -4.75 -25.44
CA MET D 654 -11.61 -5.36 -26.75
C MET D 654 -12.62 -4.61 -27.60
N VAL D 655 -13.65 -4.02 -26.98
CA VAL D 655 -14.60 -3.21 -27.75
C VAL D 655 -13.91 -2.03 -28.40
N LEU D 656 -13.11 -1.28 -27.63
CA LEU D 656 -12.38 -0.15 -28.18
C LEU D 656 -11.37 -0.59 -29.24
N PHE D 657 -10.68 -1.71 -28.97
CA PHE D 657 -9.73 -2.20 -29.96
C PHE D 657 -10.45 -2.64 -31.23
N ILE D 658 -11.69 -3.14 -31.11
CA ILE D 658 -12.47 -3.48 -32.28
C ILE D 658 -12.81 -2.24 -33.07
N MET D 659 -13.13 -1.14 -32.39
CA MET D 659 -13.37 0.11 -33.10
C MET D 659 -12.14 0.55 -33.88
N VAL D 660 -10.97 0.53 -33.24
CA VAL D 660 -9.73 0.92 -33.91
C VAL D 660 -9.43 -0.04 -35.07
N PHE D 661 -9.64 -1.34 -34.84
CA PHE D 661 -9.39 -2.35 -35.86
C PHE D 661 -10.26 -2.14 -37.08
N PHE D 662 -11.55 -1.84 -36.86
CA PHE D 662 -12.44 -1.56 -37.98
C PHE D 662 -12.02 -0.30 -38.72
N ALA D 663 -11.58 0.72 -37.97
CA ALA D 663 -11.08 1.94 -38.61
C ALA D 663 -9.96 1.62 -39.59
N PHE D 664 -8.93 0.92 -39.11
CA PHE D 664 -7.78 0.64 -39.95
C PHE D 664 -8.10 -0.36 -41.04
N MET D 665 -8.98 -1.33 -40.76
CA MET D 665 -9.40 -2.29 -41.79
C MET D 665 -10.06 -1.58 -42.95
N ILE D 666 -11.02 -0.70 -42.67
CA ILE D 666 -11.70 0.02 -43.73
C ILE D 666 -10.73 0.94 -44.47
N GLY D 667 -9.88 1.65 -43.73
CA GLY D 667 -8.94 2.55 -44.38
C GLY D 667 -8.01 1.83 -45.33
N MET D 668 -7.38 0.74 -44.86
CA MET D 668 -6.43 0.01 -45.69
C MET D 668 -7.12 -0.70 -46.84
N PHE D 669 -8.34 -1.19 -46.62
CA PHE D 669 -9.09 -1.81 -47.70
C PHE D 669 -9.40 -0.79 -48.79
N ILE D 670 -9.84 0.41 -48.41
CA ILE D 670 -10.10 1.45 -49.40
C ILE D 670 -8.83 1.82 -50.14
N LEU D 671 -7.70 1.86 -49.41
CA LEU D 671 -6.43 2.20 -50.03
C LEU D 671 -6.00 1.16 -51.07
N TYR D 672 -6.15 -0.13 -50.75
CA TYR D 672 -5.59 -1.20 -51.56
C TYR D 672 -6.62 -1.98 -52.36
N SER D 673 -7.89 -1.56 -52.36
CA SER D 673 -8.89 -2.31 -53.09
C SER D 673 -8.67 -2.23 -54.60
N TYR D 674 -8.06 -1.15 -55.07
CA TYR D 674 -7.83 -0.97 -56.50
C TYR D 674 -6.61 -1.70 -57.00
N TYR D 675 -5.81 -2.31 -56.12
CA TYR D 675 -4.65 -3.09 -56.50
C TYR D 675 -4.91 -4.54 -56.09
N LEU D 676 -5.59 -5.28 -56.96
CA LEU D 676 -5.88 -6.68 -56.67
C LEU D 676 -4.76 -7.58 -57.18
N GLY D 677 -4.49 -7.54 -58.49
CA GLY D 677 -3.39 -8.28 -59.05
C GLY D 677 -2.14 -7.45 -59.18
N ALA D 678 -2.14 -6.29 -58.53
CA ALA D 678 -1.00 -5.37 -58.55
C ALA D 678 -0.22 -5.40 -57.25
N LYS D 679 -0.48 -6.37 -56.39
CA LYS D 679 0.22 -6.52 -55.12
C LYS D 679 0.95 -7.85 -55.09
N VAL D 680 1.98 -7.92 -54.25
CA VAL D 680 2.73 -9.16 -54.10
C VAL D 680 1.86 -10.26 -53.50
N ASN D 681 0.94 -9.90 -52.60
CA ASN D 681 -0.01 -10.83 -52.02
C ASN D 681 -1.38 -10.17 -52.01
N ALA D 682 -2.36 -10.87 -51.44
CA ALA D 682 -3.75 -10.41 -51.41
C ALA D 682 -4.10 -9.80 -50.07
N ALA D 683 -3.18 -9.05 -49.47
CA ALA D 683 -3.31 -8.58 -48.09
C ALA D 683 -4.56 -7.75 -47.84
N PHE D 684 -4.66 -6.57 -48.45
CA PHE D 684 -5.77 -5.65 -48.18
C PHE D 684 -6.70 -5.49 -49.37
N THR D 685 -6.71 -6.44 -50.29
CA THR D 685 -7.46 -6.28 -51.52
C THR D 685 -8.97 -6.33 -51.28
N THR D 686 -9.42 -7.14 -50.33
CA THR D 686 -10.83 -7.24 -49.99
C THR D 686 -11.04 -6.97 -48.52
N VAL D 687 -12.31 -6.87 -48.11
CA VAL D 687 -12.61 -6.63 -46.70
C VAL D 687 -12.22 -7.82 -45.85
N GLU D 688 -12.56 -9.02 -46.31
CA GLU D 688 -12.14 -10.25 -45.58
C GLU D 688 -10.62 -10.26 -45.48
N GLU D 689 -9.95 -10.07 -46.61
CA GLU D 689 -8.48 -10.13 -46.63
C GLU D 689 -7.89 -9.07 -45.71
N SER D 690 -8.45 -7.85 -45.73
CA SER D 690 -7.96 -6.80 -44.83
C SER D 690 -8.15 -7.20 -43.37
N PHE D 691 -9.30 -7.79 -43.06
CA PHE D 691 -9.54 -8.27 -41.69
C PHE D 691 -8.52 -9.32 -41.29
N LYS D 692 -8.27 -10.30 -42.17
CA LYS D 692 -7.27 -11.34 -41.85
C LYS D 692 -5.92 -10.67 -41.62
N THR D 693 -5.48 -9.82 -42.54
CA THR D 693 -4.14 -9.24 -42.45
C THR D 693 -3.98 -8.43 -41.18
N LEU D 694 -5.00 -7.65 -40.81
CA LEU D 694 -4.88 -6.82 -39.60
C LEU D 694 -5.03 -7.65 -38.34
N PHE D 695 -5.84 -8.71 -38.35
CA PHE D 695 -5.98 -9.53 -37.15
C PHE D 695 -4.73 -10.34 -36.90
N TRP D 696 -4.19 -10.98 -37.93
CA TRP D 696 -2.95 -11.73 -37.74
C TRP D 696 -1.75 -10.83 -37.53
N SER D 697 -1.89 -9.52 -37.80
CA SER D 697 -0.83 -8.57 -37.49
C SER D 697 -0.68 -8.36 -35.99
N ILE D 698 -1.71 -8.70 -35.21
CA ILE D 698 -1.62 -8.56 -33.76
C ILE D 698 -0.54 -9.46 -33.20
N PHE D 699 -0.45 -10.68 -33.71
CA PHE D 699 0.51 -11.67 -33.25
C PHE D 699 1.81 -11.65 -34.05
N GLY D 700 1.97 -10.69 -34.95
CA GLY D 700 3.16 -10.63 -35.76
C GLY D 700 3.24 -11.70 -36.82
N LEU D 701 2.12 -12.31 -37.17
CA LEU D 701 2.08 -13.39 -38.13
C LEU D 701 1.78 -12.91 -39.55
N SER D 702 1.68 -11.61 -39.76
CA SER D 702 1.45 -11.04 -41.09
C SER D 702 2.71 -10.32 -41.53
N GLU D 703 3.21 -10.65 -42.72
CA GLU D 703 4.46 -10.10 -43.20
C GLU D 703 4.33 -8.63 -43.55
N VAL D 704 5.46 -7.92 -43.49
CA VAL D 704 5.48 -6.50 -43.84
C VAL D 704 5.16 -6.28 -45.30
N THR D 705 5.53 -7.24 -46.16
CA THR D 705 5.31 -7.11 -47.60
C THR D 705 3.83 -7.10 -47.95
N SER D 706 2.97 -7.17 -46.93
CA SER D 706 1.54 -7.01 -47.16
C SER D 706 1.21 -5.63 -47.71
N VAL D 707 2.12 -4.67 -47.56
CA VAL D 707 1.87 -3.27 -47.88
C VAL D 707 2.39 -2.92 -49.27
N VAL D 708 3.51 -3.55 -49.66
CA VAL D 708 4.18 -3.14 -50.88
C VAL D 708 3.32 -3.45 -52.11
N LEU D 709 3.62 -2.75 -53.20
CA LEU D 709 2.91 -2.87 -54.46
C LEU D 709 3.87 -3.33 -55.55
N LYS D 710 3.29 -3.86 -56.63
CA LYS D 710 4.07 -4.20 -57.81
C LYS D 710 4.19 -3.06 -58.80
N TYR D 711 3.61 -1.90 -58.49
CA TYR D 711 3.66 -0.74 -59.35
C TYR D 711 4.61 0.31 -58.78
N ASP D 712 4.80 1.37 -59.55
CA ASP D 712 5.66 2.48 -59.15
C ASP D 712 4.90 3.53 -58.34
N HIS D 713 3.65 3.26 -57.97
CA HIS D 713 2.86 4.19 -57.18
C HIS D 713 3.36 4.22 -55.75
N LYS D 714 4.54 4.82 -55.53
CA LYS D 714 5.14 4.80 -54.21
C LYS D 714 4.39 5.67 -53.21
N PHE D 715 3.55 6.59 -53.66
CA PHE D 715 2.74 7.38 -52.74
C PHE D 715 1.79 6.47 -51.97
N ILE D 716 1.05 5.62 -52.68
CA ILE D 716 0.11 4.73 -52.02
C ILE D 716 0.84 3.70 -51.18
N GLU D 717 1.97 3.19 -51.67
CA GLU D 717 2.74 2.23 -50.90
C GLU D 717 3.25 2.84 -49.59
N ASN D 718 3.72 4.08 -49.65
CA ASN D 718 4.26 4.73 -48.43
C ASN D 718 3.08 5.07 -47.50
N ILE D 719 1.92 5.46 -48.03
CA ILE D 719 0.76 5.70 -47.18
C ILE D 719 0.34 4.42 -46.49
N GLY D 720 0.35 3.30 -47.21
CA GLY D 720 0.03 2.03 -46.59
C GLY D 720 1.04 1.62 -45.54
N TYR D 721 2.32 1.88 -45.81
CA TYR D 721 3.36 1.60 -44.82
C TYR D 721 3.12 2.41 -43.55
N VAL D 722 2.83 3.70 -43.69
CA VAL D 722 2.58 4.55 -42.53
C VAL D 722 1.34 4.08 -41.77
N LEU D 723 0.28 3.75 -42.51
CA LEU D 723 -0.95 3.29 -41.84
C LEU D 723 -0.74 1.97 -41.13
N TYR D 724 0.02 1.05 -41.72
CA TYR D 724 0.29 -0.23 -41.07
C TYR D 724 1.16 -0.03 -39.82
N GLY D 725 2.17 0.83 -39.91
CA GLY D 725 2.97 1.14 -38.73
C GLY D 725 2.17 1.79 -37.63
N ILE D 726 1.28 2.71 -38.01
CA ILE D 726 0.43 3.37 -37.02
C ILE D 726 -0.54 2.38 -36.41
N TYR D 727 -1.05 1.43 -37.21
CA TYR D 727 -1.91 0.39 -36.67
C TYR D 727 -1.17 -0.47 -35.66
N ASN D 728 0.07 -0.86 -35.97
CA ASN D 728 0.84 -1.67 -35.04
C ASN D 728 1.14 -0.91 -33.76
N VAL D 729 1.53 0.37 -33.89
CA VAL D 729 1.79 1.18 -32.71
C VAL D 729 0.53 1.36 -31.88
N THR D 730 -0.61 1.58 -32.54
CA THR D 730 -1.87 1.77 -31.83
C THR D 730 -2.29 0.50 -31.11
N MET D 731 -2.13 -0.66 -31.75
CA MET D 731 -2.50 -1.90 -31.08
C MET D 731 -1.56 -2.19 -29.91
N VAL D 732 -0.27 -1.84 -30.04
CA VAL D 732 0.64 -1.99 -28.92
C VAL D 732 0.21 -1.08 -27.78
N VAL D 733 -0.17 0.15 -28.09
CA VAL D 733 -0.63 1.08 -27.05
C VAL D 733 -1.88 0.56 -26.37
N VAL D 734 -2.83 0.05 -27.15
CA VAL D 734 -4.07 -0.46 -26.58
C VAL D 734 -3.81 -1.67 -25.70
N LEU D 735 -2.97 -2.61 -26.16
CA LEU D 735 -2.67 -3.78 -25.36
C LEU D 735 -1.94 -3.39 -24.07
N LEU D 736 -1.00 -2.45 -24.16
CA LEU D 736 -0.27 -2.00 -22.98
C LEU D 736 -1.20 -1.31 -22.00
N ASN D 737 -2.12 -0.48 -22.50
CA ASN D 737 -3.09 0.17 -21.63
C ASN D 737 -3.99 -0.85 -20.95
N MET D 738 -4.44 -1.85 -21.71
CA MET D 738 -5.26 -2.91 -21.13
C MET D 738 -4.50 -3.64 -20.02
N LEU D 739 -3.23 -3.97 -20.28
CA LEU D 739 -2.42 -4.67 -19.29
C LEU D 739 -2.27 -3.83 -18.03
N ILE D 740 -1.94 -2.55 -18.19
CA ILE D 740 -1.74 -1.69 -17.02
C ILE D 740 -3.03 -1.52 -16.23
N ALA D 741 -4.14 -1.29 -16.94
CA ALA D 741 -5.42 -1.10 -16.26
C ALA D 741 -5.82 -2.35 -15.49
N MET D 742 -5.66 -3.52 -16.10
CA MET D 742 -6.01 -4.76 -15.41
C MET D 742 -5.07 -5.04 -14.24
N ILE D 743 -3.79 -4.70 -14.38
CA ILE D 743 -2.86 -4.86 -13.26
C ILE D 743 -3.28 -4.00 -12.08
N ASN D 744 -3.64 -2.74 -12.35
CA ASN D 744 -4.10 -1.86 -11.28
C ASN D 744 -5.40 -2.37 -10.68
N SER D 745 -6.33 -2.84 -11.51
CA SER D 745 -7.59 -3.36 -11.01
C SER D 745 -7.38 -4.55 -10.09
N SER D 746 -6.47 -5.46 -10.48
CA SER D 746 -6.17 -6.61 -9.62
C SER D 746 -5.45 -6.18 -8.35
N TYR D 747 -4.59 -5.17 -8.43
CA TYR D 747 -3.94 -4.65 -7.23
C TYR D 747 -4.93 -4.04 -6.27
N GLN D 748 -6.02 -3.47 -6.78
CA GLN D 748 -7.12 -2.98 -5.95
C GLN D 748 -8.12 -4.07 -5.60
N ASP D 752 -6.86 -11.48 -0.04
CA ASP D 752 -7.76 -12.62 0.05
C ASP D 752 -9.14 -12.29 -0.51
N ASP D 753 -9.16 -11.79 -1.74
CA ASP D 753 -10.40 -11.48 -2.44
C ASP D 753 -10.82 -12.60 -3.40
N SER D 754 -9.86 -13.22 -4.08
CA SER D 754 -10.20 -14.29 -5.02
C SER D 754 -10.59 -15.56 -4.30
N ASP D 755 -10.15 -15.75 -3.05
CA ASP D 755 -10.52 -16.95 -2.30
C ASP D 755 -12.02 -17.00 -2.04
N VAL D 756 -12.62 -15.87 -1.67
CA VAL D 756 -14.06 -15.84 -1.43
C VAL D 756 -14.82 -16.10 -2.72
N GLU D 757 -14.36 -15.51 -3.83
CA GLU D 757 -15.00 -15.75 -5.12
C GLU D 757 -14.94 -17.23 -5.50
N TRP D 758 -13.77 -17.84 -5.33
CA TRP D 758 -13.62 -19.25 -5.68
C TRP D 758 -14.50 -20.13 -4.81
N LYS D 759 -14.54 -19.86 -3.50
CA LYS D 759 -15.35 -20.68 -2.63
C LYS D 759 -16.84 -20.48 -2.89
N PHE D 760 -17.25 -19.27 -3.26
CA PHE D 760 -18.63 -19.04 -3.65
C PHE D 760 -18.99 -19.83 -4.91
N ALA D 761 -18.10 -19.82 -5.90
CA ALA D 761 -18.35 -20.59 -7.11
C ALA D 761 -18.39 -22.08 -6.83
N ARG D 762 -17.48 -22.57 -5.98
CA ARG D 762 -17.45 -23.98 -5.62
C ARG D 762 -18.72 -24.37 -4.86
N SER D 763 -19.21 -23.47 -4.00
CA SER D 763 -20.44 -23.76 -3.26
C SER D 763 -21.65 -23.77 -4.19
N LYS D 764 -21.67 -22.90 -5.19
CA LYS D 764 -22.72 -22.97 -6.21
C LYS D 764 -22.66 -24.29 -6.95
N LEU D 765 -21.45 -24.74 -7.31
CA LEU D 765 -21.30 -26.04 -7.96
C LEU D 765 -21.80 -27.16 -7.07
N TRP D 766 -21.50 -27.10 -5.77
CA TRP D 766 -21.98 -28.10 -4.83
C TRP D 766 -23.51 -28.10 -4.78
N LEU D 767 -24.11 -26.94 -4.55
CA LEU D 767 -25.56 -26.85 -4.44
C LEU D 767 -26.25 -27.27 -5.73
N SER D 768 -25.56 -27.21 -6.86
CA SER D 768 -26.14 -27.73 -8.10
C SER D 768 -26.35 -29.24 -8.04
N TYR D 769 -25.67 -29.94 -7.13
CA TYR D 769 -25.75 -31.40 -7.04
C TYR D 769 -26.50 -31.90 -5.82
N PHE D 770 -26.97 -31.01 -4.94
CA PHE D 770 -27.65 -31.49 -3.73
C PHE D 770 -29.05 -31.98 -4.04
N ASP D 771 -29.64 -31.55 -5.15
CA ASP D 771 -30.96 -32.02 -5.54
C ASP D 771 -30.92 -33.51 -5.91
N ASP D 772 -31.95 -34.24 -5.51
CA ASP D 772 -31.98 -35.68 -5.74
C ASP D 772 -32.24 -36.04 -7.21
N GLY D 773 -32.65 -35.08 -8.03
CA GLY D 773 -33.00 -35.39 -9.40
C GLY D 773 -31.83 -35.84 -10.25
N LYS D 774 -30.68 -35.20 -10.08
CA LYS D 774 -29.52 -35.43 -10.95
C LYS D 774 -28.71 -36.62 -10.45
N THR D 775 -29.40 -37.75 -10.26
CA THR D 775 -28.77 -38.93 -9.67
C THR D 775 -27.85 -39.65 -10.65
N LEU D 776 -28.10 -39.54 -11.95
CA LEU D 776 -27.36 -40.27 -12.96
C LEU D 776 -26.76 -39.31 -13.99
N PRO D 777 -25.68 -39.70 -14.66
CA PRO D 777 -25.09 -38.85 -15.69
C PRO D 777 -26.04 -38.67 -16.86
N PRO D 778 -25.83 -37.64 -17.68
CA PRO D 778 -26.74 -37.36 -18.80
C PRO D 778 -26.93 -38.55 -19.73
N PRO D 779 -25.84 -39.18 -20.22
CA PRO D 779 -26.05 -40.27 -21.21
C PRO D 779 -26.87 -41.43 -20.67
N PHE D 780 -26.77 -41.74 -19.39
CA PHE D 780 -27.52 -42.83 -18.78
C PHE D 780 -28.84 -42.38 -18.16
N SER D 781 -29.13 -41.08 -18.18
CA SER D 781 -30.39 -40.58 -17.65
C SER D 781 -31.54 -40.73 -18.63
N LEU D 782 -31.27 -41.19 -19.86
CA LEU D 782 -32.34 -41.38 -20.84
C LEU D 782 -33.31 -42.46 -20.38
N VAL D 783 -32.79 -43.56 -19.83
CA VAL D 783 -33.65 -44.66 -19.38
C VAL D 783 -34.36 -44.24 -18.10
N PRO D 784 -35.70 -44.37 -18.02
CA PRO D 784 -36.45 -44.00 -16.82
C PRO D 784 -36.62 -45.18 -15.85
N GLN D 844 -42.12 -20.37 26.26
CA GLN D 844 -42.89 -19.82 25.16
C GLN D 844 -42.09 -19.65 23.85
N PRO D 845 -40.92 -19.00 23.89
CA PRO D 845 -40.16 -18.82 22.64
C PRO D 845 -39.67 -20.14 22.08
N THR D 846 -39.57 -20.19 20.76
CA THR D 846 -39.07 -21.37 20.09
C THR D 846 -37.56 -21.48 20.27
N ARG D 847 -37.02 -22.64 19.90
CA ARG D 847 -35.57 -22.85 20.01
C ARG D 847 -34.82 -21.92 19.07
N TYR D 848 -35.35 -21.72 17.85
CA TYR D 848 -34.68 -20.83 16.91
C TYR D 848 -34.66 -19.40 17.41
N GLN D 849 -35.75 -18.95 18.05
CA GLN D 849 -35.75 -17.61 18.62
C GLN D 849 -34.71 -17.47 19.71
N GLN D 850 -34.56 -18.49 20.56
CA GLN D 850 -33.55 -18.45 21.61
C GLN D 850 -32.14 -18.41 21.02
N ILE D 851 -31.90 -19.22 19.99
CA ILE D 851 -30.58 -19.22 19.35
C ILE D 851 -30.29 -17.87 18.71
N MET D 852 -31.29 -17.27 18.05
CA MET D 852 -31.10 -15.96 17.44
C MET D 852 -30.85 -14.90 18.50
N LYS D 853 -31.54 -14.98 19.64
CA LYS D 853 -31.30 -14.02 20.71
C LYS D 853 -29.88 -14.16 21.25
N ARG D 854 -29.41 -15.40 21.44
CA ARG D 854 -28.04 -15.61 21.87
C ARG D 854 -27.05 -15.01 20.88
N LEU D 855 -27.23 -15.32 19.60
CA LEU D 855 -26.28 -14.86 18.59
C LEU D 855 -26.31 -13.35 18.44
N ILE D 856 -27.48 -12.73 18.59
CA ILE D 856 -27.57 -11.28 18.43
C ILE D 856 -26.96 -10.58 19.64
N LYS D 857 -27.19 -11.09 20.86
CA LYS D 857 -26.51 -10.52 22.01
C LYS D 857 -25.01 -10.65 21.87
N ARG D 858 -24.55 -11.81 21.38
CA ARG D 858 -23.13 -12.02 21.15
C ARG D 858 -22.60 -11.03 20.11
N TYR D 859 -23.36 -10.79 19.05
CA TYR D 859 -22.93 -9.83 18.03
C TYR D 859 -22.86 -8.41 18.59
N VAL D 860 -23.84 -8.03 19.41
CA VAL D 860 -23.81 -6.69 20.00
C VAL D 860 -22.58 -6.53 20.88
N LEU D 861 -22.30 -7.52 21.72
CA LEU D 861 -21.12 -7.43 22.58
C LEU D 861 -19.83 -7.41 21.76
N LYS D 862 -19.75 -8.25 20.73
CA LYS D 862 -18.56 -8.25 19.87
C LYS D 862 -18.38 -6.92 19.16
N ALA D 863 -19.48 -6.32 18.69
CA ALA D 863 -19.40 -5.03 18.01
C ALA D 863 -18.97 -3.93 18.97
N GLN D 864 -19.48 -3.95 20.19
CA GLN D 864 -19.04 -2.98 21.19
C GLN D 864 -17.55 -3.14 21.50
N VAL D 865 -17.09 -4.39 21.60
CA VAL D 865 -15.67 -4.63 21.84
C VAL D 865 -14.84 -4.13 20.68
N ASP D 866 -15.29 -4.37 19.44
CA ASP D 866 -14.55 -3.90 18.28
C ASP D 866 -14.52 -2.37 18.22
N LYS D 867 -15.62 -1.72 18.61
CA LYS D 867 -15.61 -0.27 18.72
C LYS D 867 -14.62 0.20 19.77
N GLU D 868 -14.55 -0.50 20.91
CA GLU D 868 -13.58 -0.17 21.93
C GLU D 868 -12.15 -0.42 21.50
N ASN D 869 -11.94 -1.25 20.47
CA ASN D 869 -10.61 -1.50 19.93
C ASN D 869 -10.24 -0.56 18.79
N ASP D 870 -11.16 0.33 18.40
CA ASP D 870 -10.87 1.30 17.37
C ASP D 870 -9.95 2.38 17.93
N GLU D 871 -9.23 3.05 17.03
CA GLU D 871 -8.32 4.11 17.45
C GLU D 871 -9.08 5.23 18.13
N VAL D 872 -8.41 5.89 19.06
CA VAL D 872 -9.01 7.00 19.81
C VAL D 872 -8.79 8.28 19.03
N ASN D 873 -9.87 9.02 18.80
CA ASN D 873 -9.76 10.30 18.10
C ASN D 873 -9.62 11.43 19.11
N GLU D 874 -9.44 12.64 18.58
CA GLU D 874 -9.26 13.83 19.41
C GLU D 874 -10.52 14.21 20.17
N GLY D 875 -11.70 13.82 19.70
CA GLY D 875 -12.92 14.18 20.40
C GLY D 875 -13.04 13.52 21.76
N GLU D 876 -12.66 12.24 21.86
CA GLU D 876 -12.70 11.55 23.14
C GLU D 876 -11.70 12.14 24.12
N LEU D 877 -10.51 12.51 23.63
CA LEU D 877 -9.54 13.16 24.50
C LEU D 877 -10.04 14.52 24.97
N LYS D 878 -10.73 15.25 24.09
CA LYS D 878 -11.33 16.51 24.53
C LYS D 878 -12.42 16.27 25.57
N GLU D 879 -13.18 15.18 25.42
CA GLU D 879 -14.17 14.83 26.43
C GLU D 879 -13.51 14.57 27.78
N ILE D 880 -12.39 13.86 27.78
CA ILE D 880 -11.68 13.58 29.03
C ILE D 880 -11.11 14.87 29.62
N LYS D 881 -10.59 15.75 28.78
CA LYS D 881 -10.08 17.03 29.26
C LYS D 881 -11.19 17.86 29.89
N GLN D 882 -12.38 17.85 29.28
CA GLN D 882 -13.52 18.55 29.87
C GLN D 882 -13.98 17.90 31.16
N ASP D 883 -13.86 16.57 31.25
CA ASP D 883 -14.16 15.90 32.52
C ASP D 883 -13.21 16.36 33.61
N ILE D 884 -11.92 16.48 33.28
CA ILE D 884 -10.95 16.98 34.25
C ILE D 884 -11.29 18.41 34.65
N SER D 885 -11.65 19.25 33.68
CA SER D 885 -12.00 20.64 33.98
C SER D 885 -13.22 20.74 34.88
N SER D 886 -14.26 19.94 34.58
CA SER D 886 -15.46 19.95 35.41
C SER D 886 -15.16 19.45 36.81
N LEU D 887 -14.31 18.42 36.93
CA LEU D 887 -13.89 17.96 38.25
C LEU D 887 -13.13 19.05 39.00
N ARG D 888 -12.28 19.79 38.31
CA ARG D 888 -11.54 20.87 38.94
C ARG D 888 -12.50 21.92 39.49
N TYR D 889 -13.49 22.31 38.68
CA TYR D 889 -14.44 23.32 39.13
C TYR D 889 -15.33 22.81 40.26
N GLU D 890 -15.60 21.51 40.30
CA GLU D 890 -16.44 20.92 41.37
C GLU D 890 -15.65 20.79 42.66
N LEU D 891 -14.33 20.56 42.57
CA LEU D 891 -13.51 20.41 43.76
C LEU D 891 -13.11 21.76 44.33
N LEU D 892 -12.88 22.75 43.47
CA LEU D 892 -12.46 24.08 43.91
C LEU D 892 -13.64 25.01 44.17
N GLU D 893 -14.80 24.43 44.49
CA GLU D 893 -15.96 25.28 44.84
C GLU D 893 -15.62 26.01 46.13
N ASP D 894 -16.20 27.18 46.37
CA ASP D 894 -15.95 27.83 47.68
C ASP D 894 -16.91 27.27 48.73
N LYS D 895 -16.39 26.47 49.65
CA LYS D 895 -17.23 25.94 50.75
C LYS D 895 -16.61 26.39 52.08
N SER D 896 -15.63 27.31 52.00
CA SER D 896 -14.89 27.76 53.20
C SER D 896 -15.78 28.65 54.05
N GLN D 897 -17.05 28.31 54.16
CA GLN D 897 -17.99 29.20 54.90
C GLN D 897 -18.20 28.53 56.25
N ALA D 898 -18.45 27.21 56.24
CA ALA D 898 -18.52 26.50 57.52
C ALA D 898 -17.35 26.89 58.43
N THR D 899 -16.14 26.93 57.87
CA THR D 899 -14.98 27.33 58.66
C THR D 899 -15.10 28.78 59.12
N GLU D 900 -15.64 29.66 58.27
CA GLU D 900 -15.84 31.05 58.67
C GLU D 900 -16.86 31.14 59.80
N GLU D 901 -17.95 30.39 59.71
CA GLU D 901 -18.94 30.34 60.79
C GLU D 901 -18.37 29.72 62.06
N LEU D 902 -17.32 28.91 61.95
CA LEU D 902 -16.63 28.39 63.12
C LEU D 902 -15.84 29.46 63.86
N ALA D 903 -15.98 30.73 63.48
CA ALA D 903 -15.43 31.83 64.26
C ALA D 903 -16.33 32.24 65.41
N ILE D 904 -17.30 31.37 65.72
CA ILE D 904 -18.18 31.57 66.90
C ILE D 904 -17.29 31.23 68.10
N LEU D 905 -16.04 30.89 67.83
CA LEU D 905 -15.08 30.63 68.93
C LEU D 905 -14.69 31.99 69.50
N ILE D 906 -14.95 33.07 68.77
CA ILE D 906 -14.70 34.44 69.32
C ILE D 906 -15.79 34.69 70.36
N HIS D 907 -16.90 33.96 70.26
CA HIS D 907 -17.94 34.06 71.32
C HIS D 907 -17.48 33.10 72.41
N LYS D 908 -16.24 32.61 72.31
CA LYS D 908 -15.70 31.65 73.30
C LYS D 908 -16.87 31.07 74.11
N GLN E 5 4.63 45.47 47.81
CA GLN E 5 5.26 45.82 46.54
C GLN E 5 4.36 46.75 45.72
N VAL E 6 3.20 46.23 45.32
CA VAL E 6 2.25 46.99 44.52
C VAL E 6 1.50 47.98 45.42
N GLN E 7 1.89 49.24 45.36
CA GLN E 7 1.21 50.27 46.14
C GLN E 7 -0.18 50.53 45.56
N LEU E 8 -1.18 50.49 46.42
CA LEU E 8 -2.57 50.58 45.98
C LEU E 8 -3.26 51.86 46.43
N GLN E 9 -3.09 52.19 47.72
CA GLN E 9 -3.75 53.40 48.30
C GLN E 9 -5.25 53.34 47.99
N GLU E 10 -5.98 52.51 48.73
CA GLU E 10 -7.45 52.40 48.51
C GLU E 10 -8.05 53.80 48.47
N SER E 11 -8.81 54.12 47.42
CA SER E 11 -9.39 55.48 47.27
C SER E 11 -10.82 55.49 47.79
N GLY E 12 -11.59 56.54 47.46
CA GLY E 12 -12.95 56.63 47.91
C GLY E 12 -13.13 57.21 49.30
N GLY E 13 -12.05 57.64 49.94
CA GLY E 13 -12.13 58.23 51.26
C GLY E 13 -12.96 59.48 51.34
N GLY E 14 -13.80 59.59 52.36
CA GLY E 14 -14.62 60.76 52.53
C GLY E 14 -15.74 60.49 53.51
N SER E 15 -16.57 61.52 53.71
CA SER E 15 -17.72 61.45 54.59
C SER E 15 -18.99 61.73 53.82
N VAL E 16 -20.10 61.17 54.30
CA VAL E 16 -21.40 61.33 53.66
C VAL E 16 -22.47 61.19 54.74
N GLN E 17 -23.62 61.83 54.50
CA GLN E 17 -24.73 61.72 55.41
C GLN E 17 -25.26 60.29 55.45
N SER E 18 -25.69 59.85 56.62
CA SER E 18 -26.21 58.50 56.76
C SER E 18 -27.44 58.29 55.88
N GLY E 19 -27.55 57.09 55.32
CA GLY E 19 -28.65 56.76 54.42
C GLY E 19 -28.40 57.10 52.97
N GLY E 20 -27.25 57.66 52.62
CA GLY E 20 -26.91 58.01 51.26
C GLY E 20 -26.18 56.89 50.55
N SER E 21 -25.19 57.29 49.74
CA SER E 21 -24.41 56.32 48.98
C SER E 21 -22.98 56.81 48.84
N LEU E 22 -22.07 55.88 48.62
CA LEU E 22 -20.66 56.19 48.42
C LEU E 22 -20.01 55.03 47.69
N ARG E 23 -18.87 55.32 47.06
CA ARG E 23 -18.17 54.33 46.25
C ARG E 23 -16.71 54.28 46.64
N LEU E 24 -16.15 53.07 46.69
CA LEU E 24 -14.75 52.83 46.97
C LEU E 24 -14.08 52.20 45.74
N SER E 25 -12.75 52.20 45.74
CA SER E 25 -11.99 51.62 44.65
C SER E 25 -10.60 51.23 45.15
N CYS E 26 -10.18 50.00 44.87
CA CYS E 26 -8.85 49.52 45.33
C CYS E 26 -8.12 48.90 44.14
N ALA E 27 -6.82 49.15 44.00
CA ALA E 27 -6.06 48.61 42.86
C ALA E 27 -5.65 47.17 43.16
N ALA E 28 -6.63 46.25 43.11
CA ALA E 28 -6.32 44.82 43.39
C ALA E 28 -6.39 44.03 42.10
N SER E 29 -5.32 43.30 41.77
CA SER E 29 -5.29 42.49 40.52
C SER E 29 -6.17 41.26 40.69
N GLY E 30 -7.19 41.08 39.86
CA GLY E 30 -8.04 39.88 39.93
C GLY E 30 -7.76 38.94 38.79
N TYR E 31 -8.07 37.64 38.94
CA TYR E 31 -7.72 36.65 37.89
C TYR E 31 -8.99 35.87 37.51
N THR E 32 -9.18 35.60 36.22
CA THR E 32 -10.42 34.92 35.76
C THR E 32 -10.25 33.40 35.80
N TYR E 33 -9.08 32.90 35.38
CA TYR E 33 -8.86 31.43 35.32
C TYR E 33 -8.17 30.95 36.59
N SER E 34 -7.09 31.62 37.03
CA SER E 34 -6.41 31.27 38.29
C SER E 34 -7.39 31.47 39.45
N ARG E 35 -7.35 30.57 40.43
CA ARG E 35 -8.34 30.66 41.54
C ARG E 35 -7.83 31.71 42.53
N SER E 36 -8.31 32.94 42.42
CA SER E 36 -7.87 34.03 43.33
C SER E 36 -9.08 34.54 44.13
N CYS E 37 -8.83 35.49 45.03
CA CYS E 37 -9.91 36.07 45.82
C CYS E 37 -9.63 37.55 46.04
N LEU E 38 -10.67 38.36 45.97
CA LEU E 38 -10.61 39.77 46.31
C LEU E 38 -11.77 40.08 47.24
N GLY E 39 -11.57 41.03 48.14
CA GLY E 39 -12.60 41.36 49.09
C GLY E 39 -12.29 42.63 49.84
N TRP E 40 -13.35 43.19 50.42
CA TRP E 40 -13.25 44.37 51.28
C TRP E 40 -13.51 43.95 52.72
N PHE E 41 -12.79 44.57 53.65
CA PHE E 41 -12.89 44.22 55.06
C PHE E 41 -13.11 45.47 55.89
N ARG E 42 -13.84 45.31 56.98
CA ARG E 42 -14.28 46.41 57.83
C ARG E 42 -13.56 46.32 59.18
N GLN E 43 -12.79 47.37 59.49
CA GLN E 43 -12.13 47.48 60.79
C GLN E 43 -12.79 48.65 61.53
N ALA E 44 -13.87 48.34 62.23
CA ALA E 44 -14.59 49.36 62.98
C ALA E 44 -13.84 49.69 64.26
N PRO E 45 -13.82 50.95 64.69
CA PRO E 45 -13.21 51.28 65.97
C PRO E 45 -13.89 50.53 67.11
N GLY E 46 -13.09 50.00 68.02
CA GLY E 46 -13.58 49.17 69.11
C GLY E 46 -13.85 47.74 68.73
N LYS E 47 -14.40 47.52 67.53
CA LYS E 47 -14.68 46.18 67.03
C LYS E 47 -13.43 45.61 66.38
N GLU E 48 -13.59 44.48 65.69
CA GLU E 48 -12.48 43.82 65.01
C GLU E 48 -12.78 43.68 63.53
N ARG E 49 -11.77 43.24 62.78
CA ARG E 49 -11.92 43.08 61.33
C ARG E 49 -12.97 42.04 61.00
N GLU E 50 -13.82 42.37 60.03
CA GLU E 50 -14.86 41.47 59.55
C GLU E 50 -14.86 41.51 58.02
N ARG E 51 -15.60 40.58 57.43
CA ARG E 51 -15.63 40.42 55.98
C ARG E 51 -16.85 41.15 55.44
N VAL E 52 -16.62 42.25 54.72
CA VAL E 52 -17.72 43.00 54.12
C VAL E 52 -18.28 42.25 52.92
N ALA E 53 -17.46 42.06 51.89
CA ALA E 53 -17.86 41.37 50.68
C ALA E 53 -16.62 40.85 49.99
N THR E 54 -16.75 39.70 49.33
CA THR E 54 -15.67 39.09 48.60
C THR E 54 -16.15 38.65 47.23
N ILE E 55 -15.24 38.69 46.26
CA ILE E 55 -15.53 38.31 44.89
C ILE E 55 -14.54 37.22 44.47
N ASP E 56 -15.06 36.12 43.94
CA ASP E 56 -14.23 35.00 43.54
C ASP E 56 -13.60 35.26 42.19
N SER E 57 -12.82 34.28 41.70
CA SER E 57 -12.23 34.40 40.37
C SER E 57 -13.28 34.31 39.28
N ASP E 58 -14.35 33.56 39.52
CA ASP E 58 -15.40 33.36 38.54
C ASP E 58 -16.47 34.44 38.59
N GLY E 59 -16.30 35.45 39.44
CA GLY E 59 -17.26 36.52 39.57
C GLY E 59 -18.29 36.31 40.65
N SER E 60 -18.36 35.12 41.24
CA SER E 60 -19.31 34.87 42.32
C SER E 60 -18.95 35.74 43.52
N THR E 61 -19.96 36.40 44.09
CA THR E 61 -19.78 37.35 45.16
C THR E 61 -20.50 36.86 46.41
N SER E 62 -19.84 37.02 47.57
CA SER E 62 -20.42 36.68 48.86
C SER E 62 -20.43 37.92 49.73
N TYR E 63 -21.60 38.23 50.29
CA TYR E 63 -21.78 39.42 51.12
C TYR E 63 -22.09 39.01 52.54
N ALA E 64 -21.67 39.84 53.48
CA ALA E 64 -22.02 39.63 54.88
C ALA E 64 -23.52 39.78 55.07
N ASP E 65 -24.05 39.08 56.08
CA ASP E 65 -25.48 39.14 56.36
C ASP E 65 -25.91 40.56 56.68
N SER E 66 -25.04 41.34 57.33
CA SER E 66 -25.36 42.73 57.64
C SER E 66 -25.51 43.57 56.37
N VAL E 67 -24.65 43.35 55.38
CA VAL E 67 -24.61 44.17 54.19
C VAL E 67 -25.24 43.46 52.98
N LYS E 68 -26.04 42.41 53.24
CA LYS E 68 -26.66 41.68 52.15
C LYS E 68 -27.70 42.54 51.45
N GLY E 69 -27.55 42.70 50.13
CA GLY E 69 -28.48 43.47 49.34
C GLY E 69 -28.22 44.96 49.30
N ARG E 70 -27.36 45.48 50.17
CA ARG E 70 -27.06 46.90 50.22
C ARG E 70 -25.74 47.26 49.55
N PHE E 71 -24.73 46.41 49.66
CA PHE E 71 -23.45 46.63 49.01
C PHE E 71 -23.34 45.76 47.76
N THR E 72 -22.41 46.14 46.88
CA THR E 72 -22.22 45.43 45.62
C THR E 72 -20.73 45.44 45.29
N ILE E 73 -20.05 44.34 45.60
CA ILE E 73 -18.64 44.20 45.22
C ILE E 73 -18.56 43.90 43.73
N SER E 74 -17.70 44.62 43.03
CA SER E 74 -17.61 44.49 41.59
C SER E 74 -16.23 44.94 41.14
N GLN E 75 -15.86 44.61 39.90
CA GLN E 75 -14.54 45.05 39.39
C GLN E 75 -14.62 45.32 37.89
N ASP E 76 -13.54 45.85 37.31
CA ASP E 76 -13.55 46.21 35.86
C ASP E 76 -13.30 44.95 35.02
N ASN E 77 -13.38 45.08 33.69
CA ASN E 77 -13.09 43.92 32.80
C ASN E 77 -11.60 43.58 32.89
N ALA E 78 -10.75 44.59 33.05
CA ALA E 78 -9.31 44.32 33.21
C ALA E 78 -9.04 43.58 34.53
N LYS E 79 -9.92 43.75 35.52
CA LYS E 79 -9.75 43.09 36.84
C LYS E 79 -8.43 43.56 37.46
N ASN E 80 -8.09 44.85 37.30
CA ASN E 80 -6.88 45.41 37.94
C ASN E 80 -7.33 46.34 39.06
N THR E 81 -8.64 46.57 39.12
CA THR E 81 -9.19 47.50 40.14
C THR E 81 -10.43 46.88 40.76
N LEU E 82 -10.57 47.00 42.08
CA LEU E 82 -11.68 46.44 42.83
C LEU E 82 -12.58 47.58 43.30
N TYR E 83 -13.88 47.46 42.99
CA TYR E 83 -14.85 48.50 43.27
C TYR E 83 -15.86 48.02 44.30
N LEU E 84 -16.14 48.85 45.30
CA LEU E 84 -17.19 48.51 46.30
C LEU E 84 -18.25 49.62 46.29
N GLN E 85 -19.49 49.28 45.94
CA GLN E 85 -20.57 50.30 45.89
C GLN E 85 -21.44 50.17 47.14
N MET E 86 -21.56 51.25 47.91
CA MET E 86 -22.38 51.24 49.11
C MET E 86 -23.64 52.05 48.88
N ASN E 87 -24.79 51.45 49.20
CA ASN E 87 -26.08 52.12 49.10
C ASN E 87 -26.78 52.03 50.46
N SER E 88 -27.53 53.08 50.80
CA SER E 88 -28.19 53.21 52.09
C SER E 88 -27.17 53.02 53.22
N LEU E 89 -26.12 53.84 53.16
CA LEU E 89 -25.00 53.75 54.10
C LEU E 89 -25.47 54.22 55.47
N LYS E 90 -25.77 53.27 56.35
CA LYS E 90 -26.32 53.57 57.66
C LYS E 90 -25.19 53.87 58.66
N SER E 91 -25.55 53.98 59.93
CA SER E 91 -24.58 54.33 60.95
C SER E 91 -23.58 53.20 61.19
N GLU E 92 -24.03 51.95 61.10
CA GLU E 92 -23.16 50.82 61.40
C GLU E 92 -22.01 50.72 60.39
N ASP E 93 -22.29 50.99 59.12
CA ASP E 93 -21.29 50.86 58.06
C ASP E 93 -20.31 52.04 58.14
N THR E 94 -19.42 51.98 59.13
CA THR E 94 -18.42 53.01 59.31
C THR E 94 -17.16 52.39 59.88
N ALA E 95 -16.07 52.50 59.12
CA ALA E 95 -14.80 51.90 59.54
C ALA E 95 -13.64 52.35 58.67
N MET E 96 -12.47 51.78 58.92
CA MET E 96 -11.28 52.01 58.10
C MET E 96 -11.19 50.83 57.12
N TYR E 97 -11.99 50.91 56.05
CA TYR E 97 -12.13 49.81 55.11
C TYR E 97 -10.79 49.46 54.47
N TYR E 98 -10.48 48.18 54.41
CA TYR E 98 -9.23 47.67 53.84
C TYR E 98 -9.51 46.80 52.63
N CYS E 99 -8.50 46.67 51.80
CA CYS E 99 -8.56 45.86 50.58
C CYS E 99 -7.57 44.70 50.69
N ALA E 100 -8.04 43.49 50.39
CA ALA E 100 -7.23 42.31 50.60
C ALA E 100 -7.35 41.37 49.40
N SER E 101 -6.32 40.55 49.20
CA SER E 101 -6.27 39.62 48.08
C SER E 101 -5.52 38.37 48.53
N LYS E 102 -6.15 37.21 48.41
CA LYS E 102 -5.53 35.93 48.71
C LYS E 102 -5.66 35.01 47.50
N TYR E 103 -4.85 33.96 47.51
CA TYR E 103 -4.95 32.91 46.50
C TYR E 103 -5.92 31.83 46.96
N GLY E 104 -6.53 31.16 46.00
CA GLY E 104 -7.38 30.01 46.26
C GLY E 104 -8.82 30.30 45.93
N SER E 105 -9.69 29.37 46.35
CA SER E 105 -11.12 29.52 46.17
C SER E 105 -11.85 29.75 47.48
N ARG E 106 -11.14 29.77 48.60
CA ARG E 106 -11.75 30.00 49.91
C ARG E 106 -11.89 31.50 50.16
N CYS E 107 -12.66 32.16 49.28
CA CYS E 107 -12.76 33.61 49.32
C CYS E 107 -13.54 34.10 50.53
N GLN E 108 -14.50 33.28 50.99
CA GLN E 108 -15.41 33.69 52.09
C GLN E 108 -14.84 33.35 53.47
N ASN E 109 -13.53 33.12 53.57
CA ASN E 109 -12.88 32.87 54.84
C ASN E 109 -11.85 33.97 55.04
N SER E 110 -11.94 34.68 56.18
CA SER E 110 -11.10 35.85 56.40
C SER E 110 -9.61 35.50 56.45
N LEU E 111 -9.28 34.29 56.89
CA LEU E 111 -7.88 33.91 57.02
C LEU E 111 -7.22 33.77 55.66
N GLY E 112 -5.96 34.16 55.57
CA GLY E 112 -5.17 34.05 54.37
C GLY E 112 -5.11 35.32 53.54
N TYR E 113 -6.01 36.26 53.78
CA TYR E 113 -6.00 37.51 53.03
C TYR E 113 -4.79 38.35 53.41
N MET E 114 -4.29 39.11 52.44
CA MET E 114 -3.15 40.00 52.63
C MET E 114 -3.63 41.45 52.59
N TYR E 115 -3.53 42.14 53.73
CA TYR E 115 -3.92 43.54 53.83
C TYR E 115 -2.67 44.41 53.65
N ARG E 116 -2.24 44.52 52.40
CA ARG E 116 -1.05 45.30 52.07
C ARG E 116 -1.37 46.75 51.72
N GLY E 117 -2.64 47.13 51.80
CA GLY E 117 -3.04 48.50 51.53
C GLY E 117 -3.14 49.32 52.82
N GLN E 118 -2.82 50.61 52.71
CA GLN E 118 -2.89 51.49 53.87
C GLN E 118 -4.31 51.61 54.39
N GLY E 119 -5.27 51.73 53.48
CA GLY E 119 -6.67 51.80 53.88
C GLY E 119 -7.33 53.11 53.53
N THR E 120 -8.66 53.14 53.61
CA THR E 120 -9.44 54.33 53.34
C THR E 120 -10.20 54.73 54.60
N GLN E 121 -10.83 55.92 54.56
CA GLN E 121 -11.54 56.45 55.71
C GLN E 121 -12.94 56.84 55.27
N VAL E 122 -13.95 56.21 55.88
CA VAL E 122 -15.34 56.49 55.59
C VAL E 122 -16.09 56.65 56.91
N THR E 123 -16.93 57.69 57.00
CA THR E 123 -17.74 57.93 58.17
C THR E 123 -19.06 58.53 57.75
N VAL E 124 -20.09 58.30 58.56
CA VAL E 124 -21.44 58.78 58.27
C VAL E 124 -21.88 59.70 59.40
N SER E 125 -22.55 60.80 59.03
CA SER E 125 -23.10 61.73 59.99
C SER E 125 -24.56 61.43 60.23
N SER E 126 -24.94 61.33 61.50
CA SER E 126 -26.31 61.03 61.87
C SER E 126 -27.13 62.31 62.09
N LEU F 8 -22.47 -8.39 63.21
CA LEU F 8 -21.19 -8.85 63.73
C LEU F 8 -21.25 -8.86 65.24
N GLN F 9 -20.50 -9.76 65.86
CA GLN F 9 -20.45 -9.90 67.30
C GLN F 9 -19.01 -9.81 67.77
N GLU F 10 -18.74 -8.90 68.69
CA GLU F 10 -17.40 -8.76 69.25
C GLU F 10 -17.12 -9.90 70.21
N SER F 11 -15.92 -10.47 70.10
CA SER F 11 -15.51 -11.57 70.96
C SER F 11 -14.29 -11.15 71.79
N GLY F 12 -13.72 -12.10 72.51
CA GLY F 12 -12.59 -11.83 73.38
C GLY F 12 -12.96 -11.31 74.75
N GLY F 13 -14.23 -11.29 75.10
CA GLY F 13 -14.67 -10.81 76.40
C GLY F 13 -14.11 -11.59 77.56
N GLY F 14 -13.66 -10.89 78.60
CA GLY F 14 -13.11 -11.56 79.77
C GLY F 14 -12.47 -10.55 80.70
N SER F 15 -11.89 -11.08 81.77
CA SER F 15 -11.21 -10.30 82.78
C SER F 15 -9.76 -10.75 82.89
N VAL F 16 -8.84 -9.80 83.04
CA VAL F 16 -7.42 -10.08 83.15
C VAL F 16 -6.83 -9.20 84.24
N GLN F 17 -5.73 -9.67 84.83
CA GLN F 17 -5.02 -8.91 85.83
C GLN F 17 -4.24 -7.77 85.17
N SER F 18 -4.00 -6.71 85.95
CA SER F 18 -3.26 -5.57 85.44
C SER F 18 -1.85 -5.97 85.01
N GLY F 19 -1.38 -5.39 83.91
CA GLY F 19 -0.08 -5.70 83.37
C GLY F 19 -0.01 -6.92 82.49
N GLY F 20 -1.15 -7.57 82.23
CA GLY F 20 -1.21 -8.74 81.39
C GLY F 20 -1.51 -8.40 79.95
N SER F 21 -2.04 -9.38 79.22
CA SER F 21 -2.37 -9.21 77.82
C SER F 21 -3.71 -9.86 77.53
N LEU F 22 -4.38 -9.36 76.49
CA LEU F 22 -5.67 -9.89 76.08
C LEU F 22 -5.87 -9.54 74.62
N ARG F 23 -6.76 -10.30 73.95
CA ARG F 23 -6.99 -10.14 72.53
C ARG F 23 -8.48 -10.00 72.26
N LEU F 24 -8.83 -9.11 71.34
CA LEU F 24 -10.20 -8.89 70.93
C LEU F 24 -10.38 -9.25 69.45
N SER F 25 -11.64 -9.43 69.05
CA SER F 25 -11.94 -9.76 67.68
C SER F 25 -13.34 -9.25 67.34
N CYS F 26 -13.49 -8.76 66.11
CA CYS F 26 -14.76 -8.22 65.62
C CYS F 26 -14.91 -8.62 64.17
N ALA F 27 -16.08 -9.17 63.82
CA ALA F 27 -16.34 -9.64 62.46
C ALA F 27 -16.69 -8.47 61.54
N ALA F 28 -15.72 -7.56 61.40
CA ALA F 28 -15.86 -6.39 60.55
C ALA F 28 -15.08 -6.60 59.26
N SER F 29 -15.74 -6.37 58.13
CA SER F 29 -15.15 -6.62 56.82
C SER F 29 -14.42 -5.37 56.35
N GLY F 30 -13.10 -5.44 56.29
CA GLY F 30 -12.32 -4.36 55.72
C GLY F 30 -12.19 -4.49 54.22
N TYR F 31 -11.74 -3.41 53.60
CA TYR F 31 -11.58 -3.37 52.14
C TYR F 31 -10.21 -2.82 51.81
N THR F 32 -9.65 -3.30 50.71
CA THR F 32 -8.44 -2.72 50.13
C THR F 32 -8.81 -2.08 48.79
N TYR F 33 -8.10 -0.99 48.47
CA TYR F 33 -8.33 -0.17 47.29
C TYR F 33 -9.60 0.67 47.42
N SER F 34 -10.41 0.43 48.44
CA SER F 34 -11.78 0.95 48.48
C SER F 34 -11.99 2.01 49.55
N ARG F 35 -10.91 2.47 50.16
CA ARG F 35 -10.97 3.52 51.14
C ARG F 35 -12.01 3.34 52.23
N SER F 36 -11.77 2.36 53.08
CA SER F 36 -12.61 2.05 54.22
C SER F 36 -11.82 2.24 55.51
N CYS F 37 -12.54 2.49 56.59
CA CYS F 37 -11.93 2.69 57.90
C CYS F 37 -12.54 1.72 58.89
N LEU F 38 -11.68 1.02 59.64
CA LEU F 38 -12.08 0.18 60.76
C LEU F 38 -11.39 0.67 62.02
N GLY F 39 -11.99 0.41 63.16
CA GLY F 39 -11.39 0.86 64.40
C GLY F 39 -12.13 0.31 65.61
N TRP F 40 -11.44 0.35 66.74
CA TRP F 40 -11.99 -0.01 68.04
C TRP F 40 -12.21 1.26 68.85
N PHE F 41 -13.30 1.29 69.61
CA PHE F 41 -13.66 2.45 70.39
C PHE F 41 -13.89 2.05 71.85
N ARG F 42 -13.58 2.99 72.74
CA ARG F 42 -13.61 2.75 74.18
C ARG F 42 -14.76 3.55 74.79
N GLN F 43 -15.66 2.85 75.48
CA GLN F 43 -16.75 3.48 76.21
C GLN F 43 -16.55 3.14 77.68
N ALA F 44 -15.75 3.97 78.36
CA ALA F 44 -15.46 3.76 79.77
C ALA F 44 -16.63 4.22 80.61
N PRO F 45 -17.08 3.45 81.61
CA PRO F 45 -18.15 3.92 82.49
C PRO F 45 -17.79 5.24 83.18
N GLY F 46 -18.74 6.13 83.27
CA GLY F 46 -18.47 7.48 83.79
C GLY F 46 -17.91 8.42 82.75
N LYS F 47 -16.89 7.97 82.02
CA LYS F 47 -16.31 8.77 80.95
C LYS F 47 -17.17 8.67 79.69
N GLU F 48 -16.71 9.29 78.62
CA GLU F 48 -17.41 9.31 77.36
C GLU F 48 -16.68 8.45 76.33
N ARG F 49 -17.39 8.15 75.25
CA ARG F 49 -16.83 7.30 74.19
C ARG F 49 -15.63 7.98 73.54
N GLU F 50 -14.58 7.20 73.31
CA GLU F 50 -13.35 7.71 72.72
C GLU F 50 -12.84 6.69 71.72
N ARG F 51 -11.75 7.03 71.05
CA ARG F 51 -11.18 6.21 69.98
C ARG F 51 -9.92 5.52 70.47
N VAL F 52 -9.87 4.19 70.31
CA VAL F 52 -8.70 3.42 70.74
C VAL F 52 -7.67 3.36 69.62
N ALA F 53 -8.03 2.75 68.50
CA ALA F 53 -7.14 2.61 67.37
C ALA F 53 -7.97 2.45 66.11
N THR F 54 -7.39 2.83 64.97
CA THR F 54 -8.06 2.72 63.69
C THR F 54 -7.08 2.18 62.66
N ILE F 55 -7.61 1.52 61.64
CA ILE F 55 -6.82 0.95 60.56
C ILE F 55 -7.47 1.33 59.23
N ASP F 56 -6.66 1.82 58.30
CA ASP F 56 -7.16 2.28 57.01
C ASP F 56 -7.20 1.13 56.02
N SER F 57 -7.66 1.43 54.80
CA SER F 57 -7.65 0.42 53.74
C SER F 57 -6.23 0.06 53.32
N ASP F 58 -5.30 1.01 53.45
CA ASP F 58 -3.91 0.76 53.11
C ASP F 58 -3.13 0.06 54.22
N GLY F 59 -3.77 -0.19 55.35
CA GLY F 59 -3.11 -0.82 56.48
C GLY F 59 -2.49 0.15 57.45
N SER F 60 -2.45 1.44 57.13
CA SER F 60 -1.92 2.43 58.05
C SER F 60 -2.77 2.48 59.31
N THR F 61 -2.11 2.47 60.47
CA THR F 61 -2.79 2.39 61.75
C THR F 61 -2.51 3.66 62.56
N SER F 62 -3.54 4.17 63.22
CA SER F 62 -3.42 5.32 64.09
C SER F 62 -3.90 4.94 65.49
N TYR F 63 -3.07 5.19 66.48
CA TYR F 63 -3.36 4.82 67.86
C TYR F 63 -3.52 6.07 68.71
N ALA F 64 -4.38 5.97 69.71
CA ALA F 64 -4.54 7.06 70.66
C ALA F 64 -3.26 7.26 71.46
N ASP F 65 -3.03 8.50 71.90
CA ASP F 65 -1.81 8.80 72.66
C ASP F 65 -1.73 7.97 73.93
N SER F 66 -2.89 7.67 74.54
CA SER F 66 -2.91 6.84 75.73
C SER F 66 -2.43 5.42 75.45
N VAL F 67 -2.85 4.86 74.31
CA VAL F 67 -2.56 3.47 73.98
C VAL F 67 -1.45 3.34 72.95
N LYS F 68 -0.67 4.39 72.74
CA LYS F 68 0.40 4.33 71.76
C LYS F 68 1.47 3.32 72.18
N GLY F 69 1.85 2.43 71.25
CA GLY F 69 2.85 1.44 71.50
C GLY F 69 2.40 0.23 72.29
N ARG F 70 1.34 0.35 73.09
CA ARG F 70 0.87 -0.77 73.89
C ARG F 70 -0.15 -1.63 73.17
N PHE F 71 -0.98 -1.05 72.33
CA PHE F 71 -1.97 -1.79 71.58
C PHE F 71 -1.53 -1.97 70.14
N THR F 72 -2.16 -2.92 69.45
CA THR F 72 -1.84 -3.21 68.06
C THR F 72 -3.11 -3.62 67.35
N ILE F 73 -3.55 -2.80 66.41
CA ILE F 73 -4.75 -3.09 65.61
C ILE F 73 -4.32 -3.82 64.34
N SER F 74 -5.02 -4.92 64.04
CA SER F 74 -4.67 -5.74 62.89
C SER F 74 -5.93 -6.44 62.40
N GLN F 75 -5.77 -7.16 61.29
CA GLN F 75 -6.92 -7.88 60.70
C GLN F 75 -6.39 -9.07 59.91
N ASP F 76 -7.27 -9.98 59.50
CA ASP F 76 -6.82 -11.20 58.77
C ASP F 76 -6.33 -10.81 57.39
N ASN F 77 -5.67 -11.75 56.70
CA ASN F 77 -5.19 -11.49 55.32
C ASN F 77 -6.38 -11.14 54.44
N ALA F 78 -7.52 -11.82 54.65
CA ALA F 78 -8.72 -11.57 53.82
C ALA F 78 -9.47 -10.35 54.35
N LYS F 79 -8.91 -9.68 55.36
CA LYS F 79 -9.55 -8.42 55.84
C LYS F 79 -11.05 -8.68 56.06
N ASN F 80 -11.39 -9.82 56.63
CA ASN F 80 -12.81 -10.12 56.95
C ASN F 80 -13.01 -10.08 58.47
N THR F 81 -11.91 -9.98 59.21
CA THR F 81 -12.05 -9.99 60.69
C THR F 81 -11.08 -8.99 61.31
N LEU F 82 -11.55 -8.22 62.30
CA LEU F 82 -10.76 -7.15 62.97
C LEU F 82 -10.18 -7.68 64.27
N TYR F 83 -8.87 -7.51 64.45
CA TYR F 83 -8.18 -8.04 65.64
C TYR F 83 -7.48 -6.92 66.42
N LEU F 84 -7.76 -6.81 67.71
CA LEU F 84 -7.12 -5.84 68.58
C LEU F 84 -6.34 -6.60 69.65
N GLN F 85 -5.04 -6.31 69.73
CA GLN F 85 -4.15 -6.95 70.69
C GLN F 85 -3.75 -5.93 71.74
N MET F 86 -3.98 -6.25 73.01
CA MET F 86 -3.67 -5.36 74.11
C MET F 86 -2.55 -5.97 74.96
N ASN F 87 -1.56 -5.14 75.28
CA ASN F 87 -0.44 -5.53 76.12
C ASN F 87 -0.31 -4.56 77.28
N SER F 88 0.02 -5.08 78.45
CA SER F 88 0.17 -4.29 79.67
C SER F 88 -1.10 -3.49 79.96
N LEU F 89 -2.21 -4.22 80.07
CA LEU F 89 -3.51 -3.60 80.33
C LEU F 89 -3.52 -3.02 81.73
N LYS F 90 -3.47 -1.69 81.83
CA LYS F 90 -3.50 -1.01 83.10
C LYS F 90 -4.94 -0.80 83.56
N SER F 91 -5.13 -0.08 84.65
CA SER F 91 -6.48 0.16 85.17
C SER F 91 -7.26 1.08 84.26
N GLU F 92 -6.58 1.97 83.55
CA GLU F 92 -7.28 2.92 82.68
C GLU F 92 -7.98 2.21 81.53
N ASP F 93 -7.34 1.18 80.97
CA ASP F 93 -7.90 0.47 79.83
C ASP F 93 -9.02 -0.47 80.25
N THR F 94 -10.13 0.08 80.74
CA THR F 94 -11.28 -0.70 81.15
C THR F 94 -12.54 -0.07 80.57
N ALA F 95 -13.22 -0.80 79.69
CA ALA F 95 -14.42 -0.29 79.04
C ALA F 95 -15.18 -1.37 78.28
N MET F 96 -16.25 -0.95 77.60
CA MET F 96 -17.01 -1.81 76.70
C MET F 96 -16.52 -1.51 75.29
N TYR F 97 -15.51 -2.26 74.85
CA TYR F 97 -14.83 -1.97 73.60
C TYR F 97 -15.68 -2.31 72.39
N TYR F 98 -16.37 -1.32 71.83
CA TYR F 98 -17.21 -1.55 70.68
C TYR F 98 -16.37 -1.61 69.40
N CYS F 99 -17.03 -1.95 68.31
CA CYS F 99 -16.41 -2.10 67.00
C CYS F 99 -17.17 -1.25 65.99
N ALA F 100 -16.43 -0.56 65.11
CA ALA F 100 -17.03 0.40 64.20
C ALA F 100 -16.39 0.30 62.83
N SER F 101 -17.13 0.79 61.83
CA SER F 101 -16.68 0.76 60.44
C SER F 101 -17.37 1.87 59.68
N LYS F 102 -16.58 2.75 59.05
CA LYS F 102 -17.11 3.81 58.20
C LYS F 102 -16.48 3.71 56.82
N TYR F 103 -16.76 4.71 55.98
CA TYR F 103 -16.21 4.80 54.64
C TYR F 103 -15.33 6.04 54.53
N GLY F 104 -14.29 5.95 53.72
CA GLY F 104 -13.46 7.07 53.39
C GLY F 104 -12.06 6.96 53.95
N SER F 105 -11.35 8.09 53.93
CA SER F 105 -10.02 8.20 54.51
C SER F 105 -10.03 8.93 55.84
N ARG F 106 -11.22 9.25 56.36
CA ARG F 106 -11.33 9.96 57.64
C ARG F 106 -11.29 8.96 58.80
N CYS F 107 -10.25 8.13 58.79
CA CYS F 107 -10.10 7.08 59.80
C CYS F 107 -9.91 7.67 61.19
N GLN F 108 -9.04 8.70 61.26
CA GLN F 108 -8.64 9.32 62.55
C GLN F 108 -9.62 10.39 63.02
N ASN F 109 -10.83 10.45 62.47
CA ASN F 109 -11.95 11.22 62.99
C ASN F 109 -13.06 10.26 63.39
N SER F 110 -13.44 10.28 64.66
CA SER F 110 -14.40 9.34 65.22
C SER F 110 -15.84 9.60 64.80
N LEU F 111 -16.12 10.53 63.89
CA LEU F 111 -17.47 10.82 63.44
C LEU F 111 -17.74 10.08 62.14
N GLY F 112 -18.95 9.52 62.02
CA GLY F 112 -19.33 8.76 60.85
C GLY F 112 -19.19 7.25 61.01
N TYR F 113 -18.54 6.78 62.06
CA TYR F 113 -18.40 5.35 62.26
C TYR F 113 -19.74 4.72 62.59
N MET F 114 -19.99 3.53 62.08
CA MET F 114 -21.23 2.85 62.42
C MET F 114 -20.83 1.70 63.30
N TYR F 115 -21.06 1.83 64.60
CA TYR F 115 -20.62 0.77 65.50
C TYR F 115 -21.29 -0.56 65.24
N ARG F 116 -22.60 -0.58 65.14
CA ARG F 116 -23.33 -1.80 64.77
C ARG F 116 -22.96 -3.06 65.55
N GLY F 117 -22.75 -2.95 66.86
CA GLY F 117 -22.37 -4.11 67.63
C GLY F 117 -22.75 -4.11 69.09
N GLN F 118 -22.87 -5.32 69.65
CA GLN F 118 -23.20 -5.50 71.04
C GLN F 118 -22.10 -4.95 71.92
N GLY F 119 -20.87 -5.17 71.50
CA GLY F 119 -19.71 -4.71 72.25
C GLY F 119 -19.18 -5.83 73.09
N THR F 120 -17.94 -5.72 73.52
CA THR F 120 -17.34 -6.75 74.36
C THR F 120 -17.05 -6.11 75.70
N GLN F 121 -17.18 -6.88 76.77
CA GLN F 121 -16.92 -6.32 78.09
C GLN F 121 -15.57 -6.84 78.57
N VAL F 122 -14.68 -5.92 78.93
CA VAL F 122 -13.37 -6.25 79.46
C VAL F 122 -13.12 -5.41 80.70
N THR F 123 -12.66 -6.06 81.77
CA THR F 123 -12.33 -5.38 83.01
C THR F 123 -10.96 -5.83 83.48
N VAL F 124 -10.23 -4.92 84.12
CA VAL F 124 -8.88 -5.17 84.59
C VAL F 124 -8.88 -5.10 86.11
N SER F 125 -8.43 -6.17 86.76
CA SER F 125 -8.35 -6.23 88.21
C SER F 125 -7.00 -5.69 88.67
N SER F 126 -7.02 -4.88 89.72
CA SER F 126 -5.81 -4.28 90.26
C SER F 126 -5.33 -5.05 91.49
ZN ZN G . -8.50 -38.66 22.29
CA CA H . -10.35 2.30 38.27
CA CA I . -3.56 -0.75 22.64
CA CA J . 22.79 -34.18 -4.74
C21 A1L5I K . 7.78 -31.95 -31.21
C22 A1L5I K . 8.38 -33.24 -30.59
C26 A1L5I K . 8.08 -34.81 -28.85
C28 A1L5I K . 6.35 -34.42 -26.97
C01 A1L5I K . 8.13 -29.83 -30.14
C02 A1L5I K . 8.14 -28.90 -28.94
C03 A1L5I K . 8.28 -29.61 -27.59
C04 A1L5I K . 7.86 -28.74 -26.40
C05 A1L5I K . 8.78 -28.90 -25.19
C06 A1L5I K . 8.51 -27.81 -24.13
O19 A1L5I K . 7.88 -29.35 -31.15
O20 A1L5I K . 8.36 -31.23 -30.13
C23 A1L5I K . 8.53 -34.29 -31.68
O24 A1L5I K . 7.44 -34.17 -32.57
O25 A1L5I K . 7.54 -33.77 -29.64
C27 A1L5I K . 7.78 -34.88 -27.34
C29 A1L5I K . 6.39 -33.07 -26.24
C30 A1L5I K . 6.71 -33.18 -24.72
C31 A1L5I K . 8.24 -33.19 -24.49
C32 A1L5I K . 8.72 -32.89 -23.05
C33 A1L5I K . 9.55 -31.59 -23.00
C34 A1L5I K . 10.15 -31.35 -21.59
C35 A1L5I K . 9.55 -31.84 -20.51
C36 A1L5I K . 10.20 -31.58 -19.14
O42 A1L5I K . 8.78 -35.63 -29.35
C2 A1L5I K . 8.22 -28.38 -22.72
C3 A1L5I K . 7.84 -27.24 -21.76
C4 A1L5I K . 8.56 -27.27 -20.41
C5 A1L5I K . 8.97 -26.13 -19.88
C6 A1L5I K . 9.70 -26.04 -18.50
C7 A1L5I K . 11.21 -25.75 -18.56
C8 A1L5I K . 11.52 -24.30 -18.15
C9 A1L5I K . 12.20 -24.20 -16.78
C10 A1L5I K . 12.71 -22.78 -16.47
C11 A1L5I K . 14.08 -22.78 -15.77
C12 A1L5I K . 14.64 -21.34 -15.60
C13 A1L5I K . 16.19 -21.35 -15.45
CA CA L . 3.57 11.10 38.09
CA CA M . 4.56 8.09 20.84
CA CA N . 33.47 13.12 -20.64
C21 A1L5I O . 26.66 -13.04 -34.30
C22 A1L5I O . 28.05 -12.37 -34.26
C26 A1L5I O . 29.87 -11.93 -32.82
C28 A1L5I O . 29.75 -12.40 -30.29
C01 A1L5I O . 24.77 -11.96 -33.32
C02 A1L5I O . 24.04 -11.22 -32.20
C03 A1L5I O . 24.98 -10.51 -31.22
C04 A1L5I O . 24.30 -10.16 -29.89
C05 A1L5I O . 24.69 -8.77 -29.38
C06 A1L5I O . 23.79 -8.35 -28.20
O19 A1L5I O . 24.12 -12.62 -33.99
O20 A1L5I O . 26.16 -11.92 -33.60
C23 A1L5I O . 28.91 -12.93 -35.38
O24 A1L5I O . 28.62 -14.29 -35.55
O25 A1L5I O . 28.71 -12.66 -33.07
C27 A1L5I O . 30.19 -11.43 -31.39
C29 A1L5I O . 28.54 -11.84 -29.51
C30 A1L5I O . 28.90 -10.80 -28.43
C31 A1L5I O . 29.02 -9.38 -29.02
C32 A1L5I O . 28.98 -8.21 -28.02
C33 A1L5I O . 27.74 -7.31 -28.24
C34 A1L5I O . 27.76 -6.07 -27.34
C35 A1L5I O . 28.39 -6.09 -26.17
C36 A1L5I O . 28.38 -4.80 -25.32
O42 A1L5I O . 30.63 -11.68 -33.70
C2 A1L5I O . 24.57 -7.93 -26.92
C3 A1L5I O . 23.59 -7.63 -25.78
C4 A1L5I O . 23.88 -6.33 -25.01
C5 A1L5I O . 22.85 -5.57 -24.64
C6 A1L5I O . 23.02 -4.25 -23.84
C7 A1L5I O . 22.78 -2.96 -24.64
C8 A1L5I O . 21.43 -2.31 -24.29
C9 A1L5I O . 21.58 -1.02 -23.47
C10 A1L5I O . 20.27 -0.27 -23.30
C11 A1L5I O . 20.42 1.26 -23.42
C12 A1L5I O . 19.05 2.01 -23.40
C13 A1L5I O . 19.15 3.39 -24.07
CA CA P . -4.42 23.67 31.56
CA CA Q . -4.73 15.26 16.44
CA CA R . -14.91 20.11 -32.90
C21 A1L5I S . 8.23 3.72 -44.44
C22 A1L5I S . 7.62 5.00 -45.03
C26 A1L5I S . 7.49 7.34 -44.73
C28 A1L5I S . 8.37 8.46 -42.58
C01 A1L5I S . 7.24 2.72 -42.49
C02 A1L5I S . 6.68 2.76 -41.07
C03 A1L5I S . 6.18 4.14 -40.65
C04 A1L5I S . 6.02 4.27 -39.13
C05 A1L5I S . 4.76 5.05 -38.73
C06 A1L5I S . 4.49 4.93 -37.22
O19 A1L5I S . 7.76 1.75 -42.79
O20 A1L5I S . 7.21 3.76 -43.44
C23 A1L5I S . 8.01 5.10 -46.50
O24 A1L5I S . 9.32 4.59 -46.67
O25 A1L5I S . 8.13 6.13 -44.41
C27 A1L5I S . 7.24 8.39 -43.62
C29 A1L5I S . 7.90 7.88 -41.22
C30 A1L5I S . 7.07 8.88 -40.37
C31 A1L5I S . 5.58 8.83 -40.76
C32 A1L5I S . 4.58 9.46 -39.74
C33 A1L5I S . 3.62 8.38 -39.18
C34 A1L5I S . 2.55 9.01 -38.27
C35 A1L5I S . 2.78 10.15 -37.62
C36 A1L5I S . 1.65 10.73 -36.74
O42 A1L5I S . 7.13 7.56 -45.83
C2 A1L5I S . 4.33 6.29 -36.49
C3 A1L5I S . 4.20 6.06 -34.97
C4 A1L5I S . 3.04 6.86 -34.31
C5 A1L5I S . 2.32 6.26 -33.37
C6 A1L5I S . 1.16 6.96 -32.63
C7 A1L5I S . -0.26 6.50 -33.02
C8 A1L5I S . -0.89 5.60 -31.94
C9 A1L5I S . -2.02 6.31 -31.17
C10 A1L5I S . -2.78 5.36 -30.24
C11 A1L5I S . -4.30 5.61 -30.24
C12 A1L5I S . -5.09 4.55 -29.41
C13 A1L5I S . -6.56 4.45 -29.86
ZN ZN T . -44.90 6.66 -1.84
CA CA U . -18.43 14.95 32.07
CA CA V . -12.77 6.34 17.83
CA CA W . -25.38 -27.53 -17.93
C21 A1L5I X . -10.67 -15.20 -41.35
C22 A1L5I X . -12.05 -15.87 -41.38
C26 A1L5I X . -14.30 -15.53 -40.76
C28 A1L5I X . -15.03 -13.56 -39.26
C01 A1L5I X . -9.40 -15.15 -39.31
C02 A1L5I X . -9.22 -14.91 -37.81
C03 A1L5I X . -10.53 -14.96 -37.02
C04 A1L5I X . -10.42 -14.30 -35.64
C05 A1L5I X . -11.15 -15.09 -34.54
C06 A1L5I X . -10.79 -14.55 -33.15
O19 A1L5I X . -8.47 -14.98 -39.96
O20 A1L5I X . -10.59 -15.54 -39.96
C23 A1L5I X . -12.37 -16.26 -42.80
O24 A1L5I X . -11.85 -15.29 -43.68
O25 A1L5I X . -13.04 -14.98 -40.98
C27 A1L5I X . -15.17 -15.07 -39.57
C29 A1L5I X . -14.25 -13.34 -37.94
C30 A1L5I X . -15.12 -13.49 -36.67
C31 A1L5I X . -15.20 -14.98 -36.23
C32 A1L5I X . -15.68 -15.23 -34.78
C33 A1L5I X . -14.57 -15.90 -33.93
C34 A1L5I X . -15.06 -16.28 -32.53
C35 A1L5I X . -16.07 -15.61 -31.96
C36 A1L5I X . -16.53 -16.06 -30.56
O42 A1L5I X . -14.72 -16.38 -41.47
C2 A1L5I X . -12.02 -14.17 -32.28
C3 A1L5I X . -11.56 -13.54 -30.96
C4 A1L5I X . -12.28 -14.09 -29.71
C5 A1L5I X . -11.55 -14.30 -28.61
C6 A1L5I X . -12.16 -14.83 -27.29
C7 A1L5I X . -11.84 -16.29 -26.93
C8 A1L5I X . -10.79 -16.38 -25.80
C9 A1L5I X . -11.40 -16.87 -24.48
C10 A1L5I X . -10.34 -17.17 -23.42
C11 A1L5I X . -10.65 -18.43 -22.59
C12 A1L5I X . -9.49 -18.80 -21.62
C13 A1L5I X . -9.52 -20.29 -21.24
#